data_2LGH
#
_entry.id   2LGH
#
_entity_poly.entity_id   1
_entity_poly.type   'polypeptide(L)'
_entity_poly.pdbx_seq_one_letter_code
;MKISIEAHIEQEIEAVWWAWNDPDCIARWNAASSDWHTTGSRVDLVVGGRFCHHMAAKDGSAGFDFTGTFTRVEAPTRLS
FVMDDGREVDVQFASEPGGTWVQETFDAETSHTPAQQQAGWQGILDNFKRYVEAAGLEHHHHHH
;
_entity_poly.pdbx_strand_id   A
#
# COMPACT_ATOMS: atom_id res chain seq x y z
N MET A 1 14.24 12.26 7.38
CA MET A 1 14.84 10.92 7.58
C MET A 1 13.91 9.86 7.03
N LYS A 2 14.44 8.99 6.17
CA LYS A 2 13.66 7.95 5.48
C LYS A 2 14.00 6.57 6.09
N ILE A 3 12.96 5.76 6.30
CA ILE A 3 13.10 4.34 6.68
C ILE A 3 12.65 3.48 5.49
N SER A 4 13.50 2.56 5.05
CA SER A 4 13.25 1.75 3.86
C SER A 4 13.08 0.27 4.25
N ILE A 5 11.88 -0.26 3.95
CA ILE A 5 11.53 -1.68 4.09
C ILE A 5 11.30 -2.27 2.69
N GLU A 6 11.11 -3.59 2.62
CA GLU A 6 10.97 -4.31 1.32
C GLU A 6 10.10 -5.56 1.45
N ALA A 7 9.76 -6.14 0.28
CA ALA A 7 8.98 -7.39 0.16
C ALA A 7 9.24 -8.01 -1.22
N HIS A 8 9.54 -9.32 -1.26
CA HIS A 8 9.74 -10.04 -2.53
C HIS A 8 8.49 -10.87 -2.82
N ILE A 9 7.49 -10.23 -3.42
CA ILE A 9 6.20 -10.87 -3.75
C ILE A 9 6.37 -11.70 -5.03
N GLU A 10 6.23 -13.04 -4.94
CA GLU A 10 6.39 -13.95 -6.10
C GLU A 10 5.13 -13.85 -7.00
N GLN A 11 5.08 -12.76 -7.76
CA GLN A 11 3.94 -12.38 -8.59
C GLN A 11 4.41 -11.31 -9.59
N GLU A 12 3.62 -11.06 -10.64
CA GLU A 12 3.96 -10.06 -11.67
C GLU A 12 3.75 -8.64 -11.14
N ILE A 13 4.61 -7.71 -11.58
CA ILE A 13 4.54 -6.28 -11.23
C ILE A 13 3.17 -5.67 -11.63
N GLU A 14 2.53 -6.28 -12.64
CA GLU A 14 1.18 -5.90 -13.08
C GLU A 14 0.15 -6.19 -11.98
N ALA A 15 0.14 -7.43 -11.48
CA ALA A 15 -0.82 -7.88 -10.45
C ALA A 15 -0.58 -7.19 -9.09
N VAL A 16 0.70 -6.93 -8.80
CA VAL A 16 1.11 -6.25 -7.55
C VAL A 16 0.67 -4.78 -7.56
N TRP A 17 1.01 -4.05 -8.66
CA TRP A 17 0.57 -2.63 -8.83
C TRP A 17 -0.96 -2.54 -8.88
N TRP A 18 -1.60 -3.53 -9.50
CA TRP A 18 -3.06 -3.59 -9.63
C TRP A 18 -3.71 -3.64 -8.23
N ALA A 19 -3.24 -4.57 -7.41
CA ALA A 19 -3.72 -4.74 -6.02
C ALA A 19 -3.43 -3.49 -5.18
N TRP A 20 -2.33 -2.79 -5.50
CA TRP A 20 -1.89 -1.59 -4.76
C TRP A 20 -2.78 -0.37 -5.06
N ASN A 21 -3.12 -0.16 -6.34
CA ASN A 21 -3.76 1.10 -6.81
C ASN A 21 -5.29 1.00 -6.88
N ASP A 22 -5.81 -0.23 -7.07
CA ASP A 22 -7.25 -0.49 -7.26
C ASP A 22 -7.99 -0.31 -5.92
N PRO A 23 -8.91 0.72 -5.79
CA PRO A 23 -9.60 1.06 -4.52
C PRO A 23 -10.38 -0.12 -3.88
N ASP A 24 -10.95 -0.98 -4.75
CA ASP A 24 -11.73 -2.17 -4.31
C ASP A 24 -10.78 -3.20 -3.67
N CYS A 25 -9.57 -3.30 -4.21
CA CYS A 25 -8.51 -4.17 -3.66
C CYS A 25 -8.00 -3.63 -2.32
N ILE A 26 -7.75 -2.30 -2.28
CA ILE A 26 -7.27 -1.57 -1.07
C ILE A 26 -8.28 -1.70 0.08
N ALA A 27 -9.56 -1.89 -0.29
CA ALA A 27 -10.66 -2.08 0.66
C ALA A 27 -10.44 -3.28 1.61
N ARG A 28 -9.77 -4.34 1.10
CA ARG A 28 -9.51 -5.54 1.93
C ARG A 28 -8.26 -5.36 2.79
N TRP A 29 -7.11 -4.97 2.16
CA TRP A 29 -5.84 -4.69 2.90
C TRP A 29 -5.84 -3.22 3.42
N ASN A 30 -4.64 -2.62 3.60
CA ASN A 30 -4.43 -1.19 4.02
C ASN A 30 -4.58 -1.06 5.56
N ALA A 31 -5.76 -1.45 6.07
CA ALA A 31 -5.96 -1.64 7.49
C ALA A 31 -5.24 -2.93 7.92
N ALA A 32 -4.05 -2.79 8.54
CA ALA A 32 -3.20 -3.94 8.91
C ALA A 32 -3.96 -4.90 9.86
N SER A 33 -4.48 -4.34 10.96
CA SER A 33 -5.37 -5.04 11.90
C SER A 33 -6.61 -5.63 11.19
N SER A 34 -6.92 -6.91 11.49
CA SER A 34 -8.11 -7.61 10.96
C SER A 34 -9.41 -7.09 11.63
N ASP A 35 -9.25 -6.50 12.83
CA ASP A 35 -10.35 -5.79 13.55
C ASP A 35 -10.74 -4.49 12.83
N TRP A 36 -9.95 -4.12 11.82
CA TRP A 36 -10.20 -2.97 10.96
C TRP A 36 -10.29 -3.47 9.51
N HIS A 37 -10.87 -2.63 8.64
CA HIS A 37 -11.03 -2.94 7.21
C HIS A 37 -11.32 -1.63 6.47
N THR A 38 -10.68 -1.41 5.32
CA THR A 38 -10.84 -0.17 4.57
C THR A 38 -12.22 -0.15 3.89
N THR A 39 -13.11 0.75 4.35
CA THR A 39 -14.51 0.83 3.90
C THR A 39 -14.64 1.66 2.61
N GLY A 40 -13.57 2.39 2.27
CA GLY A 40 -13.52 3.16 1.03
C GLY A 40 -12.13 3.72 0.78
N SER A 41 -11.75 3.89 -0.49
CA SER A 41 -10.49 4.52 -0.89
C SER A 41 -10.71 5.39 -2.14
N ARG A 42 -10.82 6.72 -1.98
CA ARG A 42 -10.86 7.65 -3.12
C ARG A 42 -9.43 7.80 -3.65
N VAL A 43 -9.13 7.13 -4.76
CA VAL A 43 -7.79 7.14 -5.38
C VAL A 43 -7.87 7.87 -6.73
N ASP A 44 -7.22 9.03 -6.79
CA ASP A 44 -7.02 9.79 -8.04
C ASP A 44 -5.55 9.66 -8.41
N LEU A 45 -5.20 8.49 -8.94
CA LEU A 45 -3.83 8.12 -9.27
C LEU A 45 -3.34 8.87 -10.52
N VAL A 46 -2.90 10.11 -10.29
CA VAL A 46 -2.21 10.97 -11.27
C VAL A 46 -1.16 11.80 -10.50
N VAL A 47 -0.21 12.40 -11.23
CA VAL A 47 0.83 13.24 -10.61
C VAL A 47 0.18 14.57 -10.13
N GLY A 48 -0.01 14.67 -8.80
CA GLY A 48 -0.69 15.80 -8.16
C GLY A 48 -2.11 15.45 -7.71
N GLY A 49 -2.54 14.22 -8.01
CA GLY A 49 -3.86 13.71 -7.57
C GLY A 49 -3.85 13.28 -6.11
N ARG A 50 -5.02 13.24 -5.48
CA ARG A 50 -5.14 12.92 -4.03
C ARG A 50 -5.67 11.49 -3.80
N PHE A 51 -5.38 10.96 -2.60
CA PHE A 51 -5.92 9.67 -2.11
C PHE A 51 -6.53 9.83 -0.72
N CYS A 52 -7.53 8.97 -0.40
CA CYS A 52 -8.22 8.98 0.89
C CYS A 52 -8.69 7.56 1.26
N HIS A 53 -7.99 6.87 2.17
CA HIS A 53 -8.25 5.44 2.51
C HIS A 53 -8.96 5.33 3.86
N HIS A 54 -10.29 5.41 3.82
CA HIS A 54 -11.15 5.35 5.02
C HIS A 54 -11.20 3.91 5.53
N MET A 55 -10.86 3.70 6.81
CA MET A 55 -10.87 2.38 7.45
C MET A 55 -11.89 2.37 8.60
N ALA A 56 -12.82 1.44 8.55
CA ALA A 56 -13.82 1.27 9.60
C ALA A 56 -13.47 0.05 10.44
N ALA A 57 -13.76 0.12 11.74
CA ALA A 57 -13.67 -1.03 12.65
C ALA A 57 -14.86 -1.98 12.39
N LYS A 58 -14.70 -3.26 12.75
CA LYS A 58 -15.73 -4.31 12.47
C LYS A 58 -17.06 -4.06 13.21
N ASP A 59 -17.00 -3.38 14.36
CA ASP A 59 -18.19 -3.06 15.17
C ASP A 59 -18.59 -1.59 14.96
N GLY A 60 -17.78 -0.86 14.15
CA GLY A 60 -18.03 0.55 13.86
C GLY A 60 -17.92 1.46 15.08
N SER A 61 -17.14 1.03 16.08
CA SER A 61 -16.92 1.82 17.31
C SER A 61 -15.92 2.97 17.06
N ALA A 62 -15.09 2.82 16.02
CA ALA A 62 -14.10 3.83 15.61
C ALA A 62 -13.82 3.76 14.10
N GLY A 63 -13.16 4.81 13.61
CA GLY A 63 -12.71 4.92 12.23
C GLY A 63 -11.36 5.61 12.16
N PHE A 64 -10.65 5.46 11.04
CA PHE A 64 -9.31 6.03 10.84
C PHE A 64 -9.03 6.08 9.33
N ASP A 65 -8.57 7.23 8.83
CA ASP A 65 -8.50 7.52 7.38
C ASP A 65 -7.09 8.00 6.98
N PHE A 66 -6.62 7.56 5.80
CA PHE A 66 -5.30 7.92 5.25
C PHE A 66 -5.45 8.84 4.02
N THR A 67 -5.51 10.16 4.29
CA THR A 67 -5.53 11.19 3.24
C THR A 67 -4.10 11.58 2.82
N GLY A 68 -3.98 12.12 1.60
CA GLY A 68 -2.71 12.62 1.10
C GLY A 68 -2.80 12.98 -0.37
N THR A 69 -1.61 13.21 -0.98
CA THR A 69 -1.50 13.59 -2.40
C THR A 69 -0.32 12.85 -3.05
N PHE A 70 -0.58 12.17 -4.19
CA PHE A 70 0.45 11.60 -5.07
C PHE A 70 1.32 12.72 -5.64
N THR A 71 2.62 12.68 -5.36
CA THR A 71 3.57 13.71 -5.82
C THR A 71 4.23 13.29 -7.15
N ARG A 72 4.22 11.98 -7.43
CA ARG A 72 4.82 11.38 -8.63
C ARG A 72 4.24 9.98 -8.83
N VAL A 73 3.86 9.65 -10.07
CA VAL A 73 3.34 8.31 -10.41
C VAL A 73 4.12 7.79 -11.61
N GLU A 74 4.89 6.71 -11.40
CA GLU A 74 5.64 6.04 -12.47
C GLU A 74 5.15 4.59 -12.58
N ALA A 75 4.00 4.41 -13.24
CA ALA A 75 3.30 3.12 -13.31
C ALA A 75 4.02 2.16 -14.29
N PRO A 76 4.18 0.84 -13.95
CA PRO A 76 3.83 0.24 -12.64
C PRO A 76 5.03 0.10 -11.68
N THR A 77 6.16 0.78 -12.00
CA THR A 77 7.47 0.50 -11.39
C THR A 77 7.76 1.33 -10.11
N ARG A 78 6.93 2.34 -9.83
CA ARG A 78 7.14 3.26 -8.69
C ARG A 78 5.90 4.13 -8.44
N LEU A 79 5.64 4.42 -7.16
CA LEU A 79 4.60 5.36 -6.73
C LEU A 79 5.13 6.20 -5.58
N SER A 80 5.12 7.52 -5.77
CA SER A 80 5.61 8.49 -4.79
C SER A 80 4.43 9.38 -4.35
N PHE A 81 4.25 9.53 -3.04
CA PHE A 81 3.12 10.28 -2.48
C PHE A 81 3.46 10.72 -1.05
N VAL A 82 2.84 11.82 -0.61
CA VAL A 82 2.99 12.33 0.76
C VAL A 82 1.65 12.13 1.48
N MET A 83 1.70 11.76 2.76
CA MET A 83 0.52 11.56 3.60
C MET A 83 0.15 12.86 4.30
N ASP A 84 -1.00 12.86 4.98
CA ASP A 84 -1.48 14.02 5.78
C ASP A 84 -0.53 14.34 6.94
N ASP A 85 0.17 13.31 7.42
CA ASP A 85 1.09 13.40 8.57
C ASP A 85 2.43 14.06 8.14
N GLY A 86 2.60 14.21 6.81
CA GLY A 86 3.83 14.76 6.22
C GLY A 86 4.77 13.68 5.72
N ARG A 87 4.43 12.39 5.97
CA ARG A 87 5.27 11.24 5.60
C ARG A 87 5.43 11.19 4.08
N GLU A 88 6.65 11.51 3.59
CA GLU A 88 6.98 11.37 2.17
C GLU A 88 7.27 9.88 1.89
N VAL A 89 6.28 9.21 1.30
CA VAL A 89 6.21 7.74 1.14
C VAL A 89 6.47 7.36 -0.32
N ASP A 90 7.47 6.51 -0.55
CA ASP A 90 7.95 6.15 -1.89
C ASP A 90 8.05 4.63 -2.01
N VAL A 91 7.10 4.06 -2.76
CA VAL A 91 6.95 2.61 -2.93
C VAL A 91 7.46 2.21 -4.32
N GLN A 92 8.53 1.44 -4.35
CA GLN A 92 9.18 0.99 -5.59
C GLN A 92 8.72 -0.43 -5.91
N PHE A 93 8.25 -0.66 -7.12
CA PHE A 93 7.87 -1.99 -7.62
C PHE A 93 8.92 -2.42 -8.67
N ALA A 94 9.88 -3.22 -8.25
CA ALA A 94 11.00 -3.65 -9.09
C ALA A 94 10.75 -5.06 -9.63
N SER A 95 10.99 -5.26 -10.92
CA SER A 95 10.85 -6.58 -11.55
C SER A 95 12.12 -7.42 -11.31
N GLU A 96 11.91 -8.65 -10.83
CA GLU A 96 12.99 -9.59 -10.48
C GLU A 96 12.60 -11.01 -10.94
N PRO A 97 13.59 -11.89 -11.28
CA PRO A 97 13.33 -13.31 -11.62
C PRO A 97 12.48 -14.09 -10.57
N GLY A 98 12.47 -13.59 -9.31
CA GLY A 98 11.70 -14.20 -8.22
C GLY A 98 10.26 -13.68 -8.09
N GLY A 99 9.97 -12.52 -8.69
CA GLY A 99 8.64 -11.91 -8.62
C GLY A 99 8.71 -10.39 -8.73
N THR A 100 8.38 -9.68 -7.63
CA THR A 100 8.38 -8.21 -7.57
C THR A 100 8.99 -7.77 -6.23
N TRP A 101 10.11 -7.04 -6.32
CA TRP A 101 10.74 -6.43 -5.16
C TRP A 101 10.06 -5.08 -4.87
N VAL A 102 9.09 -5.13 -3.97
CA VAL A 102 8.39 -3.94 -3.49
C VAL A 102 9.17 -3.35 -2.32
N GLN A 103 9.97 -2.31 -2.63
CA GLN A 103 10.79 -1.63 -1.64
C GLN A 103 10.08 -0.33 -1.27
N GLU A 104 9.49 -0.31 -0.09
CA GLU A 104 8.78 0.86 0.43
C GLU A 104 9.79 1.71 1.21
N THR A 105 9.76 3.03 1.04
CA THR A 105 10.65 3.98 1.72
C THR A 105 9.84 5.20 2.13
N PHE A 106 9.57 5.37 3.43
CA PHE A 106 8.70 6.45 3.93
C PHE A 106 9.52 7.40 4.81
N ASP A 107 9.12 8.67 4.89
CA ASP A 107 9.74 9.62 5.84
C ASP A 107 9.13 9.40 7.22
N ALA A 108 9.99 9.31 8.24
CA ALA A 108 9.58 9.04 9.61
C ALA A 108 8.91 10.27 10.22
N GLU A 109 7.69 10.08 10.73
CA GLU A 109 6.91 11.14 11.36
C GLU A 109 7.55 11.52 12.71
N THR A 110 7.89 12.81 12.86
CA THR A 110 8.54 13.35 14.09
C THR A 110 7.71 13.08 15.37
N SER A 111 6.38 12.88 15.22
CA SER A 111 5.47 12.68 16.35
C SER A 111 5.58 11.25 16.93
N HIS A 112 5.75 10.24 16.06
CA HIS A 112 5.80 8.81 16.47
C HIS A 112 7.26 8.31 16.52
N THR A 113 7.48 7.21 17.26
CA THR A 113 8.79 6.54 17.36
C THR A 113 9.10 5.80 16.02
N PRO A 114 10.24 6.14 15.33
CA PRO A 114 10.59 5.61 13.97
C PRO A 114 10.42 4.08 13.79
N ALA A 115 10.91 3.28 14.75
CA ALA A 115 10.84 1.80 14.69
C ALA A 115 9.38 1.29 14.73
N GLN A 116 8.54 1.95 15.54
CA GLN A 116 7.11 1.58 15.67
C GLN A 116 6.34 1.87 14.37
N GLN A 117 6.77 2.94 13.67
CA GLN A 117 6.23 3.28 12.34
C GLN A 117 6.57 2.18 11.35
N GLN A 118 7.86 1.77 11.37
CA GLN A 118 8.40 0.68 10.51
C GLN A 118 7.60 -0.62 10.69
N ALA A 119 7.18 -0.88 11.95
CA ALA A 119 6.35 -2.06 12.30
C ALA A 119 4.93 -1.93 11.72
N GLY A 120 4.38 -0.71 11.80
CA GLY A 120 3.05 -0.41 11.23
C GLY A 120 3.02 -0.56 9.72
N TRP A 121 4.04 -0.02 9.06
CA TRP A 121 4.18 -0.06 7.60
C TRP A 121 4.48 -1.48 7.12
N GLN A 122 5.30 -2.22 7.87
CA GLN A 122 5.63 -3.64 7.55
C GLN A 122 4.39 -4.53 7.79
N GLY A 123 3.52 -4.10 8.73
CA GLY A 123 2.23 -4.76 8.95
C GLY A 123 1.29 -4.59 7.77
N ILE A 124 1.24 -3.36 7.24
CA ILE A 124 0.39 -3.00 6.08
C ILE A 124 0.96 -3.59 4.76
N LEU A 125 2.29 -3.67 4.68
CA LEU A 125 3.01 -4.22 3.50
C LEU A 125 2.88 -5.76 3.50
N ASP A 126 2.91 -6.35 4.70
CA ASP A 126 2.61 -7.79 4.91
C ASP A 126 1.15 -8.07 4.56
N ASN A 127 0.26 -7.15 4.95
CA ASN A 127 -1.19 -7.30 4.74
C ASN A 127 -1.53 -7.18 3.25
N PHE A 128 -0.73 -6.35 2.55
CA PHE A 128 -0.80 -6.18 1.10
C PHE A 128 -0.28 -7.42 0.37
N LYS A 129 0.93 -7.86 0.73
CA LYS A 129 1.62 -9.02 0.12
C LYS A 129 0.77 -10.29 0.27
N ARG A 130 0.27 -10.47 1.49
CA ARG A 130 -0.62 -11.58 1.86
C ARG A 130 -1.96 -11.49 1.13
N TYR A 131 -2.44 -10.25 0.85
CA TYR A 131 -3.63 -10.03 0.00
C TYR A 131 -3.37 -10.51 -1.44
N VAL A 132 -2.19 -10.18 -1.99
CA VAL A 132 -1.80 -10.59 -3.36
C VAL A 132 -1.76 -12.13 -3.44
N GLU A 133 -1.24 -12.78 -2.38
CA GLU A 133 -1.13 -14.25 -2.27
C GLU A 133 -2.51 -14.90 -2.01
N ALA A 134 -3.41 -14.18 -1.32
CA ALA A 134 -4.74 -14.70 -0.88
C ALA A 134 -5.72 -14.65 -2.06
N ALA A 135 -5.78 -13.47 -2.68
CA ALA A 135 -6.53 -13.21 -3.92
C ALA A 135 -5.93 -13.99 -5.10
N GLY A 136 -4.67 -14.44 -4.92
CA GLY A 136 -3.94 -15.18 -5.94
C GLY A 136 -3.32 -14.24 -6.94
N LEU A 137 -4.16 -13.72 -7.85
CA LEU A 137 -3.73 -12.81 -8.95
C LEU A 137 -2.73 -13.52 -9.89
N GLU A 138 -2.77 -14.88 -9.85
CA GLU A 138 -1.83 -15.76 -10.55
C GLU A 138 -1.93 -15.55 -12.06
N HIS A 139 -0.92 -14.88 -12.63
CA HIS A 139 -0.79 -14.72 -14.09
C HIS A 139 -0.09 -15.95 -14.67
N HIS A 140 0.92 -16.45 -13.92
CA HIS A 140 1.61 -17.70 -14.23
C HIS A 140 0.68 -18.90 -14.06
N HIS A 141 0.45 -19.59 -15.16
CA HIS A 141 -0.28 -20.86 -15.20
C HIS A 141 0.43 -21.80 -16.16
N HIS A 142 0.46 -23.08 -15.80
CA HIS A 142 1.03 -24.12 -16.67
C HIS A 142 0.09 -24.35 -17.86
N HIS A 143 0.43 -23.73 -19.01
CA HIS A 143 -0.34 -23.88 -20.25
C HIS A 143 -0.21 -25.32 -20.77
N HIS A 144 -1.36 -25.95 -21.02
CA HIS A 144 -1.45 -27.31 -21.56
C HIS A 144 -2.71 -27.39 -22.46
N MET A 1 14.28 12.28 8.01
CA MET A 1 14.38 10.85 8.40
C MET A 1 13.42 10.02 7.55
N LYS A 2 13.96 8.99 6.86
CA LYS A 2 13.16 8.04 6.07
C LYS A 2 13.49 6.60 6.48
N ILE A 3 12.44 5.82 6.79
CA ILE A 3 12.54 4.37 7.05
C ILE A 3 12.13 3.61 5.78
N SER A 4 12.96 2.66 5.33
CA SER A 4 12.71 1.86 4.12
C SER A 4 12.46 0.39 4.50
N ILE A 5 11.28 -0.11 4.15
CA ILE A 5 10.85 -1.50 4.39
C ILE A 5 10.61 -2.18 3.00
N GLU A 6 10.49 -3.52 2.96
CA GLU A 6 10.32 -4.25 1.67
C GLU A 6 9.56 -5.59 1.77
N ALA A 7 9.17 -6.11 0.58
CA ALA A 7 8.28 -7.27 0.43
C ALA A 7 8.47 -7.90 -0.96
N HIS A 8 8.90 -9.18 -1.03
CA HIS A 8 9.12 -9.89 -2.31
C HIS A 8 7.87 -10.70 -2.65
N ILE A 9 6.97 -10.08 -3.42
CA ILE A 9 5.68 -10.69 -3.79
C ILE A 9 5.87 -11.60 -5.02
N GLU A 10 5.46 -12.89 -4.89
CA GLU A 10 5.54 -13.86 -5.99
C GLU A 10 4.33 -13.68 -6.96
N GLN A 11 4.38 -12.55 -7.69
CA GLN A 11 3.33 -12.17 -8.66
C GLN A 11 3.87 -11.08 -9.59
N GLU A 12 3.20 -10.89 -10.75
CA GLU A 12 3.56 -9.88 -11.75
C GLU A 12 3.43 -8.45 -11.17
N ILE A 13 4.39 -7.57 -11.52
CA ILE A 13 4.43 -6.14 -11.07
C ILE A 13 3.15 -5.39 -11.49
N GLU A 14 2.49 -5.90 -12.53
CA GLU A 14 1.20 -5.40 -13.02
C GLU A 14 0.11 -5.63 -11.96
N ALA A 15 -0.03 -6.90 -11.53
CA ALA A 15 -1.08 -7.34 -10.58
C ALA A 15 -0.81 -6.84 -9.16
N VAL A 16 0.49 -6.61 -8.87
CA VAL A 16 0.93 -5.95 -7.63
C VAL A 16 0.47 -4.47 -7.63
N TRP A 17 0.80 -3.73 -8.71
CA TRP A 17 0.37 -2.30 -8.86
C TRP A 17 -1.18 -2.20 -8.91
N TRP A 18 -1.80 -3.18 -9.57
CA TRP A 18 -3.25 -3.26 -9.73
C TRP A 18 -3.91 -3.32 -8.35
N ALA A 19 -3.49 -4.30 -7.54
CA ALA A 19 -4.00 -4.49 -6.19
C ALA A 19 -3.69 -3.29 -5.27
N TRP A 20 -2.53 -2.67 -5.49
CA TRP A 20 -2.06 -1.52 -4.69
C TRP A 20 -2.99 -0.31 -4.86
N ASN A 21 -3.43 -0.06 -6.12
CA ASN A 21 -4.21 1.15 -6.46
C ASN A 21 -5.72 0.86 -6.67
N ASP A 22 -6.13 -0.42 -6.72
CA ASP A 22 -7.56 -0.79 -6.95
C ASP A 22 -8.40 -0.63 -5.66
N PRO A 23 -9.48 0.22 -5.67
CA PRO A 23 -10.30 0.50 -4.46
C PRO A 23 -10.87 -0.77 -3.77
N ASP A 24 -11.41 -1.72 -4.58
CA ASP A 24 -12.02 -2.97 -4.05
C ASP A 24 -10.99 -3.80 -3.30
N CYS A 25 -9.78 -3.84 -3.87
CA CYS A 25 -8.65 -4.56 -3.30
C CYS A 25 -8.23 -3.93 -1.97
N ILE A 26 -8.02 -2.60 -1.98
CA ILE A 26 -7.56 -1.81 -0.80
C ILE A 26 -8.55 -1.92 0.38
N ALA A 27 -9.83 -2.09 0.04
CA ALA A 27 -10.88 -2.30 1.04
C ALA A 27 -10.63 -3.59 1.85
N ARG A 28 -10.11 -4.59 1.14
CA ARG A 28 -9.91 -5.96 1.65
C ARG A 28 -8.54 -6.10 2.35
N TRP A 29 -7.45 -5.51 1.79
CA TRP A 29 -6.15 -5.39 2.51
C TRP A 29 -6.09 -4.02 3.26
N ASN A 30 -4.88 -3.62 3.73
CA ASN A 30 -4.62 -2.32 4.44
C ASN A 30 -5.06 -2.39 5.92
N ALA A 31 -6.12 -3.19 6.19
CA ALA A 31 -6.64 -3.47 7.53
C ALA A 31 -5.52 -3.93 8.49
N ALA A 32 -5.10 -3.01 9.39
CA ALA A 32 -4.07 -3.27 10.40
C ALA A 32 -4.59 -4.16 11.55
N SER A 33 -5.91 -4.36 11.60
CA SER A 33 -6.57 -5.27 12.56
C SER A 33 -7.62 -6.13 11.85
N SER A 34 -8.04 -7.22 12.53
CA SER A 34 -9.13 -8.11 12.06
C SER A 34 -10.49 -7.41 12.19
N ASP A 35 -10.61 -6.61 13.28
CA ASP A 35 -11.83 -5.81 13.57
C ASP A 35 -11.88 -4.53 12.74
N TRP A 36 -10.83 -4.26 11.93
CA TRP A 36 -10.71 -3.05 11.10
C TRP A 36 -10.62 -3.43 9.62
N HIS A 37 -11.01 -2.49 8.74
CA HIS A 37 -11.07 -2.70 7.27
C HIS A 37 -11.21 -1.34 6.60
N THR A 38 -10.62 -1.16 5.40
CA THR A 38 -10.72 0.10 4.67
C THR A 38 -12.11 0.21 4.03
N THR A 39 -13.00 0.99 4.68
CA THR A 39 -14.40 1.11 4.26
C THR A 39 -14.59 2.24 3.22
N GLY A 40 -13.54 3.05 3.00
CA GLY A 40 -13.56 4.10 1.98
C GLY A 40 -12.22 4.28 1.29
N SER A 41 -12.01 3.55 0.18
CA SER A 41 -10.78 3.66 -0.63
C SER A 41 -11.01 4.64 -1.79
N ARG A 42 -10.52 5.87 -1.62
CA ARG A 42 -10.54 6.91 -2.67
C ARG A 42 -9.22 6.78 -3.45
N VAL A 43 -9.30 6.69 -4.79
CA VAL A 43 -8.10 6.56 -5.65
C VAL A 43 -8.28 7.45 -6.89
N ASP A 44 -7.55 8.56 -6.93
CA ASP A 44 -7.38 9.39 -8.14
C ASP A 44 -5.89 9.44 -8.49
N LEU A 45 -5.43 8.33 -9.11
CA LEU A 45 -4.03 8.12 -9.48
C LEU A 45 -3.62 9.05 -10.64
N VAL A 46 -3.37 10.33 -10.29
CA VAL A 46 -2.94 11.39 -11.21
C VAL A 46 -1.92 12.28 -10.46
N VAL A 47 -0.96 12.84 -11.22
CA VAL A 47 0.04 13.77 -10.68
C VAL A 47 -0.66 15.10 -10.29
N GLY A 48 -0.77 15.33 -8.98
CA GLY A 48 -1.46 16.50 -8.42
C GLY A 48 -2.68 16.09 -7.62
N GLY A 49 -3.25 14.92 -7.96
CA GLY A 49 -4.43 14.37 -7.28
C GLY A 49 -4.08 13.54 -6.06
N ARG A 50 -5.10 13.04 -5.35
CA ARG A 50 -4.92 12.33 -4.08
C ARG A 50 -5.41 10.88 -4.13
N PHE A 51 -5.09 10.17 -3.05
CA PHE A 51 -5.77 8.94 -2.63
C PHE A 51 -6.12 9.09 -1.14
N CYS A 52 -6.96 8.19 -0.64
CA CYS A 52 -7.24 8.06 0.79
C CYS A 52 -7.68 6.64 1.07
N HIS A 53 -7.20 6.07 2.17
CA HIS A 53 -7.62 4.75 2.64
C HIS A 53 -8.22 4.91 4.04
N HIS A 54 -9.54 5.12 4.11
CA HIS A 54 -10.24 5.23 5.41
C HIS A 54 -10.39 3.82 6.00
N MET A 55 -9.35 3.39 6.71
CA MET A 55 -9.38 2.14 7.48
C MET A 55 -10.09 2.42 8.80
N ALA A 56 -11.13 1.64 9.08
CA ALA A 56 -12.05 1.88 10.17
C ALA A 56 -12.53 0.57 10.75
N ALA A 57 -12.81 0.55 12.05
CA ALA A 57 -13.34 -0.61 12.74
C ALA A 57 -14.74 -0.96 12.24
N LYS A 58 -14.92 -2.23 11.85
CA LYS A 58 -16.26 -2.81 11.57
C LYS A 58 -17.09 -2.84 12.87
N ASP A 59 -16.38 -2.88 14.01
CA ASP A 59 -16.99 -3.01 15.35
C ASP A 59 -17.24 -1.62 15.99
N GLY A 60 -16.56 -0.57 15.48
CA GLY A 60 -16.65 0.77 16.08
C GLY A 60 -16.37 1.91 15.11
N SER A 61 -16.71 3.14 15.51
CA SER A 61 -16.63 4.35 14.65
C SER A 61 -15.17 4.90 14.54
N ALA A 62 -14.22 4.27 15.24
CA ALA A 62 -12.79 4.62 15.16
C ALA A 62 -12.23 4.29 13.76
N GLY A 63 -11.42 5.20 13.18
CA GLY A 63 -10.91 5.02 11.83
C GLY A 63 -9.85 6.05 11.43
N PHE A 64 -8.75 5.58 10.82
CA PHE A 64 -7.66 6.43 10.29
C PHE A 64 -7.78 6.55 8.76
N ASP A 65 -7.49 7.75 8.23
CA ASP A 65 -7.45 8.01 6.77
C ASP A 65 -5.99 8.08 6.29
N PHE A 66 -5.58 7.09 5.48
CA PHE A 66 -4.24 7.05 4.90
C PHE A 66 -4.30 7.80 3.57
N THR A 67 -4.31 9.14 3.69
CA THR A 67 -4.51 10.05 2.56
C THR A 67 -3.21 10.78 2.21
N GLY A 68 -2.86 10.76 0.91
CA GLY A 68 -1.66 11.43 0.40
C GLY A 68 -1.88 11.94 -1.00
N THR A 69 -1.18 13.03 -1.35
CA THR A 69 -1.25 13.62 -2.68
C THR A 69 -0.13 13.06 -3.57
N PHE A 70 -0.49 12.46 -4.71
CA PHE A 70 0.46 11.93 -5.68
C PHE A 70 1.30 13.07 -6.29
N THR A 71 2.61 12.99 -6.13
CA THR A 71 3.56 13.99 -6.63
C THR A 71 4.23 13.48 -7.91
N ARG A 72 4.65 12.22 -7.90
CA ARG A 72 5.35 11.57 -9.02
C ARG A 72 4.78 10.15 -9.21
N VAL A 73 4.14 9.90 -10.36
CA VAL A 73 3.52 8.59 -10.67
C VAL A 73 4.24 7.99 -11.89
N GLU A 74 4.99 6.90 -11.67
CA GLU A 74 5.65 6.15 -12.75
C GLU A 74 5.21 4.67 -12.69
N ALA A 75 4.03 4.39 -13.26
CA ALA A 75 3.45 3.04 -13.27
C ALA A 75 4.26 2.10 -14.19
N PRO A 76 4.56 0.82 -13.76
CA PRO A 76 4.31 0.29 -12.41
C PRO A 76 5.58 0.24 -11.52
N THR A 77 6.61 1.05 -11.86
CA THR A 77 7.97 0.94 -11.29
C THR A 77 8.13 1.72 -9.96
N ARG A 78 7.49 2.89 -9.84
CA ARG A 78 7.56 3.75 -8.62
C ARG A 78 6.23 4.47 -8.40
N LEU A 79 5.92 4.73 -7.13
CA LEU A 79 4.79 5.57 -6.74
C LEU A 79 5.22 6.50 -5.62
N SER A 80 5.36 7.78 -5.93
CA SER A 80 5.83 8.79 -4.98
C SER A 80 4.69 9.77 -4.71
N PHE A 81 4.52 10.11 -3.45
CA PHE A 81 3.46 10.96 -2.96
C PHE A 81 3.89 11.58 -1.62
N VAL A 82 3.17 12.60 -1.19
CA VAL A 82 3.36 13.22 0.12
C VAL A 82 2.05 13.06 0.91
N MET A 83 2.16 12.46 2.10
CA MET A 83 1.03 12.15 2.97
C MET A 83 0.43 13.47 3.53
N ASP A 84 -0.79 13.42 4.06
CA ASP A 84 -1.58 14.61 4.46
C ASP A 84 -0.88 15.51 5.50
N ASP A 85 -0.05 14.91 6.38
CA ASP A 85 0.67 15.65 7.44
C ASP A 85 2.00 16.24 6.92
N GLY A 86 2.40 15.86 5.68
CA GLY A 86 3.67 16.30 5.08
C GLY A 86 4.70 15.18 4.86
N ARG A 87 4.43 13.96 5.37
CA ARG A 87 5.38 12.81 5.30
C ARG A 87 5.52 12.29 3.84
N GLU A 88 6.68 12.53 3.21
CA GLU A 88 6.90 12.12 1.81
C GLU A 88 7.27 10.63 1.78
N VAL A 89 6.44 9.86 1.05
CA VAL A 89 6.54 8.40 0.91
C VAL A 89 6.70 8.04 -0.58
N ASP A 90 7.64 7.15 -0.88
CA ASP A 90 7.88 6.63 -2.23
C ASP A 90 7.96 5.11 -2.15
N VAL A 91 7.22 4.43 -3.02
CA VAL A 91 7.08 2.97 -3.04
C VAL A 91 7.71 2.46 -4.35
N GLN A 92 8.83 1.72 -4.21
CA GLN A 92 9.64 1.26 -5.35
C GLN A 92 9.30 -0.21 -5.65
N PHE A 93 8.73 -0.43 -6.84
CA PHE A 93 8.40 -1.78 -7.34
C PHE A 93 9.47 -2.18 -8.38
N ALA A 94 9.77 -3.47 -8.46
CA ALA A 94 10.84 -3.99 -9.32
C ALA A 94 10.59 -5.46 -9.66
N SER A 95 10.04 -5.70 -10.85
CA SER A 95 9.84 -7.04 -11.41
C SER A 95 11.18 -7.82 -11.40
N GLU A 96 11.16 -9.07 -10.89
CA GLU A 96 12.38 -9.86 -10.62
C GLU A 96 12.14 -11.35 -10.99
N PRO A 97 13.22 -12.16 -11.29
CA PRO A 97 13.09 -13.62 -11.51
C PRO A 97 12.54 -14.37 -10.26
N GLY A 98 11.21 -14.47 -10.19
CA GLY A 98 10.53 -15.09 -9.04
C GLY A 98 9.20 -14.41 -8.76
N GLY A 99 9.14 -13.08 -9.04
CA GLY A 99 7.96 -12.28 -8.77
C GLY A 99 8.23 -10.79 -8.97
N THR A 100 8.09 -10.00 -7.89
CA THR A 100 8.29 -8.55 -7.89
C THR A 100 8.75 -8.10 -6.49
N TRP A 101 9.87 -7.38 -6.44
CA TRP A 101 10.35 -6.72 -5.22
C TRP A 101 9.61 -5.39 -5.05
N VAL A 102 9.00 -5.22 -3.88
CA VAL A 102 8.31 -3.98 -3.49
C VAL A 102 9.06 -3.40 -2.29
N GLN A 103 9.17 -2.08 -2.25
CA GLN A 103 9.82 -1.34 -1.17
C GLN A 103 8.97 -0.13 -0.84
N GLU A 104 8.76 0.17 0.45
CA GLU A 104 8.03 1.38 0.87
C GLU A 104 8.94 2.23 1.77
N THR A 105 9.40 3.35 1.23
CA THR A 105 10.25 4.31 1.92
C THR A 105 9.38 5.49 2.36
N PHE A 106 9.28 5.74 3.68
CA PHE A 106 8.37 6.75 4.24
C PHE A 106 9.12 7.66 5.21
N ASP A 107 8.75 8.95 5.21
CA ASP A 107 9.26 9.93 6.20
C ASP A 107 8.70 9.60 7.59
N ALA A 108 9.57 9.63 8.62
CA ALA A 108 9.24 9.15 9.97
C ALA A 108 8.56 10.23 10.84
N GLU A 109 7.61 9.78 11.68
CA GLU A 109 6.88 10.62 12.66
C GLU A 109 7.71 10.82 13.94
N THR A 110 7.64 12.00 14.58
CA THR A 110 8.35 12.26 15.86
C THR A 110 7.47 11.87 17.08
N SER A 111 6.13 11.86 16.89
CA SER A 111 5.15 11.56 17.95
C SER A 111 4.79 10.07 17.97
N HIS A 112 5.45 9.29 17.10
CA HIS A 112 5.29 7.84 17.01
C HIS A 112 6.69 7.23 16.92
N THR A 113 6.92 6.14 17.68
CA THR A 113 8.21 5.44 17.74
C THR A 113 8.59 4.86 16.35
N PRO A 114 9.78 5.23 15.75
CA PRO A 114 10.26 4.70 14.43
C PRO A 114 10.17 3.17 14.27
N ALA A 115 10.48 2.43 15.35
CA ALA A 115 10.32 0.96 15.40
C ALA A 115 8.86 0.53 15.16
N GLN A 116 7.95 1.24 15.83
CA GLN A 116 6.50 0.98 15.72
C GLN A 116 5.94 1.47 14.38
N GLN A 117 6.58 2.47 13.77
CA GLN A 117 6.23 2.93 12.41
C GLN A 117 6.58 1.84 11.41
N GLN A 118 7.83 1.36 11.50
CA GLN A 118 8.34 0.25 10.69
C GLN A 118 7.42 -0.97 10.83
N ALA A 119 6.93 -1.19 12.06
CA ALA A 119 6.01 -2.31 12.38
C ALA A 119 4.62 -2.11 11.73
N GLY A 120 4.14 -0.86 11.72
CA GLY A 120 2.79 -0.53 11.24
C GLY A 120 2.69 -0.50 9.72
N TRP A 121 3.58 0.26 9.10
CA TRP A 121 3.66 0.40 7.65
C TRP A 121 4.01 -0.95 6.97
N GLN A 122 4.94 -1.73 7.58
CA GLN A 122 5.28 -3.10 7.09
C GLN A 122 4.19 -4.09 7.51
N GLY A 123 3.42 -3.73 8.54
CA GLY A 123 2.20 -4.45 8.88
C GLY A 123 1.23 -4.44 7.71
N ILE A 124 1.13 -3.27 7.06
CA ILE A 124 0.25 -3.04 5.89
C ILE A 124 0.90 -3.57 4.58
N LEU A 125 2.24 -3.45 4.46
CA LEU A 125 2.97 -3.84 3.23
C LEU A 125 3.07 -5.37 3.10
N ASP A 126 3.35 -6.05 4.24
CA ASP A 126 3.38 -7.53 4.32
C ASP A 126 1.95 -8.12 4.40
N ASN A 127 0.96 -7.33 4.88
CA ASN A 127 -0.47 -7.68 4.74
C ASN A 127 -0.86 -7.67 3.25
N PHE A 128 -0.30 -6.69 2.51
CA PHE A 128 -0.49 -6.57 1.06
C PHE A 128 0.19 -7.74 0.32
N LYS A 129 1.43 -8.05 0.71
CA LYS A 129 2.21 -9.16 0.15
C LYS A 129 1.44 -10.48 0.35
N ARG A 130 0.99 -10.71 1.58
CA ARG A 130 0.20 -11.90 1.99
C ARG A 130 -1.08 -12.01 1.15
N TYR A 131 -1.74 -10.87 0.99
CA TYR A 131 -2.99 -10.75 0.23
C TYR A 131 -2.82 -11.25 -1.22
N VAL A 132 -1.85 -10.66 -1.94
CA VAL A 132 -1.64 -10.90 -3.38
C VAL A 132 -1.29 -12.37 -3.66
N GLU A 133 -0.45 -12.95 -2.80
CA GLU A 133 0.06 -14.32 -2.98
C GLU A 133 -0.98 -15.37 -2.53
N ALA A 134 -1.90 -14.98 -1.62
CA ALA A 134 -2.98 -15.89 -1.16
C ALA A 134 -4.14 -15.92 -2.17
N ALA A 135 -4.48 -14.72 -2.66
CA ALA A 135 -5.51 -14.50 -3.69
C ALA A 135 -5.04 -15.04 -5.05
N GLY A 136 -3.73 -14.94 -5.27
CA GLY A 136 -3.11 -15.34 -6.52
C GLY A 136 -3.02 -14.18 -7.50
N LEU A 137 -4.19 -13.57 -7.77
CA LEU A 137 -4.37 -12.49 -8.77
C LEU A 137 -3.99 -12.98 -10.19
N GLU A 138 -4.13 -14.29 -10.37
CA GLU A 138 -3.95 -14.97 -11.66
C GLU A 138 -5.07 -14.57 -12.65
N HIS A 139 -6.22 -14.14 -12.09
CA HIS A 139 -7.37 -13.68 -12.90
C HIS A 139 -7.06 -12.34 -13.61
N HIS A 140 -6.01 -11.64 -13.17
CA HIS A 140 -5.44 -10.50 -13.91
C HIS A 140 -4.87 -11.00 -15.26
N HIS A 141 -4.07 -12.08 -15.17
CA HIS A 141 -3.44 -12.78 -16.31
C HIS A 141 -2.33 -11.97 -17.00
N HIS A 142 -1.39 -12.69 -17.63
CA HIS A 142 -0.44 -12.14 -18.61
C HIS A 142 0.34 -13.31 -19.26
N HIS A 143 -0.42 -14.25 -19.84
CA HIS A 143 0.14 -15.45 -20.51
C HIS A 143 0.99 -15.05 -21.72
N HIS A 144 2.18 -15.69 -21.87
CA HIS A 144 3.16 -15.38 -22.94
C HIS A 144 3.66 -13.91 -22.81
N MET A 1 14.20 11.95 8.31
CA MET A 1 14.24 10.48 8.46
C MET A 1 13.13 9.83 7.64
N LYS A 2 13.54 8.93 6.70
CA LYS A 2 12.61 8.12 5.90
C LYS A 2 12.92 6.64 6.14
N ILE A 3 11.96 5.91 6.73
CA ILE A 3 12.06 4.47 6.95
C ILE A 3 11.60 3.71 5.70
N SER A 4 12.46 2.88 5.11
CA SER A 4 12.08 2.04 3.96
C SER A 4 11.82 0.61 4.45
N ILE A 5 10.69 0.04 4.01
CA ILE A 5 10.31 -1.36 4.27
C ILE A 5 10.23 -2.11 2.92
N GLU A 6 10.28 -3.45 2.94
CA GLU A 6 10.34 -4.25 1.70
C GLU A 6 9.44 -5.51 1.76
N ALA A 7 9.18 -6.09 0.56
CA ALA A 7 8.41 -7.33 0.41
C ALA A 7 8.78 -7.99 -0.94
N HIS A 8 9.28 -9.24 -0.91
CA HIS A 8 9.61 -9.99 -2.14
C HIS A 8 8.36 -10.79 -2.55
N ILE A 9 7.46 -10.12 -3.28
CA ILE A 9 6.16 -10.68 -3.67
C ILE A 9 6.33 -11.61 -4.87
N GLU A 10 6.12 -12.93 -4.67
CA GLU A 10 6.32 -13.95 -5.72
C GLU A 10 5.15 -13.90 -6.72
N GLN A 11 5.26 -12.94 -7.64
CA GLN A 11 4.29 -12.68 -8.70
C GLN A 11 4.87 -11.64 -9.67
N GLU A 12 4.32 -11.58 -10.89
CA GLU A 12 4.75 -10.64 -11.93
C GLU A 12 4.42 -9.19 -11.50
N ILE A 13 5.33 -8.24 -11.83
CA ILE A 13 5.19 -6.82 -11.47
C ILE A 13 3.90 -6.20 -12.04
N GLU A 14 3.36 -6.80 -13.13
CA GLU A 14 2.08 -6.39 -13.74
C GLU A 14 0.92 -6.64 -12.76
N ALA A 15 0.82 -7.90 -12.29
CA ALA A 15 -0.27 -8.34 -11.37
C ALA A 15 -0.14 -7.67 -9.98
N VAL A 16 1.11 -7.53 -9.53
CA VAL A 16 1.45 -6.82 -8.28
C VAL A 16 1.00 -5.34 -8.36
N TRP A 17 1.42 -4.64 -9.44
CA TRP A 17 1.04 -3.24 -9.67
C TRP A 17 -0.48 -3.10 -9.82
N TRP A 18 -1.13 -4.10 -10.45
CA TRP A 18 -2.58 -4.08 -10.69
C TRP A 18 -3.38 -4.06 -9.37
N ALA A 19 -2.98 -4.92 -8.43
CA ALA A 19 -3.60 -4.98 -7.09
C ALA A 19 -3.27 -3.74 -6.23
N TRP A 20 -2.12 -3.10 -6.51
CA TRP A 20 -1.75 -1.81 -5.89
C TRP A 20 -2.46 -0.65 -6.62
N ASN A 21 -2.91 -0.90 -7.86
CA ASN A 21 -3.52 0.11 -8.73
C ASN A 21 -5.03 0.24 -8.46
N ASP A 22 -5.66 -0.91 -8.20
CA ASP A 22 -7.13 -1.00 -8.06
C ASP A 22 -7.56 -0.33 -6.75
N PRO A 23 -8.43 0.72 -6.80
CA PRO A 23 -8.77 1.54 -5.61
C PRO A 23 -9.44 0.72 -4.47
N ASP A 24 -10.32 -0.21 -4.88
CA ASP A 24 -11.10 -1.06 -3.94
C ASP A 24 -10.21 -2.16 -3.35
N CYS A 25 -9.20 -2.58 -4.14
CA CYS A 25 -8.22 -3.58 -3.71
C CYS A 25 -7.26 -2.97 -2.69
N ILE A 26 -6.85 -1.69 -2.91
CA ILE A 26 -6.02 -0.93 -1.95
C ILE A 26 -6.70 -0.93 -0.59
N ALA A 27 -7.97 -0.51 -0.59
CA ALA A 27 -8.82 -0.44 0.62
C ALA A 27 -9.04 -1.81 1.31
N ARG A 28 -8.72 -2.91 0.59
CA ARG A 28 -8.91 -4.30 1.04
C ARG A 28 -7.68 -4.79 1.86
N TRP A 29 -6.45 -4.50 1.37
CA TRP A 29 -5.19 -4.89 2.07
C TRP A 29 -4.67 -3.76 3.00
N ASN A 30 -5.09 -2.51 2.75
CA ASN A 30 -4.64 -1.34 3.54
C ASN A 30 -5.49 -1.23 4.82
N ALA A 31 -5.02 -1.91 5.88
CA ALA A 31 -5.64 -1.88 7.20
C ALA A 31 -4.54 -1.97 8.26
N ALA A 32 -4.68 -1.19 9.34
CA ALA A 32 -3.74 -1.21 10.47
C ALA A 32 -3.83 -2.57 11.21
N SER A 33 -5.05 -3.08 11.32
CA SER A 33 -5.35 -4.38 11.94
C SER A 33 -6.53 -5.04 11.22
N SER A 34 -6.77 -6.33 11.52
CA SER A 34 -7.92 -7.08 10.99
C SER A 34 -9.24 -6.64 11.66
N ASP A 35 -9.10 -5.94 12.80
CA ASP A 35 -10.24 -5.31 13.49
C ASP A 35 -10.55 -3.95 12.86
N TRP A 36 -9.70 -3.49 11.93
CA TRP A 36 -9.85 -2.21 11.23
C TRP A 36 -10.13 -2.48 9.75
N HIS A 37 -10.91 -1.60 9.14
CA HIS A 37 -11.39 -1.76 7.75
C HIS A 37 -11.57 -0.37 7.14
N THR A 38 -10.97 -0.15 5.96
CA THR A 38 -11.07 1.11 5.26
C THR A 38 -12.45 1.20 4.58
N THR A 39 -13.33 1.98 5.21
CA THR A 39 -14.75 2.09 4.86
C THR A 39 -14.99 3.15 3.77
N GLY A 40 -14.01 4.05 3.58
CA GLY A 40 -14.12 5.15 2.61
C GLY A 40 -12.78 5.55 2.03
N SER A 41 -12.34 4.83 0.99
CA SER A 41 -11.04 5.04 0.35
C SER A 41 -11.22 5.74 -1.00
N ARG A 42 -10.94 7.04 -1.07
CA ARG A 42 -10.73 7.73 -2.35
C ARG A 42 -9.32 7.38 -2.85
N VAL A 43 -9.22 7.07 -4.14
CA VAL A 43 -7.96 6.91 -4.86
C VAL A 43 -8.17 7.47 -6.28
N ASP A 44 -7.49 8.58 -6.59
CA ASP A 44 -7.34 9.07 -7.97
C ASP A 44 -5.89 8.88 -8.34
N LEU A 45 -5.55 7.64 -8.79
CA LEU A 45 -4.16 7.25 -9.08
C LEU A 45 -3.68 7.86 -10.42
N VAL A 46 -3.44 9.17 -10.36
CA VAL A 46 -2.93 10.01 -11.45
C VAL A 46 -1.97 11.03 -10.84
N VAL A 47 -1.15 11.67 -11.68
CA VAL A 47 -0.21 12.69 -11.23
C VAL A 47 -1.01 13.97 -10.87
N GLY A 48 -1.17 14.19 -9.56
CA GLY A 48 -1.96 15.31 -9.02
C GLY A 48 -3.24 14.86 -8.34
N GLY A 49 -3.66 13.61 -8.60
CA GLY A 49 -4.89 13.06 -8.01
C GLY A 49 -4.76 12.79 -6.52
N ARG A 50 -5.89 12.88 -5.81
CA ARG A 50 -5.92 12.80 -4.33
C ARG A 50 -6.32 11.40 -3.88
N PHE A 51 -5.87 11.01 -2.69
CA PHE A 51 -6.34 9.79 -2.00
C PHE A 51 -6.73 10.14 -0.56
N CYS A 52 -7.63 9.34 0.01
CA CYS A 52 -8.00 9.42 1.43
C CYS A 52 -8.50 8.06 1.90
N HIS A 53 -7.68 7.35 2.70
CA HIS A 53 -8.00 5.99 3.17
C HIS A 53 -8.66 6.08 4.54
N HIS A 54 -9.98 6.26 4.55
CA HIS A 54 -10.76 6.41 5.79
C HIS A 54 -11.06 5.04 6.37
N MET A 55 -10.42 4.76 7.51
CA MET A 55 -10.38 3.44 8.13
C MET A 55 -11.00 3.53 9.52
N ALA A 56 -11.69 2.48 9.94
CA ALA A 56 -12.43 2.45 11.21
C ALA A 56 -12.40 1.04 11.79
N ALA A 57 -12.52 0.96 13.11
CA ALA A 57 -12.70 -0.32 13.81
C ALA A 57 -14.08 -0.92 13.49
N LYS A 58 -14.18 -2.25 13.52
CA LYS A 58 -15.44 -2.97 13.33
C LYS A 58 -16.35 -2.77 14.55
N ASP A 59 -15.73 -2.40 15.68
CA ASP A 59 -16.41 -2.02 16.92
C ASP A 59 -17.12 -0.67 16.76
N GLY A 60 -16.60 0.19 15.84
CA GLY A 60 -17.29 1.41 15.40
C GLY A 60 -16.54 2.70 15.73
N SER A 61 -16.47 3.02 17.05
CA SER A 61 -16.07 4.37 17.56
C SER A 61 -14.66 4.80 17.09
N ALA A 62 -13.70 3.88 17.17
CA ALA A 62 -12.30 4.14 16.78
C ALA A 62 -12.20 4.31 15.26
N GLY A 63 -11.62 5.44 14.83
CA GLY A 63 -11.39 5.72 13.41
C GLY A 63 -10.11 6.49 13.20
N PHE A 64 -9.42 6.21 12.09
CA PHE A 64 -8.18 6.88 11.69
C PHE A 64 -8.03 6.79 10.17
N ASP A 65 -7.54 7.86 9.53
CA ASP A 65 -7.47 7.94 8.06
C ASP A 65 -6.17 8.56 7.56
N PHE A 66 -5.80 8.20 6.32
CA PHE A 66 -4.58 8.67 5.64
C PHE A 66 -4.97 9.45 4.37
N THR A 67 -5.12 10.78 4.49
CA THR A 67 -5.40 11.66 3.33
C THR A 67 -4.07 12.13 2.71
N GLY A 68 -4.11 12.55 1.43
CA GLY A 68 -2.91 13.03 0.74
C GLY A 68 -3.14 13.21 -0.76
N THR A 69 -2.02 13.30 -1.51
CA THR A 69 -2.05 13.47 -2.98
C THR A 69 -0.85 12.73 -3.64
N PHE A 70 -1.12 12.03 -4.76
CA PHE A 70 -0.09 11.37 -5.58
C PHE A 70 0.79 12.43 -6.28
N THR A 71 2.06 12.49 -5.88
CA THR A 71 3.01 13.53 -6.31
C THR A 71 3.82 13.10 -7.55
N ARG A 72 3.83 11.80 -7.85
CA ARG A 72 4.54 11.25 -9.02
C ARG A 72 4.08 9.79 -9.25
N VAL A 73 3.47 9.52 -10.41
CA VAL A 73 3.04 8.15 -10.79
C VAL A 73 3.89 7.70 -11.99
N GLU A 74 4.82 6.76 -11.76
CA GLU A 74 5.71 6.20 -12.80
C GLU A 74 5.33 4.74 -13.07
N ALA A 75 4.10 4.53 -13.54
CA ALA A 75 3.52 3.19 -13.72
C ALA A 75 4.27 2.40 -14.83
N PRO A 76 4.65 1.09 -14.62
CA PRO A 76 4.42 0.30 -13.37
C PRO A 76 5.66 0.22 -12.43
N THR A 77 6.69 1.04 -12.71
CA THR A 77 8.01 0.96 -12.06
C THR A 77 7.99 1.53 -10.63
N ARG A 78 7.35 2.70 -10.48
CA ARG A 78 7.41 3.49 -9.23
C ARG A 78 6.06 4.18 -8.95
N LEU A 79 5.87 4.57 -7.69
CA LEU A 79 4.77 5.43 -7.25
C LEU A 79 5.25 6.34 -6.12
N SER A 80 4.73 7.57 -6.08
CA SER A 80 5.03 8.55 -5.03
C SER A 80 3.74 9.26 -4.63
N PHE A 81 3.55 9.46 -3.32
CA PHE A 81 2.41 10.18 -2.77
C PHE A 81 2.76 10.66 -1.36
N VAL A 82 2.38 11.90 -1.06
CA VAL A 82 2.68 12.53 0.23
C VAL A 82 1.38 12.67 1.00
N MET A 83 1.42 12.33 2.30
CA MET A 83 0.23 12.37 3.17
C MET A 83 0.11 13.73 3.87
N ASP A 84 -1.02 13.95 4.57
CA ASP A 84 -1.42 15.26 5.14
C ASP A 84 -0.49 15.73 6.28
N ASP A 85 0.22 14.79 6.93
CA ASP A 85 1.16 15.08 8.03
C ASP A 85 2.59 15.36 7.46
N GLY A 86 2.69 15.48 6.12
CA GLY A 86 3.95 15.77 5.45
C GLY A 86 4.80 14.53 5.19
N ARG A 87 4.29 13.35 5.59
CA ARG A 87 5.02 12.09 5.47
C ARG A 87 4.96 11.61 4.03
N GLU A 88 6.11 11.68 3.33
CA GLU A 88 6.24 11.27 1.94
C GLU A 88 6.35 9.75 1.88
N VAL A 89 5.58 9.13 0.97
CA VAL A 89 5.56 7.68 0.77
C VAL A 89 5.92 7.39 -0.70
N ASP A 90 7.11 6.83 -0.89
CA ASP A 90 7.70 6.60 -2.21
C ASP A 90 7.91 5.08 -2.35
N VAL A 91 7.07 4.44 -3.17
CA VAL A 91 7.01 2.97 -3.31
C VAL A 91 7.70 2.52 -4.62
N GLN A 92 8.81 1.77 -4.49
CA GLN A 92 9.63 1.29 -5.60
C GLN A 92 9.26 -0.17 -5.90
N PHE A 93 8.89 -0.46 -7.15
CA PHE A 93 8.56 -1.81 -7.61
C PHE A 93 9.73 -2.35 -8.45
N ALA A 94 10.61 -3.11 -7.81
CA ALA A 94 11.77 -3.73 -8.47
C ALA A 94 11.39 -5.11 -9.00
N SER A 95 11.63 -5.36 -10.29
CA SER A 95 11.32 -6.64 -10.94
C SER A 95 12.37 -7.70 -10.56
N GLU A 96 11.93 -8.91 -10.18
CA GLU A 96 12.82 -10.03 -9.77
C GLU A 96 12.59 -11.28 -10.65
N PRO A 97 13.64 -12.14 -10.87
CA PRO A 97 13.51 -13.41 -11.63
C PRO A 97 12.52 -14.42 -10.98
N GLY A 98 12.17 -14.20 -9.71
CA GLY A 98 11.19 -15.04 -8.99
C GLY A 98 10.19 -14.23 -8.19
N GLY A 99 9.84 -13.02 -8.68
CA GLY A 99 8.84 -12.18 -8.01
C GLY A 99 8.98 -10.69 -8.30
N THR A 100 8.65 -9.85 -7.30
CA THR A 100 8.72 -8.39 -7.38
C THR A 100 9.07 -7.84 -6.00
N TRP A 101 10.24 -7.18 -5.90
CA TRP A 101 10.69 -6.56 -4.66
C TRP A 101 10.04 -5.18 -4.50
N VAL A 102 8.89 -5.16 -3.80
CA VAL A 102 8.13 -3.94 -3.53
C VAL A 102 8.62 -3.31 -2.24
N GLN A 103 8.98 -2.04 -2.34
CA GLN A 103 9.68 -1.29 -1.30
C GLN A 103 8.87 -0.04 -1.01
N GLU A 104 8.41 0.15 0.23
CA GLU A 104 7.62 1.32 0.61
C GLU A 104 8.42 2.20 1.60
N THR A 105 8.86 3.37 1.12
CA THR A 105 9.63 4.32 1.93
C THR A 105 8.68 5.40 2.46
N PHE A 106 8.71 5.66 3.76
CA PHE A 106 7.82 6.64 4.41
C PHE A 106 8.62 7.43 5.45
N ASP A 107 8.32 8.73 5.58
CA ASP A 107 8.92 9.56 6.65
C ASP A 107 8.45 9.10 8.05
N ALA A 108 9.39 9.05 9.01
CA ALA A 108 9.11 8.70 10.40
C ALA A 108 8.47 9.90 11.13
N GLU A 109 7.31 9.67 11.74
CA GLU A 109 6.57 10.70 12.49
C GLU A 109 6.98 10.70 13.97
N THR A 110 6.76 11.81 14.67
CA THR A 110 7.32 12.03 16.02
C THR A 110 6.42 11.47 17.15
N SER A 111 5.16 11.11 16.84
CA SER A 111 4.18 10.68 17.85
C SER A 111 4.58 9.33 18.46
N HIS A 112 5.00 8.41 17.60
CA HIS A 112 5.40 7.05 18.01
C HIS A 112 6.90 6.85 17.76
N THR A 113 7.44 5.72 18.23
CA THR A 113 8.83 5.34 18.00
C THR A 113 8.98 4.70 16.59
N PRO A 114 10.10 5.00 15.84
CA PRO A 114 10.30 4.54 14.43
C PRO A 114 10.13 3.03 14.22
N ALA A 115 10.53 2.22 15.22
CA ALA A 115 10.41 0.75 15.18
C ALA A 115 8.94 0.29 15.03
N GLN A 116 8.05 0.89 15.85
CA GLN A 116 6.60 0.58 15.84
C GLN A 116 5.98 0.98 14.49
N GLN A 117 6.43 2.13 13.97
CA GLN A 117 5.98 2.64 12.66
C GLN A 117 6.37 1.66 11.55
N GLN A 118 7.66 1.24 11.55
CA GLN A 118 8.23 0.31 10.56
C GLN A 118 7.44 -1.00 10.52
N ALA A 119 7.10 -1.49 11.71
CA ALA A 119 6.37 -2.77 11.87
C ALA A 119 4.89 -2.64 11.48
N GLY A 120 4.30 -1.45 11.72
CA GLY A 120 2.89 -1.18 11.39
C GLY A 120 2.64 -1.11 9.89
N TRP A 121 3.46 -0.30 9.21
CA TRP A 121 3.43 -0.18 7.75
C TRP A 121 3.85 -1.50 7.09
N GLN A 122 4.83 -2.20 7.68
CA GLN A 122 5.27 -3.54 7.21
C GLN A 122 4.11 -4.54 7.34
N GLY A 123 3.29 -4.38 8.39
CA GLY A 123 2.09 -5.20 8.57
C GLY A 123 1.13 -5.09 7.37
N ILE A 124 1.05 -3.89 6.80
CA ILE A 124 0.17 -3.58 5.66
C ILE A 124 0.78 -4.03 4.31
N LEU A 125 2.11 -3.83 4.15
CA LEU A 125 2.84 -4.20 2.90
C LEU A 125 2.96 -5.73 2.78
N ASP A 126 3.23 -6.37 3.91
CA ASP A 126 3.25 -7.84 4.06
C ASP A 126 1.82 -8.41 3.93
N ASN A 127 0.80 -7.62 4.32
CA ASN A 127 -0.63 -7.99 4.12
C ASN A 127 -0.99 -7.92 2.62
N PHE A 128 -0.34 -6.99 1.91
CA PHE A 128 -0.48 -6.88 0.44
C PHE A 128 0.13 -8.12 -0.24
N LYS A 129 1.36 -8.47 0.18
CA LYS A 129 2.09 -9.64 -0.35
C LYS A 129 1.30 -10.94 -0.10
N ARG A 130 0.78 -11.05 1.12
CA ARG A 130 -0.06 -12.18 1.54
C ARG A 130 -1.35 -12.23 0.72
N TYR A 131 -1.90 -11.04 0.42
CA TYR A 131 -3.11 -10.91 -0.40
C TYR A 131 -2.86 -11.37 -1.84
N VAL A 132 -1.70 -11.04 -2.40
CA VAL A 132 -1.31 -11.42 -3.76
C VAL A 132 -1.21 -12.95 -3.88
N GLU A 133 -0.74 -13.59 -2.80
CA GLU A 133 -0.58 -15.06 -2.73
C GLU A 133 -1.90 -15.77 -2.33
N ALA A 134 -2.81 -15.03 -1.67
CA ALA A 134 -4.13 -15.57 -1.25
C ALA A 134 -5.11 -15.56 -2.43
N ALA A 135 -5.07 -14.45 -3.17
CA ALA A 135 -5.88 -14.23 -4.37
C ALA A 135 -5.26 -14.95 -5.56
N GLY A 136 -3.91 -15.04 -5.56
CA GLY A 136 -3.16 -15.59 -6.68
C GLY A 136 -2.80 -14.54 -7.71
N LEU A 137 -3.85 -13.82 -8.18
CA LEU A 137 -3.78 -12.80 -9.23
C LEU A 137 -3.29 -13.45 -10.54
N GLU A 138 -4.13 -14.33 -11.11
CA GLU A 138 -3.84 -15.02 -12.38
C GLU A 138 -3.71 -14.00 -13.51
N HIS A 139 -2.60 -14.10 -14.27
CA HIS A 139 -2.35 -13.25 -15.43
C HIS A 139 -3.30 -13.65 -16.59
N HIS A 140 -4.56 -13.19 -16.49
CA HIS A 140 -5.65 -13.56 -17.43
C HIS A 140 -5.46 -12.79 -18.77
N HIS A 141 -4.46 -13.26 -19.52
CA HIS A 141 -3.92 -12.57 -20.72
C HIS A 141 -2.89 -13.48 -21.42
N HIS A 142 -2.28 -14.42 -20.65
CA HIS A 142 -1.29 -15.39 -21.18
C HIS A 142 -1.94 -16.30 -22.23
N HIS A 143 -1.79 -15.89 -23.48
CA HIS A 143 -2.16 -16.67 -24.66
C HIS A 143 -0.90 -16.97 -25.49
N HIS A 144 0.20 -16.23 -25.19
CA HIS A 144 1.52 -16.49 -25.75
C HIS A 144 2.23 -17.58 -24.91
N MET A 1 13.69 12.42 9.27
CA MET A 1 14.22 11.07 9.01
C MET A 1 13.23 10.24 8.19
N LYS A 2 13.73 9.20 7.50
CA LYS A 2 12.92 8.23 6.73
C LYS A 2 13.36 6.80 7.08
N ILE A 3 12.48 5.81 6.83
CA ILE A 3 12.76 4.37 7.04
C ILE A 3 12.49 3.58 5.75
N SER A 4 13.35 2.59 5.48
CA SER A 4 13.25 1.71 4.32
C SER A 4 12.77 0.31 4.76
N ILE A 5 11.66 -0.15 4.15
CA ILE A 5 11.18 -1.54 4.24
C ILE A 5 11.04 -2.11 2.81
N GLU A 6 11.02 -3.45 2.71
CA GLU A 6 10.96 -4.16 1.42
C GLU A 6 10.15 -5.45 1.52
N ALA A 7 9.84 -6.04 0.35
CA ALA A 7 9.10 -7.31 0.22
C ALA A 7 9.28 -7.87 -1.19
N HIS A 8 9.80 -9.10 -1.31
CA HIS A 8 10.01 -9.79 -2.59
C HIS A 8 8.77 -10.66 -2.89
N ILE A 9 7.74 -10.04 -3.47
CA ILE A 9 6.46 -10.70 -3.80
C ILE A 9 6.63 -11.49 -5.10
N GLU A 10 6.36 -12.81 -5.10
CA GLU A 10 6.54 -13.67 -6.29
C GLU A 10 5.31 -13.55 -7.23
N GLN A 11 5.13 -12.34 -7.75
CA GLN A 11 3.93 -11.93 -8.49
C GLN A 11 4.30 -11.04 -9.67
N GLU A 12 3.42 -10.92 -10.67
CA GLU A 12 3.53 -9.96 -11.76
C GLU A 12 3.42 -8.53 -11.21
N ILE A 13 4.31 -7.64 -11.68
CA ILE A 13 4.33 -6.23 -11.26
C ILE A 13 3.01 -5.53 -11.65
N GLU A 14 2.35 -6.06 -12.71
CA GLU A 14 1.02 -5.60 -13.14
C GLU A 14 -0.02 -5.85 -12.05
N ALA A 15 -0.04 -7.07 -11.49
CA ALA A 15 -1.03 -7.50 -10.47
C ALA A 15 -0.72 -6.89 -9.09
N VAL A 16 0.57 -6.66 -8.83
CA VAL A 16 1.04 -5.95 -7.61
C VAL A 16 0.53 -4.50 -7.62
N TRP A 17 0.83 -3.79 -8.73
CA TRP A 17 0.38 -2.41 -8.97
C TRP A 17 -1.16 -2.33 -9.02
N TRP A 18 -1.80 -3.36 -9.59
CA TRP A 18 -3.27 -3.45 -9.74
C TRP A 18 -3.94 -3.52 -8.35
N ALA A 19 -3.41 -4.37 -7.48
CA ALA A 19 -3.91 -4.50 -6.09
C ALA A 19 -3.75 -3.18 -5.31
N TRP A 20 -2.70 -2.42 -5.65
CA TRP A 20 -2.43 -1.10 -5.05
C TRP A 20 -3.36 -0.02 -5.66
N ASN A 21 -3.67 -0.15 -6.96
CA ASN A 21 -4.42 0.88 -7.73
C ASN A 21 -5.94 0.75 -7.54
N ASP A 22 -6.42 -0.49 -7.48
CA ASP A 22 -7.86 -0.79 -7.50
C ASP A 22 -8.47 -0.48 -6.12
N PRO A 23 -9.54 0.39 -6.04
CA PRO A 23 -10.13 0.83 -4.76
C PRO A 23 -10.64 -0.33 -3.89
N ASP A 24 -11.23 -1.35 -4.53
CA ASP A 24 -11.77 -2.54 -3.84
C ASP A 24 -10.63 -3.42 -3.31
N CYS A 25 -9.58 -3.57 -4.12
CA CYS A 25 -8.41 -4.39 -3.77
C CYS A 25 -7.63 -3.78 -2.60
N ILE A 26 -7.32 -2.48 -2.72
CA ILE A 26 -6.57 -1.73 -1.72
C ILE A 26 -7.34 -1.66 -0.39
N ALA A 27 -8.67 -1.61 -0.49
CA ALA A 27 -9.56 -1.56 0.69
C ALA A 27 -9.51 -2.84 1.54
N ARG A 28 -9.09 -3.95 0.92
CA ARG A 28 -9.05 -5.26 1.60
C ARG A 28 -7.71 -5.54 2.30
N TRP A 29 -6.60 -4.90 1.84
CA TRP A 29 -5.27 -5.09 2.49
C TRP A 29 -4.86 -3.90 3.36
N ASN A 30 -5.36 -2.68 3.06
CA ASN A 30 -5.00 -1.45 3.80
C ASN A 30 -5.76 -1.42 5.15
N ALA A 31 -5.29 -2.26 6.08
CA ALA A 31 -5.95 -2.50 7.37
C ALA A 31 -4.89 -2.73 8.45
N ALA A 32 -5.20 -2.26 9.66
CA ALA A 32 -4.36 -2.50 10.85
C ALA A 32 -4.66 -3.88 11.46
N SER A 33 -5.86 -4.40 11.12
CA SER A 33 -6.36 -5.71 11.57
C SER A 33 -7.54 -6.12 10.67
N SER A 34 -8.03 -7.36 10.87
CA SER A 34 -9.24 -7.87 10.18
C SER A 34 -10.52 -7.15 10.69
N ASP A 35 -10.38 -6.44 11.82
CA ASP A 35 -11.46 -5.62 12.39
C ASP A 35 -11.54 -4.26 11.66
N TRP A 36 -10.45 -3.87 10.98
CA TRP A 36 -10.34 -2.59 10.26
C TRP A 36 -10.68 -2.82 8.79
N HIS A 37 -11.58 -1.97 8.26
CA HIS A 37 -12.08 -2.05 6.88
C HIS A 37 -12.11 -0.65 6.31
N THR A 38 -11.49 -0.47 5.14
CA THR A 38 -11.53 0.82 4.46
C THR A 38 -12.91 0.99 3.82
N THR A 39 -13.76 1.78 4.49
CA THR A 39 -15.17 1.97 4.16
C THR A 39 -15.34 3.07 3.10
N GLY A 40 -14.36 4.00 3.04
CA GLY A 40 -14.27 4.99 1.98
C GLY A 40 -12.96 4.83 1.24
N SER A 41 -12.96 3.99 0.19
CA SER A 41 -11.76 3.72 -0.61
C SER A 41 -11.91 4.27 -2.03
N ARG A 42 -11.04 5.23 -2.37
CA ARG A 42 -10.92 5.77 -3.73
C ARG A 42 -9.45 6.02 -4.02
N VAL A 43 -9.00 5.63 -5.23
CA VAL A 43 -7.63 5.89 -5.69
C VAL A 43 -7.72 6.73 -6.98
N ASP A 44 -7.21 7.96 -6.89
CA ASP A 44 -7.15 8.92 -8.01
C ASP A 44 -5.68 8.94 -8.51
N LEU A 45 -5.27 7.86 -9.19
CA LEU A 45 -3.86 7.58 -9.48
C LEU A 45 -3.36 8.34 -10.74
N VAL A 46 -2.95 9.60 -10.53
CA VAL A 46 -2.26 10.43 -11.54
C VAL A 46 -1.14 11.23 -10.84
N VAL A 47 -0.24 11.84 -11.62
CA VAL A 47 0.81 12.71 -11.09
C VAL A 47 0.15 14.05 -10.65
N GLY A 48 0.00 14.21 -9.33
CA GLY A 48 -0.79 15.30 -8.76
C GLY A 48 -2.18 14.82 -8.38
N GLY A 49 -2.35 13.48 -8.33
CA GLY A 49 -3.59 12.84 -7.90
C GLY A 49 -3.65 12.66 -6.40
N ARG A 50 -4.54 11.78 -5.95
CA ARG A 50 -4.88 11.65 -4.53
C ARG A 50 -5.35 10.24 -4.21
N PHE A 51 -5.11 9.78 -2.99
CA PHE A 51 -5.74 8.55 -2.47
C PHE A 51 -6.52 8.90 -1.19
N CYS A 52 -7.75 8.40 -1.08
CA CYS A 52 -8.60 8.60 0.10
C CYS A 52 -9.00 7.24 0.67
N HIS A 53 -8.39 6.84 1.81
CA HIS A 53 -8.68 5.55 2.45
C HIS A 53 -9.16 5.76 3.90
N HIS A 54 -10.48 5.92 4.10
CA HIS A 54 -11.03 5.99 5.45
C HIS A 54 -11.08 4.58 6.05
N MET A 55 -10.25 4.35 7.06
CA MET A 55 -10.17 3.07 7.78
C MET A 55 -11.15 3.11 8.95
N ALA A 56 -11.97 2.06 9.10
CA ALA A 56 -13.02 2.01 10.12
C ALA A 56 -13.06 0.63 10.78
N ALA A 57 -12.96 0.60 12.12
CA ALA A 57 -13.10 -0.63 12.90
C ALA A 57 -14.57 -1.08 12.91
N LYS A 58 -14.79 -2.40 13.06
CA LYS A 58 -16.13 -3.03 12.96
C LYS A 58 -17.11 -2.54 14.05
N ASP A 59 -16.60 -2.02 15.18
CA ASP A 59 -17.46 -1.44 16.25
C ASP A 59 -17.93 -0.03 15.84
N GLY A 60 -17.14 0.65 15.00
CA GLY A 60 -17.54 1.91 14.36
C GLY A 60 -17.23 3.17 15.16
N SER A 61 -16.63 3.02 16.36
CA SER A 61 -16.22 4.16 17.20
C SER A 61 -14.80 4.63 16.80
N ALA A 62 -13.92 3.65 16.53
CA ALA A 62 -12.54 3.89 16.07
C ALA A 62 -12.51 3.94 14.55
N GLY A 63 -12.02 5.05 13.98
CA GLY A 63 -11.91 5.22 12.54
C GLY A 63 -10.83 6.23 12.17
N PHE A 64 -9.77 5.77 11.48
CA PHE A 64 -8.67 6.63 10.99
C PHE A 64 -8.90 7.04 9.53
N ASP A 65 -8.02 7.94 9.03
CA ASP A 65 -8.04 8.44 7.64
C ASP A 65 -6.63 8.40 7.07
N PHE A 66 -6.44 7.58 6.02
CA PHE A 66 -5.18 7.46 5.26
C PHE A 66 -5.39 8.10 3.89
N THR A 67 -5.42 9.44 3.91
CA THR A 67 -5.62 10.27 2.71
C THR A 67 -4.32 11.01 2.39
N GLY A 68 -4.06 11.28 1.11
CA GLY A 68 -2.85 11.99 0.69
C GLY A 68 -2.81 12.24 -0.81
N THR A 69 -1.72 12.87 -1.28
CA THR A 69 -1.58 13.28 -2.68
C THR A 69 -0.41 12.54 -3.36
N PHE A 70 -0.66 11.94 -4.55
CA PHE A 70 0.39 11.34 -5.39
C PHE A 70 1.25 12.45 -6.00
N THR A 71 2.54 12.49 -5.64
CA THR A 71 3.48 13.52 -6.10
C THR A 71 4.13 13.13 -7.44
N ARG A 72 4.16 11.83 -7.75
CA ARG A 72 4.73 11.29 -9.00
C ARG A 72 4.20 9.86 -9.21
N VAL A 73 3.95 9.49 -10.48
CA VAL A 73 3.50 8.14 -10.87
C VAL A 73 4.34 7.66 -12.05
N GLU A 74 5.27 6.72 -11.79
CA GLU A 74 6.05 6.04 -12.83
C GLU A 74 5.57 4.60 -12.92
N ALA A 75 4.40 4.41 -13.55
CA ALA A 75 3.71 3.13 -13.62
C ALA A 75 4.44 2.15 -14.57
N PRO A 76 4.56 0.83 -14.20
CA PRO A 76 4.12 0.25 -12.91
C PRO A 76 5.27 0.09 -11.90
N THR A 77 6.41 0.75 -12.18
CA THR A 77 7.70 0.43 -11.55
C THR A 77 8.03 1.32 -10.33
N ARG A 78 7.26 2.40 -10.11
CA ARG A 78 7.58 3.38 -9.07
C ARG A 78 6.37 4.28 -8.78
N LEU A 79 6.19 4.63 -7.50
CA LEU A 79 5.10 5.51 -7.06
C LEU A 79 5.60 6.41 -5.93
N SER A 80 5.36 7.72 -6.08
CA SER A 80 5.69 8.73 -5.08
C SER A 80 4.40 9.38 -4.60
N PHE A 81 4.23 9.49 -3.27
CA PHE A 81 3.08 10.16 -2.68
C PHE A 81 3.41 10.63 -1.27
N VAL A 82 2.60 11.55 -0.74
CA VAL A 82 2.72 12.06 0.62
C VAL A 82 1.34 12.00 1.26
N MET A 83 1.27 11.69 2.56
CA MET A 83 0.03 11.69 3.31
C MET A 83 -0.36 13.15 3.61
N ASP A 84 -1.65 13.46 3.74
CA ASP A 84 -2.14 14.80 4.14
C ASP A 84 -1.70 15.18 5.57
N ASP A 85 -1.21 14.19 6.32
CA ASP A 85 -0.62 14.38 7.65
C ASP A 85 0.83 14.92 7.54
N GLY A 86 1.44 14.70 6.37
CA GLY A 86 2.82 15.10 6.09
C GLY A 86 3.83 13.94 6.07
N ARG A 87 3.37 12.74 6.47
CA ARG A 87 4.21 11.52 6.36
C ARG A 87 4.35 11.13 4.88
N GLU A 88 5.54 11.33 4.31
CA GLU A 88 5.83 11.00 2.90
C GLU A 88 5.98 9.47 2.77
N VAL A 89 5.52 8.91 1.64
CA VAL A 89 5.61 7.45 1.38
C VAL A 89 5.96 7.24 -0.10
N ASP A 90 7.12 6.64 -0.37
CA ASP A 90 7.62 6.43 -1.73
C ASP A 90 7.85 4.93 -1.94
N VAL A 91 7.00 4.31 -2.74
CA VAL A 91 7.02 2.85 -2.96
C VAL A 91 7.44 2.55 -4.40
N GLN A 92 8.60 1.91 -4.56
CA GLN A 92 9.10 1.48 -5.88
C GLN A 92 8.80 -0.02 -6.04
N PHE A 93 8.28 -0.39 -7.21
CA PHE A 93 7.94 -1.76 -7.56
C PHE A 93 8.93 -2.24 -8.63
N ALA A 94 9.96 -2.97 -8.22
CA ALA A 94 11.00 -3.45 -9.13
C ALA A 94 10.56 -4.80 -9.70
N SER A 95 10.26 -4.85 -11.01
CA SER A 95 9.96 -6.12 -11.71
C SER A 95 11.24 -6.98 -11.76
N GLU A 96 11.13 -8.19 -11.21
CA GLU A 96 12.27 -9.07 -10.91
C GLU A 96 12.12 -10.44 -11.58
N PRO A 97 13.26 -11.18 -11.84
CA PRO A 97 13.22 -12.57 -12.34
C PRO A 97 12.52 -13.53 -11.33
N GLY A 98 12.56 -13.16 -10.05
CA GLY A 98 11.91 -13.91 -8.97
C GLY A 98 10.53 -13.40 -8.58
N GLY A 99 10.13 -12.24 -9.11
CA GLY A 99 8.79 -11.68 -8.87
C GLY A 99 8.75 -10.16 -8.99
N THR A 100 8.55 -9.47 -7.86
CA THR A 100 8.48 -8.00 -7.78
C THR A 100 9.02 -7.56 -6.40
N TRP A 101 10.16 -6.86 -6.40
CA TRP A 101 10.74 -6.28 -5.18
C TRP A 101 10.07 -4.94 -4.88
N VAL A 102 9.10 -4.99 -3.99
CA VAL A 102 8.36 -3.81 -3.52
C VAL A 102 9.08 -3.23 -2.31
N GLN A 103 9.57 -2.01 -2.46
CA GLN A 103 10.35 -1.31 -1.43
C GLN A 103 9.67 0.02 -1.13
N GLU A 104 9.16 0.15 0.09
CA GLU A 104 8.49 1.35 0.58
C GLU A 104 9.48 2.15 1.45
N THR A 105 9.56 3.45 1.22
CA THR A 105 10.38 4.36 2.01
C THR A 105 9.47 5.45 2.54
N PHE A 106 9.24 5.46 3.86
CA PHE A 106 8.25 6.33 4.50
C PHE A 106 8.95 7.25 5.51
N ASP A 107 8.63 8.52 5.43
CA ASP A 107 9.17 9.58 6.29
C ASP A 107 8.62 9.37 7.71
N ALA A 108 9.53 9.18 8.67
CA ALA A 108 9.19 8.81 10.05
C ALA A 108 9.09 10.05 10.94
N GLU A 109 8.44 9.86 12.09
CA GLU A 109 8.15 10.91 13.08
C GLU A 109 9.12 10.81 14.27
N THR A 110 9.61 11.96 14.75
CA THR A 110 10.57 12.00 15.87
C THR A 110 9.86 11.98 17.25
N SER A 111 8.53 12.18 17.27
CA SER A 111 7.71 12.06 18.50
C SER A 111 6.98 10.70 18.51
N HIS A 112 7.48 9.77 17.66
CA HIS A 112 7.03 8.36 17.61
C HIS A 112 8.30 7.50 17.49
N THR A 113 8.39 6.42 18.26
CA THR A 113 9.54 5.52 18.22
C THR A 113 9.66 4.88 16.79
N PRO A 114 10.83 5.10 16.07
CA PRO A 114 11.00 4.71 14.65
C PRO A 114 10.71 3.22 14.38
N ALA A 115 11.18 2.33 15.27
CA ALA A 115 10.97 0.87 15.13
C ALA A 115 9.48 0.49 15.17
N GLN A 116 8.68 1.21 15.96
CA GLN A 116 7.22 0.98 16.08
C GLN A 116 6.50 1.41 14.78
N GLN A 117 6.94 2.56 14.23
CA GLN A 117 6.42 3.07 12.94
C GLN A 117 6.75 2.10 11.82
N GLN A 118 7.99 1.60 11.83
CA GLN A 118 8.46 0.60 10.85
C GLN A 118 7.61 -0.67 10.95
N ALA A 119 7.29 -1.09 12.18
CA ALA A 119 6.45 -2.28 12.44
C ALA A 119 5.00 -2.03 11.92
N GLY A 120 4.56 -0.77 11.97
CA GLY A 120 3.24 -0.38 11.47
C GLY A 120 3.12 -0.53 9.96
N TRP A 121 4.00 0.17 9.24
CA TRP A 121 4.00 0.19 7.77
C TRP A 121 4.43 -1.16 7.18
N GLN A 122 5.40 -1.83 7.83
CA GLN A 122 5.82 -3.20 7.45
C GLN A 122 4.66 -4.18 7.63
N GLY A 123 3.80 -3.88 8.61
CA GLY A 123 2.55 -4.60 8.82
C GLY A 123 1.58 -4.43 7.66
N ILE A 124 1.41 -3.16 7.21
CA ILE A 124 0.50 -2.81 6.09
C ILE A 124 1.02 -3.43 4.77
N LEU A 125 2.36 -3.48 4.64
CA LEU A 125 3.04 -4.09 3.49
C LEU A 125 2.92 -5.62 3.56
N ASP A 126 2.95 -6.17 4.78
CA ASP A 126 2.71 -7.61 5.03
C ASP A 126 1.29 -7.99 4.62
N ASN A 127 0.32 -7.12 4.94
CA ASN A 127 -1.08 -7.29 4.52
C ASN A 127 -1.17 -7.24 2.99
N PHE A 128 -0.40 -6.33 2.37
CA PHE A 128 -0.37 -6.14 0.91
C PHE A 128 0.07 -7.44 0.23
N LYS A 129 1.31 -7.88 0.49
CA LYS A 129 1.90 -9.06 -0.16
C LYS A 129 1.10 -10.34 0.18
N ARG A 130 0.60 -10.43 1.43
CA ARG A 130 -0.22 -11.57 1.87
C ARG A 130 -1.50 -11.64 1.04
N TYR A 131 -2.17 -10.49 0.91
CA TYR A 131 -3.42 -10.35 0.14
C TYR A 131 -3.23 -10.75 -1.32
N VAL A 132 -2.18 -10.23 -1.96
CA VAL A 132 -1.90 -10.44 -3.39
C VAL A 132 -1.67 -11.94 -3.69
N GLU A 133 -0.92 -12.60 -2.80
CA GLU A 133 -0.55 -14.02 -2.94
C GLU A 133 -1.67 -14.97 -2.46
N ALA A 134 -2.51 -14.50 -1.52
CA ALA A 134 -3.62 -15.31 -0.94
C ALA A 134 -4.87 -15.22 -1.81
N ALA A 135 -5.01 -14.09 -2.51
CA ALA A 135 -6.12 -13.84 -3.45
C ALA A 135 -5.96 -14.71 -4.69
N GLY A 136 -4.70 -14.95 -5.06
CA GLY A 136 -4.36 -15.70 -6.26
C GLY A 136 -4.49 -14.83 -7.49
N LEU A 137 -3.75 -13.72 -7.49
CA LEU A 137 -3.72 -12.76 -8.62
C LEU A 137 -2.74 -13.24 -9.72
N GLU A 138 -1.90 -14.24 -9.38
CA GLU A 138 -0.83 -14.74 -10.26
C GLU A 138 -1.41 -15.53 -11.45
N HIS A 139 -1.72 -14.78 -12.54
CA HIS A 139 -2.22 -15.34 -13.82
C HIS A 139 -3.68 -15.90 -13.72
N HIS A 140 -4.22 -16.05 -12.49
CA HIS A 140 -5.60 -16.54 -12.30
C HIS A 140 -6.59 -15.48 -12.80
N HIS A 141 -6.99 -15.64 -14.06
CA HIS A 141 -7.93 -14.77 -14.76
C HIS A 141 -8.41 -15.54 -16.00
N HIS A 142 -9.43 -16.38 -15.81
CA HIS A 142 -9.94 -17.29 -16.85
C HIS A 142 -11.45 -17.04 -17.08
N HIS A 143 -11.77 -16.29 -18.17
CA HIS A 143 -13.16 -15.99 -18.56
C HIS A 143 -13.17 -15.16 -19.86
N HIS A 144 -12.29 -14.14 -19.90
CA HIS A 144 -12.18 -13.12 -20.97
C HIS A 144 -13.35 -12.12 -20.86
N MET A 1 13.98 11.43 9.51
CA MET A 1 14.24 9.99 9.34
C MET A 1 13.22 9.39 8.36
N LYS A 2 13.73 8.72 7.30
CA LYS A 2 12.87 7.94 6.39
C LYS A 2 13.17 6.45 6.60
N ILE A 3 12.11 5.67 6.88
CA ILE A 3 12.21 4.24 7.07
C ILE A 3 11.81 3.52 5.76
N SER A 4 12.79 2.86 5.13
CA SER A 4 12.57 2.04 3.94
C SER A 4 12.42 0.57 4.33
N ILE A 5 11.26 0.01 4.01
CA ILE A 5 10.91 -1.41 4.20
C ILE A 5 10.70 -2.06 2.82
N GLU A 6 10.70 -3.39 2.79
CA GLU A 6 10.62 -4.16 1.52
C GLU A 6 9.61 -5.32 1.60
N ALA A 7 9.39 -5.98 0.45
CA ALA A 7 8.52 -7.16 0.31
C ALA A 7 8.78 -7.83 -1.05
N HIS A 8 9.15 -9.12 -1.04
CA HIS A 8 9.38 -9.91 -2.27
C HIS A 8 8.07 -10.59 -2.65
N ILE A 9 7.35 -10.03 -3.62
CA ILE A 9 6.04 -10.53 -4.05
C ILE A 9 6.21 -11.41 -5.30
N GLU A 10 5.90 -12.73 -5.18
CA GLU A 10 6.01 -13.68 -6.29
C GLU A 10 4.79 -13.52 -7.22
N GLN A 11 4.83 -12.44 -8.01
CA GLN A 11 3.80 -12.07 -8.98
C GLN A 11 4.34 -10.93 -9.85
N GLU A 12 3.75 -10.74 -11.04
CA GLU A 12 4.17 -9.73 -12.02
C GLU A 12 3.92 -8.31 -11.50
N ILE A 13 4.85 -7.39 -11.83
CA ILE A 13 4.84 -5.99 -11.35
C ILE A 13 3.52 -5.25 -11.69
N GLU A 14 2.93 -5.57 -12.86
CA GLU A 14 1.67 -4.94 -13.31
C GLU A 14 0.48 -5.44 -12.47
N ALA A 15 0.47 -6.77 -12.18
CA ALA A 15 -0.60 -7.41 -11.36
C ALA A 15 -0.51 -6.96 -9.89
N VAL A 16 0.74 -6.73 -9.43
CA VAL A 16 1.02 -6.16 -8.11
C VAL A 16 0.47 -4.72 -8.02
N TRP A 17 0.77 -3.91 -9.06
CA TRP A 17 0.30 -2.51 -9.17
C TRP A 17 -1.24 -2.44 -9.23
N TRP A 18 -1.84 -3.43 -9.92
CA TRP A 18 -3.30 -3.55 -10.06
C TRP A 18 -3.95 -3.72 -8.68
N ALA A 19 -3.42 -4.68 -7.89
CA ALA A 19 -3.91 -4.98 -6.53
C ALA A 19 -3.68 -3.79 -5.57
N TRP A 20 -2.59 -3.03 -5.80
CA TRP A 20 -2.26 -1.82 -5.00
C TRP A 20 -3.28 -0.71 -5.25
N ASN A 21 -3.73 -0.59 -6.51
CA ASN A 21 -4.59 0.51 -6.98
C ASN A 21 -6.08 0.19 -6.80
N ASP A 22 -6.45 -1.10 -6.97
CA ASP A 22 -7.86 -1.53 -7.04
C ASP A 22 -8.56 -1.33 -5.68
N PRO A 23 -9.61 -0.43 -5.59
CA PRO A 23 -10.25 -0.05 -4.30
C PRO A 23 -10.82 -1.26 -3.51
N ASP A 24 -11.27 -2.30 -4.25
CA ASP A 24 -11.88 -3.50 -3.63
C ASP A 24 -10.79 -4.45 -3.09
N CYS A 25 -9.63 -4.44 -3.78
CA CYS A 25 -8.42 -5.14 -3.30
C CYS A 25 -7.88 -4.47 -2.03
N ILE A 26 -7.80 -3.12 -2.07
CA ILE A 26 -7.39 -2.27 -0.94
C ILE A 26 -8.26 -2.52 0.30
N ALA A 27 -9.56 -2.75 0.07
CA ALA A 27 -10.55 -3.07 1.13
C ALA A 27 -10.19 -4.34 1.94
N ARG A 28 -9.22 -5.11 1.41
CA ARG A 28 -8.76 -6.37 2.00
C ARG A 28 -7.38 -6.22 2.68
N TRP A 29 -6.36 -5.67 1.97
CA TRP A 29 -4.95 -5.65 2.46
C TRP A 29 -4.60 -4.39 3.28
N ASN A 30 -5.35 -3.29 3.08
CA ASN A 30 -5.03 -1.98 3.70
C ASN A 30 -5.40 -1.95 5.21
N ALA A 31 -6.03 -3.04 5.70
CA ALA A 31 -6.27 -3.25 7.14
C ALA A 31 -4.92 -3.26 7.89
N ALA A 32 -4.59 -2.12 8.52
CA ALA A 32 -3.37 -1.96 9.35
C ALA A 32 -3.43 -2.90 10.56
N SER A 33 -4.64 -3.05 11.10
CA SER A 33 -4.95 -3.95 12.21
C SER A 33 -6.29 -4.63 11.94
N SER A 34 -6.56 -5.72 12.67
CA SER A 34 -7.81 -6.49 12.54
C SER A 34 -9.01 -5.73 13.15
N ASP A 35 -8.74 -4.67 13.95
CA ASP A 35 -9.77 -3.80 14.52
C ASP A 35 -10.11 -2.66 13.56
N TRP A 36 -9.20 -2.34 12.62
CA TRP A 36 -9.37 -1.21 11.70
C TRP A 36 -9.62 -1.76 10.29
N HIS A 37 -10.86 -1.60 9.86
CA HIS A 37 -11.34 -2.00 8.55
C HIS A 37 -11.43 -0.76 7.66
N THR A 38 -10.90 -0.89 6.43
CA THR A 38 -10.99 0.16 5.41
C THR A 38 -12.42 0.18 4.85
N THR A 39 -13.14 1.28 5.12
CA THR A 39 -14.55 1.48 4.72
C THR A 39 -14.66 2.04 3.29
N GLY A 40 -13.52 2.40 2.68
CA GLY A 40 -13.47 2.83 1.27
C GLY A 40 -12.16 3.51 0.91
N SER A 41 -11.77 3.42 -0.38
CA SER A 41 -10.54 4.06 -0.88
C SER A 41 -10.78 4.74 -2.24
N ARG A 42 -10.88 6.08 -2.21
CA ARG A 42 -11.01 6.91 -3.41
C ARG A 42 -9.59 7.25 -3.90
N VAL A 43 -9.14 6.57 -4.96
CA VAL A 43 -7.77 6.71 -5.50
C VAL A 43 -7.82 7.32 -6.91
N ASP A 44 -7.35 8.56 -7.02
CA ASP A 44 -7.17 9.26 -8.30
C ASP A 44 -5.70 9.13 -8.68
N LEU A 45 -5.36 7.93 -9.23
CA LEU A 45 -3.97 7.54 -9.54
C LEU A 45 -3.44 8.29 -10.78
N VAL A 46 -3.14 9.57 -10.60
CA VAL A 46 -2.58 10.48 -11.61
C VAL A 46 -1.58 11.42 -10.92
N VAL A 47 -0.70 12.05 -11.73
CA VAL A 47 0.27 13.03 -11.23
C VAL A 47 -0.47 14.32 -10.85
N GLY A 48 -0.46 14.64 -9.55
CA GLY A 48 -1.20 15.78 -9.01
C GLY A 48 -2.54 15.37 -8.42
N GLY A 49 -2.93 14.11 -8.65
CA GLY A 49 -4.13 13.51 -8.05
C GLY A 49 -3.85 13.03 -6.64
N ARG A 50 -4.92 12.65 -5.92
CA ARG A 50 -4.80 12.22 -4.51
C ARG A 50 -5.39 10.83 -4.31
N PHE A 51 -5.20 10.28 -3.12
CA PHE A 51 -5.85 9.05 -2.67
C PHE A 51 -6.33 9.26 -1.24
N CYS A 52 -7.37 8.53 -0.84
CA CYS A 52 -7.91 8.57 0.53
C CYS A 52 -8.31 7.15 0.95
N HIS A 53 -7.64 6.58 1.98
CA HIS A 53 -8.05 5.31 2.58
C HIS A 53 -8.83 5.63 3.86
N HIS A 54 -10.16 5.60 3.77
CA HIS A 54 -11.04 5.74 4.94
C HIS A 54 -10.92 4.47 5.76
N MET A 55 -10.25 4.56 6.91
CA MET A 55 -10.02 3.43 7.81
C MET A 55 -10.62 3.78 9.17
N ALA A 56 -11.34 2.81 9.76
CA ALA A 56 -12.05 3.02 11.03
C ALA A 56 -12.11 1.74 11.83
N ALA A 57 -12.26 1.89 13.16
CA ALA A 57 -12.51 0.78 14.09
C ALA A 57 -13.90 0.17 13.83
N LYS A 58 -14.11 -1.09 14.28
CA LYS A 58 -15.37 -1.83 14.04
C LYS A 58 -16.56 -1.19 14.75
N ASP A 59 -16.33 -0.73 16.00
CA ASP A 59 -17.32 0.05 16.76
C ASP A 59 -17.53 1.44 16.11
N GLY A 60 -16.50 1.92 15.40
CA GLY A 60 -16.50 3.24 14.77
C GLY A 60 -16.11 4.33 15.75
N SER A 61 -15.55 3.93 16.91
CA SER A 61 -15.12 4.85 17.98
C SER A 61 -13.92 5.70 17.51
N ALA A 62 -13.12 5.13 16.60
CA ALA A 62 -11.98 5.80 15.95
C ALA A 62 -12.07 5.61 14.45
N GLY A 63 -11.51 6.56 13.68
CA GLY A 63 -11.43 6.45 12.24
C GLY A 63 -10.85 7.70 11.61
N PHE A 64 -9.82 7.52 10.75
CA PHE A 64 -9.08 8.64 10.13
C PHE A 64 -8.84 8.39 8.64
N ASP A 65 -8.42 9.46 7.97
CA ASP A 65 -8.14 9.47 6.53
C ASP A 65 -6.63 9.23 6.32
N PHE A 66 -6.30 8.04 5.78
CA PHE A 66 -4.92 7.70 5.38
C PHE A 66 -4.77 8.16 3.93
N THR A 67 -4.59 9.46 3.79
CA THR A 67 -4.73 10.20 2.54
C THR A 67 -3.44 10.95 2.19
N GLY A 68 -3.32 11.32 0.91
CA GLY A 68 -2.16 12.07 0.43
C GLY A 68 -2.26 12.38 -1.05
N THR A 69 -1.35 13.25 -1.55
CA THR A 69 -1.32 13.65 -2.96
C THR A 69 -0.14 12.99 -3.69
N PHE A 70 -0.43 12.31 -4.81
CA PHE A 70 0.59 11.71 -5.69
C PHE A 70 1.47 12.81 -6.33
N THR A 71 2.75 12.78 -5.98
CA THR A 71 3.74 13.74 -6.48
C THR A 71 4.36 13.25 -7.80
N ARG A 72 4.51 11.92 -7.93
CA ARG A 72 5.08 11.31 -9.13
C ARG A 72 4.52 9.88 -9.31
N VAL A 73 3.81 9.65 -10.42
CA VAL A 73 3.25 8.34 -10.78
C VAL A 73 3.95 7.83 -12.04
N GLU A 74 4.69 6.72 -11.90
CA GLU A 74 5.33 6.04 -13.04
C GLU A 74 4.91 4.57 -12.99
N ALA A 75 3.74 4.26 -13.57
CA ALA A 75 3.17 2.90 -13.57
C ALA A 75 3.96 1.97 -14.51
N PRO A 76 4.25 0.69 -14.09
CA PRO A 76 4.00 0.14 -12.73
C PRO A 76 5.27 0.14 -11.84
N THR A 77 6.27 0.93 -12.25
CA THR A 77 7.63 0.83 -11.75
C THR A 77 7.82 1.50 -10.37
N ARG A 78 7.08 2.58 -10.11
CA ARG A 78 7.24 3.37 -8.87
C ARG A 78 6.03 4.28 -8.64
N LEU A 79 5.73 4.53 -7.37
CA LEU A 79 4.65 5.41 -6.94
C LEU A 79 5.18 6.33 -5.84
N SER A 80 5.00 7.64 -6.00
CA SER A 80 5.52 8.64 -5.09
C SER A 80 4.36 9.56 -4.67
N PHE A 81 4.21 9.77 -3.35
CA PHE A 81 3.12 10.59 -2.79
C PHE A 81 3.54 11.15 -1.42
N VAL A 82 2.88 12.22 -0.99
CA VAL A 82 3.06 12.78 0.35
C VAL A 82 1.77 12.54 1.11
N MET A 83 1.85 12.05 2.35
CA MET A 83 0.69 11.88 3.23
C MET A 83 0.35 13.25 3.87
N ASP A 84 -0.96 13.52 4.06
CA ASP A 84 -1.47 14.86 4.48
C ASP A 84 -1.03 15.32 5.89
N ASP A 85 -0.37 14.42 6.65
CA ASP A 85 0.16 14.77 7.99
C ASP A 85 1.56 15.45 7.89
N GLY A 86 2.03 15.63 6.64
CA GLY A 86 3.31 16.29 6.35
C GLY A 86 4.39 15.34 5.87
N ARG A 87 4.25 14.04 6.21
CA ARG A 87 5.27 13.00 5.87
C ARG A 87 5.18 12.58 4.41
N GLU A 88 6.34 12.31 3.79
CA GLU A 88 6.41 11.76 2.43
C GLU A 88 6.45 10.22 2.49
N VAL A 89 5.69 9.56 1.61
CA VAL A 89 5.65 8.09 1.48
C VAL A 89 5.83 7.69 -0.01
N ASP A 90 6.88 6.91 -0.31
CA ASP A 90 7.21 6.50 -1.68
C ASP A 90 7.36 4.97 -1.70
N VAL A 91 6.67 4.32 -2.65
CA VAL A 91 6.70 2.87 -2.84
C VAL A 91 7.30 2.53 -4.23
N GLN A 92 8.51 1.94 -4.25
CA GLN A 92 9.23 1.58 -5.48
C GLN A 92 9.01 0.09 -5.78
N PHE A 93 8.47 -0.24 -6.96
CA PHE A 93 8.17 -1.62 -7.37
C PHE A 93 9.27 -2.08 -8.33
N ALA A 94 10.23 -2.85 -7.83
CA ALA A 94 11.44 -3.22 -8.57
C ALA A 94 11.40 -4.69 -9.00
N SER A 95 11.15 -4.94 -10.30
CA SER A 95 11.11 -6.29 -10.87
C SER A 95 12.43 -7.06 -10.60
N GLU A 96 12.30 -8.34 -10.20
CA GLU A 96 13.44 -9.20 -9.84
C GLU A 96 13.27 -10.59 -10.48
N PRO A 97 14.38 -11.41 -10.59
CA PRO A 97 14.26 -12.84 -10.93
C PRO A 97 13.46 -13.60 -9.84
N GLY A 98 12.20 -13.94 -10.13
CA GLY A 98 11.34 -14.72 -9.23
C GLY A 98 10.09 -13.96 -8.77
N GLY A 99 10.03 -12.63 -8.99
CA GLY A 99 8.88 -11.84 -8.56
C GLY A 99 9.05 -10.34 -8.79
N THR A 100 8.54 -9.54 -7.85
CA THR A 100 8.63 -8.08 -7.83
C THR A 100 9.04 -7.64 -6.43
N TRP A 101 10.25 -7.11 -6.31
CA TRP A 101 10.78 -6.61 -5.04
C TRP A 101 10.28 -5.19 -4.80
N VAL A 102 9.21 -5.09 -4.01
CA VAL A 102 8.57 -3.83 -3.66
C VAL A 102 9.27 -3.27 -2.42
N GLN A 103 9.48 -1.95 -2.40
CA GLN A 103 10.08 -1.23 -1.29
C GLN A 103 9.20 -0.04 -0.95
N GLU A 104 8.47 -0.13 0.16
CA GLU A 104 7.66 0.98 0.67
C GLU A 104 8.54 1.81 1.61
N THR A 105 8.46 3.12 1.50
CA THR A 105 9.26 4.03 2.29
C THR A 105 8.35 5.11 2.83
N PHE A 106 8.51 5.45 4.09
CA PHE A 106 7.70 6.47 4.75
C PHE A 106 8.60 7.26 5.70
N ASP A 107 8.30 8.55 5.88
CA ASP A 107 8.98 9.37 6.87
C ASP A 107 8.47 8.96 8.28
N ALA A 108 9.31 9.11 9.31
CA ALA A 108 8.97 8.69 10.67
C ALA A 108 8.11 9.76 11.36
N GLU A 109 7.01 9.32 11.97
CA GLU A 109 6.07 10.18 12.71
C GLU A 109 6.60 10.33 14.14
N THR A 110 6.69 11.59 14.61
CA THR A 110 7.42 11.94 15.84
C THR A 110 6.70 11.49 17.14
N SER A 111 5.38 11.24 17.06
CA SER A 111 4.58 10.82 18.25
C SER A 111 4.56 9.28 18.40
N HIS A 112 5.09 8.53 17.40
CA HIS A 112 5.21 7.04 17.48
C HIS A 112 6.68 6.63 17.34
N THR A 113 7.03 5.47 17.93
CA THR A 113 8.39 4.93 17.88
C THR A 113 8.69 4.42 16.45
N PRO A 114 9.92 4.72 15.89
CA PRO A 114 10.31 4.30 14.51
C PRO A 114 10.18 2.78 14.28
N ALA A 115 10.63 1.97 15.26
CA ALA A 115 10.54 0.48 15.20
C ALA A 115 9.08 -0.01 15.03
N GLN A 116 8.17 0.53 15.86
CA GLN A 116 6.75 0.12 15.86
C GLN A 116 6.08 0.52 14.53
N GLN A 117 6.43 1.71 14.03
CA GLN A 117 5.95 2.22 12.74
C GLN A 117 6.42 1.33 11.59
N GLN A 118 7.70 0.94 11.65
CA GLN A 118 8.32 0.05 10.66
C GLN A 118 7.55 -1.27 10.57
N ALA A 119 7.20 -1.80 11.74
CA ALA A 119 6.45 -3.06 11.88
C ALA A 119 4.98 -2.90 11.44
N GLY A 120 4.42 -1.69 11.65
CA GLY A 120 3.01 -1.40 11.33
C GLY A 120 2.78 -1.32 9.83
N TRP A 121 3.64 -0.56 9.14
CA TRP A 121 3.59 -0.41 7.68
C TRP A 121 4.04 -1.69 6.98
N GLN A 122 5.03 -2.38 7.57
CA GLN A 122 5.46 -3.71 7.09
C GLN A 122 4.34 -4.73 7.29
N GLY A 123 3.48 -4.48 8.29
CA GLY A 123 2.27 -5.25 8.49
C GLY A 123 1.33 -5.13 7.29
N ILE A 124 1.16 -3.89 6.80
CA ILE A 124 0.27 -3.58 5.66
C ILE A 124 0.87 -4.09 4.34
N LEU A 125 2.20 -3.92 4.18
CA LEU A 125 2.94 -4.25 2.94
C LEU A 125 3.10 -5.77 2.80
N ASP A 126 3.35 -6.46 3.92
CA ASP A 126 3.41 -7.95 3.97
C ASP A 126 2.00 -8.55 3.82
N ASN A 127 0.97 -7.85 4.34
CA ASN A 127 -0.45 -8.25 4.16
C ASN A 127 -0.86 -8.06 2.69
N PHE A 128 -0.28 -7.02 2.06
CA PHE A 128 -0.42 -6.74 0.63
C PHE A 128 0.24 -7.85 -0.18
N LYS A 129 1.47 -8.21 0.19
CA LYS A 129 2.24 -9.29 -0.43
C LYS A 129 1.41 -10.58 -0.46
N ARG A 130 1.04 -11.05 0.75
CA ARG A 130 0.35 -12.36 0.94
C ARG A 130 -0.99 -12.39 0.20
N TYR A 131 -1.66 -11.23 0.19
CA TYR A 131 -2.90 -11.02 -0.57
C TYR A 131 -2.67 -11.34 -2.05
N VAL A 132 -1.67 -10.68 -2.64
CA VAL A 132 -1.33 -10.81 -4.06
C VAL A 132 -0.91 -12.26 -4.40
N GLU A 133 -0.24 -12.95 -3.45
CA GLU A 133 0.18 -14.36 -3.61
C GLU A 133 -1.05 -15.27 -3.79
N ALA A 134 -1.98 -15.15 -2.82
CA ALA A 134 -3.13 -16.06 -2.68
C ALA A 134 -4.36 -15.54 -3.44
N ALA A 135 -4.21 -14.39 -4.14
CA ALA A 135 -5.29 -13.80 -4.95
C ALA A 135 -5.58 -14.67 -6.18
N GLY A 136 -4.50 -15.27 -6.71
CA GLY A 136 -4.57 -16.06 -7.92
C GLY A 136 -4.57 -15.18 -9.15
N LEU A 137 -3.72 -14.14 -9.12
CA LEU A 137 -3.52 -13.19 -10.24
C LEU A 137 -2.74 -13.84 -11.41
N GLU A 138 -2.43 -15.15 -11.29
CA GLU A 138 -1.89 -15.99 -12.36
C GLU A 138 -2.65 -15.79 -13.70
N HIS A 139 -1.95 -15.26 -14.74
CA HIS A 139 -2.55 -14.92 -16.04
C HIS A 139 -1.80 -15.61 -17.20
N HIS A 140 -2.21 -16.84 -17.47
CA HIS A 140 -1.65 -17.69 -18.54
C HIS A 140 -2.66 -18.81 -18.79
N HIS A 141 -3.55 -18.60 -19.78
CA HIS A 141 -4.60 -19.59 -20.12
C HIS A 141 -3.98 -20.83 -20.79
N HIS A 142 -4.72 -21.95 -20.73
CA HIS A 142 -4.31 -23.22 -21.36
C HIS A 142 -4.51 -23.15 -22.88
N HIS A 143 -4.00 -24.17 -23.60
CA HIS A 143 -4.09 -24.24 -25.07
C HIS A 143 -5.56 -24.30 -25.53
N HIS A 144 -5.90 -23.49 -26.54
CA HIS A 144 -7.24 -23.47 -27.12
C HIS A 144 -7.38 -24.68 -28.09
N MET A 1 15.01 11.02 8.89
CA MET A 1 15.41 9.62 8.67
C MET A 1 14.44 8.94 7.70
N LYS A 2 14.95 8.54 6.53
CA LYS A 2 14.20 7.73 5.58
C LYS A 2 14.37 6.25 5.96
N ILE A 3 13.27 5.64 6.44
CA ILE A 3 13.22 4.21 6.78
C ILE A 3 12.89 3.43 5.50
N SER A 4 13.86 2.65 5.01
CA SER A 4 13.74 1.89 3.77
C SER A 4 13.46 0.42 4.11
N ILE A 5 12.23 -0.03 3.83
CA ILE A 5 11.77 -1.40 4.08
C ILE A 5 11.43 -2.08 2.74
N GLU A 6 11.14 -3.39 2.79
CA GLU A 6 10.85 -4.17 1.57
C GLU A 6 9.79 -5.25 1.81
N ALA A 7 9.28 -5.79 0.70
CA ALA A 7 8.39 -6.97 0.66
C ALA A 7 8.51 -7.58 -0.72
N HIS A 8 9.10 -8.79 -0.81
CA HIS A 8 9.34 -9.47 -2.10
C HIS A 8 8.18 -10.44 -2.35
N ILE A 9 7.31 -10.05 -3.30
CA ILE A 9 6.06 -10.77 -3.61
C ILE A 9 6.34 -11.81 -4.70
N GLU A 10 5.90 -13.06 -4.50
CA GLU A 10 6.14 -14.18 -5.45
C GLU A 10 5.11 -14.10 -6.60
N GLN A 11 5.19 -13.01 -7.36
CA GLN A 11 4.17 -12.62 -8.33
C GLN A 11 4.73 -11.51 -9.24
N GLU A 12 4.14 -11.35 -10.43
CA GLU A 12 4.57 -10.40 -11.46
C GLU A 12 4.22 -8.97 -11.07
N ILE A 13 5.09 -8.01 -11.46
CA ILE A 13 4.95 -6.56 -11.15
C ILE A 13 3.60 -6.00 -11.67
N GLU A 14 3.06 -6.66 -12.72
CA GLU A 14 1.75 -6.33 -13.30
C GLU A 14 0.66 -6.54 -12.25
N ALA A 15 0.57 -7.78 -11.73
CA ALA A 15 -0.45 -8.17 -10.73
C ALA A 15 -0.31 -7.38 -9.42
N VAL A 16 0.95 -7.21 -9.01
CA VAL A 16 1.32 -6.41 -7.84
C VAL A 16 0.77 -4.98 -7.95
N TRP A 17 0.95 -4.36 -9.14
CA TRP A 17 0.48 -2.99 -9.40
C TRP A 17 -1.05 -2.90 -9.38
N TRP A 18 -1.76 -3.88 -9.97
CA TRP A 18 -3.25 -3.88 -10.02
C TRP A 18 -3.82 -3.83 -8.61
N ALA A 19 -3.28 -4.72 -7.76
CA ALA A 19 -3.67 -4.85 -6.36
C ALA A 19 -3.35 -3.58 -5.54
N TRP A 20 -2.24 -2.89 -5.90
CA TRP A 20 -1.82 -1.64 -5.22
C TRP A 20 -2.64 -0.43 -5.73
N ASN A 21 -3.16 -0.49 -6.96
CA ASN A 21 -3.79 0.66 -7.63
C ASN A 21 -5.33 0.68 -7.49
N ASP A 22 -5.97 -0.50 -7.53
CA ASP A 22 -7.45 -0.64 -7.59
C ASP A 22 -8.08 -0.44 -6.19
N PRO A 23 -8.95 0.62 -5.99
CA PRO A 23 -9.51 0.98 -4.65
C PRO A 23 -10.13 -0.20 -3.87
N ASP A 24 -10.86 -1.05 -4.59
CA ASP A 24 -11.59 -2.19 -4.01
C ASP A 24 -10.64 -3.26 -3.46
N CYS A 25 -9.62 -3.60 -4.26
CA CYS A 25 -8.64 -4.63 -3.86
C CYS A 25 -7.74 -4.11 -2.72
N ILE A 26 -7.45 -2.78 -2.74
CA ILE A 26 -6.69 -2.10 -1.67
C ILE A 26 -7.43 -2.19 -0.33
N ALA A 27 -8.74 -1.92 -0.39
CA ALA A 27 -9.63 -1.87 0.80
C ALA A 27 -9.65 -3.20 1.60
N ARG A 28 -9.10 -4.27 1.00
CA ARG A 28 -9.01 -5.59 1.61
C ARG A 28 -7.66 -5.80 2.34
N TRP A 29 -6.56 -5.23 1.81
CA TRP A 29 -5.20 -5.43 2.40
C TRP A 29 -4.70 -4.23 3.24
N ASN A 30 -5.27 -3.03 3.05
CA ASN A 30 -4.76 -1.80 3.70
C ASN A 30 -5.00 -1.79 5.22
N ALA A 31 -6.03 -2.55 5.67
CA ALA A 31 -6.53 -2.52 7.07
C ALA A 31 -5.40 -2.72 8.09
N ALA A 32 -5.11 -1.64 8.86
CA ALA A 32 -4.09 -1.67 9.93
C ALA A 32 -4.45 -2.69 11.03
N SER A 33 -5.77 -2.98 11.16
CA SER A 33 -6.31 -4.01 12.06
C SER A 33 -7.47 -4.74 11.36
N SER A 34 -7.62 -6.04 11.66
CA SER A 34 -8.76 -6.87 11.17
C SER A 34 -10.07 -6.46 11.87
N ASP A 35 -9.93 -5.83 13.06
CA ASP A 35 -11.04 -5.29 13.86
C ASP A 35 -11.63 -4.01 13.19
N TRP A 36 -10.90 -3.47 12.19
CA TRP A 36 -11.26 -2.26 11.45
C TRP A 36 -11.55 -2.63 9.99
N HIS A 37 -12.18 -1.72 9.23
CA HIS A 37 -12.58 -1.96 7.83
C HIS A 37 -12.64 -0.62 7.07
N THR A 38 -12.29 -0.63 5.78
CA THR A 38 -12.28 0.58 4.96
C THR A 38 -13.66 0.83 4.36
N THR A 39 -14.36 1.82 4.92
CA THR A 39 -15.75 2.15 4.60
C THR A 39 -15.83 3.06 3.35
N GLY A 40 -14.71 3.70 3.00
CA GLY A 40 -14.62 4.54 1.81
C GLY A 40 -13.22 4.53 1.23
N SER A 41 -13.01 3.69 0.21
CA SER A 41 -11.72 3.57 -0.49
C SER A 41 -11.86 4.18 -1.89
N ARG A 42 -11.28 5.37 -2.08
CA ARG A 42 -11.22 6.07 -3.36
C ARG A 42 -9.74 6.32 -3.70
N VAL A 43 -9.35 6.07 -4.95
CA VAL A 43 -8.01 6.39 -5.47
C VAL A 43 -8.14 7.30 -6.70
N ASP A 44 -7.59 8.52 -6.61
CA ASP A 44 -7.49 9.45 -7.74
C ASP A 44 -6.02 9.48 -8.16
N LEU A 45 -5.63 8.49 -9.00
CA LEU A 45 -4.23 8.29 -9.44
C LEU A 45 -3.78 9.42 -10.40
N VAL A 46 -3.54 10.60 -9.83
CA VAL A 46 -3.10 11.82 -10.53
C VAL A 46 -2.11 12.56 -9.62
N VAL A 47 -1.06 13.12 -10.21
CA VAL A 47 -0.03 13.86 -9.46
C VAL A 47 -0.62 15.21 -8.99
N GLY A 48 -0.95 15.28 -7.69
CA GLY A 48 -1.62 16.44 -7.07
C GLY A 48 -2.94 16.05 -6.41
N GLY A 49 -3.48 14.88 -6.81
CA GLY A 49 -4.67 14.29 -6.20
C GLY A 49 -4.31 13.33 -5.07
N ARG A 50 -5.32 12.69 -4.45
CA ARG A 50 -5.12 11.82 -3.28
C ARG A 50 -5.78 10.45 -3.47
N PHE A 51 -5.46 9.53 -2.55
CA PHE A 51 -6.21 8.28 -2.35
C PHE A 51 -6.68 8.21 -0.89
N CYS A 52 -8.01 8.18 -0.69
CA CYS A 52 -8.63 8.05 0.63
C CYS A 52 -8.91 6.59 0.96
N HIS A 53 -8.42 6.12 2.13
CA HIS A 53 -8.82 4.82 2.69
C HIS A 53 -9.34 5.06 4.11
N HIS A 54 -10.65 5.31 4.23
CA HIS A 54 -11.28 5.56 5.53
C HIS A 54 -11.44 4.25 6.29
N MET A 55 -10.47 3.96 7.14
CA MET A 55 -10.52 2.80 8.04
C MET A 55 -11.39 3.18 9.25
N ALA A 56 -12.28 2.28 9.63
CA ALA A 56 -13.30 2.51 10.67
C ALA A 56 -13.50 1.20 11.43
N ALA A 57 -13.64 1.28 12.76
CA ALA A 57 -13.93 0.12 13.61
C ALA A 57 -15.30 -0.49 13.23
N LYS A 58 -15.37 -1.82 13.18
CA LYS A 58 -16.57 -2.55 12.74
C LYS A 58 -17.73 -2.42 13.75
N ASP A 59 -17.38 -2.38 15.04
CA ASP A 59 -18.33 -2.26 16.15
C ASP A 59 -18.24 -0.86 16.81
N GLY A 60 -17.53 0.09 16.17
CA GLY A 60 -17.25 1.40 16.76
C GLY A 60 -17.24 2.54 15.75
N SER A 61 -17.54 3.76 16.25
CA SER A 61 -17.55 5.01 15.47
C SER A 61 -16.11 5.51 15.17
N ALA A 62 -15.13 4.93 15.90
CA ALA A 62 -13.70 5.25 15.75
C ALA A 62 -13.23 5.07 14.30
N GLY A 63 -12.49 6.05 13.77
CA GLY A 63 -12.07 6.03 12.36
C GLY A 63 -10.81 6.84 12.09
N PHE A 64 -9.90 6.27 11.27
CA PHE A 64 -8.71 6.96 10.74
C PHE A 64 -8.74 6.90 9.20
N ASP A 65 -8.77 8.06 8.55
CA ASP A 65 -8.68 8.17 7.08
C ASP A 65 -7.20 8.15 6.66
N PHE A 66 -6.89 7.41 5.59
CA PHE A 66 -5.53 7.30 5.03
C PHE A 66 -5.50 7.96 3.66
N THR A 67 -5.30 9.30 3.67
CA THR A 67 -5.36 10.15 2.49
C THR A 67 -3.96 10.65 2.10
N GLY A 68 -3.38 10.04 1.04
CA GLY A 68 -2.02 10.37 0.58
C GLY A 68 -2.04 11.05 -0.78
N THR A 69 -1.36 12.20 -0.91
CA THR A 69 -1.32 12.98 -2.15
C THR A 69 -0.22 12.44 -3.07
N PHE A 70 -0.59 11.98 -4.29
CA PHE A 70 0.36 11.45 -5.28
C PHE A 70 1.30 12.56 -5.75
N THR A 71 2.60 12.37 -5.54
CA THR A 71 3.65 13.32 -5.96
C THR A 71 4.54 12.70 -7.04
N ARG A 72 4.48 11.37 -7.19
CA ARG A 72 5.17 10.65 -8.26
C ARG A 72 4.34 9.43 -8.65
N VAL A 73 3.88 9.38 -9.91
CA VAL A 73 3.14 8.25 -10.48
C VAL A 73 3.93 7.73 -11.70
N GLU A 74 4.65 6.61 -11.52
CA GLU A 74 5.42 5.94 -12.59
C GLU A 74 4.99 4.47 -12.71
N ALA A 75 3.79 4.25 -13.27
CA ALA A 75 3.18 2.93 -13.40
C ALA A 75 3.92 2.04 -14.42
N PRO A 76 4.19 0.73 -14.12
CA PRO A 76 3.91 0.07 -12.80
C PRO A 76 5.14 0.01 -11.87
N THR A 77 6.21 0.72 -12.26
CA THR A 77 7.56 0.55 -11.69
C THR A 77 7.78 1.30 -10.37
N ARG A 78 6.95 2.30 -10.07
CA ARG A 78 7.13 3.17 -8.89
C ARG A 78 5.89 4.02 -8.64
N LEU A 79 5.67 4.36 -7.38
CA LEU A 79 4.61 5.26 -6.95
C LEU A 79 5.09 5.98 -5.68
N SER A 80 4.60 7.19 -5.43
CA SER A 80 4.92 7.94 -4.23
C SER A 80 3.77 8.87 -3.88
N PHE A 81 3.67 9.17 -2.58
CA PHE A 81 2.60 10.01 -2.03
C PHE A 81 3.09 10.67 -0.74
N VAL A 82 2.43 11.77 -0.35
CA VAL A 82 2.73 12.51 0.89
C VAL A 82 1.53 12.41 1.83
N MET A 83 1.78 12.21 3.13
CA MET A 83 0.72 12.24 4.15
C MET A 83 0.56 13.68 4.65
N ASP A 84 -0.53 13.96 5.39
CA ASP A 84 -0.89 15.34 5.87
C ASP A 84 0.19 15.97 6.76
N ASP A 85 1.05 15.13 7.33
CA ASP A 85 2.16 15.54 8.20
C ASP A 85 3.32 16.20 7.40
N GLY A 86 3.24 16.16 6.05
CA GLY A 86 4.22 16.79 5.17
C GLY A 86 5.43 15.91 4.85
N ARG A 87 5.35 14.60 5.17
CA ARG A 87 6.44 13.65 4.92
C ARG A 87 6.06 12.67 3.79
N GLU A 88 7.06 12.25 3.00
CA GLU A 88 6.85 11.44 1.77
C GLU A 88 6.99 9.95 2.10
N VAL A 89 6.17 9.13 1.42
CA VAL A 89 6.24 7.67 1.45
C VAL A 89 6.36 7.21 -0.01
N ASP A 90 7.42 6.48 -0.32
CA ASP A 90 7.77 6.09 -1.69
C ASP A 90 7.70 4.58 -1.79
N VAL A 91 6.84 4.07 -2.68
CA VAL A 91 6.68 2.64 -2.91
C VAL A 91 7.15 2.30 -4.34
N GLN A 92 8.34 1.70 -4.41
CA GLN A 92 9.03 1.38 -5.67
C GLN A 92 8.85 -0.12 -5.93
N PHE A 93 8.43 -0.48 -7.16
CA PHE A 93 8.16 -1.87 -7.57
C PHE A 93 9.28 -2.35 -8.51
N ALA A 94 10.21 -3.13 -7.95
CA ALA A 94 11.33 -3.69 -8.72
C ALA A 94 10.97 -5.09 -9.24
N SER A 95 11.25 -5.34 -10.51
CA SER A 95 11.10 -6.67 -11.12
C SER A 95 12.35 -7.52 -10.81
N GLU A 96 12.16 -8.77 -10.36
CA GLU A 96 13.26 -9.68 -9.98
C GLU A 96 12.93 -11.15 -10.36
N PRO A 97 13.96 -12.06 -10.47
CA PRO A 97 13.75 -13.52 -10.72
C PRO A 97 12.80 -14.19 -9.70
N GLY A 98 12.80 -13.69 -8.45
CA GLY A 98 11.96 -14.24 -7.37
C GLY A 98 10.52 -13.75 -7.39
N GLY A 99 10.27 -12.62 -8.08
CA GLY A 99 8.94 -12.01 -8.15
C GLY A 99 9.02 -10.50 -8.34
N THR A 100 8.53 -9.72 -7.35
CA THR A 100 8.56 -8.24 -7.37
C THR A 100 9.06 -7.73 -6.02
N TRP A 101 10.27 -7.13 -6.02
CA TRP A 101 10.87 -6.56 -4.82
C TRP A 101 10.31 -5.14 -4.59
N VAL A 102 9.29 -5.05 -3.74
CA VAL A 102 8.64 -3.77 -3.41
C VAL A 102 9.39 -3.12 -2.25
N GLN A 103 10.08 -2.01 -2.58
CA GLN A 103 10.87 -1.23 -1.62
C GLN A 103 10.06 0.00 -1.24
N GLU A 104 9.64 0.08 0.04
CA GLU A 104 8.87 1.20 0.57
C GLU A 104 9.78 2.05 1.49
N THR A 105 10.23 3.20 0.98
CA THR A 105 11.10 4.12 1.71
C THR A 105 10.29 5.36 2.10
N PHE A 106 10.15 5.61 3.41
CA PHE A 106 9.30 6.68 3.93
C PHE A 106 10.06 7.54 4.95
N ASP A 107 9.75 8.84 4.96
CA ASP A 107 10.30 9.79 5.92
C ASP A 107 9.59 9.58 7.26
N ALA A 108 10.38 9.22 8.30
CA ALA A 108 9.87 8.84 9.62
C ALA A 108 9.27 10.05 10.36
N GLU A 109 8.09 9.87 10.96
CA GLU A 109 7.37 10.92 11.69
C GLU A 109 7.89 10.99 13.14
N THR A 110 7.82 12.17 13.74
CA THR A 110 8.28 12.40 15.11
C THR A 110 7.17 12.19 16.16
N SER A 111 5.92 11.96 15.71
CA SER A 111 4.78 11.71 16.60
C SER A 111 4.85 10.26 17.15
N HIS A 112 5.00 9.29 16.23
CA HIS A 112 5.12 7.86 16.58
C HIS A 112 6.59 7.41 16.51
N THR A 113 6.90 6.33 17.24
CA THR A 113 8.26 5.74 17.29
C THR A 113 8.63 5.19 15.89
N PRO A 114 9.79 5.62 15.29
CA PRO A 114 10.27 5.12 13.97
C PRO A 114 10.23 3.59 13.81
N ALA A 115 10.65 2.85 14.86
CA ALA A 115 10.59 1.37 14.88
C ALA A 115 9.13 0.85 14.79
N GLN A 116 8.20 1.53 15.49
CA GLN A 116 6.74 1.22 15.40
C GLN A 116 6.20 1.47 13.97
N GLN A 117 6.72 2.53 13.32
CA GLN A 117 6.32 2.89 11.94
C GLN A 117 6.81 1.81 10.98
N GLN A 118 8.06 1.38 11.18
CA GLN A 118 8.73 0.34 10.38
C GLN A 118 7.86 -0.93 10.41
N ALA A 119 7.46 -1.35 11.61
CA ALA A 119 6.62 -2.54 11.84
C ALA A 119 5.18 -2.33 11.28
N GLY A 120 4.71 -1.07 11.33
CA GLY A 120 3.35 -0.71 10.88
C GLY A 120 3.17 -0.72 9.37
N TRP A 121 3.96 0.13 8.70
CA TRP A 121 4.00 0.22 7.22
C TRP A 121 4.33 -1.14 6.59
N GLN A 122 5.35 -1.83 7.13
CA GLN A 122 5.75 -3.18 6.64
C GLN A 122 4.66 -4.21 6.97
N GLY A 123 3.87 -3.94 8.04
CA GLY A 123 2.69 -4.74 8.36
C GLY A 123 1.62 -4.66 7.27
N ILE A 124 1.32 -3.43 6.85
CA ILE A 124 0.32 -3.12 5.80
C ILE A 124 0.80 -3.64 4.42
N LEU A 125 2.11 -3.53 4.21
CA LEU A 125 2.81 -3.95 2.98
C LEU A 125 2.93 -5.50 2.94
N ASP A 126 3.00 -6.12 4.13
CA ASP A 126 2.95 -7.59 4.30
C ASP A 126 1.53 -8.12 4.03
N ASN A 127 0.50 -7.37 4.47
CA ASN A 127 -0.91 -7.69 4.17
C ASN A 127 -1.16 -7.59 2.65
N PHE A 128 -0.48 -6.61 2.03
CA PHE A 128 -0.48 -6.42 0.57
C PHE A 128 0.08 -7.68 -0.13
N LYS A 129 1.34 -8.00 0.19
CA LYS A 129 2.07 -9.16 -0.37
C LYS A 129 1.27 -10.47 -0.29
N ARG A 130 0.71 -10.72 0.91
CA ARG A 130 -0.11 -11.93 1.17
C ARG A 130 -1.37 -11.94 0.29
N TYR A 131 -2.04 -10.77 0.18
CA TYR A 131 -3.29 -10.62 -0.62
C TYR A 131 -3.04 -10.94 -2.10
N VAL A 132 -1.93 -10.39 -2.65
CA VAL A 132 -1.60 -10.51 -4.09
C VAL A 132 -1.40 -12.00 -4.47
N GLU A 133 -0.71 -12.73 -3.59
CA GLU A 133 -0.42 -14.17 -3.77
C GLU A 133 -1.62 -15.06 -3.38
N ALA A 134 -2.55 -14.54 -2.55
CA ALA A 134 -3.75 -15.29 -2.11
C ALA A 134 -4.85 -15.22 -3.17
N ALA A 135 -4.92 -14.06 -3.84
CA ALA A 135 -5.88 -13.80 -4.91
C ALA A 135 -5.41 -14.47 -6.21
N GLY A 136 -4.09 -14.43 -6.44
CA GLY A 136 -3.47 -15.05 -7.62
C GLY A 136 -3.37 -14.09 -8.80
N LEU A 137 -4.47 -13.35 -9.04
CA LEU A 137 -4.57 -12.27 -10.03
C LEU A 137 -4.17 -12.78 -11.43
N GLU A 138 -4.94 -13.82 -11.86
CA GLU A 138 -4.77 -14.55 -13.13
C GLU A 138 -3.40 -15.26 -13.22
N HIS A 139 -2.33 -14.48 -13.50
CA HIS A 139 -0.92 -14.95 -13.54
C HIS A 139 -0.62 -15.91 -14.74
N HIS A 140 -1.58 -15.96 -15.73
CA HIS A 140 -1.48 -16.73 -17.01
C HIS A 140 -0.67 -18.03 -16.91
N HIS A 141 -1.27 -19.06 -16.31
CA HIS A 141 -0.60 -20.34 -16.04
C HIS A 141 -0.55 -21.19 -17.32
N HIS A 142 0.60 -21.13 -18.01
CA HIS A 142 0.86 -21.89 -19.25
C HIS A 142 2.26 -22.51 -19.14
N HIS A 143 2.36 -23.82 -19.44
CA HIS A 143 3.61 -24.60 -19.34
C HIS A 143 3.60 -25.77 -20.35
N HIS A 144 4.69 -26.55 -20.35
CA HIS A 144 4.80 -27.76 -21.16
C HIS A 144 3.86 -28.86 -20.61
N MET A 1 13.69 12.01 9.65
CA MET A 1 14.03 10.58 9.55
C MET A 1 13.09 9.90 8.56
N LYS A 2 13.54 8.77 8.00
CA LYS A 2 12.74 7.93 7.11
C LYS A 2 13.16 6.46 7.25
N ILE A 3 12.21 5.55 7.02
CA ILE A 3 12.40 4.11 7.16
C ILE A 3 12.08 3.42 5.82
N SER A 4 12.97 2.51 5.40
CA SER A 4 12.80 1.70 4.18
C SER A 4 12.40 0.25 4.54
N ILE A 5 11.19 -0.16 4.12
CA ILE A 5 10.69 -1.56 4.26
C ILE A 5 10.54 -2.16 2.85
N GLU A 6 10.49 -3.51 2.75
CA GLU A 6 10.44 -4.20 1.44
C GLU A 6 9.70 -5.55 1.52
N ALA A 7 9.32 -6.08 0.34
CA ALA A 7 8.60 -7.36 0.19
C ALA A 7 9.05 -8.05 -1.12
N HIS A 8 9.38 -9.35 -1.02
CA HIS A 8 9.67 -10.22 -2.17
C HIS A 8 8.34 -10.89 -2.61
N ILE A 9 7.66 -10.26 -3.58
CA ILE A 9 6.37 -10.75 -4.10
C ILE A 9 6.60 -11.46 -5.44
N GLU A 10 6.44 -12.80 -5.45
CA GLU A 10 6.56 -13.60 -6.67
C GLU A 10 5.28 -13.44 -7.49
N GLN A 11 5.27 -12.39 -8.33
CA GLN A 11 4.16 -12.03 -9.21
C GLN A 11 4.66 -11.00 -10.24
N GLU A 12 4.02 -10.94 -11.41
CA GLU A 12 4.29 -9.94 -12.45
C GLU A 12 4.04 -8.52 -11.92
N ILE A 13 4.92 -7.57 -12.28
CA ILE A 13 4.90 -6.18 -11.77
C ILE A 13 3.56 -5.49 -12.09
N GLU A 14 2.94 -5.89 -13.21
CA GLU A 14 1.62 -5.39 -13.67
C GLU A 14 0.50 -5.83 -12.70
N ALA A 15 0.56 -7.08 -12.24
CA ALA A 15 -0.47 -7.69 -11.35
C ALA A 15 -0.22 -7.33 -9.87
N VAL A 16 1.06 -7.05 -9.52
CA VAL A 16 1.43 -6.45 -8.22
C VAL A 16 0.82 -5.05 -8.16
N TRP A 17 1.03 -4.28 -9.25
CA TRP A 17 0.48 -2.93 -9.41
C TRP A 17 -1.05 -2.95 -9.51
N TRP A 18 -1.62 -4.03 -10.09
CA TRP A 18 -3.08 -4.20 -10.17
C TRP A 18 -3.64 -4.26 -8.75
N ALA A 19 -3.09 -5.17 -7.95
CA ALA A 19 -3.49 -5.36 -6.55
C ALA A 19 -3.05 -4.18 -5.65
N TRP A 20 -2.19 -3.28 -6.18
CA TRP A 20 -1.80 -2.04 -5.48
C TRP A 20 -2.84 -0.93 -5.73
N ASN A 21 -3.21 -0.73 -7.01
CA ASN A 21 -3.95 0.48 -7.46
C ASN A 21 -5.49 0.27 -7.50
N ASP A 22 -5.91 -0.99 -7.63
CA ASP A 22 -7.34 -1.36 -7.80
C ASP A 22 -8.14 -0.93 -6.55
N PRO A 23 -9.28 -0.18 -6.71
CA PRO A 23 -10.02 0.42 -5.56
C PRO A 23 -10.41 -0.61 -4.47
N ASP A 24 -10.79 -1.83 -4.91
CA ASP A 24 -11.22 -2.92 -4.02
C ASP A 24 -10.09 -3.37 -3.07
N CYS A 25 -8.90 -3.62 -3.64
CA CYS A 25 -7.75 -4.13 -2.88
C CYS A 25 -7.15 -3.04 -1.99
N ILE A 26 -6.83 -1.88 -2.59
CA ILE A 26 -6.21 -0.73 -1.88
C ILE A 26 -7.06 -0.23 -0.69
N ALA A 27 -8.40 -0.42 -0.76
CA ALA A 27 -9.33 -0.12 0.36
C ALA A 27 -9.28 -1.22 1.43
N ARG A 28 -9.02 -2.46 0.98
CA ARG A 28 -9.01 -3.66 1.83
C ARG A 28 -7.74 -3.71 2.71
N TRP A 29 -6.55 -3.70 2.07
CA TRP A 29 -5.26 -3.59 2.79
C TRP A 29 -4.93 -2.09 2.97
N ASN A 30 -4.73 -1.68 4.24
CA ASN A 30 -4.41 -0.28 4.64
C ASN A 30 -4.41 -0.20 6.18
N ALA A 31 -5.32 -0.97 6.79
CA ALA A 31 -5.55 -0.96 8.24
C ALA A 31 -4.50 -1.81 8.96
N ALA A 32 -3.98 -1.29 10.09
CA ALA A 32 -2.95 -1.97 10.91
C ALA A 32 -3.54 -3.14 11.74
N SER A 33 -4.87 -3.36 11.64
CA SER A 33 -5.58 -4.45 12.31
C SER A 33 -6.71 -4.95 11.39
N SER A 34 -7.08 -6.24 11.57
CA SER A 34 -8.16 -6.89 10.79
C SER A 34 -9.55 -6.57 11.39
N ASP A 35 -9.54 -6.05 12.63
CA ASP A 35 -10.77 -5.59 13.33
C ASP A 35 -11.13 -4.15 12.89
N TRP A 36 -10.30 -3.52 12.05
CA TRP A 36 -10.55 -2.17 11.52
C TRP A 36 -10.85 -2.27 10.02
N HIS A 37 -12.10 -1.96 9.67
CA HIS A 37 -12.62 -1.98 8.30
C HIS A 37 -12.69 -0.55 7.75
N THR A 38 -12.23 -0.37 6.51
CA THR A 38 -12.35 0.90 5.78
C THR A 38 -13.80 1.06 5.27
N THR A 39 -14.53 1.99 5.89
CA THR A 39 -15.96 2.21 5.60
C THR A 39 -16.15 3.25 4.47
N GLY A 40 -15.12 4.09 4.28
CA GLY A 40 -15.09 5.09 3.21
C GLY A 40 -13.72 5.17 2.57
N SER A 41 -13.66 5.18 1.23
CA SER A 41 -12.38 5.08 0.49
C SER A 41 -12.56 5.58 -0.95
N ARG A 42 -11.72 6.55 -1.36
CA ARG A 42 -11.67 7.08 -2.74
C ARG A 42 -10.19 7.28 -3.12
N VAL A 43 -9.79 6.77 -4.30
CA VAL A 43 -8.40 6.88 -4.82
C VAL A 43 -8.43 7.54 -6.21
N ASP A 44 -7.73 8.68 -6.34
CA ASP A 44 -7.55 9.35 -7.64
C ASP A 44 -6.06 9.26 -8.02
N LEU A 45 -5.69 8.09 -8.58
CA LEU A 45 -4.31 7.78 -9.01
C LEU A 45 -3.94 8.55 -10.28
N VAL A 46 -3.53 9.81 -10.10
CA VAL A 46 -2.87 10.63 -11.13
C VAL A 46 -1.81 11.50 -10.43
N VAL A 47 -0.87 12.07 -11.21
CA VAL A 47 0.13 13.02 -10.67
C VAL A 47 -0.59 14.33 -10.28
N GLY A 48 -0.80 14.50 -8.97
CA GLY A 48 -1.53 15.65 -8.43
C GLY A 48 -2.83 15.24 -7.75
N GLY A 49 -3.29 14.01 -8.05
CA GLY A 49 -4.47 13.43 -7.40
C GLY A 49 -4.16 12.90 -6.02
N ARG A 50 -5.20 12.63 -5.23
CA ARG A 50 -5.06 12.20 -3.81
C ARG A 50 -5.91 10.94 -3.57
N PHE A 51 -5.46 10.10 -2.63
CA PHE A 51 -6.23 8.95 -2.15
C PHE A 51 -6.60 9.17 -0.67
N CYS A 52 -7.60 8.41 -0.22
CA CYS A 52 -8.09 8.46 1.16
C CYS A 52 -8.65 7.08 1.52
N HIS A 53 -8.27 6.57 2.69
CA HIS A 53 -8.82 5.32 3.23
C HIS A 53 -9.24 5.59 4.68
N HIS A 54 -10.51 5.99 4.87
CA HIS A 54 -11.07 6.17 6.22
C HIS A 54 -11.37 4.79 6.81
N MET A 55 -10.35 4.24 7.47
CA MET A 55 -10.48 3.01 8.25
C MET A 55 -11.13 3.36 9.58
N ALA A 56 -11.84 2.41 10.15
CA ALA A 56 -12.54 2.58 11.41
C ALA A 56 -12.74 1.21 12.04
N ALA A 57 -12.70 1.18 13.37
CA ALA A 57 -13.01 0.00 14.18
C ALA A 57 -14.40 -0.55 13.78
N LYS A 58 -14.45 -1.83 13.40
CA LYS A 58 -15.71 -2.48 12.94
C LYS A 58 -16.73 -2.55 14.10
N ASP A 59 -16.22 -2.45 15.34
CA ASP A 59 -17.02 -2.52 16.57
C ASP A 59 -17.26 -1.11 17.16
N GLY A 60 -16.33 -0.16 16.88
CA GLY A 60 -16.31 1.16 17.56
C GLY A 60 -16.08 2.35 16.63
N SER A 61 -16.42 3.56 17.11
CA SER A 61 -16.37 4.80 16.31
C SER A 61 -14.94 5.33 16.05
N ALA A 62 -13.93 4.74 16.74
CA ALA A 62 -12.50 5.09 16.56
C ALA A 62 -12.05 4.85 15.10
N GLY A 63 -11.53 5.90 14.43
CA GLY A 63 -11.21 5.83 13.00
C GLY A 63 -9.98 6.65 12.61
N PHE A 64 -9.24 6.18 11.61
CA PHE A 64 -8.04 6.84 11.07
C PHE A 64 -8.20 7.06 9.55
N ASP A 65 -7.48 8.06 9.01
CA ASP A 65 -7.49 8.37 7.57
C ASP A 65 -6.09 8.13 6.99
N PHE A 66 -5.98 7.07 6.18
CA PHE A 66 -4.74 6.70 5.47
C PHE A 66 -4.80 7.39 4.10
N THR A 67 -4.26 8.62 4.04
CA THR A 67 -4.44 9.54 2.91
C THR A 67 -3.08 10.06 2.42
N GLY A 68 -3.00 10.41 1.14
CA GLY A 68 -1.77 10.92 0.53
C GLY A 68 -1.99 11.42 -0.89
N THR A 69 -1.33 12.52 -1.27
CA THR A 69 -1.42 13.07 -2.62
C THR A 69 -0.23 12.55 -3.46
N PHE A 70 -0.53 11.91 -4.61
CA PHE A 70 0.48 11.34 -5.52
C PHE A 70 1.29 12.47 -6.16
N THR A 71 2.60 12.47 -5.92
CA THR A 71 3.54 13.45 -6.46
C THR A 71 4.09 12.99 -7.82
N ARG A 72 4.08 11.66 -8.02
CA ARG A 72 4.48 11.02 -9.28
C ARG A 72 3.82 9.64 -9.39
N VAL A 73 3.30 9.33 -10.59
CA VAL A 73 2.76 8.00 -10.94
C VAL A 73 3.62 7.49 -12.10
N GLU A 74 4.53 6.57 -11.78
CA GLU A 74 5.44 5.93 -12.74
C GLU A 74 5.03 4.45 -12.87
N ALA A 75 3.79 4.24 -13.33
CA ALA A 75 3.14 2.92 -13.36
C ALA A 75 3.78 2.00 -14.42
N PRO A 76 4.12 0.71 -14.11
CA PRO A 76 3.92 0.07 -12.78
C PRO A 76 5.17 0.03 -11.89
N THR A 77 6.24 0.73 -12.31
CA THR A 77 7.59 0.54 -11.74
C THR A 77 7.83 1.37 -10.47
N ARG A 78 6.99 2.38 -10.20
CA ARG A 78 7.20 3.30 -9.06
C ARG A 78 5.96 4.16 -8.79
N LEU A 79 5.79 4.54 -7.51
CA LEU A 79 4.74 5.45 -7.08
C LEU A 79 5.25 6.34 -5.95
N SER A 80 5.24 7.65 -6.18
CA SER A 80 5.65 8.66 -5.21
C SER A 80 4.39 9.38 -4.70
N PHE A 81 4.25 9.55 -3.38
CA PHE A 81 3.11 10.26 -2.77
C PHE A 81 3.47 10.78 -1.37
N VAL A 82 2.98 11.99 -1.03
CA VAL A 82 3.20 12.62 0.28
C VAL A 82 1.88 12.67 1.03
N MET A 83 1.89 12.26 2.30
CA MET A 83 0.71 12.23 3.17
C MET A 83 0.55 13.58 3.88
N ASP A 84 -0.69 13.89 4.32
CA ASP A 84 -1.04 15.19 4.97
C ASP A 84 -0.25 15.44 6.27
N ASP A 85 0.34 14.37 6.83
CA ASP A 85 1.17 14.44 8.06
C ASP A 85 2.56 15.06 7.77
N GLY A 86 2.83 15.36 6.48
CA GLY A 86 4.13 15.86 6.02
C GLY A 86 5.09 14.72 5.66
N ARG A 87 4.63 13.47 5.87
CA ARG A 87 5.42 12.26 5.61
C ARG A 87 5.45 11.95 4.11
N GLU A 88 6.62 12.16 3.48
CA GLU A 88 6.85 11.83 2.06
C GLU A 88 7.19 10.34 1.91
N VAL A 89 6.43 9.65 1.07
CA VAL A 89 6.56 8.20 0.83
C VAL A 89 6.88 7.96 -0.66
N ASP A 90 7.67 6.92 -0.92
CA ASP A 90 7.96 6.43 -2.27
C ASP A 90 7.98 4.91 -2.26
N VAL A 91 7.44 4.30 -3.32
CA VAL A 91 7.33 2.84 -3.46
C VAL A 91 7.90 2.43 -4.83
N GLN A 92 8.96 1.62 -4.81
CA GLN A 92 9.61 1.09 -6.01
C GLN A 92 9.12 -0.34 -6.22
N PHE A 93 8.97 -0.73 -7.48
CA PHE A 93 8.57 -2.09 -7.88
C PHE A 93 9.66 -2.59 -8.83
N ALA A 94 10.59 -3.42 -8.30
CA ALA A 94 11.76 -3.89 -9.06
C ALA A 94 11.58 -5.35 -9.46
N SER A 95 11.41 -5.61 -10.77
CA SER A 95 11.25 -6.98 -11.31
C SER A 95 12.51 -7.84 -11.03
N GLU A 96 12.30 -9.12 -10.69
CA GLU A 96 13.39 -10.09 -10.37
C GLU A 96 13.27 -11.33 -11.27
N PRO A 97 14.38 -12.08 -11.51
CA PRO A 97 14.28 -13.47 -12.04
C PRO A 97 13.56 -14.38 -11.01
N GLY A 98 12.23 -14.48 -11.16
CA GLY A 98 11.35 -15.23 -10.24
C GLY A 98 10.84 -14.38 -9.07
N GLY A 99 10.38 -13.14 -9.35
CA GLY A 99 9.77 -12.28 -8.31
C GLY A 99 9.65 -10.81 -8.71
N THR A 100 9.29 -9.98 -7.71
CA THR A 100 9.26 -8.51 -7.79
C THR A 100 9.56 -7.94 -6.38
N TRP A 101 10.74 -7.32 -6.22
CA TRP A 101 11.15 -6.71 -4.96
C TRP A 101 10.54 -5.29 -4.85
N VAL A 102 9.43 -5.21 -4.09
CA VAL A 102 8.71 -3.96 -3.85
C VAL A 102 9.32 -3.28 -2.62
N GLN A 103 9.57 -1.95 -2.71
CA GLN A 103 10.44 -1.23 -1.76
C GLN A 103 9.77 0.10 -1.35
N GLU A 104 9.21 0.14 -0.15
CA GLU A 104 8.61 1.37 0.41
C GLU A 104 9.69 2.11 1.22
N THR A 105 9.71 3.43 1.10
CA THR A 105 10.53 4.32 1.91
C THR A 105 9.63 5.47 2.33
N PHE A 106 9.28 5.50 3.61
CA PHE A 106 8.29 6.44 4.15
C PHE A 106 8.98 7.31 5.19
N ASP A 107 8.73 8.61 5.12
CA ASP A 107 9.22 9.58 6.12
C ASP A 107 8.48 9.31 7.43
N ALA A 108 9.22 9.18 8.54
CA ALA A 108 8.66 8.86 9.86
C ALA A 108 8.62 10.11 10.74
N GLU A 109 7.68 10.14 11.69
CA GLU A 109 7.46 11.28 12.60
C GLU A 109 8.17 10.99 13.93
N THR A 110 8.87 12.00 14.49
CA THR A 110 9.50 11.91 15.83
C THR A 110 8.43 12.05 16.95
N SER A 111 7.21 12.48 16.57
CA SER A 111 6.07 12.61 17.49
C SER A 111 5.27 11.29 17.54
N HIS A 112 5.71 10.30 16.73
CA HIS A 112 5.10 8.96 16.62
C HIS A 112 6.19 7.91 16.85
N THR A 113 5.85 6.82 17.56
CA THR A 113 6.79 5.74 17.89
C THR A 113 7.36 5.09 16.60
N PRO A 114 8.71 5.20 16.32
CA PRO A 114 9.36 4.68 15.08
C PRO A 114 9.12 3.16 14.88
N ALA A 115 9.22 2.39 15.98
CA ALA A 115 8.89 0.96 16.01
C ALA A 115 7.44 0.67 15.53
N GLN A 116 6.49 1.46 16.05
CA GLN A 116 5.05 1.33 15.69
C GLN A 116 4.81 1.69 14.22
N GLN A 117 5.55 2.70 13.72
CA GLN A 117 5.44 3.16 12.32
C GLN A 117 6.02 2.11 11.35
N GLN A 118 7.22 1.60 11.68
CA GLN A 118 7.93 0.58 10.88
C GLN A 118 7.07 -0.69 10.77
N ALA A 119 6.74 -1.26 11.94
CA ALA A 119 5.93 -2.49 12.04
C ALA A 119 4.51 -2.29 11.47
N GLY A 120 3.96 -1.07 11.68
CA GLY A 120 2.62 -0.71 11.17
C GLY A 120 2.55 -0.77 9.66
N TRP A 121 3.51 -0.09 9.01
CA TRP A 121 3.61 -0.04 7.53
C TRP A 121 3.96 -1.40 6.92
N GLN A 122 4.87 -2.15 7.58
CA GLN A 122 5.28 -3.50 7.14
C GLN A 122 4.12 -4.50 7.30
N GLY A 123 3.22 -4.20 8.26
CA GLY A 123 1.98 -4.95 8.42
C GLY A 123 1.01 -4.71 7.27
N ILE A 124 0.84 -3.44 6.90
CA ILE A 124 0.01 -2.99 5.75
C ILE A 124 0.54 -3.61 4.43
N LEU A 125 1.88 -3.64 4.33
CA LEU A 125 2.61 -4.25 3.21
C LEU A 125 2.48 -5.78 3.24
N ASP A 126 2.45 -6.36 4.45
CA ASP A 126 2.21 -7.81 4.63
C ASP A 126 0.82 -8.19 4.13
N ASN A 127 -0.17 -7.33 4.44
CA ASN A 127 -1.57 -7.52 4.04
C ASN A 127 -1.68 -7.44 2.50
N PHE A 128 -0.81 -6.62 1.89
CA PHE A 128 -0.69 -6.50 0.43
C PHE A 128 -0.04 -7.78 -0.17
N LYS A 129 1.18 -8.11 0.29
CA LYS A 129 1.99 -9.24 -0.20
C LYS A 129 1.21 -10.57 -0.19
N ARG A 130 0.68 -10.91 1.00
CA ARG A 130 -0.08 -12.15 1.22
C ARG A 130 -1.40 -12.15 0.43
N TYR A 131 -1.97 -10.96 0.20
CA TYR A 131 -3.17 -10.78 -0.63
C TYR A 131 -2.88 -11.25 -2.06
N VAL A 132 -1.81 -10.69 -2.66
CA VAL A 132 -1.46 -10.91 -4.08
C VAL A 132 -1.17 -12.41 -4.37
N GLU A 133 -0.21 -12.96 -3.61
CA GLU A 133 0.35 -14.30 -3.87
C GLU A 133 -0.62 -15.43 -3.45
N ALA A 134 -1.38 -15.23 -2.35
CA ALA A 134 -2.34 -16.25 -1.85
C ALA A 134 -3.72 -16.09 -2.51
N ALA A 135 -3.92 -14.98 -3.26
CA ALA A 135 -5.07 -14.83 -4.19
C ALA A 135 -4.90 -15.80 -5.35
N GLY A 136 -3.63 -15.90 -5.80
CA GLY A 136 -3.30 -16.67 -6.97
C GLY A 136 -3.84 -16.00 -8.22
N LEU A 137 -3.22 -14.86 -8.60
CA LEU A 137 -3.60 -14.08 -9.79
C LEU A 137 -3.00 -14.71 -11.08
N GLU A 138 -2.86 -16.05 -11.08
CA GLU A 138 -2.42 -16.82 -12.22
C GLU A 138 -3.55 -16.87 -13.27
N HIS A 139 -3.41 -16.05 -14.33
CA HIS A 139 -4.40 -15.95 -15.43
C HIS A 139 -3.76 -16.43 -16.74
N HIS A 140 -2.54 -15.94 -17.01
CA HIS A 140 -1.80 -16.19 -18.26
C HIS A 140 -1.09 -17.56 -18.18
N HIS A 141 -1.87 -18.65 -18.35
CA HIS A 141 -1.35 -20.03 -18.35
C HIS A 141 -2.38 -21.01 -18.96
N HIS A 142 -2.13 -21.45 -20.20
CA HIS A 142 -2.94 -22.49 -20.88
C HIS A 142 -1.97 -23.46 -21.58
N HIS A 143 -1.70 -24.59 -20.90
CA HIS A 143 -0.62 -25.56 -21.27
C HIS A 143 0.75 -24.91 -21.04
N HIS A 144 1.16 -24.88 -19.76
CA HIS A 144 2.43 -24.30 -19.32
C HIS A 144 2.89 -25.10 -18.06
N MET A 1 11.52 11.77 9.15
CA MET A 1 12.33 10.55 9.32
C MET A 1 11.82 9.47 8.37
N LYS A 2 12.48 9.30 7.22
CA LYS A 2 12.05 8.33 6.20
C LYS A 2 12.72 6.97 6.46
N ILE A 3 11.91 5.99 6.92
CA ILE A 3 12.34 4.60 7.07
C ILE A 3 12.09 3.87 5.73
N SER A 4 13.05 3.05 5.30
CA SER A 4 12.99 2.33 4.03
C SER A 4 12.97 0.81 4.31
N ILE A 5 11.87 0.17 3.93
CA ILE A 5 11.62 -1.27 4.10
C ILE A 5 11.48 -1.93 2.72
N GLU A 6 11.54 -3.26 2.67
CA GLU A 6 11.50 -4.03 1.42
C GLU A 6 10.66 -5.32 1.60
N ALA A 7 10.25 -5.92 0.47
CA ALA A 7 9.53 -7.20 0.46
C ALA A 7 9.70 -7.88 -0.91
N HIS A 8 9.84 -9.21 -0.92
CA HIS A 8 9.99 -10.00 -2.16
C HIS A 8 8.69 -10.78 -2.42
N ILE A 9 7.73 -10.13 -3.10
CA ILE A 9 6.43 -10.72 -3.43
C ILE A 9 6.59 -11.68 -4.63
N GLU A 10 6.16 -12.94 -4.50
CA GLU A 10 6.30 -13.96 -5.58
C GLU A 10 5.14 -13.83 -6.61
N GLN A 11 5.01 -12.62 -7.16
CA GLN A 11 3.94 -12.24 -8.08
C GLN A 11 4.48 -11.22 -9.09
N GLU A 12 3.83 -11.14 -10.27
CA GLU A 12 4.20 -10.21 -11.35
C GLU A 12 3.99 -8.74 -10.91
N ILE A 13 4.87 -7.83 -11.39
CA ILE A 13 4.83 -6.38 -11.05
C ILE A 13 3.48 -5.75 -11.42
N GLU A 14 2.91 -6.23 -12.53
CA GLU A 14 1.62 -5.77 -13.06
C GLU A 14 0.49 -6.07 -12.08
N ALA A 15 0.52 -7.28 -11.51
CA ALA A 15 -0.49 -7.78 -10.57
C ALA A 15 -0.34 -7.15 -9.17
N VAL A 16 0.93 -6.98 -8.75
CA VAL A 16 1.27 -6.29 -7.50
C VAL A 16 0.78 -4.82 -7.56
N TRP A 17 1.02 -4.18 -8.72
CA TRP A 17 0.54 -2.83 -9.01
C TRP A 17 -0.99 -2.80 -9.01
N TRP A 18 -1.61 -3.80 -9.65
CA TRP A 18 -3.07 -3.89 -9.83
C TRP A 18 -3.81 -3.88 -8.48
N ALA A 19 -3.32 -4.71 -7.54
CA ALA A 19 -3.87 -4.81 -6.16
C ALA A 19 -3.60 -3.52 -5.35
N TRP A 20 -2.47 -2.84 -5.66
CA TRP A 20 -2.08 -1.57 -5.03
C TRP A 20 -2.82 -0.37 -5.67
N ASN A 21 -3.34 -0.58 -6.90
CA ASN A 21 -3.95 0.49 -7.72
C ASN A 21 -5.47 0.51 -7.50
N ASP A 22 -6.07 -0.69 -7.43
CA ASP A 22 -7.53 -0.86 -7.46
C ASP A 22 -8.11 -0.52 -6.07
N PRO A 23 -8.91 0.59 -5.92
CA PRO A 23 -9.39 1.06 -4.60
C PRO A 23 -10.35 0.06 -3.91
N ASP A 24 -11.02 -0.78 -4.73
CA ASP A 24 -11.96 -1.81 -4.24
C ASP A 24 -11.19 -3.01 -3.68
N CYS A 25 -10.04 -3.33 -4.32
CA CYS A 25 -9.12 -4.38 -3.84
C CYS A 25 -8.38 -3.91 -2.59
N ILE A 26 -7.97 -2.62 -2.59
CA ILE A 26 -7.31 -1.96 -1.44
C ILE A 26 -8.24 -1.98 -0.23
N ALA A 27 -9.53 -1.71 -0.47
CA ALA A 27 -10.55 -1.68 0.58
C ALA A 27 -10.64 -3.01 1.35
N ARG A 28 -10.29 -4.12 0.65
CA ARG A 28 -10.32 -5.49 1.21
C ARG A 28 -9.16 -5.75 2.22
N TRP A 29 -8.10 -4.90 2.20
CA TRP A 29 -6.98 -4.98 3.18
C TRP A 29 -6.67 -3.57 3.79
N ASN A 30 -6.20 -2.64 2.94
CA ASN A 30 -5.79 -1.25 3.27
C ASN A 30 -4.90 -1.13 4.53
N ALA A 31 -5.54 -1.23 5.72
CA ALA A 31 -4.87 -1.25 7.03
C ALA A 31 -4.03 -2.53 7.22
N ALA A 32 -3.35 -2.62 8.37
CA ALA A 32 -2.58 -3.83 8.76
C ALA A 32 -3.42 -4.79 9.63
N SER A 33 -4.72 -4.47 9.83
CA SER A 33 -5.55 -5.09 10.89
C SER A 33 -6.96 -5.44 10.37
N SER A 34 -7.44 -6.65 10.73
CA SER A 34 -8.77 -7.15 10.33
C SER A 34 -9.92 -6.42 11.06
N ASP A 35 -9.59 -5.78 12.20
CA ASP A 35 -10.56 -4.94 12.96
C ASP A 35 -10.90 -3.65 12.20
N TRP A 36 -9.91 -3.11 11.47
CA TRP A 36 -10.05 -1.80 10.79
C TRP A 36 -10.33 -2.07 9.31
N HIS A 37 -11.55 -1.77 8.88
CA HIS A 37 -11.97 -1.89 7.48
C HIS A 37 -11.92 -0.51 6.82
N THR A 38 -12.08 -0.46 5.49
CA THR A 38 -12.19 0.81 4.77
C THR A 38 -13.66 1.05 4.39
N THR A 39 -14.20 2.20 4.84
CA THR A 39 -15.60 2.59 4.63
C THR A 39 -15.75 3.31 3.26
N GLY A 40 -14.63 3.83 2.73
CA GLY A 40 -14.60 4.52 1.43
C GLY A 40 -13.19 4.79 0.96
N SER A 41 -12.78 4.13 -0.14
CA SER A 41 -11.46 4.35 -0.78
C SER A 41 -11.65 5.25 -2.01
N ARG A 42 -11.03 6.44 -1.98
CA ARG A 42 -10.88 7.30 -3.16
C ARG A 42 -9.40 7.27 -3.53
N VAL A 43 -9.11 6.87 -4.78
CA VAL A 43 -7.74 6.81 -5.32
C VAL A 43 -7.77 7.43 -6.72
N ASP A 44 -7.29 8.67 -6.87
CA ASP A 44 -7.23 9.35 -8.17
C ASP A 44 -5.77 9.30 -8.64
N LEU A 45 -5.43 8.18 -9.29
CA LEU A 45 -4.04 7.83 -9.65
C LEU A 45 -3.56 8.65 -10.88
N VAL A 46 -3.23 9.92 -10.63
CA VAL A 46 -2.55 10.79 -11.58
C VAL A 46 -1.51 11.62 -10.81
N VAL A 47 -0.59 12.22 -11.54
CA VAL A 47 0.39 13.16 -10.98
C VAL A 47 -0.36 14.46 -10.60
N GLY A 48 -0.52 14.68 -9.28
CA GLY A 48 -1.30 15.80 -8.75
C GLY A 48 -2.64 15.35 -8.16
N GLY A 49 -3.02 14.08 -8.43
CA GLY A 49 -4.30 13.54 -7.97
C GLY A 49 -4.30 13.21 -6.48
N ARG A 50 -5.48 13.28 -5.86
CA ARG A 50 -5.65 13.11 -4.41
C ARG A 50 -6.25 11.73 -4.09
N PHE A 51 -6.00 11.24 -2.86
CA PHE A 51 -6.56 9.98 -2.36
C PHE A 51 -6.97 10.13 -0.89
N CYS A 52 -7.98 9.36 -0.46
CA CYS A 52 -8.45 9.33 0.92
C CYS A 52 -9.00 7.92 1.23
N HIS A 53 -8.25 7.15 2.03
CA HIS A 53 -8.63 5.78 2.44
C HIS A 53 -9.24 5.87 3.84
N HIS A 54 -10.55 6.08 3.88
CA HIS A 54 -11.31 6.27 5.12
C HIS A 54 -11.47 4.93 5.83
N MET A 55 -10.92 4.79 7.04
CA MET A 55 -10.89 3.52 7.80
C MET A 55 -11.70 3.67 9.09
N ALA A 56 -12.41 2.59 9.45
CA ALA A 56 -13.19 2.50 10.68
C ALA A 56 -13.03 1.11 11.28
N ALA A 57 -12.99 1.03 12.61
CA ALA A 57 -13.01 -0.25 13.33
C ALA A 57 -14.45 -0.81 13.28
N LYS A 58 -14.58 -2.11 13.01
CA LYS A 58 -15.88 -2.77 12.74
C LYS A 58 -16.75 -2.78 14.02
N ASP A 59 -16.09 -2.97 15.18
CA ASP A 59 -16.74 -3.16 16.48
C ASP A 59 -16.61 -1.89 17.35
N GLY A 60 -15.58 -1.06 17.06
CA GLY A 60 -15.30 0.15 17.84
C GLY A 60 -15.26 1.41 16.98
N SER A 61 -15.35 2.57 17.64
CA SER A 61 -15.40 3.90 16.98
C SER A 61 -14.02 4.41 16.47
N ALA A 62 -12.93 3.64 16.68
CA ALA A 62 -11.56 4.06 16.29
C ALA A 62 -11.40 4.10 14.76
N GLY A 63 -11.04 5.27 14.22
CA GLY A 63 -10.92 5.49 12.77
C GLY A 63 -9.73 6.34 12.39
N PHE A 64 -9.25 6.17 11.16
CA PHE A 64 -8.09 6.90 10.61
C PHE A 64 -8.22 7.00 9.09
N ASP A 65 -7.58 7.98 8.48
CA ASP A 65 -7.64 8.22 7.03
C ASP A 65 -6.22 8.25 6.45
N PHE A 66 -6.01 7.60 5.30
CA PHE A 66 -4.81 7.80 4.49
C PHE A 66 -5.15 8.84 3.42
N THR A 67 -5.10 10.12 3.82
CA THR A 67 -5.35 11.25 2.94
C THR A 67 -4.04 11.83 2.44
N GLY A 68 -3.98 12.22 1.17
CA GLY A 68 -2.79 12.81 0.59
C GLY A 68 -2.96 13.13 -0.88
N THR A 69 -1.82 13.33 -1.57
CA THR A 69 -1.76 13.66 -2.99
C THR A 69 -0.57 12.95 -3.64
N PHE A 70 -0.84 12.21 -4.74
CA PHE A 70 0.19 11.54 -5.55
C PHE A 70 1.14 12.58 -6.17
N THR A 71 2.42 12.41 -5.90
CA THR A 71 3.47 13.34 -6.33
C THR A 71 4.16 12.84 -7.61
N ARG A 72 4.25 11.51 -7.78
CA ARG A 72 4.96 10.90 -8.92
C ARG A 72 4.38 9.50 -9.20
N VAL A 73 3.82 9.29 -10.41
CA VAL A 73 3.24 7.99 -10.82
C VAL A 73 4.07 7.43 -11.99
N GLU A 74 4.98 6.50 -11.67
CA GLU A 74 5.83 5.81 -12.66
C GLU A 74 5.26 4.41 -12.90
N ALA A 75 4.10 4.33 -13.58
CA ALA A 75 3.36 3.08 -13.74
C ALA A 75 4.09 2.12 -14.71
N PRO A 76 4.34 0.81 -14.34
CA PRO A 76 4.01 0.20 -13.02
C PRO A 76 5.22 0.07 -12.05
N THR A 77 6.35 0.71 -12.40
CA THR A 77 7.64 0.51 -11.74
C THR A 77 7.79 1.26 -10.40
N ARG A 78 6.90 2.22 -10.11
CA ARG A 78 6.97 3.04 -8.88
C ARG A 78 5.69 3.89 -8.72
N LEU A 79 5.30 4.13 -7.46
CA LEU A 79 4.24 5.07 -7.10
C LEU A 79 4.72 5.89 -5.91
N SER A 80 4.50 7.21 -5.93
CA SER A 80 4.92 8.13 -4.88
C SER A 80 3.78 9.09 -4.57
N PHE A 81 3.60 9.39 -3.28
CA PHE A 81 2.55 10.26 -2.77
C PHE A 81 2.93 10.78 -1.38
N VAL A 82 2.53 12.03 -1.08
CA VAL A 82 2.75 12.65 0.22
C VAL A 82 1.40 12.78 0.91
N MET A 83 1.31 12.31 2.16
CA MET A 83 0.08 12.35 2.95
C MET A 83 -0.06 13.71 3.63
N ASP A 84 -1.26 14.01 4.14
CA ASP A 84 -1.69 15.35 4.59
C ASP A 84 -0.80 15.91 5.72
N ASP A 85 -0.29 15.02 6.58
CA ASP A 85 0.47 15.39 7.78
C ASP A 85 1.99 15.49 7.47
N GLY A 86 2.31 15.58 6.15
CA GLY A 86 3.68 15.83 5.68
C GLY A 86 4.49 14.56 5.43
N ARG A 87 3.90 13.38 5.75
CA ARG A 87 4.58 12.09 5.58
C ARG A 87 4.75 11.78 4.09
N GLU A 88 5.98 11.91 3.60
CA GLU A 88 6.34 11.65 2.20
C GLU A 88 6.57 10.15 2.03
N VAL A 89 5.81 9.54 1.11
CA VAL A 89 5.78 8.08 0.88
C VAL A 89 6.20 7.79 -0.58
N ASP A 90 7.03 6.76 -0.79
CA ASP A 90 7.55 6.38 -2.11
C ASP A 90 7.69 4.85 -2.17
N VAL A 91 6.78 4.24 -2.91
CA VAL A 91 6.68 2.78 -3.08
C VAL A 91 7.38 2.39 -4.41
N GLN A 92 8.42 1.56 -4.32
CA GLN A 92 9.17 1.08 -5.50
C GLN A 92 8.72 -0.34 -5.82
N PHE A 93 8.51 -0.63 -7.11
CA PHE A 93 8.13 -1.96 -7.62
C PHE A 93 9.22 -2.43 -8.60
N ALA A 94 10.15 -3.27 -8.10
CA ALA A 94 11.32 -3.73 -8.87
C ALA A 94 11.08 -5.15 -9.43
N SER A 95 10.88 -5.26 -10.75
CA SER A 95 10.70 -6.54 -11.45
C SER A 95 11.98 -7.40 -11.37
N GLU A 96 11.80 -8.70 -11.05
CA GLU A 96 12.90 -9.68 -10.93
C GLU A 96 12.44 -11.06 -11.44
N PRO A 97 13.37 -11.91 -11.98
CA PRO A 97 13.07 -13.32 -12.31
C PRO A 97 12.74 -14.13 -11.02
N GLY A 98 11.46 -14.03 -10.60
CA GLY A 98 10.97 -14.64 -9.36
C GLY A 98 9.68 -13.98 -8.91
N GLY A 99 9.67 -12.63 -8.93
CA GLY A 99 8.54 -11.85 -8.44
C GLY A 99 8.77 -10.35 -8.54
N THR A 100 8.52 -9.61 -7.45
CA THR A 100 8.63 -8.13 -7.40
C THR A 100 9.19 -7.69 -6.03
N TRP A 101 10.34 -7.02 -6.06
CA TRP A 101 10.97 -6.44 -4.87
C TRP A 101 10.35 -5.05 -4.60
N VAL A 102 9.35 -5.02 -3.71
CA VAL A 102 8.64 -3.79 -3.35
C VAL A 102 9.33 -3.12 -2.15
N GLN A 103 9.97 -1.97 -2.44
CA GLN A 103 10.70 -1.17 -1.44
C GLN A 103 9.86 0.06 -1.07
N GLU A 104 9.26 0.03 0.13
CA GLU A 104 8.45 1.14 0.64
C GLU A 104 9.32 2.08 1.51
N THR A 105 9.60 3.29 0.99
CA THR A 105 10.29 4.34 1.75
C THR A 105 9.24 5.39 2.14
N PHE A 106 8.92 5.42 3.43
CA PHE A 106 7.83 6.25 3.97
C PHE A 106 8.42 7.14 5.06
N ASP A 107 7.83 8.32 5.28
CA ASP A 107 8.21 9.18 6.41
C ASP A 107 7.44 8.70 7.67
N ALA A 108 8.08 8.81 8.82
CA ALA A 108 7.62 8.21 10.09
C ALA A 108 7.42 9.29 11.16
N GLU A 109 6.66 8.91 12.20
CA GLU A 109 6.36 9.76 13.36
C GLU A 109 7.50 9.63 14.39
N THR A 110 8.20 10.76 14.65
CA THR A 110 9.31 10.84 15.61
C THR A 110 8.83 10.91 17.07
N SER A 111 7.53 11.23 17.24
CA SER A 111 6.84 11.16 18.54
C SER A 111 6.68 9.69 18.97
N HIS A 112 6.56 8.82 17.94
CA HIS A 112 6.38 7.37 18.11
C HIS A 112 7.72 6.66 17.91
N THR A 113 7.85 5.47 18.52
CA THR A 113 9.05 4.65 18.43
C THR A 113 9.21 4.10 17.00
N PRO A 114 10.41 4.34 16.34
CA PRO A 114 10.71 3.88 14.95
C PRO A 114 10.52 2.38 14.74
N ALA A 115 10.65 1.58 15.81
CA ALA A 115 10.30 0.14 15.82
C ALA A 115 8.84 -0.09 15.37
N GLN A 116 7.90 0.63 16.02
CA GLN A 116 6.45 0.52 15.73
C GLN A 116 6.09 1.15 14.38
N GLN A 117 6.84 2.19 14.00
CA GLN A 117 6.69 2.87 12.70
C GLN A 117 7.06 1.94 11.54
N GLN A 118 8.25 1.35 11.63
CA GLN A 118 8.79 0.42 10.64
C GLN A 118 7.90 -0.83 10.54
N ALA A 119 7.61 -1.44 11.71
CA ALA A 119 6.82 -2.68 11.83
C ALA A 119 5.35 -2.47 11.42
N GLY A 120 4.86 -1.23 11.60
CA GLY A 120 3.49 -0.85 11.26
C GLY A 120 3.27 -0.85 9.76
N TRP A 121 4.15 -0.16 9.03
CA TRP A 121 4.09 -0.06 7.56
C TRP A 121 4.56 -1.34 6.88
N GLN A 122 5.54 -2.04 7.50
CA GLN A 122 5.97 -3.38 7.03
C GLN A 122 4.87 -4.41 7.34
N GLY A 123 4.03 -4.07 8.34
CA GLY A 123 2.80 -4.78 8.61
C GLY A 123 1.79 -4.61 7.50
N ILE A 124 1.58 -3.36 7.07
CA ILE A 124 0.64 -3.03 5.95
C ILE A 124 1.14 -3.68 4.64
N LEU A 125 2.47 -3.66 4.44
CA LEU A 125 3.12 -4.25 3.28
C LEU A 125 3.09 -5.80 3.36
N ASP A 126 3.13 -6.34 4.61
CA ASP A 126 2.93 -7.78 4.90
C ASP A 126 1.52 -8.22 4.48
N ASN A 127 0.50 -7.49 4.98
CA ASN A 127 -0.93 -7.80 4.69
C ASN A 127 -1.21 -7.68 3.19
N PHE A 128 -0.55 -6.71 2.54
CA PHE A 128 -0.60 -6.51 1.09
C PHE A 128 0.01 -7.74 0.38
N LYS A 129 1.26 -8.06 0.74
CA LYS A 129 2.08 -9.09 0.11
C LYS A 129 1.39 -10.46 0.11
N ARG A 130 1.09 -10.97 1.32
CA ARG A 130 0.48 -12.31 1.51
C ARG A 130 -0.91 -12.38 0.86
N TYR A 131 -1.59 -11.21 0.76
CA TYR A 131 -2.91 -11.10 0.14
C TYR A 131 -2.83 -11.31 -1.37
N VAL A 132 -1.86 -10.64 -2.00
CA VAL A 132 -1.62 -10.70 -3.46
C VAL A 132 -1.20 -12.13 -3.88
N GLU A 133 -0.36 -12.75 -3.04
CA GLU A 133 0.17 -14.11 -3.27
C GLU A 133 -0.90 -15.19 -3.04
N ALA A 134 -1.74 -15.00 -2.00
CA ALA A 134 -2.81 -15.95 -1.64
C ALA A 134 -4.03 -15.78 -2.55
N ALA A 135 -4.18 -14.58 -3.13
CA ALA A 135 -5.19 -14.30 -4.18
C ALA A 135 -4.78 -14.99 -5.48
N GLY A 136 -3.45 -14.99 -5.74
CA GLY A 136 -2.88 -15.66 -6.92
C GLY A 136 -2.84 -14.74 -8.14
N LEU A 137 -3.97 -14.04 -8.37
CA LEU A 137 -4.18 -13.08 -9.47
C LEU A 137 -3.86 -13.74 -10.83
N GLU A 138 -4.91 -14.32 -11.45
CA GLU A 138 -4.79 -15.29 -12.53
C GLU A 138 -4.01 -14.76 -13.75
N HIS A 139 -2.76 -15.25 -13.87
CA HIS A 139 -1.92 -15.07 -15.07
C HIS A 139 -1.37 -16.45 -15.49
N HIS A 140 -2.06 -17.53 -15.07
CA HIS A 140 -1.67 -18.93 -15.34
C HIS A 140 -2.70 -19.60 -16.24
N HIS A 141 -2.24 -20.57 -17.06
CA HIS A 141 -3.13 -21.38 -17.92
C HIS A 141 -3.85 -22.44 -17.06
N HIS A 142 -4.99 -22.03 -16.48
CA HIS A 142 -5.71 -22.81 -15.44
C HIS A 142 -7.15 -23.17 -15.87
N HIS A 143 -7.52 -22.79 -17.13
CA HIS A 143 -8.90 -22.95 -17.72
C HIS A 143 -10.03 -22.46 -16.77
N HIS A 144 -11.30 -22.83 -17.06
CA HIS A 144 -12.46 -22.43 -16.21
C HIS A 144 -12.68 -23.45 -15.05
N MET A 1 13.49 12.42 9.57
CA MET A 1 13.57 10.96 9.85
C MET A 1 12.69 10.18 8.87
N LYS A 2 13.30 9.29 8.08
CA LYS A 2 12.61 8.36 7.17
C LYS A 2 12.99 6.92 7.52
N ILE A 3 12.14 5.98 7.12
CA ILE A 3 12.29 4.55 7.37
C ILE A 3 12.09 3.78 6.06
N SER A 4 12.92 2.76 5.80
CA SER A 4 12.80 1.89 4.62
C SER A 4 12.40 0.48 5.05
N ILE A 5 11.28 -0.01 4.49
CA ILE A 5 10.81 -1.41 4.59
C ILE A 5 10.79 -2.05 3.19
N GLU A 6 10.59 -3.38 3.13
CA GLU A 6 10.54 -4.14 1.86
C GLU A 6 9.78 -5.47 2.03
N ALA A 7 9.39 -6.06 0.90
CA ALA A 7 8.54 -7.26 0.86
C ALA A 7 8.70 -7.97 -0.50
N HIS A 8 8.71 -9.31 -0.47
CA HIS A 8 8.83 -10.14 -1.68
C HIS A 8 7.45 -10.72 -2.04
N ILE A 9 6.91 -10.28 -3.18
CA ILE A 9 5.61 -10.74 -3.69
C ILE A 9 5.85 -11.52 -4.99
N GLU A 10 5.56 -12.84 -5.01
CA GLU A 10 5.77 -13.71 -6.18
C GLU A 10 4.58 -13.55 -7.15
N GLN A 11 4.56 -12.39 -7.81
CA GLN A 11 3.51 -11.99 -8.74
C GLN A 11 4.09 -11.01 -9.76
N GLU A 12 3.36 -10.75 -10.85
CA GLU A 12 3.77 -9.83 -11.91
C GLU A 12 3.66 -8.39 -11.41
N ILE A 13 4.55 -7.51 -11.90
CA ILE A 13 4.58 -6.10 -11.46
C ILE A 13 3.30 -5.36 -11.88
N GLU A 14 2.68 -5.86 -12.97
CA GLU A 14 1.35 -5.40 -13.41
C GLU A 14 0.27 -5.76 -12.36
N ALA A 15 0.29 -7.03 -11.93
CA ALA A 15 -0.71 -7.61 -11.01
C ALA A 15 -0.57 -7.06 -9.58
N VAL A 16 0.66 -6.71 -9.19
CA VAL A 16 0.96 -6.07 -7.89
C VAL A 16 0.47 -4.60 -7.90
N TRP A 17 0.75 -3.90 -9.00
CA TRP A 17 0.29 -2.50 -9.21
C TRP A 17 -1.24 -2.43 -9.26
N TRP A 18 -1.84 -3.46 -9.87
CA TRP A 18 -3.29 -3.62 -9.94
C TRP A 18 -3.87 -3.66 -8.52
N ALA A 19 -3.38 -4.64 -7.73
CA ALA A 19 -3.82 -4.86 -6.34
C ALA A 19 -3.51 -3.65 -5.42
N TRP A 20 -2.55 -2.81 -5.84
CA TRP A 20 -2.16 -1.61 -5.08
C TRP A 20 -3.21 -0.48 -5.22
N ASN A 21 -3.65 -0.21 -6.45
CA ASN A 21 -4.52 0.96 -6.77
C ASN A 21 -6.01 0.56 -6.92
N ASP A 22 -6.30 -0.75 -7.05
CA ASP A 22 -7.67 -1.28 -7.18
C ASP A 22 -8.47 -1.01 -5.89
N PRO A 23 -9.62 -0.28 -5.96
CA PRO A 23 -10.38 0.15 -4.75
C PRO A 23 -10.92 -1.02 -3.90
N ASP A 24 -11.24 -2.16 -4.54
CA ASP A 24 -11.79 -3.35 -3.83
C ASP A 24 -10.68 -4.08 -3.07
N CYS A 25 -9.48 -4.08 -3.65
CA CYS A 25 -8.27 -4.62 -3.01
C CYS A 25 -7.95 -3.78 -1.76
N ILE A 26 -7.93 -2.45 -1.96
CA ILE A 26 -7.73 -1.45 -0.88
C ILE A 26 -8.81 -1.55 0.21
N ALA A 27 -10.02 -1.97 -0.15
CA ALA A 27 -11.10 -2.22 0.85
C ALA A 27 -10.67 -3.32 1.85
N ARG A 28 -9.93 -4.31 1.33
CA ARG A 28 -9.53 -5.51 2.10
C ARG A 28 -8.22 -5.26 2.88
N TRP A 29 -7.12 -4.91 2.16
CA TRP A 29 -5.83 -4.52 2.80
C TRP A 29 -5.77 -2.99 2.86
N ASN A 30 -5.27 -2.44 3.98
CA ASN A 30 -5.07 -0.98 4.16
C ASN A 30 -4.37 -0.74 5.51
N ALA A 31 -4.95 -1.33 6.56
CA ALA A 31 -4.42 -1.29 7.91
C ALA A 31 -3.75 -2.64 8.21
N ALA A 32 -2.93 -2.68 9.27
CA ALA A 32 -2.31 -3.94 9.75
C ALA A 32 -3.41 -4.85 10.35
N SER A 33 -4.23 -4.25 11.24
CA SER A 33 -5.40 -4.90 11.84
C SER A 33 -6.35 -5.50 10.78
N SER A 34 -6.63 -6.82 10.90
CA SER A 34 -7.50 -7.58 9.99
C SER A 34 -8.97 -7.14 10.13
N ASP A 35 -9.34 -6.57 11.28
CA ASP A 35 -10.69 -6.07 11.54
C ASP A 35 -10.79 -4.57 11.26
N TRP A 36 -9.80 -4.02 10.54
CA TRP A 36 -9.82 -2.65 10.03
C TRP A 36 -9.77 -2.72 8.51
N HIS A 37 -10.64 -1.95 7.86
CA HIS A 37 -10.91 -2.06 6.42
C HIS A 37 -11.32 -0.70 5.85
N THR A 38 -11.00 -0.45 4.57
CA THR A 38 -11.37 0.79 3.89
C THR A 38 -12.86 0.75 3.49
N THR A 39 -13.65 1.66 4.07
CA THR A 39 -15.09 1.79 3.82
C THR A 39 -15.36 2.71 2.62
N GLY A 40 -14.31 3.42 2.15
CA GLY A 40 -14.39 4.31 0.99
C GLY A 40 -13.00 4.69 0.50
N SER A 41 -12.60 4.11 -0.65
CA SER A 41 -11.27 4.34 -1.25
C SER A 41 -11.39 5.34 -2.41
N ARG A 42 -11.00 6.59 -2.14
CA ARG A 42 -10.75 7.60 -3.18
C ARG A 42 -9.37 7.34 -3.78
N VAL A 43 -9.31 7.14 -5.11
CA VAL A 43 -8.05 6.96 -5.86
C VAL A 43 -8.11 7.80 -7.15
N ASP A 44 -7.41 8.94 -7.17
CA ASP A 44 -7.21 9.74 -8.39
C ASP A 44 -5.71 9.71 -8.74
N LEU A 45 -5.32 8.58 -9.34
CA LEU A 45 -3.92 8.27 -9.67
C LEU A 45 -3.41 9.12 -10.84
N VAL A 46 -2.99 10.36 -10.53
CA VAL A 46 -2.24 11.25 -11.44
C VAL A 46 -1.23 12.06 -10.62
N VAL A 47 -0.26 12.70 -11.29
CA VAL A 47 0.73 13.57 -10.62
C VAL A 47 0.05 14.91 -10.25
N GLY A 48 -0.30 15.04 -8.97
CA GLY A 48 -1.07 16.16 -8.44
C GLY A 48 -2.43 15.71 -7.92
N GLY A 49 -2.80 14.45 -8.24
CA GLY A 49 -4.10 13.87 -7.85
C GLY A 49 -4.17 13.43 -6.40
N ARG A 50 -5.40 13.34 -5.88
CA ARG A 50 -5.66 13.06 -4.46
C ARG A 50 -6.13 11.61 -4.26
N PHE A 51 -5.87 11.07 -3.06
CA PHE A 51 -6.45 9.79 -2.61
C PHE A 51 -6.79 9.88 -1.11
N CYS A 52 -7.73 9.03 -0.68
CA CYS A 52 -8.11 8.87 0.72
C CYS A 52 -8.60 7.45 0.92
N HIS A 53 -8.13 6.77 1.97
CA HIS A 53 -8.58 5.42 2.31
C HIS A 53 -9.11 5.47 3.74
N HIS A 54 -10.45 5.62 3.88
CA HIS A 54 -11.08 5.67 5.19
C HIS A 54 -11.07 4.29 5.84
N MET A 55 -10.12 4.09 6.75
CA MET A 55 -10.03 2.86 7.55
C MET A 55 -11.06 2.94 8.69
N ALA A 56 -11.72 1.82 8.97
CA ALA A 56 -12.65 1.71 10.10
C ALA A 56 -12.65 0.28 10.63
N ALA A 57 -12.92 0.13 11.93
CA ALA A 57 -13.07 -1.19 12.56
C ALA A 57 -14.37 -1.87 12.11
N LYS A 58 -14.44 -3.20 12.27
CA LYS A 58 -15.66 -3.98 11.95
C LYS A 58 -16.54 -4.11 13.22
N ASP A 59 -15.86 -4.09 14.38
CA ASP A 59 -16.48 -4.24 15.72
C ASP A 59 -16.58 -2.89 16.43
N GLY A 60 -16.13 -1.83 15.74
CA GLY A 60 -16.14 -0.48 16.30
C GLY A 60 -16.28 0.58 15.23
N SER A 61 -16.83 1.74 15.61
CA SER A 61 -16.99 2.91 14.74
C SER A 61 -15.67 3.73 14.62
N ALA A 62 -14.64 3.28 15.39
CA ALA A 62 -13.27 3.84 15.36
C ALA A 62 -12.68 3.81 13.94
N GLY A 63 -12.01 4.92 13.55
CA GLY A 63 -11.53 5.10 12.19
C GLY A 63 -10.17 5.80 12.09
N PHE A 64 -9.57 5.71 10.89
CA PHE A 64 -8.27 6.31 10.55
C PHE A 64 -8.34 6.85 9.11
N ASP A 65 -8.02 8.13 8.93
CA ASP A 65 -7.90 8.74 7.59
C ASP A 65 -6.49 8.46 7.04
N PHE A 66 -6.42 7.81 5.87
CA PHE A 66 -5.15 7.52 5.16
C PHE A 66 -5.19 8.28 3.82
N THR A 67 -4.87 9.57 3.88
CA THR A 67 -5.06 10.51 2.76
C THR A 67 -3.73 11.20 2.38
N GLY A 68 -3.60 11.52 1.08
CA GLY A 68 -2.40 12.16 0.54
C GLY A 68 -2.56 12.61 -0.90
N THR A 69 -1.47 13.11 -1.50
CA THR A 69 -1.44 13.63 -2.87
C THR A 69 -0.27 12.99 -3.64
N PHE A 70 -0.56 12.35 -4.78
CA PHE A 70 0.47 11.69 -5.61
C PHE A 70 1.44 12.71 -6.20
N THR A 71 2.74 12.54 -5.93
CA THR A 71 3.82 13.42 -6.42
C THR A 71 4.51 12.81 -7.64
N ARG A 72 4.43 11.48 -7.75
CA ARG A 72 5.07 10.72 -8.84
C ARG A 72 4.23 9.48 -9.12
N VAL A 73 3.82 9.28 -10.38
CA VAL A 73 3.18 8.04 -10.82
C VAL A 73 4.07 7.40 -11.89
N GLU A 74 4.93 6.47 -11.47
CA GLU A 74 5.85 5.74 -12.36
C GLU A 74 5.32 4.31 -12.54
N ALA A 75 4.21 4.19 -13.29
CA ALA A 75 3.52 2.91 -13.48
C ALA A 75 4.35 1.94 -14.34
N PRO A 76 4.57 0.65 -13.89
CA PRO A 76 4.16 0.12 -12.57
C PRO A 76 5.33 0.02 -11.55
N THR A 77 6.50 0.60 -11.90
CA THR A 77 7.76 0.36 -11.18
C THR A 77 7.93 1.20 -9.90
N ARG A 78 7.07 2.20 -9.67
CA ARG A 78 7.18 3.10 -8.50
C ARG A 78 5.93 4.00 -8.37
N LEU A 79 5.57 4.32 -7.12
CA LEU A 79 4.51 5.27 -6.81
C LEU A 79 4.92 6.08 -5.58
N SER A 80 4.94 7.41 -5.71
CA SER A 80 5.30 8.30 -4.61
C SER A 80 4.18 9.32 -4.40
N PHE A 81 3.99 9.69 -3.14
CA PHE A 81 2.94 10.60 -2.70
C PHE A 81 3.28 11.19 -1.31
N VAL A 82 2.93 12.45 -1.10
CA VAL A 82 3.12 13.14 0.19
C VAL A 82 1.75 13.29 0.87
N MET A 83 1.66 12.84 2.13
CA MET A 83 0.42 12.85 2.93
C MET A 83 0.08 14.29 3.33
N ASP A 84 -1.18 14.52 3.71
CA ASP A 84 -1.66 15.83 4.23
C ASP A 84 -1.05 16.16 5.60
N ASP A 85 -0.44 15.14 6.26
CA ASP A 85 0.31 15.32 7.52
C ASP A 85 1.79 15.60 7.24
N GLY A 86 2.14 15.80 5.96
CA GLY A 86 3.51 16.11 5.53
C GLY A 86 4.41 14.87 5.42
N ARG A 87 3.87 13.69 5.77
CA ARG A 87 4.61 12.41 5.70
C ARG A 87 4.82 12.02 4.23
N GLU A 88 6.04 12.14 3.72
CA GLU A 88 6.35 11.75 2.34
C GLU A 88 6.49 10.22 2.30
N VAL A 89 5.94 9.60 1.26
CA VAL A 89 5.89 8.13 1.13
C VAL A 89 6.29 7.76 -0.30
N ASP A 90 7.25 6.84 -0.45
CA ASP A 90 7.75 6.43 -1.78
C ASP A 90 7.83 4.90 -1.85
N VAL A 91 6.85 4.32 -2.55
CA VAL A 91 6.73 2.88 -2.76
C VAL A 91 7.43 2.53 -4.08
N GLN A 92 8.22 1.46 -4.08
CA GLN A 92 9.03 1.05 -5.24
C GLN A 92 8.70 -0.41 -5.57
N PHE A 93 8.26 -0.67 -6.80
CA PHE A 93 7.92 -2.03 -7.26
C PHE A 93 9.03 -2.49 -8.24
N ALA A 94 9.91 -3.38 -7.78
CA ALA A 94 11.02 -3.89 -8.61
C ALA A 94 10.57 -5.15 -9.37
N SER A 95 10.52 -5.09 -10.71
CA SER A 95 10.21 -6.26 -11.55
C SER A 95 11.37 -7.27 -11.51
N GLU A 96 11.09 -8.48 -11.00
CA GLU A 96 12.11 -9.50 -10.65
C GLU A 96 11.88 -10.77 -11.49
N PRO A 97 12.96 -11.58 -11.80
CA PRO A 97 12.81 -12.85 -12.57
C PRO A 97 11.97 -13.92 -11.82
N GLY A 98 11.74 -13.71 -10.51
CA GLY A 98 10.91 -14.60 -9.69
C GLY A 98 9.60 -13.97 -9.19
N GLY A 99 9.44 -12.65 -9.39
CA GLY A 99 8.23 -11.95 -8.93
C GLY A 99 8.35 -10.43 -9.01
N THR A 100 8.02 -9.75 -7.90
CA THR A 100 8.09 -8.29 -7.76
C THR A 100 8.48 -7.95 -6.32
N TRP A 101 9.70 -7.43 -6.17
CA TRP A 101 10.25 -7.04 -4.87
C TRP A 101 9.82 -5.60 -4.54
N VAL A 102 8.78 -5.50 -3.70
CA VAL A 102 8.18 -4.21 -3.32
C VAL A 102 8.90 -3.64 -2.10
N GLN A 103 9.59 -2.53 -2.32
CA GLN A 103 10.20 -1.71 -1.27
C GLN A 103 9.30 -0.52 -0.99
N GLU A 104 9.52 0.12 0.14
CA GLU A 104 8.76 1.30 0.55
C GLU A 104 9.69 2.13 1.44
N THR A 105 9.68 3.45 1.30
CA THR A 105 10.45 4.36 2.14
C THR A 105 9.57 5.55 2.49
N PHE A 106 9.18 5.64 3.77
CA PHE A 106 8.27 6.67 4.24
C PHE A 106 9.00 7.55 5.27
N ASP A 107 8.91 8.87 5.06
CA ASP A 107 9.30 9.86 6.05
C ASP A 107 8.39 9.72 7.28
N ALA A 108 8.98 9.24 8.37
CA ALA A 108 8.27 8.93 9.60
C ALA A 108 8.18 10.16 10.51
N GLU A 109 7.54 9.97 11.65
CA GLU A 109 7.42 10.97 12.70
C GLU A 109 8.53 10.74 13.74
N THR A 110 9.34 11.78 14.01
CA THR A 110 10.32 11.75 15.11
C THR A 110 9.59 11.84 16.48
N SER A 111 8.28 12.18 16.43
CA SER A 111 7.39 12.21 17.60
C SER A 111 7.11 10.79 18.15
N HIS A 112 7.07 9.79 17.24
CA HIS A 112 6.86 8.37 17.61
C HIS A 112 8.17 7.57 17.43
N THR A 113 8.25 6.39 18.06
CA THR A 113 9.44 5.53 18.00
C THR A 113 9.55 4.83 16.61
N PRO A 114 10.72 4.98 15.89
CA PRO A 114 10.92 4.42 14.53
C PRO A 114 10.67 2.90 14.42
N ALA A 115 11.02 2.14 15.47
CA ALA A 115 10.79 0.68 15.52
C ALA A 115 9.29 0.33 15.42
N GLN A 116 8.46 1.08 16.14
CA GLN A 116 6.98 0.93 16.16
C GLN A 116 6.39 1.23 14.78
N GLN A 117 6.80 2.38 14.23
CA GLN A 117 6.29 2.90 12.94
C GLN A 117 6.66 1.95 11.78
N GLN A 118 7.89 1.42 11.84
CA GLN A 118 8.41 0.46 10.85
C GLN A 118 7.59 -0.83 10.88
N ALA A 119 7.34 -1.33 12.10
CA ALA A 119 6.54 -2.56 12.34
C ALA A 119 5.08 -2.40 11.87
N GLY A 120 4.57 -1.17 11.97
CA GLY A 120 3.20 -0.85 11.60
C GLY A 120 2.99 -0.84 10.09
N TRP A 121 3.82 -0.06 9.39
CA TRP A 121 3.79 0.02 7.92
C TRP A 121 4.20 -1.32 7.28
N GLN A 122 5.10 -2.07 7.95
CA GLN A 122 5.50 -3.42 7.50
C GLN A 122 4.37 -4.42 7.79
N GLY A 123 3.56 -4.14 8.81
CA GLY A 123 2.33 -4.91 9.06
C GLY A 123 1.34 -4.74 7.91
N ILE A 124 1.26 -3.50 7.39
CA ILE A 124 0.41 -3.13 6.24
C ILE A 124 0.98 -3.67 4.90
N LEU A 125 2.31 -3.63 4.75
CA LEU A 125 2.99 -4.03 3.50
C LEU A 125 3.01 -5.57 3.37
N ASP A 126 3.16 -6.24 4.53
CA ASP A 126 3.07 -7.70 4.65
C ASP A 126 1.60 -8.16 4.52
N ASN A 127 0.65 -7.27 4.90
CA ASN A 127 -0.80 -7.50 4.71
C ASN A 127 -1.12 -7.44 3.19
N PHE A 128 -0.50 -6.49 2.49
CA PHE A 128 -0.61 -6.34 1.03
C PHE A 128 0.04 -7.56 0.33
N LYS A 129 1.22 -7.96 0.83
CA LYS A 129 1.96 -9.12 0.31
C LYS A 129 1.08 -10.38 0.37
N ARG A 130 0.68 -10.74 1.60
CA ARG A 130 -0.06 -11.99 1.88
C ARG A 130 -1.44 -11.97 1.20
N TYR A 131 -1.98 -10.76 0.97
CA TYR A 131 -3.18 -10.58 0.16
C TYR A 131 -2.97 -11.15 -1.26
N VAL A 132 -1.93 -10.66 -1.95
CA VAL A 132 -1.64 -11.00 -3.36
C VAL A 132 -1.22 -12.49 -3.49
N GLU A 133 -0.49 -12.98 -2.47
CA GLU A 133 0.01 -14.37 -2.44
C GLU A 133 -1.13 -15.38 -2.22
N ALA A 134 -2.03 -15.06 -1.26
CA ALA A 134 -3.17 -15.95 -0.88
C ALA A 134 -4.28 -15.87 -1.93
N ALA A 135 -4.34 -14.73 -2.64
CA ALA A 135 -5.25 -14.53 -3.76
C ALA A 135 -4.83 -15.43 -4.93
N GLY A 136 -3.54 -15.32 -5.30
CA GLY A 136 -2.96 -16.07 -6.43
C GLY A 136 -3.12 -15.35 -7.75
N LEU A 137 -4.29 -14.68 -7.93
CA LEU A 137 -4.66 -13.89 -9.13
C LEU A 137 -4.66 -14.78 -10.39
N GLU A 138 -5.88 -15.11 -10.87
CA GLU A 138 -6.14 -16.23 -11.80
C GLU A 138 -5.34 -16.11 -13.12
N HIS A 139 -4.24 -16.88 -13.23
CA HIS A 139 -3.52 -17.07 -14.49
C HIS A 139 -4.33 -17.99 -15.38
N HIS A 140 -4.92 -17.41 -16.45
CA HIS A 140 -5.75 -18.12 -17.42
C HIS A 140 -6.99 -18.71 -16.72
N HIS A 141 -7.94 -17.82 -16.42
CA HIS A 141 -9.15 -18.16 -15.66
C HIS A 141 -10.02 -19.15 -16.44
N HIS A 142 -10.23 -18.87 -17.73
CA HIS A 142 -10.96 -19.76 -18.63
C HIS A 142 -10.18 -21.05 -18.88
N HIS A 143 -8.82 -20.93 -18.89
CA HIS A 143 -7.86 -22.04 -19.19
C HIS A 143 -8.28 -22.84 -20.44
N HIS A 144 -7.74 -24.05 -20.58
CA HIS A 144 -8.17 -24.98 -21.64
C HIS A 144 -8.97 -26.13 -20.96
N MET A 1 15.35 11.66 8.91
CA MET A 1 15.56 10.20 8.74
C MET A 1 14.40 9.59 7.95
N LYS A 2 14.74 8.72 6.98
CA LYS A 2 13.77 7.92 6.24
C LYS A 2 14.07 6.43 6.45
N ILE A 3 13.03 5.69 6.89
CA ILE A 3 13.08 4.24 7.07
C ILE A 3 12.75 3.57 5.72
N SER A 4 13.51 2.53 5.38
CA SER A 4 13.34 1.77 4.14
C SER A 4 12.99 0.30 4.47
N ILE A 5 11.83 -0.18 3.98
CA ILE A 5 11.40 -1.59 4.11
C ILE A 5 11.17 -2.21 2.72
N GLU A 6 10.93 -3.54 2.69
CA GLU A 6 10.75 -4.29 1.42
C GLU A 6 9.84 -5.53 1.57
N ALA A 7 9.47 -6.10 0.41
CA ALA A 7 8.75 -7.40 0.29
C ALA A 7 8.84 -7.90 -1.15
N HIS A 8 9.30 -9.16 -1.36
CA HIS A 8 9.44 -9.73 -2.71
C HIS A 8 8.20 -10.56 -3.05
N ILE A 9 7.17 -9.90 -3.57
CA ILE A 9 5.91 -10.57 -3.97
C ILE A 9 6.16 -11.36 -5.26
N GLU A 10 6.00 -12.69 -5.22
CA GLU A 10 6.21 -13.56 -6.39
C GLU A 10 5.01 -13.41 -7.34
N GLN A 11 5.06 -12.35 -8.16
CA GLN A 11 3.97 -11.96 -9.03
C GLN A 11 4.47 -11.00 -10.12
N GLU A 12 3.62 -10.79 -11.16
CA GLU A 12 3.83 -9.76 -12.19
C GLU A 12 3.65 -8.36 -11.58
N ILE A 13 4.46 -7.39 -12.03
CA ILE A 13 4.41 -6.00 -11.53
C ILE A 13 3.07 -5.32 -11.92
N GLU A 14 2.46 -5.81 -13.02
CA GLU A 14 1.12 -5.39 -13.46
C GLU A 14 0.06 -5.81 -12.43
N ALA A 15 0.19 -7.06 -11.97
CA ALA A 15 -0.77 -7.69 -11.04
C ALA A 15 -0.61 -7.15 -9.60
N VAL A 16 0.64 -6.86 -9.22
CA VAL A 16 0.97 -6.23 -7.93
C VAL A 16 0.37 -4.81 -7.90
N TRP A 17 0.65 -4.01 -8.95
CA TRP A 17 0.14 -2.64 -9.08
C TRP A 17 -1.39 -2.62 -9.16
N TRP A 18 -1.97 -3.59 -9.87
CA TRP A 18 -3.43 -3.70 -10.03
C TRP A 18 -4.12 -3.85 -8.67
N ALA A 19 -3.64 -4.81 -7.87
CA ALA A 19 -4.17 -5.06 -6.51
C ALA A 19 -3.93 -3.85 -5.58
N TRP A 20 -2.82 -3.13 -5.83
CA TRP A 20 -2.44 -1.92 -5.06
C TRP A 20 -3.42 -0.76 -5.35
N ASN A 21 -3.95 -0.73 -6.59
CA ASN A 21 -4.76 0.38 -7.12
C ASN A 21 -6.28 0.07 -7.06
N ASP A 22 -6.65 -1.24 -7.12
CA ASP A 22 -8.05 -1.70 -7.29
C ASP A 22 -8.86 -1.50 -5.99
N PRO A 23 -10.00 -0.73 -6.03
CA PRO A 23 -10.80 -0.40 -4.81
C PRO A 23 -11.35 -1.63 -4.06
N ASP A 24 -11.75 -2.69 -4.80
CA ASP A 24 -12.32 -3.92 -4.20
C ASP A 24 -11.23 -4.74 -3.51
N CYS A 25 -10.03 -4.73 -4.09
CA CYS A 25 -8.85 -5.38 -3.51
C CYS A 25 -8.44 -4.65 -2.23
N ILE A 26 -8.28 -3.31 -2.33
CA ILE A 26 -7.90 -2.41 -1.23
C ILE A 26 -8.86 -2.52 -0.03
N ALA A 27 -10.14 -2.74 -0.33
CA ALA A 27 -11.18 -2.90 0.71
C ALA A 27 -10.90 -4.11 1.62
N ARG A 28 -10.19 -5.11 1.06
CA ARG A 28 -9.82 -6.34 1.77
C ARG A 28 -8.48 -6.18 2.52
N TRP A 29 -7.40 -5.79 1.78
CA TRP A 29 -6.08 -5.52 2.43
C TRP A 29 -6.04 -4.08 2.99
N ASN A 30 -4.83 -3.59 3.38
CA ASN A 30 -4.55 -2.19 3.77
C ASN A 30 -4.93 -1.88 5.23
N ALA A 31 -6.11 -2.39 5.67
CA ALA A 31 -6.55 -2.28 7.06
C ALA A 31 -5.48 -2.86 8.01
N ALA A 32 -5.10 -2.05 9.02
CA ALA A 32 -4.00 -2.37 9.96
C ALA A 32 -4.24 -3.69 10.73
N SER A 33 -5.52 -4.07 10.87
CA SER A 33 -5.93 -5.30 11.56
C SER A 33 -7.34 -5.72 11.09
N SER A 34 -7.81 -6.88 11.59
CA SER A 34 -9.19 -7.36 11.34
C SER A 34 -10.20 -6.53 12.16
N ASP A 35 -9.70 -5.95 13.27
CA ASP A 35 -10.47 -5.04 14.13
C ASP A 35 -10.83 -3.78 13.36
N TRP A 36 -9.91 -3.37 12.46
CA TRP A 36 -10.09 -2.20 11.60
C TRP A 36 -10.59 -2.66 10.22
N HIS A 37 -11.35 -1.81 9.53
CA HIS A 37 -11.98 -2.15 8.25
C HIS A 37 -11.76 -1.01 7.28
N THR A 38 -11.14 -1.29 6.11
CA THR A 38 -11.10 -0.33 5.01
C THR A 38 -12.54 -0.21 4.45
N THR A 39 -13.21 0.88 4.84
CA THR A 39 -14.65 1.11 4.58
C THR A 39 -14.86 1.73 3.19
N GLY A 40 -13.84 2.45 2.74
CA GLY A 40 -13.84 3.10 1.44
C GLY A 40 -12.50 3.76 1.18
N SER A 41 -12.06 3.76 -0.09
CA SER A 41 -10.82 4.41 -0.50
C SER A 41 -11.02 5.12 -1.84
N ARG A 42 -10.53 6.36 -1.92
CA ARG A 42 -10.36 7.10 -3.18
C ARG A 42 -8.89 6.95 -3.60
N VAL A 43 -8.64 6.86 -4.91
CA VAL A 43 -7.28 6.87 -5.49
C VAL A 43 -7.31 7.69 -6.78
N ASP A 44 -6.84 8.95 -6.71
CA ASP A 44 -6.76 9.82 -7.90
C ASP A 44 -5.36 9.66 -8.48
N LEU A 45 -5.16 8.54 -9.22
CA LEU A 45 -3.84 8.04 -9.65
C LEU A 45 -3.27 8.88 -10.84
N VAL A 46 -2.98 10.16 -10.54
CA VAL A 46 -2.44 11.18 -11.44
C VAL A 46 -1.48 12.07 -10.64
N VAL A 47 -0.49 12.68 -11.31
CA VAL A 47 0.46 13.60 -10.65
C VAL A 47 -0.28 14.90 -10.27
N GLY A 48 -0.56 15.05 -8.98
CA GLY A 48 -1.32 16.17 -8.44
C GLY A 48 -2.58 15.70 -7.74
N GLY A 49 -3.04 14.50 -8.10
CA GLY A 49 -4.18 13.88 -7.43
C GLY A 49 -3.83 13.37 -6.04
N ARG A 50 -4.83 12.93 -5.29
CA ARG A 50 -4.63 12.40 -3.92
C ARG A 50 -5.44 11.12 -3.71
N PHE A 51 -4.92 10.24 -2.86
CA PHE A 51 -5.66 9.07 -2.39
C PHE A 51 -5.99 9.25 -0.91
N CYS A 52 -6.98 8.49 -0.44
CA CYS A 52 -7.39 8.52 0.95
C CYS A 52 -8.13 7.22 1.28
N HIS A 53 -7.59 6.44 2.23
CA HIS A 53 -8.15 5.15 2.64
C HIS A 53 -8.79 5.30 4.01
N HIS A 54 -10.12 5.45 4.05
CA HIS A 54 -10.85 5.58 5.29
C HIS A 54 -10.95 4.19 5.95
N MET A 55 -10.45 4.12 7.17
CA MET A 55 -10.42 2.92 7.99
C MET A 55 -11.26 3.20 9.24
N ALA A 56 -11.98 2.20 9.72
CA ALA A 56 -12.75 2.30 10.96
C ALA A 56 -12.94 0.93 11.59
N ALA A 57 -12.76 0.87 12.91
CA ALA A 57 -13.10 -0.31 13.70
C ALA A 57 -14.62 -0.55 13.66
N LYS A 58 -15.06 -1.82 13.88
CA LYS A 58 -16.43 -2.29 13.58
C LYS A 58 -17.56 -1.42 14.18
N ASP A 59 -17.42 -0.97 15.44
CA ASP A 59 -18.46 -0.14 16.10
C ASP A 59 -18.46 1.28 15.51
N GLY A 60 -17.30 1.70 14.98
CA GLY A 60 -17.10 3.04 14.42
C GLY A 60 -16.55 4.02 15.46
N SER A 61 -16.01 3.45 16.55
CA SER A 61 -15.50 4.21 17.71
C SER A 61 -14.11 4.79 17.43
N ALA A 62 -13.27 4.02 16.73
CA ALA A 62 -11.92 4.44 16.31
C ALA A 62 -11.83 4.48 14.78
N GLY A 63 -11.38 5.62 14.24
CA GLY A 63 -11.24 5.82 12.79
C GLY A 63 -9.93 6.49 12.43
N PHE A 64 -9.47 6.25 11.19
CA PHE A 64 -8.18 6.74 10.66
C PHE A 64 -8.33 6.99 9.15
N ASP A 65 -7.67 8.04 8.64
CA ASP A 65 -7.69 8.37 7.20
C ASP A 65 -6.25 8.31 6.67
N PHE A 66 -5.94 7.29 5.84
CA PHE A 66 -4.61 7.11 5.25
C PHE A 66 -4.56 7.86 3.91
N THR A 67 -4.14 9.13 3.98
CA THR A 67 -4.07 10.02 2.81
C THR A 67 -2.66 10.06 2.19
N GLY A 68 -2.57 10.63 0.98
CA GLY A 68 -1.29 10.81 0.29
C GLY A 68 -1.47 11.40 -1.09
N THR A 69 -0.94 12.61 -1.31
CA THR A 69 -1.04 13.31 -2.59
C THR A 69 0.09 12.82 -3.51
N PHE A 70 -0.28 12.31 -4.68
CA PHE A 70 0.66 11.80 -5.68
C PHE A 70 1.53 12.95 -6.22
N THR A 71 2.81 12.89 -5.87
CA THR A 71 3.81 13.86 -6.34
C THR A 71 4.40 13.41 -7.68
N ARG A 72 4.38 12.08 -7.91
CA ARG A 72 4.81 11.47 -9.17
C ARG A 72 4.26 10.03 -9.27
N VAL A 73 3.59 9.72 -10.39
CA VAL A 73 3.03 8.38 -10.66
C VAL A 73 3.89 7.71 -11.76
N GLU A 74 4.75 6.78 -11.35
CA GLU A 74 5.63 6.03 -12.27
C GLU A 74 5.03 4.64 -12.51
N ALA A 75 3.76 4.57 -12.96
CA ALA A 75 3.03 3.30 -13.08
C ALA A 75 3.65 2.38 -14.16
N PRO A 76 3.95 1.06 -13.86
CA PRO A 76 3.80 0.42 -12.52
C PRO A 76 5.13 0.34 -11.73
N THR A 77 6.15 1.04 -12.24
CA THR A 77 7.54 0.96 -11.81
C THR A 77 7.76 1.50 -10.36
N ARG A 78 6.98 2.54 -9.98
CA ARG A 78 7.14 3.23 -8.69
C ARG A 78 5.92 4.13 -8.40
N LEU A 79 5.73 4.48 -7.12
CA LEU A 79 4.67 5.40 -6.71
C LEU A 79 5.21 6.38 -5.65
N SER A 80 5.26 7.66 -6.01
CA SER A 80 5.73 8.75 -5.14
C SER A 80 4.53 9.54 -4.64
N PHE A 81 4.42 9.71 -3.31
CA PHE A 81 3.34 10.49 -2.70
C PHE A 81 3.78 11.04 -1.34
N VAL A 82 3.10 12.11 -0.89
CA VAL A 82 3.33 12.75 0.40
C VAL A 82 1.98 12.87 1.11
N MET A 83 1.90 12.38 2.35
CA MET A 83 0.69 12.48 3.18
C MET A 83 0.49 13.96 3.54
N ASP A 84 -0.77 14.39 3.76
CA ASP A 84 -1.08 15.83 4.02
C ASP A 84 -0.53 16.29 5.40
N ASP A 85 -0.09 15.31 6.22
CA ASP A 85 0.53 15.54 7.53
C ASP A 85 2.06 15.80 7.35
N GLY A 86 2.53 15.79 6.08
CA GLY A 86 3.93 16.07 5.72
C GLY A 86 4.75 14.81 5.44
N ARG A 87 4.25 13.65 5.90
CA ARG A 87 5.01 12.37 5.89
C ARG A 87 5.09 11.77 4.48
N GLU A 88 6.29 11.82 3.88
CA GLU A 88 6.53 11.40 2.48
C GLU A 88 6.81 9.89 2.46
N VAL A 89 6.13 9.18 1.53
CA VAL A 89 6.23 7.72 1.38
C VAL A 89 6.40 7.39 -0.12
N ASP A 90 7.36 6.54 -0.44
CA ASP A 90 7.69 6.16 -1.82
C ASP A 90 7.68 4.64 -1.93
N VAL A 91 6.67 4.08 -2.60
CA VAL A 91 6.55 2.63 -2.78
C VAL A 91 7.06 2.26 -4.18
N GLN A 92 8.23 1.63 -4.22
CA GLN A 92 8.98 1.34 -5.44
C GLN A 92 8.75 -0.14 -5.80
N PHE A 93 8.25 -0.40 -7.02
CA PHE A 93 7.92 -1.77 -7.48
C PHE A 93 8.98 -2.23 -8.48
N ALA A 94 9.96 -3.01 -8.00
CA ALA A 94 11.11 -3.46 -8.81
C ALA A 94 10.88 -4.87 -9.34
N SER A 95 10.40 -4.97 -10.60
CA SER A 95 10.21 -6.26 -11.27
C SER A 95 11.56 -7.01 -11.40
N GLU A 96 11.57 -8.29 -11.00
CA GLU A 96 12.80 -9.09 -10.85
C GLU A 96 12.53 -10.52 -11.37
N PRO A 97 13.60 -11.30 -11.74
CA PRO A 97 13.45 -12.73 -12.09
C PRO A 97 13.05 -13.57 -10.85
N GLY A 98 11.72 -13.61 -10.59
CA GLY A 98 11.18 -14.32 -9.41
C GLY A 98 9.99 -13.61 -8.77
N GLY A 99 9.76 -12.32 -9.12
CA GLY A 99 8.58 -11.60 -8.65
C GLY A 99 8.72 -10.09 -8.74
N THR A 100 8.49 -9.40 -7.62
CA THR A 100 8.53 -7.93 -7.54
C THR A 100 9.06 -7.52 -6.15
N TRP A 101 10.25 -6.90 -6.13
CA TRP A 101 10.84 -6.32 -4.91
C TRP A 101 10.19 -4.95 -4.66
N VAL A 102 9.20 -4.94 -3.78
CA VAL A 102 8.47 -3.74 -3.39
C VAL A 102 9.23 -3.08 -2.23
N GLN A 103 10.02 -2.07 -2.60
CA GLN A 103 10.91 -1.33 -1.69
C GLN A 103 10.24 0.01 -1.35
N GLU A 104 9.74 0.13 -0.12
CA GLU A 104 9.09 1.34 0.38
C GLU A 104 10.09 2.16 1.23
N THR A 105 10.02 3.49 1.12
CA THR A 105 10.83 4.41 1.93
C THR A 105 9.95 5.59 2.41
N PHE A 106 9.84 5.74 3.73
CA PHE A 106 8.97 6.71 4.38
C PHE A 106 9.75 7.39 5.51
N ASP A 107 9.50 8.69 5.77
CA ASP A 107 10.23 9.41 6.84
C ASP A 107 9.62 9.15 8.22
N ALA A 108 10.50 9.22 9.24
CA ALA A 108 10.13 8.93 10.63
C ALA A 108 9.49 10.18 11.28
N GLU A 109 8.43 9.95 12.05
CA GLU A 109 7.59 10.97 12.69
C GLU A 109 7.97 11.11 14.17
N THR A 110 7.86 12.33 14.73
CA THR A 110 8.22 12.58 16.13
C THR A 110 7.08 12.21 17.11
N SER A 111 5.83 12.11 16.61
CA SER A 111 4.65 11.74 17.44
C SER A 111 4.70 10.25 17.83
N HIS A 112 4.85 9.39 16.80
CA HIS A 112 5.01 7.93 16.97
C HIS A 112 6.44 7.55 16.61
N THR A 113 7.09 6.73 17.47
CA THR A 113 8.52 6.36 17.30
C THR A 113 8.71 5.49 16.03
N PRO A 114 9.94 5.53 15.38
CA PRO A 114 10.28 4.72 14.17
C PRO A 114 9.88 3.23 14.30
N ALA A 115 10.02 2.68 15.51
CA ALA A 115 9.61 1.29 15.83
C ALA A 115 8.11 1.06 15.54
N GLN A 116 7.26 1.95 16.08
CA GLN A 116 5.78 1.85 15.92
C GLN A 116 5.39 1.94 14.44
N GLN A 117 5.96 2.97 13.77
CA GLN A 117 5.71 3.27 12.37
C GLN A 117 6.05 2.08 11.49
N GLN A 118 7.33 1.65 11.54
CA GLN A 118 7.86 0.58 10.69
C GLN A 118 7.09 -0.74 10.90
N ALA A 119 6.62 -0.97 12.14
CA ALA A 119 5.76 -2.14 12.46
C ALA A 119 4.39 -2.03 11.77
N GLY A 120 3.87 -0.79 11.69
CA GLY A 120 2.60 -0.51 11.01
C GLY A 120 2.68 -0.73 9.51
N TRP A 121 3.65 -0.06 8.87
CA TRP A 121 3.86 -0.13 7.41
C TRP A 121 4.22 -1.56 6.96
N GLN A 122 5.14 -2.21 7.69
CA GLN A 122 5.55 -3.61 7.42
C GLN A 122 4.33 -4.54 7.54
N GLY A 123 3.47 -4.28 8.54
CA GLY A 123 2.22 -5.04 8.73
C GLY A 123 1.28 -4.95 7.54
N ILE A 124 1.13 -3.72 7.00
CA ILE A 124 0.28 -3.44 5.82
C ILE A 124 0.90 -4.06 4.54
N LEU A 125 2.23 -4.09 4.50
CA LEU A 125 3.01 -4.57 3.34
C LEU A 125 2.97 -6.10 3.25
N ASP A 126 3.07 -6.78 4.40
CA ASP A 126 2.91 -8.24 4.52
C ASP A 126 1.44 -8.64 4.27
N ASN A 127 0.51 -7.77 4.66
CA ASN A 127 -0.94 -8.01 4.47
C ASN A 127 -1.31 -7.89 2.98
N PHE A 128 -0.60 -6.97 2.28
CA PHE A 128 -0.73 -6.77 0.83
C PHE A 128 -0.10 -7.96 0.08
N LYS A 129 1.15 -8.29 0.46
CA LYS A 129 1.94 -9.39 -0.14
C LYS A 129 1.18 -10.72 -0.04
N ARG A 130 0.70 -11.01 1.18
CA ARG A 130 -0.08 -12.24 1.47
C ARG A 130 -1.34 -12.32 0.60
N TYR A 131 -1.98 -11.16 0.38
CA TYR A 131 -3.18 -11.05 -0.45
C TYR A 131 -2.88 -11.44 -1.91
N VAL A 132 -1.86 -10.80 -2.50
CA VAL A 132 -1.51 -10.96 -3.92
C VAL A 132 -0.97 -12.37 -4.21
N GLU A 133 -0.08 -12.85 -3.32
CA GLU A 133 0.55 -14.17 -3.39
C GLU A 133 -0.53 -15.28 -3.34
N ALA A 134 -1.42 -15.20 -2.33
CA ALA A 134 -2.47 -16.23 -2.10
C ALA A 134 -3.54 -16.19 -3.20
N ALA A 135 -3.79 -14.99 -3.73
CA ALA A 135 -4.76 -14.77 -4.84
C ALA A 135 -4.25 -15.39 -6.14
N GLY A 136 -2.91 -15.38 -6.30
CA GLY A 136 -2.25 -15.97 -7.47
C GLY A 136 -2.64 -15.26 -8.75
N LEU A 137 -2.43 -13.93 -8.77
CA LEU A 137 -2.87 -13.03 -9.86
C LEU A 137 -2.08 -13.21 -11.18
N GLU A 138 -1.24 -14.27 -11.24
CA GLU A 138 -0.54 -14.72 -12.47
C GLU A 138 -1.46 -15.54 -13.40
N HIS A 139 -2.76 -15.67 -13.04
CA HIS A 139 -3.71 -16.47 -13.81
C HIS A 139 -3.89 -15.91 -15.24
N HIS A 140 -3.09 -16.48 -16.16
CA HIS A 140 -3.18 -16.20 -17.60
C HIS A 140 -4.24 -17.11 -18.22
N HIS A 141 -4.51 -16.91 -19.53
CA HIS A 141 -5.54 -17.66 -20.29
C HIS A 141 -6.93 -17.40 -19.66
N HIS A 142 -7.55 -16.29 -20.05
CA HIS A 142 -8.84 -15.85 -19.50
C HIS A 142 -9.49 -14.77 -20.41
N HIS A 143 -10.68 -14.29 -20.01
CA HIS A 143 -11.47 -13.30 -20.77
C HIS A 143 -12.54 -12.67 -19.86
N HIS A 144 -13.43 -13.52 -19.31
CA HIS A 144 -14.57 -13.13 -18.45
C HIS A 144 -14.91 -14.33 -17.53
N MET A 1 11.46 11.83 9.42
CA MET A 1 12.40 10.70 9.53
C MET A 1 11.90 9.54 8.67
N LYS A 2 12.43 9.43 7.43
CA LYS A 2 11.98 8.42 6.46
C LYS A 2 12.59 7.05 6.78
N ILE A 3 11.76 6.01 6.68
CA ILE A 3 12.12 4.61 6.96
C ILE A 3 11.75 3.77 5.74
N SER A 4 12.67 2.93 5.28
CA SER A 4 12.44 1.99 4.18
C SER A 4 12.13 0.60 4.75
N ILE A 5 11.06 0.00 4.25
CA ILE A 5 10.69 -1.39 4.50
C ILE A 5 10.66 -2.13 3.16
N GLU A 6 10.61 -3.47 3.19
CA GLU A 6 10.70 -4.29 1.97
C GLU A 6 9.88 -5.59 2.08
N ALA A 7 9.50 -6.15 0.92
CA ALA A 7 8.81 -7.44 0.79
C ALA A 7 8.79 -7.86 -0.68
N HIS A 8 9.35 -9.06 -1.00
CA HIS A 8 9.41 -9.56 -2.40
C HIS A 8 8.25 -10.55 -2.62
N ILE A 9 7.19 -10.03 -3.24
CA ILE A 9 6.01 -10.83 -3.62
C ILE A 9 6.39 -11.71 -4.82
N GLU A 10 6.13 -13.03 -4.74
CA GLU A 10 6.41 -13.98 -5.85
C GLU A 10 5.32 -13.86 -6.95
N GLN A 11 5.26 -12.67 -7.57
CA GLN A 11 4.21 -12.31 -8.53
C GLN A 11 4.71 -11.15 -9.41
N GLU A 12 4.14 -11.05 -10.63
CA GLU A 12 4.51 -10.03 -11.63
C GLU A 12 4.21 -8.61 -11.11
N ILE A 13 5.07 -7.67 -11.49
CA ILE A 13 4.99 -6.25 -11.06
C ILE A 13 3.66 -5.59 -11.46
N GLU A 14 3.13 -6.03 -12.63
CA GLU A 14 1.85 -5.52 -13.16
C GLU A 14 0.66 -6.05 -12.34
N ALA A 15 0.73 -7.34 -11.94
CA ALA A 15 -0.34 -7.97 -11.16
C ALA A 15 -0.39 -7.43 -9.72
N VAL A 16 0.81 -7.19 -9.17
CA VAL A 16 0.99 -6.49 -7.88
C VAL A 16 0.44 -5.05 -7.97
N TRP A 17 0.69 -4.40 -9.13
CA TRP A 17 0.29 -3.00 -9.37
C TRP A 17 -1.24 -2.83 -9.44
N TRP A 18 -1.96 -3.67 -10.22
CA TRP A 18 -3.42 -3.52 -10.35
C TRP A 18 -4.13 -3.93 -9.05
N ALA A 19 -3.50 -4.86 -8.29
CA ALA A 19 -3.94 -5.21 -6.92
C ALA A 19 -3.77 -4.03 -5.95
N TRP A 20 -2.74 -3.19 -6.24
CA TRP A 20 -2.46 -1.96 -5.47
C TRP A 20 -3.44 -0.82 -5.89
N ASN A 21 -3.80 -0.81 -7.18
CA ASN A 21 -4.55 0.31 -7.82
C ASN A 21 -6.08 0.14 -7.59
N ASP A 22 -6.54 -1.12 -7.64
CA ASP A 22 -7.98 -1.47 -7.70
C ASP A 22 -8.73 -0.94 -6.46
N PRO A 23 -9.75 -0.05 -6.62
CA PRO A 23 -10.49 0.57 -5.48
C PRO A 23 -11.21 -0.47 -4.60
N ASP A 24 -11.74 -1.53 -5.22
CA ASP A 24 -12.42 -2.62 -4.50
C ASP A 24 -11.40 -3.48 -3.73
N CYS A 25 -10.16 -3.54 -4.25
CA CYS A 25 -9.04 -4.21 -3.56
C CYS A 25 -8.56 -3.36 -2.38
N ILE A 26 -8.53 -2.01 -2.53
CA ILE A 26 -8.24 -1.06 -1.43
C ILE A 26 -9.19 -1.32 -0.24
N ALA A 27 -10.45 -1.65 -0.56
CA ALA A 27 -11.47 -2.02 0.45
C ALA A 27 -11.10 -3.34 1.19
N ARG A 28 -10.38 -4.23 0.49
CA ARG A 28 -9.98 -5.56 1.04
C ARG A 28 -8.73 -5.41 1.93
N TRP A 29 -7.60 -4.89 1.38
CA TRP A 29 -6.36 -4.60 2.16
C TRP A 29 -6.38 -3.12 2.63
N ASN A 30 -5.18 -2.50 2.77
CA ASN A 30 -4.97 -1.09 3.26
C ASN A 30 -4.98 -1.10 4.79
N ALA A 31 -6.06 -1.64 5.37
CA ALA A 31 -6.08 -2.07 6.76
C ALA A 31 -5.57 -3.52 6.80
N ALA A 32 -4.40 -3.72 7.45
CA ALA A 32 -3.82 -5.06 7.65
C ALA A 32 -4.62 -5.82 8.70
N SER A 33 -4.79 -5.19 9.86
CA SER A 33 -5.53 -5.72 11.00
C SER A 33 -7.01 -5.93 10.67
N SER A 34 -7.52 -7.13 10.98
CA SER A 34 -8.91 -7.55 10.70
C SER A 34 -9.93 -6.85 11.63
N ASP A 35 -9.44 -6.13 12.66
CA ASP A 35 -10.27 -5.29 13.55
C ASP A 35 -10.72 -4.01 12.83
N TRP A 36 -9.99 -3.65 11.77
CA TRP A 36 -10.26 -2.46 10.93
C TRP A 36 -10.46 -2.90 9.48
N HIS A 37 -10.90 -1.97 8.63
CA HIS A 37 -11.19 -2.24 7.21
C HIS A 37 -11.51 -0.90 6.52
N THR A 38 -11.09 -0.75 5.26
CA THR A 38 -11.35 0.47 4.48
C THR A 38 -12.85 0.52 4.07
N THR A 39 -13.61 1.41 4.71
CA THR A 39 -15.07 1.55 4.52
C THR A 39 -15.38 2.41 3.29
N GLY A 40 -14.45 3.29 2.96
CA GLY A 40 -14.56 4.19 1.81
C GLY A 40 -13.20 4.74 1.44
N SER A 41 -13.03 5.13 0.18
CA SER A 41 -11.75 5.64 -0.32
C SER A 41 -11.90 6.34 -1.68
N ARG A 42 -11.39 7.58 -1.79
CA ARG A 42 -11.16 8.22 -3.08
C ARG A 42 -9.74 7.86 -3.54
N VAL A 43 -9.59 7.58 -4.84
CA VAL A 43 -8.29 7.26 -5.46
C VAL A 43 -8.23 8.03 -6.80
N ASP A 44 -7.46 9.12 -6.84
CA ASP A 44 -7.21 9.90 -8.08
C ASP A 44 -5.76 9.69 -8.48
N LEU A 45 -5.46 8.49 -8.99
CA LEU A 45 -4.10 8.07 -9.34
C LEU A 45 -3.60 8.77 -10.61
N VAL A 46 -3.22 10.04 -10.43
CA VAL A 46 -2.61 10.91 -11.46
C VAL A 46 -1.58 11.81 -10.76
N VAL A 47 -0.72 12.47 -11.56
CA VAL A 47 0.27 13.42 -11.04
C VAL A 47 -0.44 14.72 -10.62
N GLY A 48 -0.57 14.91 -9.30
CA GLY A 48 -1.29 16.05 -8.71
C GLY A 48 -2.65 15.65 -8.16
N GLY A 49 -3.03 14.38 -8.36
CA GLY A 49 -4.30 13.84 -7.87
C GLY A 49 -4.21 13.38 -6.43
N ARG A 50 -5.31 13.53 -5.70
CA ARG A 50 -5.36 13.27 -4.25
C ARG A 50 -5.97 11.88 -3.99
N PHE A 51 -5.84 11.39 -2.75
CA PHE A 51 -6.49 10.15 -2.30
C PHE A 51 -6.73 10.22 -0.79
N CYS A 52 -7.69 9.43 -0.32
CA CYS A 52 -8.07 9.33 1.10
C CYS A 52 -8.62 7.92 1.33
N HIS A 53 -8.10 7.20 2.34
CA HIS A 53 -8.55 5.83 2.68
C HIS A 53 -9.17 5.83 4.08
N HIS A 54 -10.51 5.97 4.16
CA HIS A 54 -11.23 5.91 5.44
C HIS A 54 -11.15 4.48 6.00
N MET A 55 -10.26 4.30 6.98
CA MET A 55 -10.01 3.02 7.64
C MET A 55 -10.83 2.97 8.94
N ALA A 56 -11.93 2.23 8.89
CA ALA A 56 -12.94 2.17 9.97
C ALA A 56 -12.97 0.78 10.58
N ALA A 57 -13.43 0.66 11.83
CA ALA A 57 -13.47 -0.62 12.54
C ALA A 57 -14.71 -1.46 12.13
N LYS A 58 -14.70 -2.76 12.49
CA LYS A 58 -15.72 -3.75 12.05
C LYS A 58 -17.09 -3.43 12.68
N ASP A 59 -17.16 -3.41 14.02
CA ASP A 59 -18.37 -3.01 14.76
C ASP A 59 -18.21 -1.59 15.32
N GLY A 60 -16.95 -1.10 15.34
CA GLY A 60 -16.63 0.22 15.85
C GLY A 60 -16.76 1.29 14.78
N SER A 61 -17.45 2.38 15.10
CA SER A 61 -17.71 3.49 14.17
C SER A 61 -16.54 4.50 14.12
N ALA A 62 -15.43 4.20 14.83
CA ALA A 62 -14.17 4.97 14.75
C ALA A 62 -13.50 4.73 13.39
N GLY A 63 -12.72 5.72 12.93
CA GLY A 63 -12.14 5.69 11.59
C GLY A 63 -10.95 6.63 11.44
N PHE A 64 -9.78 6.06 11.16
CA PHE A 64 -8.56 6.82 10.82
C PHE A 64 -8.44 6.92 9.28
N ASP A 65 -8.46 8.15 8.74
CA ASP A 65 -8.37 8.38 7.29
C ASP A 65 -6.90 8.56 6.86
N PHE A 66 -6.50 7.82 5.80
CA PHE A 66 -5.14 7.85 5.24
C PHE A 66 -5.16 8.73 3.97
N THR A 67 -4.95 10.04 4.18
CA THR A 67 -4.99 11.04 3.10
C THR A 67 -3.63 11.18 2.40
N GLY A 68 -3.62 11.94 1.29
CA GLY A 68 -2.40 12.25 0.56
C GLY A 68 -2.66 12.77 -0.85
N THR A 69 -1.57 13.02 -1.58
CA THR A 69 -1.60 13.43 -2.98
C THR A 69 -0.42 12.77 -3.73
N PHE A 70 -0.74 12.06 -4.84
CA PHE A 70 0.27 11.43 -5.69
C PHE A 70 1.14 12.49 -6.38
N THR A 71 2.42 12.53 -5.99
CA THR A 71 3.38 13.52 -6.48
C THR A 71 3.99 13.06 -7.82
N ARG A 72 4.08 11.74 -8.01
CA ARG A 72 4.67 11.13 -9.21
C ARG A 72 4.19 9.70 -9.34
N VAL A 73 3.62 9.35 -10.50
CA VAL A 73 3.17 7.99 -10.79
C VAL A 73 4.02 7.40 -11.92
N GLU A 74 4.99 6.56 -11.55
CA GLU A 74 5.90 5.90 -12.51
C GLU A 74 5.50 4.42 -12.56
N ALA A 75 4.32 4.18 -13.16
CA ALA A 75 3.66 2.88 -13.13
C ALA A 75 4.28 1.89 -14.14
N PRO A 76 4.43 0.57 -13.79
CA PRO A 76 4.08 -0.01 -12.47
C PRO A 76 5.28 -0.07 -11.49
N THR A 77 6.38 0.59 -11.85
CA THR A 77 7.69 0.36 -11.25
C THR A 77 7.92 1.20 -9.98
N ARG A 78 7.07 2.21 -9.74
CA ARG A 78 7.21 3.11 -8.59
C ARG A 78 5.97 4.01 -8.45
N LEU A 79 5.65 4.35 -7.20
CA LEU A 79 4.55 5.26 -6.86
C LEU A 79 4.98 6.17 -5.72
N SER A 80 5.03 7.47 -6.00
CA SER A 80 5.48 8.50 -5.06
C SER A 80 4.27 9.38 -4.70
N PHE A 81 4.06 9.60 -3.40
CA PHE A 81 2.96 10.41 -2.88
C PHE A 81 3.29 10.94 -1.50
N VAL A 82 2.78 12.14 -1.17
CA VAL A 82 2.97 12.75 0.15
C VAL A 82 1.61 12.84 0.84
N MET A 83 1.56 12.40 2.09
CA MET A 83 0.34 12.40 2.91
C MET A 83 0.01 13.84 3.32
N ASP A 84 -1.27 14.10 3.63
CA ASP A 84 -1.75 15.44 4.02
C ASP A 84 -1.14 15.90 5.39
N ASP A 85 -0.61 14.93 6.15
CA ASP A 85 0.08 15.18 7.44
C ASP A 85 1.59 15.44 7.23
N GLY A 86 2.04 15.50 5.96
CA GLY A 86 3.45 15.78 5.62
C GLY A 86 4.30 14.52 5.39
N ARG A 87 3.73 13.34 5.70
CA ARG A 87 4.43 12.04 5.61
C ARG A 87 4.62 11.62 4.13
N GLU A 88 5.85 11.76 3.63
CA GLU A 88 6.20 11.44 2.23
C GLU A 88 6.45 9.94 2.09
N VAL A 89 5.49 9.23 1.45
CA VAL A 89 5.55 7.78 1.25
C VAL A 89 5.77 7.47 -0.24
N ASP A 90 6.84 6.75 -0.55
CA ASP A 90 7.25 6.41 -1.90
C ASP A 90 7.43 4.89 -1.97
N VAL A 91 6.48 4.22 -2.59
CA VAL A 91 6.44 2.77 -2.73
C VAL A 91 7.09 2.37 -4.05
N GLN A 92 8.22 1.66 -3.95
CA GLN A 92 9.02 1.23 -5.11
C GLN A 92 8.69 -0.23 -5.41
N PHE A 93 8.55 -0.56 -6.69
CA PHE A 93 8.29 -1.94 -7.14
C PHE A 93 9.46 -2.37 -8.04
N ALA A 94 10.38 -3.17 -7.50
CA ALA A 94 11.54 -3.66 -8.25
C ALA A 94 11.18 -4.97 -8.96
N SER A 95 11.21 -4.97 -10.29
CA SER A 95 10.92 -6.16 -11.10
C SER A 95 12.04 -7.20 -10.92
N GLU A 96 11.68 -8.37 -10.38
CA GLU A 96 12.62 -9.44 -10.03
C GLU A 96 12.41 -10.64 -10.97
N PRO A 97 13.45 -11.50 -11.18
CA PRO A 97 13.27 -12.79 -11.89
C PRO A 97 12.37 -13.77 -11.08
N GLY A 98 12.29 -13.55 -9.75
CA GLY A 98 11.49 -14.38 -8.84
C GLY A 98 10.22 -13.71 -8.35
N GLY A 99 9.93 -12.48 -8.84
CA GLY A 99 8.69 -11.79 -8.49
C GLY A 99 8.84 -10.26 -8.54
N THR A 100 8.53 -9.57 -7.44
CA THR A 100 8.60 -8.10 -7.33
C THR A 100 8.97 -7.70 -5.90
N TRP A 101 10.17 -7.11 -5.73
CA TRP A 101 10.68 -6.66 -4.43
C TRP A 101 10.22 -5.21 -4.18
N VAL A 102 9.17 -5.08 -3.36
CA VAL A 102 8.53 -3.80 -3.06
C VAL A 102 9.22 -3.14 -1.85
N GLN A 103 9.80 -1.95 -2.08
CA GLN A 103 10.50 -1.17 -1.06
C GLN A 103 9.71 0.13 -0.79
N GLU A 104 9.00 0.18 0.34
CA GLU A 104 8.19 1.34 0.72
C GLU A 104 8.99 2.24 1.67
N THR A 105 9.39 3.41 1.18
CA THR A 105 10.09 4.43 1.97
C THR A 105 9.07 5.48 2.40
N PHE A 106 8.70 5.46 3.68
CA PHE A 106 7.64 6.30 4.23
C PHE A 106 8.24 7.23 5.27
N ASP A 107 7.80 8.49 5.30
CA ASP A 107 8.21 9.42 6.35
C ASP A 107 7.48 9.07 7.65
N ALA A 108 8.24 8.98 8.74
CA ALA A 108 7.75 8.58 10.08
C ALA A 108 8.11 9.67 11.09
N GLU A 109 7.44 9.64 12.23
CA GLU A 109 7.51 10.68 13.26
C GLU A 109 8.74 10.46 14.16
N THR A 110 9.58 11.50 14.29
CA THR A 110 10.83 11.47 15.08
C THR A 110 10.55 11.38 16.60
N SER A 111 9.34 11.79 17.02
CA SER A 111 8.91 11.75 18.43
C SER A 111 8.47 10.33 18.85
N HIS A 112 8.08 9.51 17.84
CA HIS A 112 7.61 8.12 18.07
C HIS A 112 8.75 7.13 17.75
N THR A 113 8.67 5.91 18.34
CA THR A 113 9.72 4.89 18.23
C THR A 113 9.97 4.49 16.76
N PRO A 114 11.20 4.74 16.20
CA PRO A 114 11.54 4.42 14.78
C PRO A 114 11.23 2.94 14.40
N ALA A 115 11.67 2.02 15.28
CA ALA A 115 11.48 0.55 15.07
C ALA A 115 10.00 0.14 15.07
N GLN A 116 9.19 0.81 15.91
CA GLN A 116 7.74 0.54 16.02
C GLN A 116 7.02 0.89 14.71
N GLN A 117 7.37 2.06 14.16
CA GLN A 117 6.75 2.61 12.94
C GLN A 117 7.20 1.81 11.71
N GLN A 118 8.47 1.36 11.74
CA GLN A 118 9.03 0.47 10.71
C GLN A 118 8.19 -0.82 10.62
N ALA A 119 8.00 -1.46 11.78
CA ALA A 119 7.21 -2.71 11.90
C ALA A 119 5.71 -2.45 11.63
N GLY A 120 5.24 -1.23 11.94
CA GLY A 120 3.84 -0.84 11.80
C GLY A 120 3.37 -0.82 10.35
N TRP A 121 4.08 -0.04 9.52
CA TRP A 121 3.81 0.06 8.08
C TRP A 121 4.22 -1.23 7.36
N GLN A 122 5.28 -1.90 7.89
CA GLN A 122 5.67 -3.25 7.41
C GLN A 122 4.51 -4.21 7.59
N GLY A 123 3.71 -4.00 8.65
CA GLY A 123 2.49 -4.77 8.87
C GLY A 123 1.54 -4.74 7.67
N ILE A 124 1.38 -3.56 7.06
CA ILE A 124 0.47 -3.34 5.91
C ILE A 124 1.08 -3.92 4.60
N LEU A 125 2.38 -3.67 4.39
CA LEU A 125 3.08 -4.10 3.16
C LEU A 125 3.26 -5.64 3.11
N ASP A 126 3.76 -6.18 4.22
CA ASP A 126 3.95 -7.64 4.43
C ASP A 126 2.61 -8.39 4.29
N ASN A 127 1.54 -7.76 4.84
CA ASN A 127 0.16 -8.24 4.68
C ASN A 127 -0.29 -8.22 3.22
N PHE A 128 0.12 -7.18 2.48
CA PHE A 128 -0.20 -7.03 1.04
C PHE A 128 0.49 -8.15 0.23
N LYS A 129 1.67 -8.60 0.68
CA LYS A 129 2.36 -9.76 0.09
C LYS A 129 1.48 -11.02 0.21
N ARG A 130 0.92 -11.23 1.42
CA ARG A 130 -0.03 -12.34 1.68
C ARG A 130 -1.31 -12.17 0.88
N TYR A 131 -1.77 -10.91 0.73
CA TYR A 131 -3.00 -10.58 0.02
C TYR A 131 -2.93 -11.07 -1.44
N VAL A 132 -1.87 -10.64 -2.14
CA VAL A 132 -1.66 -10.93 -3.57
C VAL A 132 -1.50 -12.45 -3.80
N GLU A 133 -0.63 -13.10 -3.01
CA GLU A 133 -0.27 -14.53 -3.20
C GLU A 133 -1.42 -15.48 -2.78
N ALA A 134 -2.24 -15.07 -1.79
CA ALA A 134 -3.37 -15.89 -1.28
C ALA A 134 -4.60 -15.70 -2.16
N ALA A 135 -4.73 -14.48 -2.73
CA ALA A 135 -5.75 -14.19 -3.77
C ALA A 135 -5.50 -15.10 -4.97
N GLY A 136 -4.20 -15.26 -5.32
CA GLY A 136 -3.78 -16.11 -6.42
C GLY A 136 -4.18 -15.52 -7.75
N LEU A 137 -3.44 -14.49 -8.18
CA LEU A 137 -3.69 -13.77 -9.45
C LEU A 137 -2.91 -14.44 -10.61
N GLU A 138 -2.59 -15.74 -10.43
CA GLU A 138 -1.88 -16.57 -11.41
C GLU A 138 -2.78 -16.82 -12.63
N HIS A 139 -2.52 -16.11 -13.74
CA HIS A 139 -3.28 -16.29 -15.01
C HIS A 139 -2.60 -17.38 -15.87
N HIS A 140 -2.44 -18.56 -15.26
CA HIS A 140 -1.84 -19.77 -15.87
C HIS A 140 -2.00 -20.93 -14.89
N HIS A 141 -1.94 -22.18 -15.42
CA HIS A 141 -2.21 -23.44 -14.67
C HIS A 141 -3.70 -23.51 -14.26
N HIS A 142 -4.48 -24.24 -15.08
CA HIS A 142 -5.94 -24.37 -14.89
C HIS A 142 -6.28 -25.70 -14.16
N HIS A 143 -7.44 -25.75 -13.50
CA HIS A 143 -7.87 -26.91 -12.70
C HIS A 143 -8.58 -27.96 -13.60
N HIS A 144 -7.82 -28.96 -14.08
CA HIS A 144 -8.35 -30.08 -14.87
C HIS A 144 -7.29 -31.19 -14.98
N MET A 1 13.39 11.43 8.44
CA MET A 1 13.61 9.99 8.76
C MET A 1 12.67 9.13 7.93
N LYS A 2 13.16 8.48 6.87
CA LYS A 2 12.34 7.61 6.02
C LYS A 2 12.67 6.14 6.28
N ILE A 3 11.72 5.41 6.88
CA ILE A 3 11.82 3.96 7.07
C ILE A 3 11.19 3.27 5.86
N SER A 4 11.94 2.39 5.21
CA SER A 4 11.44 1.57 4.11
C SER A 4 11.15 0.15 4.62
N ILE A 5 10.19 -0.50 3.96
CA ILE A 5 9.83 -1.91 4.19
C ILE A 5 9.81 -2.62 2.83
N GLU A 6 10.34 -3.84 2.77
CA GLU A 6 10.50 -4.59 1.50
C GLU A 6 9.71 -5.90 1.57
N ALA A 7 9.24 -6.38 0.40
CA ALA A 7 8.46 -7.63 0.29
C ALA A 7 8.60 -8.21 -1.11
N HIS A 8 8.93 -9.51 -1.20
CA HIS A 8 9.09 -10.21 -2.49
C HIS A 8 7.74 -10.78 -2.94
N ILE A 9 6.90 -9.93 -3.57
CA ILE A 9 5.60 -10.36 -4.11
C ILE A 9 5.85 -11.16 -5.41
N GLU A 10 5.45 -12.44 -5.42
CA GLU A 10 5.79 -13.39 -6.48
C GLU A 10 4.71 -13.32 -7.58
N GLN A 11 4.73 -12.21 -8.30
CA GLN A 11 3.76 -11.85 -9.32
C GLN A 11 4.37 -10.80 -10.23
N GLU A 12 3.84 -10.66 -11.44
CA GLU A 12 4.33 -9.72 -12.45
C GLU A 12 4.16 -8.27 -11.97
N ILE A 13 5.19 -7.42 -12.17
CA ILE A 13 5.22 -6.02 -11.67
C ILE A 13 4.00 -5.21 -12.14
N GLU A 14 3.51 -5.55 -13.35
CA GLU A 14 2.33 -4.92 -13.95
C GLU A 14 1.05 -5.35 -13.20
N ALA A 15 0.98 -6.63 -12.81
CA ALA A 15 -0.17 -7.16 -12.03
C ALA A 15 -0.18 -6.63 -10.60
N VAL A 16 1.01 -6.49 -10.03
CA VAL A 16 1.21 -5.89 -8.69
C VAL A 16 0.81 -4.40 -8.74
N TRP A 17 1.11 -3.73 -9.88
CA TRP A 17 0.80 -2.32 -10.09
C TRP A 17 -0.73 -2.04 -10.11
N TRP A 18 -1.50 -2.81 -10.93
CA TRP A 18 -2.97 -2.59 -10.99
C TRP A 18 -3.65 -3.08 -9.70
N ALA A 19 -3.03 -4.07 -9.02
CA ALA A 19 -3.50 -4.55 -7.70
C ALA A 19 -3.21 -3.52 -6.60
N TRP A 20 -2.16 -2.69 -6.82
CA TRP A 20 -1.83 -1.57 -5.92
C TRP A 20 -2.77 -0.38 -6.20
N ASN A 21 -3.24 -0.26 -7.46
CA ASN A 21 -4.19 0.78 -7.88
C ASN A 21 -5.62 0.41 -7.43
N ASP A 22 -5.91 -0.91 -7.46
CA ASP A 22 -7.27 -1.46 -7.29
C ASP A 22 -7.87 -1.11 -5.92
N PRO A 23 -8.88 -0.18 -5.85
CA PRO A 23 -9.46 0.30 -4.58
C PRO A 23 -10.11 -0.83 -3.76
N ASP A 24 -10.59 -1.88 -4.46
CA ASP A 24 -11.21 -3.08 -3.83
C ASP A 24 -10.14 -3.90 -3.08
N CYS A 25 -8.93 -3.97 -3.67
CA CYS A 25 -7.77 -4.62 -3.05
C CYS A 25 -7.34 -3.83 -1.81
N ILE A 26 -7.22 -2.51 -2.00
CA ILE A 26 -6.87 -1.53 -0.95
C ILE A 26 -7.94 -1.49 0.18
N ALA A 27 -9.19 -1.85 -0.16
CA ALA A 27 -10.28 -1.97 0.83
C ALA A 27 -9.98 -3.11 1.84
N ARG A 28 -9.22 -4.12 1.37
CA ARG A 28 -8.79 -5.25 2.20
C ARG A 28 -7.46 -4.93 2.94
N TRP A 29 -6.36 -4.64 2.20
CA TRP A 29 -5.07 -4.26 2.82
C TRP A 29 -5.02 -2.73 2.97
N ASN A 30 -4.92 -2.24 4.23
CA ASN A 30 -4.92 -0.79 4.52
C ASN A 30 -4.68 -0.57 6.03
N ALA A 31 -5.39 -1.37 6.86
CA ALA A 31 -5.23 -1.37 8.33
C ALA A 31 -4.66 -2.73 8.75
N ALA A 32 -3.42 -2.72 9.30
CA ALA A 32 -2.70 -3.95 9.70
C ALA A 32 -3.41 -4.67 10.85
N SER A 33 -3.74 -3.91 11.92
CA SER A 33 -4.55 -4.39 13.05
C SER A 33 -5.96 -4.78 12.56
N SER A 34 -6.37 -6.03 12.88
CA SER A 34 -7.69 -6.59 12.51
C SER A 34 -8.81 -6.01 13.38
N ASP A 35 -8.45 -5.29 14.47
CA ASP A 35 -9.40 -4.47 15.26
C ASP A 35 -9.94 -3.30 14.42
N TRP A 36 -9.14 -2.91 13.41
CA TRP A 36 -9.44 -1.77 12.53
C TRP A 36 -9.77 -2.32 11.14
N HIS A 37 -10.32 -1.45 10.29
CA HIS A 37 -10.72 -1.81 8.93
C HIS A 37 -10.87 -0.54 8.08
N THR A 38 -10.89 -0.71 6.76
CA THR A 38 -11.23 0.36 5.82
C THR A 38 -12.77 0.56 5.85
N THR A 39 -13.21 1.77 6.19
CA THR A 39 -14.64 2.14 6.16
C THR A 39 -15.01 2.66 4.74
N GLY A 40 -13.98 3.11 4.00
CA GLY A 40 -14.11 3.52 2.60
C GLY A 40 -12.80 4.13 2.07
N SER A 41 -12.39 3.75 0.84
CA SER A 41 -11.13 4.23 0.26
C SER A 41 -11.28 4.48 -1.26
N ARG A 42 -10.94 5.71 -1.70
CA ARG A 42 -10.81 6.05 -3.12
C ARG A 42 -9.35 6.41 -3.39
N VAL A 43 -8.75 5.77 -4.38
CA VAL A 43 -7.37 6.01 -4.82
C VAL A 43 -7.40 6.28 -6.33
N ASP A 44 -7.01 7.52 -6.73
CA ASP A 44 -7.01 7.97 -8.12
C ASP A 44 -5.56 8.17 -8.56
N LEU A 45 -4.99 7.10 -9.13
CA LEU A 45 -3.56 6.98 -9.43
C LEU A 45 -3.20 7.76 -10.72
N VAL A 46 -3.06 9.09 -10.62
CA VAL A 46 -2.54 9.97 -11.68
C VAL A 46 -1.65 11.05 -11.05
N VAL A 47 -0.85 11.72 -11.88
CA VAL A 47 0.04 12.81 -11.42
C VAL A 47 -0.82 14.06 -11.12
N GLY A 48 -0.98 14.35 -9.81
CA GLY A 48 -1.85 15.42 -9.33
C GLY A 48 -3.19 14.88 -8.85
N GLY A 49 -3.37 13.55 -8.91
CA GLY A 49 -4.54 12.87 -8.36
C GLY A 49 -4.41 12.62 -6.87
N ARG A 50 -5.54 12.45 -6.18
CA ARG A 50 -5.54 12.24 -4.72
C ARG A 50 -6.00 10.82 -4.34
N PHE A 51 -5.58 10.41 -3.13
CA PHE A 51 -6.02 9.16 -2.48
C PHE A 51 -6.57 9.51 -1.09
N CYS A 52 -7.51 8.69 -0.59
CA CYS A 52 -8.09 8.81 0.76
C CYS A 52 -8.39 7.43 1.33
N HIS A 53 -7.74 7.08 2.46
CA HIS A 53 -7.93 5.79 3.15
C HIS A 53 -8.69 6.01 4.47
N HIS A 54 -10.03 6.06 4.41
CA HIS A 54 -10.84 6.18 5.64
C HIS A 54 -10.84 4.85 6.36
N MET A 55 -10.24 4.83 7.56
CA MET A 55 -10.17 3.64 8.42
C MET A 55 -10.73 3.99 9.79
N ALA A 56 -11.26 2.97 10.47
CA ALA A 56 -11.81 3.10 11.81
C ALA A 56 -11.88 1.72 12.46
N ALA A 57 -12.06 1.72 13.79
CA ALA A 57 -12.30 0.49 14.56
C ALA A 57 -13.70 -0.06 14.20
N LYS A 58 -13.87 -1.39 14.32
CA LYS A 58 -15.16 -2.07 14.07
C LYS A 58 -16.23 -1.65 15.10
N ASP A 59 -15.76 -1.25 16.30
CA ASP A 59 -16.62 -0.73 17.38
C ASP A 59 -16.84 0.79 17.23
N GLY A 60 -15.98 1.44 16.41
CA GLY A 60 -15.95 2.91 16.30
C GLY A 60 -15.26 3.57 17.50
N SER A 61 -14.33 2.82 18.13
CA SER A 61 -13.54 3.27 19.30
C SER A 61 -12.70 4.52 18.95
N ALA A 62 -12.21 4.55 17.69
CA ALA A 62 -11.50 5.69 17.11
C ALA A 62 -11.39 5.48 15.58
N GLY A 63 -10.83 6.49 14.87
CA GLY A 63 -10.64 6.40 13.42
C GLY A 63 -9.40 7.16 12.96
N PHE A 64 -8.79 6.68 11.86
CA PHE A 64 -7.63 7.33 11.19
C PHE A 64 -7.84 7.30 9.66
N ASP A 65 -7.88 8.48 9.04
CA ASP A 65 -7.97 8.65 7.58
C ASP A 65 -6.62 9.16 7.05
N PHE A 66 -6.19 8.63 5.88
CA PHE A 66 -4.91 8.98 5.24
C PHE A 66 -5.17 9.47 3.81
N THR A 67 -5.35 10.79 3.67
CA THR A 67 -5.48 11.46 2.37
C THR A 67 -4.10 11.91 1.86
N GLY A 68 -4.06 12.46 0.65
CA GLY A 68 -2.86 13.09 0.11
C GLY A 68 -2.89 13.14 -1.40
N THR A 69 -1.81 13.67 -2.00
CA THR A 69 -1.71 13.84 -3.46
C THR A 69 -0.50 13.07 -4.01
N PHE A 70 -0.71 12.34 -5.12
CA PHE A 70 0.35 11.70 -5.92
C PHE A 70 1.18 12.79 -6.60
N THR A 71 2.39 13.01 -6.09
CA THR A 71 3.29 14.07 -6.54
C THR A 71 4.07 13.63 -7.81
N ARG A 72 4.19 12.31 -7.97
CA ARG A 72 4.93 11.69 -9.08
C ARG A 72 4.48 10.23 -9.26
N VAL A 73 3.97 9.88 -10.46
CA VAL A 73 3.63 8.49 -10.82
C VAL A 73 4.59 8.03 -11.93
N GLU A 74 5.59 7.21 -11.57
CA GLU A 74 6.60 6.70 -12.50
C GLU A 74 6.27 5.24 -12.88
N ALA A 75 5.16 5.07 -13.63
CA ALA A 75 4.57 3.74 -13.89
C ALA A 75 5.42 2.90 -14.87
N PRO A 76 5.60 1.56 -14.63
CA PRO A 76 5.13 0.81 -13.43
C PRO A 76 6.24 0.60 -12.38
N THR A 77 7.35 1.33 -12.55
CA THR A 77 8.57 1.16 -11.77
C THR A 77 8.38 1.65 -10.32
N ARG A 78 8.01 2.93 -10.17
CA ARG A 78 7.88 3.59 -8.86
C ARG A 78 6.63 4.45 -8.78
N LEU A 79 6.29 4.80 -7.55
CA LEU A 79 5.22 5.73 -7.22
C LEU A 79 5.73 6.64 -6.10
N SER A 80 5.30 7.90 -6.09
CA SER A 80 5.68 8.89 -5.07
C SER A 80 4.48 9.80 -4.77
N PHE A 81 4.23 10.02 -3.47
CA PHE A 81 3.11 10.82 -2.98
C PHE A 81 3.44 11.38 -1.61
N VAL A 82 2.64 12.34 -1.14
CA VAL A 82 2.77 12.90 0.21
C VAL A 82 1.39 12.85 0.87
N MET A 83 1.34 12.42 2.13
CA MET A 83 0.10 12.35 2.90
C MET A 83 -0.23 13.76 3.42
N ASP A 84 -1.52 13.99 3.75
CA ASP A 84 -2.02 15.27 4.34
C ASP A 84 -1.32 15.60 5.68
N ASP A 85 -0.76 14.55 6.29
CA ASP A 85 -0.04 14.61 7.56
C ASP A 85 1.26 15.45 7.42
N GLY A 86 1.77 15.56 6.18
CA GLY A 86 3.04 16.23 5.87
C GLY A 86 4.14 15.23 5.53
N ARG A 87 4.03 13.98 6.04
CA ARG A 87 5.05 12.94 5.81
C ARG A 87 4.91 12.33 4.40
N GLU A 88 6.07 12.24 3.69
CA GLU A 88 6.14 11.80 2.29
C GLU A 88 6.33 10.28 2.22
N VAL A 89 5.54 9.62 1.35
CA VAL A 89 5.60 8.15 1.15
C VAL A 89 5.76 7.84 -0.36
N ASP A 90 6.73 7.00 -0.71
CA ASP A 90 6.99 6.53 -2.07
C ASP A 90 7.16 5.02 -2.05
N VAL A 91 6.80 4.34 -3.15
CA VAL A 91 6.97 2.89 -3.28
C VAL A 91 7.82 2.57 -4.54
N GLN A 92 8.71 1.57 -4.44
CA GLN A 92 9.54 1.11 -5.57
C GLN A 92 9.33 -0.38 -5.81
N PHE A 93 8.97 -0.72 -7.04
CA PHE A 93 8.72 -2.08 -7.48
C PHE A 93 9.93 -2.53 -8.34
N ALA A 94 10.88 -3.22 -7.69
CA ALA A 94 12.12 -3.67 -8.35
C ALA A 94 11.95 -5.08 -8.93
N SER A 95 12.07 -5.18 -10.25
CA SER A 95 11.94 -6.45 -10.98
C SER A 95 13.20 -7.31 -10.81
N GLU A 96 13.03 -8.55 -10.31
CA GLU A 96 14.15 -9.47 -10.02
C GLU A 96 13.75 -10.92 -10.36
N PRO A 97 14.74 -11.88 -10.47
CA PRO A 97 14.44 -13.33 -10.66
C PRO A 97 13.50 -13.94 -9.58
N GLY A 98 13.48 -13.33 -8.38
CA GLY A 98 12.63 -13.79 -7.27
C GLY A 98 11.17 -13.32 -7.37
N GLY A 99 10.94 -12.28 -8.17
CA GLY A 99 9.60 -11.69 -8.35
C GLY A 99 9.63 -10.17 -8.38
N THR A 100 8.54 -9.52 -7.92
CA THR A 100 8.51 -8.06 -7.74
C THR A 100 8.89 -7.73 -6.28
N TRP A 101 10.08 -7.16 -6.12
CA TRP A 101 10.59 -6.71 -4.82
C TRP A 101 10.03 -5.30 -4.53
N VAL A 102 8.90 -5.27 -3.81
CA VAL A 102 8.14 -4.04 -3.52
C VAL A 102 8.68 -3.41 -2.23
N GLN A 103 9.05 -2.12 -2.33
CA GLN A 103 9.75 -1.39 -1.27
C GLN A 103 8.94 -0.12 -0.96
N GLU A 104 8.15 -0.16 0.12
CA GLU A 104 7.31 0.97 0.54
C GLU A 104 8.12 1.83 1.54
N THR A 105 8.61 2.95 1.04
CA THR A 105 9.37 3.92 1.81
C THR A 105 8.42 4.99 2.33
N PHE A 106 8.37 5.16 3.64
CA PHE A 106 7.47 6.11 4.31
C PHE A 106 8.29 6.90 5.33
N ASP A 107 8.01 8.21 5.45
CA ASP A 107 8.62 9.04 6.48
C ASP A 107 7.93 8.74 7.82
N ALA A 108 8.74 8.59 8.87
CA ALA A 108 8.30 8.23 10.21
C ALA A 108 7.97 9.48 11.03
N GLU A 109 7.14 9.30 12.04
CA GLU A 109 6.67 10.38 12.93
C GLU A 109 7.42 10.28 14.27
N THR A 110 8.20 11.31 14.60
CA THR A 110 9.03 11.35 15.82
C THR A 110 8.17 11.50 17.10
N SER A 111 6.88 11.84 16.92
CA SER A 111 5.92 11.94 18.04
C SER A 111 5.46 10.53 18.48
N HIS A 112 5.69 9.53 17.59
CA HIS A 112 5.46 8.11 17.88
C HIS A 112 6.78 7.32 17.81
N THR A 113 6.74 6.08 18.29
CA THR A 113 7.88 5.16 18.23
C THR A 113 8.03 4.59 16.80
N PRO A 114 9.18 4.89 16.09
CA PRO A 114 9.38 4.54 14.67
C PRO A 114 9.31 3.02 14.37
N ALA A 115 9.81 2.18 15.29
CA ALA A 115 9.77 0.70 15.15
C ALA A 115 8.32 0.17 15.13
N GLN A 116 7.45 0.80 15.94
CA GLN A 116 5.99 0.47 15.98
C GLN A 116 5.34 0.76 14.61
N GLN A 117 5.70 1.93 14.06
CA GLN A 117 5.19 2.37 12.74
C GLN A 117 5.62 1.39 11.64
N GLN A 118 6.92 1.02 11.66
CA GLN A 118 7.50 0.06 10.72
C GLN A 118 6.73 -1.28 10.75
N ALA A 119 6.41 -1.74 11.97
CA ALA A 119 5.65 -3.00 12.18
C ALA A 119 4.21 -2.91 11.60
N GLY A 120 3.61 -1.70 11.72
CA GLY A 120 2.26 -1.43 11.22
C GLY A 120 2.18 -1.44 9.70
N TRP A 121 2.96 -0.54 9.07
CA TRP A 121 3.03 -0.45 7.60
C TRP A 121 3.48 -1.78 6.97
N GLN A 122 4.47 -2.46 7.62
CA GLN A 122 4.97 -3.77 7.15
C GLN A 122 3.83 -4.80 7.19
N GLY A 123 2.96 -4.71 8.21
CA GLY A 123 1.78 -5.57 8.31
C GLY A 123 0.81 -5.39 7.13
N ILE A 124 0.70 -4.13 6.65
CA ILE A 124 -0.17 -3.77 5.51
C ILE A 124 0.41 -4.31 4.18
N LEU A 125 1.75 -4.18 4.03
CA LEU A 125 2.48 -4.63 2.82
C LEU A 125 2.55 -6.17 2.75
N ASP A 126 2.80 -6.78 3.93
CA ASP A 126 2.79 -8.24 4.14
C ASP A 126 1.41 -8.82 3.84
N ASN A 127 0.36 -8.06 4.19
CA ASN A 127 -1.04 -8.46 3.94
C ASN A 127 -1.34 -8.42 2.44
N PHE A 128 -0.75 -7.42 1.73
CA PHE A 128 -0.88 -7.29 0.27
C PHE A 128 -0.14 -8.44 -0.44
N LYS A 129 1.11 -8.73 -0.01
CA LYS A 129 1.92 -9.84 -0.55
C LYS A 129 1.14 -11.16 -0.40
N ARG A 130 0.70 -11.40 0.84
CA ARG A 130 -0.07 -12.61 1.24
C ARG A 130 -1.35 -12.72 0.40
N TYR A 131 -1.98 -11.57 0.14
CA TYR A 131 -3.18 -11.46 -0.67
C TYR A 131 -2.91 -11.96 -2.10
N VAL A 132 -1.82 -11.48 -2.70
CA VAL A 132 -1.48 -11.81 -4.09
C VAL A 132 -1.16 -13.31 -4.24
N GLU A 133 -0.58 -13.92 -3.20
CA GLU A 133 -0.19 -15.34 -3.23
C GLU A 133 -1.41 -16.27 -3.02
N ALA A 134 -2.36 -15.84 -2.17
CA ALA A 134 -3.51 -16.68 -1.76
C ALA A 134 -4.65 -16.55 -2.80
N ALA A 135 -4.93 -15.32 -3.23
CA ALA A 135 -5.92 -15.02 -4.28
C ALA A 135 -5.38 -15.40 -5.68
N GLY A 136 -4.05 -15.33 -5.82
CA GLY A 136 -3.36 -15.68 -7.06
C GLY A 136 -3.16 -14.46 -7.93
N LEU A 137 -4.30 -13.86 -8.36
CA LEU A 137 -4.34 -12.69 -9.27
C LEU A 137 -3.79 -13.07 -10.67
N GLU A 138 -3.84 -14.38 -11.02
CA GLU A 138 -3.39 -14.95 -12.30
C GLU A 138 -1.96 -14.50 -12.70
N HIS A 139 -0.98 -15.41 -12.55
CA HIS A 139 0.44 -15.10 -12.80
C HIS A 139 0.74 -14.80 -14.29
N HIS A 140 -0.09 -15.31 -15.21
CA HIS A 140 0.06 -15.07 -16.66
C HIS A 140 -1.24 -14.55 -17.28
N HIS A 141 -1.59 -13.29 -16.93
CA HIS A 141 -2.69 -12.54 -17.58
C HIS A 141 -2.44 -12.41 -19.08
N HIS A 142 -1.34 -11.70 -19.44
CA HIS A 142 -1.04 -11.31 -20.83
C HIS A 142 -2.29 -10.62 -21.42
N HIS A 143 -2.48 -9.34 -21.02
CA HIS A 143 -3.76 -8.60 -21.17
C HIS A 143 -4.36 -8.72 -22.58
N HIS A 144 -5.26 -9.72 -22.71
CA HIS A 144 -5.99 -10.01 -23.94
C HIS A 144 -7.41 -9.41 -23.84
N MET A 1 12.35 11.49 9.06
CA MET A 1 13.18 10.27 9.26
C MET A 1 12.60 9.13 8.42
N LYS A 2 13.19 8.88 7.24
CA LYS A 2 12.68 7.87 6.31
C LYS A 2 13.05 6.47 6.79
N ILE A 3 12.04 5.60 6.95
CA ILE A 3 12.24 4.18 7.22
C ILE A 3 11.82 3.39 5.97
N SER A 4 12.74 2.56 5.46
CA SER A 4 12.49 1.70 4.31
C SER A 4 12.18 0.27 4.77
N ILE A 5 11.03 -0.24 4.32
CA ILE A 5 10.61 -1.64 4.45
C ILE A 5 10.51 -2.26 3.05
N GLU A 6 10.27 -3.57 3.00
CA GLU A 6 10.10 -4.30 1.73
C GLU A 6 9.23 -5.56 1.91
N ALA A 7 8.80 -6.10 0.76
CA ALA A 7 8.02 -7.34 0.67
C ALA A 7 8.20 -7.91 -0.74
N HIS A 8 8.71 -9.15 -0.84
CA HIS A 8 8.89 -9.83 -2.13
C HIS A 8 7.61 -10.62 -2.40
N ILE A 9 6.90 -10.21 -3.45
CA ILE A 9 5.62 -10.80 -3.83
C ILE A 9 5.82 -11.67 -5.07
N GLU A 10 5.50 -12.97 -4.93
CA GLU A 10 5.54 -13.91 -6.04
C GLU A 10 4.30 -13.68 -6.92
N GLN A 11 4.47 -12.72 -7.85
CA GLN A 11 3.47 -12.32 -8.86
C GLN A 11 4.17 -11.42 -9.89
N GLU A 12 3.58 -11.28 -11.10
CA GLU A 12 4.09 -10.37 -12.15
C GLU A 12 3.84 -8.90 -11.72
N ILE A 13 4.81 -8.01 -12.00
CA ILE A 13 4.81 -6.60 -11.55
C ILE A 13 3.56 -5.83 -12.04
N GLU A 14 3.04 -6.22 -13.22
CA GLU A 14 1.84 -5.61 -13.82
C GLU A 14 0.62 -5.81 -12.91
N ALA A 15 0.50 -7.04 -12.37
CA ALA A 15 -0.62 -7.41 -11.51
C ALA A 15 -0.44 -6.85 -10.10
N VAL A 16 0.82 -6.74 -9.65
CA VAL A 16 1.18 -6.09 -8.39
C VAL A 16 0.83 -4.58 -8.44
N TRP A 17 1.06 -3.97 -9.62
CA TRP A 17 0.81 -2.55 -9.86
C TRP A 17 -0.70 -2.21 -9.75
N TRP A 18 -1.58 -2.97 -10.46
CA TRP A 18 -3.04 -2.67 -10.39
C TRP A 18 -3.61 -3.05 -9.02
N ALA A 19 -3.02 -4.05 -8.37
CA ALA A 19 -3.41 -4.43 -6.98
C ALA A 19 -3.06 -3.28 -6.00
N TRP A 20 -2.03 -2.47 -6.32
CA TRP A 20 -1.68 -1.26 -5.54
C TRP A 20 -2.51 -0.04 -6.01
N ASN A 21 -3.02 -0.08 -7.26
CA ASN A 21 -3.80 1.04 -7.86
C ASN A 21 -5.29 0.99 -7.49
N ASP A 22 -5.84 -0.23 -7.41
CA ASP A 22 -7.29 -0.45 -7.31
C ASP A 22 -7.77 -0.19 -5.87
N PRO A 23 -8.57 0.91 -5.62
CA PRO A 23 -9.05 1.30 -4.27
C PRO A 23 -9.84 0.18 -3.55
N ASP A 24 -10.53 -0.67 -4.32
CA ASP A 24 -11.30 -1.81 -3.77
C ASP A 24 -10.33 -2.86 -3.19
N CYS A 25 -9.21 -3.08 -3.89
CA CYS A 25 -8.15 -4.00 -3.48
C CYS A 25 -7.43 -3.48 -2.23
N ILE A 26 -7.07 -2.17 -2.28
CA ILE A 26 -6.38 -1.47 -1.19
C ILE A 26 -7.18 -1.50 0.11
N ALA A 27 -8.51 -1.34 -0.03
CA ALA A 27 -9.47 -1.32 1.10
C ALA A 27 -9.30 -2.51 2.06
N ARG A 28 -8.75 -3.62 1.53
CA ARG A 28 -8.45 -4.81 2.31
C ARG A 28 -7.08 -4.68 3.01
N TRP A 29 -6.01 -4.48 2.20
CA TRP A 29 -4.63 -4.73 2.68
C TRP A 29 -4.01 -3.51 3.40
N ASN A 30 -4.55 -2.28 3.19
CA ASN A 30 -3.99 -1.05 3.82
C ASN A 30 -4.28 -1.03 5.34
N ALA A 31 -5.21 -1.91 5.77
CA ALA A 31 -5.44 -2.22 7.18
C ALA A 31 -4.36 -3.20 7.67
N ALA A 32 -3.58 -2.79 8.69
CA ALA A 32 -2.53 -3.64 9.30
C ALA A 32 -3.13 -4.65 10.32
N SER A 33 -4.48 -4.73 10.38
CA SER A 33 -5.19 -5.67 11.25
C SER A 33 -6.53 -6.05 10.58
N SER A 34 -7.00 -7.29 10.82
CA SER A 34 -8.32 -7.76 10.36
C SER A 34 -9.46 -7.10 11.16
N ASP A 35 -9.10 -6.56 12.34
CA ASP A 35 -10.01 -5.76 13.19
C ASP A 35 -10.45 -4.51 12.43
N TRP A 36 -9.55 -3.99 11.59
CA TRP A 36 -9.75 -2.76 10.83
C TRP A 36 -10.13 -3.10 9.39
N HIS A 37 -10.83 -2.17 8.75
CA HIS A 37 -11.29 -2.30 7.37
C HIS A 37 -11.53 -0.90 6.83
N THR A 38 -11.04 -0.62 5.61
CA THR A 38 -11.28 0.67 4.97
C THR A 38 -12.67 0.63 4.31
N THR A 39 -13.59 1.43 4.87
CA THR A 39 -15.00 1.43 4.48
C THR A 39 -15.24 2.36 3.26
N GLY A 40 -14.32 3.31 3.05
CA GLY A 40 -14.40 4.28 1.96
C GLY A 40 -13.04 4.58 1.38
N SER A 41 -12.64 3.78 0.39
CA SER A 41 -11.35 3.88 -0.28
C SER A 41 -11.57 4.35 -1.73
N ARG A 42 -11.14 5.59 -2.03
CA ARG A 42 -11.05 6.10 -3.41
C ARG A 42 -9.57 6.31 -3.75
N VAL A 43 -9.20 6.14 -5.03
CA VAL A 43 -7.86 6.44 -5.53
C VAL A 43 -7.97 7.13 -6.89
N ASP A 44 -7.37 8.32 -7.01
CA ASP A 44 -7.19 9.01 -8.28
C ASP A 44 -5.69 8.99 -8.59
N LEU A 45 -5.21 7.82 -9.09
CA LEU A 45 -3.80 7.61 -9.46
C LEU A 45 -3.47 8.46 -10.70
N VAL A 46 -3.26 9.76 -10.47
CA VAL A 46 -2.85 10.76 -11.45
C VAL A 46 -1.92 11.75 -10.76
N VAL A 47 -1.01 12.35 -11.52
CA VAL A 47 -0.08 13.36 -10.99
C VAL A 47 -0.87 14.64 -10.67
N GLY A 48 -0.88 15.00 -9.38
CA GLY A 48 -1.66 16.13 -8.87
C GLY A 48 -2.95 15.69 -8.18
N GLY A 49 -3.39 14.45 -8.46
CA GLY A 49 -4.57 13.84 -7.82
C GLY A 49 -4.22 13.15 -6.51
N ARG A 50 -5.23 12.58 -5.81
CA ARG A 50 -5.02 11.97 -4.50
C ARG A 50 -5.96 10.79 -4.26
N PHE A 51 -5.69 10.06 -3.17
CA PHE A 51 -6.57 8.99 -2.65
C PHE A 51 -7.10 9.38 -1.27
N CYS A 52 -8.12 8.63 -0.81
CA CYS A 52 -8.67 8.76 0.56
C CYS A 52 -8.99 7.36 1.10
N HIS A 53 -8.39 6.97 2.24
CA HIS A 53 -8.69 5.68 2.88
C HIS A 53 -9.34 5.92 4.24
N HIS A 54 -10.69 5.86 4.27
CA HIS A 54 -11.48 6.02 5.50
C HIS A 54 -11.50 4.68 6.24
N MET A 55 -10.48 4.48 7.08
CA MET A 55 -10.31 3.22 7.84
C MET A 55 -11.15 3.27 9.12
N ALA A 56 -11.86 2.18 9.40
CA ALA A 56 -12.69 2.02 10.59
C ALA A 56 -12.46 0.61 11.17
N ALA A 57 -12.50 0.50 12.49
CA ALA A 57 -12.38 -0.77 13.20
C ALA A 57 -13.69 -1.56 13.12
N LYS A 58 -13.75 -2.73 13.78
CA LYS A 58 -14.95 -3.58 13.82
C LYS A 58 -16.16 -2.84 14.46
N ASP A 59 -15.85 -1.82 15.28
CA ASP A 59 -16.85 -1.03 16.03
C ASP A 59 -17.22 0.27 15.30
N GLY A 60 -16.28 0.79 14.50
CA GLY A 60 -16.51 1.99 13.69
C GLY A 60 -16.23 3.33 14.41
N SER A 61 -16.10 3.31 15.76
CA SER A 61 -15.77 4.52 16.56
C SER A 61 -14.27 4.84 16.40
N ALA A 62 -13.45 3.77 16.44
CA ALA A 62 -12.02 3.84 16.14
C ALA A 62 -11.86 3.97 14.63
N GLY A 63 -11.42 5.15 14.15
CA GLY A 63 -11.28 5.42 12.73
C GLY A 63 -10.08 6.31 12.43
N PHE A 64 -9.36 6.00 11.35
CA PHE A 64 -8.20 6.77 10.88
C PHE A 64 -8.36 7.06 9.37
N ASP A 65 -8.29 8.35 8.98
CA ASP A 65 -8.35 8.75 7.55
C ASP A 65 -6.93 8.96 7.03
N PHE A 66 -6.61 8.29 5.92
CA PHE A 66 -5.30 8.34 5.30
C PHE A 66 -5.44 8.78 3.82
N THR A 67 -5.45 10.11 3.61
CA THR A 67 -5.44 10.70 2.26
C THR A 67 -3.99 10.99 1.85
N GLY A 68 -3.67 10.77 0.56
CA GLY A 68 -2.30 10.98 0.05
C GLY A 68 -2.30 11.49 -1.38
N THR A 69 -1.62 12.62 -1.62
CA THR A 69 -1.59 13.28 -2.94
C THR A 69 -0.38 12.77 -3.74
N PHE A 70 -0.66 12.20 -4.92
CA PHE A 70 0.37 11.68 -5.83
C PHE A 70 1.20 12.83 -6.43
N THR A 71 2.45 12.93 -5.97
CA THR A 71 3.40 13.95 -6.42
C THR A 71 4.17 13.47 -7.66
N ARG A 72 4.24 12.14 -7.86
CA ARG A 72 4.88 11.52 -9.02
C ARG A 72 4.30 10.12 -9.26
N VAL A 73 3.67 9.90 -10.43
CA VAL A 73 3.16 8.58 -10.83
C VAL A 73 4.02 8.06 -11.99
N GLU A 74 5.01 7.22 -11.66
CA GLU A 74 5.94 6.67 -12.66
C GLU A 74 5.62 5.17 -12.85
N ALA A 75 4.47 4.91 -13.48
CA ALA A 75 3.92 3.56 -13.68
C ALA A 75 4.80 2.72 -14.62
N PRO A 76 5.16 1.45 -14.26
CA PRO A 76 4.90 0.81 -12.94
C PRO A 76 6.18 0.70 -12.05
N THR A 77 7.23 1.47 -12.39
CA THR A 77 8.56 1.34 -11.77
C THR A 77 8.60 1.91 -10.35
N ARG A 78 7.93 3.06 -10.13
CA ARG A 78 7.98 3.78 -8.87
C ARG A 78 6.76 4.71 -8.71
N LEU A 79 6.38 4.97 -7.46
CA LEU A 79 5.23 5.80 -7.10
C LEU A 79 5.59 6.67 -5.89
N SER A 80 5.29 7.97 -5.95
CA SER A 80 5.57 8.93 -4.88
C SER A 80 4.29 9.72 -4.58
N PHE A 81 4.00 9.88 -3.28
CA PHE A 81 2.81 10.58 -2.78
C PHE A 81 3.05 11.08 -1.35
N VAL A 82 2.40 12.18 -0.97
CA VAL A 82 2.53 12.77 0.38
C VAL A 82 1.21 12.60 1.13
N MET A 83 1.26 12.10 2.37
CA MET A 83 0.06 11.90 3.19
C MET A 83 -0.41 13.26 3.77
N ASP A 84 -1.65 13.32 4.29
CA ASP A 84 -2.23 14.56 4.84
C ASP A 84 -1.55 14.98 6.17
N ASP A 85 -0.89 14.02 6.85
CA ASP A 85 -0.10 14.28 8.07
C ASP A 85 1.24 15.01 7.72
N GLY A 86 1.51 15.13 6.40
CA GLY A 86 2.62 15.93 5.87
C GLY A 86 3.87 15.13 5.50
N ARG A 87 3.88 13.84 5.84
CA ARG A 87 5.06 12.95 5.60
C ARG A 87 4.99 12.35 4.18
N GLU A 88 6.14 12.31 3.49
CA GLU A 88 6.25 11.77 2.11
C GLU A 88 6.42 10.25 2.15
N VAL A 89 5.82 9.54 1.18
CA VAL A 89 5.94 8.08 1.06
C VAL A 89 6.27 7.76 -0.41
N ASP A 90 7.41 7.10 -0.62
CA ASP A 90 7.91 6.72 -1.94
C ASP A 90 7.93 5.19 -2.00
N VAL A 91 7.01 4.61 -2.76
CA VAL A 91 6.91 3.16 -3.00
C VAL A 91 7.55 2.83 -4.37
N GLN A 92 8.08 1.61 -4.53
CA GLN A 92 8.84 1.20 -5.71
C GLN A 92 8.57 -0.28 -6.02
N PHE A 93 8.44 -0.60 -7.32
CA PHE A 93 8.15 -1.95 -7.81
C PHE A 93 9.20 -2.30 -8.87
N ALA A 94 9.93 -3.39 -8.65
CA ALA A 94 10.96 -3.88 -9.58
C ALA A 94 10.82 -5.40 -9.71
N SER A 95 10.75 -5.89 -10.96
CA SER A 95 10.68 -7.33 -11.26
C SER A 95 12.00 -8.04 -10.89
N GLU A 96 11.91 -9.28 -10.41
CA GLU A 96 13.08 -10.08 -9.98
C GLU A 96 12.91 -11.56 -10.39
N PRO A 97 14.02 -12.37 -10.50
CA PRO A 97 13.91 -13.82 -10.73
C PRO A 97 13.26 -14.53 -9.52
N GLY A 98 11.91 -14.65 -9.58
CA GLY A 98 11.11 -15.26 -8.51
C GLY A 98 9.74 -14.60 -8.39
N GLY A 99 9.66 -13.30 -8.74
CA GLY A 99 8.43 -12.52 -8.60
C GLY A 99 8.68 -11.02 -8.80
N THR A 100 8.25 -10.20 -7.83
CA THR A 100 8.38 -8.74 -7.88
C THR A 100 8.78 -8.22 -6.49
N TRP A 101 9.89 -7.48 -6.44
CA TRP A 101 10.37 -6.81 -5.24
C TRP A 101 9.60 -5.49 -5.06
N VAL A 102 8.82 -5.40 -3.98
CA VAL A 102 8.14 -4.17 -3.59
C VAL A 102 8.90 -3.55 -2.42
N GLN A 103 9.45 -2.36 -2.65
CA GLN A 103 10.11 -1.54 -1.63
C GLN A 103 9.14 -0.42 -1.26
N GLU A 104 8.91 -0.19 0.02
CA GLU A 104 8.13 0.97 0.49
C GLU A 104 8.97 1.78 1.48
N THR A 105 9.34 2.98 1.07
CA THR A 105 9.98 3.95 1.94
C THR A 105 8.91 4.95 2.35
N PHE A 106 8.79 5.19 3.65
CA PHE A 106 7.87 6.17 4.22
C PHE A 106 8.66 7.05 5.17
N ASP A 107 8.34 8.35 5.19
CA ASP A 107 8.96 9.27 6.13
C ASP A 107 8.22 9.16 7.46
N ALA A 108 9.00 9.03 8.52
CA ALA A 108 8.51 8.81 9.87
C ALA A 108 8.97 9.96 10.76
N GLU A 109 8.43 10.03 11.97
CA GLU A 109 8.64 11.17 12.88
C GLU A 109 9.28 10.70 14.19
N THR A 110 10.07 11.59 14.83
CA THR A 110 10.70 11.28 16.12
C THR A 110 9.71 11.47 17.30
N SER A 111 8.49 11.97 17.01
CA SER A 111 7.42 12.14 18.02
C SER A 111 6.55 10.87 18.09
N HIS A 112 6.85 9.88 17.22
CA HIS A 112 6.41 8.49 17.38
C HIS A 112 7.67 7.59 17.44
N THR A 113 7.55 6.43 18.08
CA THR A 113 8.64 5.44 18.19
C THR A 113 8.81 4.71 16.84
N PRO A 114 10.02 4.82 16.16
CA PRO A 114 10.29 4.17 14.85
C PRO A 114 9.99 2.66 14.80
N ALA A 115 10.18 1.97 15.94
CA ALA A 115 9.85 0.53 16.09
C ALA A 115 8.37 0.25 15.75
N GLN A 116 7.47 1.03 16.38
CA GLN A 116 6.01 0.87 16.20
C GLN A 116 5.56 1.36 14.81
N GLN A 117 6.13 2.49 14.34
CA GLN A 117 5.83 3.05 13.00
C GLN A 117 6.14 2.03 11.90
N GLN A 118 7.36 1.49 11.96
CA GLN A 118 7.86 0.49 11.02
C GLN A 118 7.02 -0.77 11.08
N ALA A 119 6.62 -1.19 12.30
CA ALA A 119 5.80 -2.40 12.52
C ALA A 119 4.38 -2.23 11.92
N GLY A 120 3.88 -0.97 11.94
CA GLY A 120 2.57 -0.65 11.39
C GLY A 120 2.56 -0.76 9.88
N TRP A 121 3.48 -0.05 9.24
CA TRP A 121 3.62 -0.02 7.78
C TRP A 121 4.05 -1.38 7.22
N GLN A 122 4.95 -2.07 7.93
CA GLN A 122 5.41 -3.42 7.54
C GLN A 122 4.23 -4.40 7.60
N GLY A 123 3.32 -4.18 8.57
CA GLY A 123 2.06 -4.91 8.65
C GLY A 123 1.21 -4.71 7.40
N ILE A 124 1.06 -3.44 7.02
CA ILE A 124 0.28 -3.02 5.83
C ILE A 124 0.82 -3.65 4.52
N LEU A 125 2.13 -3.52 4.31
CA LEU A 125 2.81 -3.97 3.08
C LEU A 125 2.88 -5.51 3.03
N ASP A 126 3.09 -6.14 4.19
CA ASP A 126 3.07 -7.62 4.32
C ASP A 126 1.63 -8.16 4.20
N ASN A 127 0.61 -7.31 4.47
CA ASN A 127 -0.80 -7.67 4.23
C ASN A 127 -1.13 -7.56 2.75
N PHE A 128 -0.37 -6.73 2.02
CA PHE A 128 -0.44 -6.66 0.55
C PHE A 128 0.17 -7.94 -0.04
N LYS A 129 1.36 -8.31 0.44
CA LYS A 129 2.06 -9.55 0.07
C LYS A 129 1.17 -10.79 0.36
N ARG A 130 0.63 -10.83 1.58
CA ARG A 130 -0.23 -11.94 2.07
C ARG A 130 -1.52 -12.02 1.25
N TYR A 131 -2.14 -10.86 1.00
CA TYR A 131 -3.34 -10.72 0.15
C TYR A 131 -3.11 -11.40 -1.20
N VAL A 132 -2.05 -10.96 -1.90
CA VAL A 132 -1.75 -11.35 -3.29
C VAL A 132 -1.47 -12.87 -3.39
N GLU A 133 -0.55 -13.35 -2.55
CA GLU A 133 -0.04 -14.73 -2.65
C GLU A 133 -1.06 -15.77 -2.14
N ALA A 134 -1.89 -15.37 -1.15
CA ALA A 134 -2.93 -16.26 -0.60
C ALA A 134 -4.21 -16.23 -1.46
N ALA A 135 -4.38 -15.13 -2.21
CA ALA A 135 -5.44 -15.01 -3.24
C ALA A 135 -5.06 -15.86 -4.43
N GLY A 136 -3.79 -15.76 -4.84
CA GLY A 136 -3.23 -16.50 -5.98
C GLY A 136 -3.41 -15.76 -7.30
N LEU A 137 -4.62 -15.18 -7.47
CA LEU A 137 -5.12 -14.57 -8.71
C LEU A 137 -5.04 -15.57 -9.90
N GLU A 138 -3.83 -15.69 -10.48
CA GLU A 138 -3.54 -16.60 -11.58
C GLU A 138 -2.94 -17.91 -11.02
N HIS A 139 -3.69 -19.02 -11.13
CA HIS A 139 -3.22 -20.36 -10.72
C HIS A 139 -3.31 -21.27 -11.97
N HIS A 140 -2.73 -20.73 -13.07
CA HIS A 140 -2.94 -21.19 -14.48
C HIS A 140 -4.40 -20.89 -14.89
N HIS A 141 -4.72 -21.07 -16.18
CA HIS A 141 -6.10 -20.90 -16.68
C HIS A 141 -6.96 -22.10 -16.23
N HIS A 142 -8.19 -21.80 -15.80
CA HIS A 142 -9.12 -22.79 -15.21
C HIS A 142 -9.40 -23.96 -16.18
N HIS A 143 -8.88 -25.14 -15.78
CA HIS A 143 -8.87 -26.39 -16.56
C HIS A 143 -9.82 -27.43 -15.93
N HIS A 144 -9.81 -28.67 -16.50
CA HIS A 144 -10.62 -29.80 -16.00
C HIS A 144 -10.08 -30.28 -14.63
N MET A 1 13.37 11.89 7.95
CA MET A 1 13.94 10.58 8.32
C MET A 1 13.24 9.51 7.50
N LYS A 2 13.98 8.71 6.72
CA LYS A 2 13.38 7.69 5.85
C LYS A 2 13.56 6.29 6.44
N ILE A 3 12.51 5.46 6.31
CA ILE A 3 12.54 4.04 6.64
C ILE A 3 12.17 3.25 5.37
N SER A 4 13.11 2.49 4.83
CA SER A 4 12.87 1.61 3.68
C SER A 4 12.41 0.23 4.18
N ILE A 5 11.21 -0.19 3.76
CA ILE A 5 10.68 -1.54 4.08
C ILE A 5 10.52 -2.32 2.78
N GLU A 6 10.95 -3.58 2.76
CA GLU A 6 11.02 -4.40 1.54
C GLU A 6 9.90 -5.44 1.55
N ALA A 7 9.65 -6.04 0.37
CA ALA A 7 8.72 -7.16 0.19
C ALA A 7 9.01 -7.82 -1.16
N HIS A 8 9.66 -9.00 -1.12
CA HIS A 8 10.12 -9.69 -2.32
C HIS A 8 9.09 -10.77 -2.70
N ILE A 9 8.07 -10.35 -3.46
CA ILE A 9 6.98 -11.24 -3.87
C ILE A 9 7.35 -11.91 -5.20
N GLU A 10 7.02 -13.21 -5.36
CA GLU A 10 7.19 -13.92 -6.65
C GLU A 10 5.93 -13.72 -7.49
N GLN A 11 5.73 -12.46 -7.88
CA GLN A 11 4.58 -12.04 -8.68
C GLN A 11 5.02 -10.90 -9.61
N GLU A 12 4.38 -10.82 -10.79
CA GLU A 12 4.74 -9.85 -11.84
C GLU A 12 4.45 -8.42 -11.39
N ILE A 13 5.26 -7.44 -11.87
CA ILE A 13 5.23 -6.04 -11.38
C ILE A 13 3.89 -5.36 -11.69
N GLU A 14 3.26 -5.79 -12.81
CA GLU A 14 1.93 -5.34 -13.21
C GLU A 14 0.86 -5.92 -12.27
N ALA A 15 1.02 -7.21 -11.91
CA ALA A 15 0.07 -7.94 -11.03
C ALA A 15 0.09 -7.38 -9.59
N VAL A 16 1.31 -7.16 -9.07
CA VAL A 16 1.56 -6.51 -7.76
C VAL A 16 0.92 -5.10 -7.75
N TRP A 17 1.06 -4.38 -8.89
CA TRP A 17 0.47 -3.04 -9.06
C TRP A 17 -1.06 -3.09 -9.03
N TRP A 18 -1.68 -4.14 -9.62
CA TRP A 18 -3.16 -4.29 -9.59
C TRP A 18 -3.65 -4.28 -8.14
N ALA A 19 -3.06 -5.20 -7.37
CA ALA A 19 -3.44 -5.41 -5.97
C ALA A 19 -3.08 -4.18 -5.09
N TRP A 20 -2.12 -3.36 -5.54
CA TRP A 20 -1.70 -2.13 -4.83
C TRP A 20 -2.62 -0.94 -5.17
N ASN A 21 -3.06 -0.88 -6.44
CA ASN A 21 -3.72 0.31 -7.02
C ASN A 21 -5.25 0.24 -6.94
N ASP A 22 -5.83 -0.98 -7.05
CA ASP A 22 -7.30 -1.16 -7.09
C ASP A 22 -7.91 -0.81 -5.72
N PRO A 23 -8.84 0.21 -5.62
CA PRO A 23 -9.55 0.55 -4.36
C PRO A 23 -10.38 -0.62 -3.80
N ASP A 24 -10.64 -1.63 -4.67
CA ASP A 24 -11.23 -2.91 -4.28
C ASP A 24 -10.31 -3.64 -3.29
N CYS A 25 -9.05 -3.81 -3.71
CA CYS A 25 -8.01 -4.47 -2.91
C CYS A 25 -7.63 -3.62 -1.68
N ILE A 26 -7.39 -2.31 -1.94
CA ILE A 26 -6.99 -1.30 -0.92
C ILE A 26 -7.98 -1.25 0.26
N ALA A 27 -9.29 -1.28 -0.06
CA ALA A 27 -10.36 -1.25 0.97
C ALA A 27 -10.31 -2.47 1.92
N ARG A 28 -9.44 -3.46 1.60
CA ARG A 28 -9.28 -4.69 2.37
C ARG A 28 -7.93 -4.74 3.13
N TRP A 29 -6.76 -4.63 2.42
CA TRP A 29 -5.42 -4.84 3.05
C TRP A 29 -4.88 -3.58 3.76
N ASN A 30 -5.33 -2.38 3.31
CA ASN A 30 -4.73 -1.09 3.73
C ASN A 30 -4.91 -0.83 5.24
N ALA A 31 -6.10 -1.16 5.76
CA ALA A 31 -6.30 -1.28 7.21
C ALA A 31 -5.88 -2.70 7.61
N ALA A 32 -4.62 -2.84 8.08
CA ALA A 32 -3.98 -4.12 8.38
C ALA A 32 -4.77 -4.90 9.45
N SER A 33 -5.07 -4.22 10.56
CA SER A 33 -5.95 -4.73 11.61
C SER A 33 -7.37 -4.92 11.06
N SER A 34 -7.94 -6.13 11.27
CA SER A 34 -9.30 -6.48 10.82
C SER A 34 -10.38 -5.77 11.65
N ASP A 35 -9.97 -5.20 12.79
CA ASP A 35 -10.82 -4.33 13.65
C ASP A 35 -11.16 -3.04 12.89
N TRP A 36 -10.22 -2.62 12.04
CA TRP A 36 -10.36 -1.42 11.21
C TRP A 36 -10.69 -1.86 9.79
N HIS A 37 -11.76 -1.30 9.23
CA HIS A 37 -12.19 -1.57 7.85
C HIS A 37 -12.17 -0.25 7.09
N THR A 38 -11.39 -0.17 6.00
CA THR A 38 -11.44 0.96 5.09
C THR A 38 -12.77 0.89 4.31
N THR A 39 -13.72 1.75 4.70
CA THR A 39 -15.10 1.71 4.20
C THR A 39 -15.21 2.43 2.85
N GLY A 40 -14.30 3.40 2.63
CA GLY A 40 -14.22 4.13 1.36
C GLY A 40 -12.79 4.56 1.09
N SER A 41 -12.19 4.03 0.00
CA SER A 41 -10.84 4.38 -0.44
C SER A 41 -10.90 4.93 -1.88
N ARG A 42 -10.79 6.26 -2.00
CA ARG A 42 -10.82 6.95 -3.30
C ARG A 42 -9.38 7.17 -3.78
N VAL A 43 -9.08 6.74 -5.01
CA VAL A 43 -7.74 6.91 -5.62
C VAL A 43 -7.90 7.57 -7.00
N ASP A 44 -7.35 8.79 -7.11
CA ASP A 44 -7.21 9.52 -8.38
C ASP A 44 -5.74 9.36 -8.79
N LEU A 45 -5.45 8.27 -9.54
CA LEU A 45 -4.07 7.88 -9.88
C LEU A 45 -3.50 8.77 -11.01
N VAL A 46 -3.14 10.00 -10.63
CA VAL A 46 -2.56 11.01 -11.53
C VAL A 46 -1.52 11.83 -10.75
N VAL A 47 -0.67 12.56 -11.49
CA VAL A 47 0.43 13.35 -10.92
C VAL A 47 -0.13 14.64 -10.29
N GLY A 48 -0.12 14.70 -8.96
CA GLY A 48 -0.83 15.74 -8.21
C GLY A 48 -2.24 15.30 -7.83
N GLY A 49 -2.47 13.98 -7.86
CA GLY A 49 -3.77 13.38 -7.58
C GLY A 49 -4.11 13.29 -6.10
N ARG A 50 -5.22 12.62 -5.81
CA ARG A 50 -5.81 12.55 -4.46
C ARG A 50 -5.99 11.09 -4.05
N PHE A 51 -5.61 10.73 -2.83
CA PHE A 51 -6.00 9.44 -2.24
C PHE A 51 -6.60 9.70 -0.86
N CYS A 52 -7.69 8.99 -0.53
CA CYS A 52 -8.38 9.11 0.75
C CYS A 52 -8.75 7.71 1.23
N HIS A 53 -8.22 7.28 2.39
CA HIS A 53 -8.53 5.96 2.97
C HIS A 53 -9.30 6.15 4.27
N HIS A 54 -10.64 6.21 4.17
CA HIS A 54 -11.53 6.33 5.33
C HIS A 54 -11.53 5.00 6.10
N MET A 55 -10.79 4.94 7.21
CA MET A 55 -10.66 3.73 8.05
C MET A 55 -11.51 3.90 9.32
N ALA A 56 -12.43 2.96 9.56
CA ALA A 56 -13.38 3.02 10.68
C ALA A 56 -13.18 1.78 11.57
N ALA A 57 -13.50 1.90 12.87
CA ALA A 57 -13.39 0.77 13.83
C ALA A 57 -14.66 -0.10 13.75
N LYS A 58 -14.52 -1.40 14.10
CA LYS A 58 -15.62 -2.40 14.00
C LYS A 58 -16.74 -2.11 15.04
N ASP A 59 -16.36 -1.47 16.15
CA ASP A 59 -17.32 -1.02 17.20
C ASP A 59 -17.81 0.41 16.91
N GLY A 60 -17.17 1.09 15.92
CA GLY A 60 -17.47 2.49 15.59
C GLY A 60 -16.96 3.46 16.66
N SER A 61 -15.97 3.00 17.44
CA SER A 61 -15.41 3.74 18.57
C SER A 61 -14.48 4.88 18.09
N ALA A 62 -13.63 4.55 17.11
CA ALA A 62 -12.66 5.50 16.51
C ALA A 62 -12.67 5.37 14.99
N GLY A 63 -12.48 6.47 14.27
CA GLY A 63 -12.56 6.49 12.81
C GLY A 63 -11.79 7.66 12.22
N PHE A 64 -10.69 7.35 11.49
CA PHE A 64 -9.76 8.36 10.93
C PHE A 64 -9.50 8.09 9.44
N ASP A 65 -9.55 9.17 8.64
CA ASP A 65 -9.22 9.14 7.19
C ASP A 65 -7.71 9.24 6.98
N PHE A 66 -7.22 8.67 5.89
CA PHE A 66 -5.81 8.77 5.47
C PHE A 66 -5.78 9.36 4.07
N THR A 67 -5.95 10.69 4.04
CA THR A 67 -5.97 11.48 2.81
C THR A 67 -4.55 11.92 2.43
N GLY A 68 -4.39 12.50 1.22
CA GLY A 68 -3.12 13.04 0.78
C GLY A 68 -3.05 13.22 -0.73
N THR A 69 -1.88 13.68 -1.20
CA THR A 69 -1.66 14.04 -2.61
C THR A 69 -0.52 13.21 -3.24
N PHE A 70 -0.78 12.58 -4.40
CA PHE A 70 0.26 11.90 -5.21
C PHE A 70 1.26 12.94 -5.77
N THR A 71 2.56 12.68 -5.60
CA THR A 71 3.63 13.57 -6.10
C THR A 71 4.20 13.09 -7.45
N ARG A 72 4.38 11.76 -7.59
CA ARG A 72 4.95 11.15 -8.80
C ARG A 72 4.27 9.81 -9.07
N VAL A 73 3.59 9.68 -10.22
CA VAL A 73 2.88 8.46 -10.62
C VAL A 73 3.54 7.89 -11.89
N GLU A 74 4.16 6.71 -11.75
CA GLU A 74 4.74 5.97 -12.87
C GLU A 74 4.42 4.47 -12.70
N ALA A 75 3.22 4.08 -13.13
CA ALA A 75 2.74 2.68 -13.09
C ALA A 75 3.55 1.84 -14.10
N PRO A 76 3.96 0.57 -13.77
CA PRO A 76 3.83 -0.05 -12.42
C PRO A 76 5.14 -0.01 -11.58
N THR A 77 6.08 0.88 -11.96
CA THR A 77 7.47 0.82 -11.50
C THR A 77 7.70 1.57 -10.18
N ARG A 78 6.91 2.62 -9.93
CA ARG A 78 7.05 3.45 -8.72
C ARG A 78 5.77 4.27 -8.47
N LEU A 79 5.43 4.46 -7.18
CA LEU A 79 4.32 5.32 -6.77
C LEU A 79 4.77 6.17 -5.58
N SER A 80 4.92 7.45 -5.83
CA SER A 80 5.35 8.43 -4.83
C SER A 80 4.18 9.34 -4.48
N PHE A 81 4.01 9.58 -3.18
CA PHE A 81 2.88 10.34 -2.64
C PHE A 81 3.18 10.82 -1.21
N VAL A 82 2.52 11.91 -0.83
CA VAL A 82 2.60 12.53 0.49
C VAL A 82 1.19 12.48 1.09
N MET A 83 1.04 12.08 2.37
CA MET A 83 -0.29 12.03 3.02
C MET A 83 -0.60 13.39 3.69
N ASP A 84 -1.75 13.47 4.38
CA ASP A 84 -2.26 14.72 5.01
C ASP A 84 -1.33 15.20 6.13
N ASP A 85 -0.57 14.27 6.73
CA ASP A 85 0.37 14.57 7.83
C ASP A 85 1.63 15.29 7.31
N GLY A 86 1.78 15.36 5.96
CA GLY A 86 2.91 16.06 5.32
C GLY A 86 4.12 15.16 5.05
N ARG A 87 4.02 13.88 5.43
CA ARG A 87 5.13 12.92 5.34
C ARG A 87 5.17 12.27 3.94
N GLU A 88 6.38 12.04 3.42
CA GLU A 88 6.59 11.52 2.05
C GLU A 88 6.68 9.98 2.06
N VAL A 89 6.19 9.34 0.99
CA VAL A 89 6.23 7.88 0.80
C VAL A 89 6.54 7.59 -0.68
N ASP A 90 7.57 6.79 -0.94
CA ASP A 90 7.97 6.41 -2.30
C ASP A 90 8.03 4.88 -2.36
N VAL A 91 7.03 4.29 -3.02
CA VAL A 91 6.90 2.84 -3.16
C VAL A 91 7.61 2.42 -4.46
N GLN A 92 8.77 1.81 -4.29
CA GLN A 92 9.67 1.45 -5.37
C GLN A 92 9.50 -0.04 -5.69
N PHE A 93 9.14 -0.33 -6.94
CA PHE A 93 9.03 -1.72 -7.42
C PHE A 93 10.26 -2.01 -8.30
N ALA A 94 10.55 -3.29 -8.51
CA ALA A 94 11.66 -3.74 -9.35
C ALA A 94 11.42 -5.17 -9.80
N SER A 95 11.32 -5.37 -11.11
CA SER A 95 11.08 -6.69 -11.70
C SER A 95 12.29 -7.61 -11.46
N GLU A 96 12.03 -8.72 -10.77
CA GLU A 96 13.06 -9.70 -10.38
C GLU A 96 13.20 -10.76 -11.48
N PRO A 97 14.30 -11.60 -11.46
CA PRO A 97 14.41 -12.76 -12.36
C PRO A 97 13.28 -13.79 -12.21
N GLY A 98 12.53 -13.72 -11.10
CA GLY A 98 11.37 -14.57 -10.88
C GLY A 98 10.37 -13.93 -9.93
N GLY A 99 10.02 -12.65 -10.21
CA GLY A 99 8.94 -11.98 -9.48
C GLY A 99 9.07 -10.46 -9.52
N THR A 100 8.77 -9.80 -8.39
CA THR A 100 8.95 -8.35 -8.21
C THR A 100 9.28 -8.04 -6.73
N TRP A 101 10.37 -7.31 -6.55
CA TRP A 101 10.76 -6.73 -5.26
C TRP A 101 10.06 -5.37 -5.11
N VAL A 102 9.47 -5.16 -3.93
CA VAL A 102 8.78 -3.93 -3.54
C VAL A 102 9.56 -3.30 -2.37
N GLN A 103 9.60 -1.97 -2.30
CA GLN A 103 10.25 -1.26 -1.20
C GLN A 103 9.51 0.06 -0.95
N GLU A 104 8.70 0.13 0.12
CA GLU A 104 8.00 1.35 0.50
C GLU A 104 8.93 2.18 1.43
N THR A 105 9.55 3.19 0.87
CA THR A 105 10.43 4.09 1.62
C THR A 105 9.58 5.28 2.09
N PHE A 106 9.29 5.35 3.38
CA PHE A 106 8.34 6.34 3.94
C PHE A 106 9.08 7.20 4.96
N ASP A 107 8.57 8.40 5.21
CA ASP A 107 9.18 9.33 6.16
C ASP A 107 8.55 9.05 7.53
N ALA A 108 9.41 8.83 8.53
CA ALA A 108 9.04 8.32 9.86
C ALA A 108 8.11 9.28 10.61
N GLU A 109 7.02 8.73 11.17
CA GLU A 109 6.04 9.48 11.96
C GLU A 109 6.62 9.76 13.37
N THR A 110 6.12 10.79 14.07
CA THR A 110 6.57 11.09 15.45
C THR A 110 5.73 10.37 16.51
N SER A 111 4.62 9.72 16.08
CA SER A 111 3.70 8.99 16.96
C SER A 111 4.41 7.88 17.76
N HIS A 112 5.32 7.17 17.10
CA HIS A 112 6.05 6.02 17.69
C HIS A 112 7.52 6.07 17.25
N THR A 113 8.29 5.03 17.65
CA THR A 113 9.69 4.90 17.27
C THR A 113 9.81 4.29 15.85
N PRO A 114 10.90 4.62 15.08
CA PRO A 114 11.17 4.03 13.74
C PRO A 114 11.02 2.49 13.67
N ALA A 115 11.45 1.79 14.74
CA ALA A 115 11.34 0.31 14.85
C ALA A 115 9.87 -0.15 14.88
N GLN A 116 9.03 0.53 15.68
CA GLN A 116 7.59 0.18 15.84
C GLN A 116 6.82 0.48 14.55
N GLN A 117 7.12 1.64 13.94
CA GLN A 117 6.46 2.12 12.71
C GLN A 117 6.92 1.35 11.48
N GLN A 118 8.15 0.82 11.54
CA GLN A 118 8.65 -0.10 10.50
C GLN A 118 7.81 -1.37 10.51
N ALA A 119 7.53 -1.87 11.72
CA ALA A 119 6.65 -3.05 11.92
C ALA A 119 5.18 -2.73 11.55
N GLY A 120 4.78 -1.45 11.67
CA GLY A 120 3.40 -1.01 11.41
C GLY A 120 3.08 -0.93 9.92
N TRP A 121 3.85 -0.08 9.20
CA TRP A 121 3.71 0.11 7.75
C TRP A 121 4.04 -1.19 6.99
N GLN A 122 5.10 -1.92 7.42
CA GLN A 122 5.49 -3.21 6.82
C GLN A 122 4.53 -4.32 7.28
N GLY A 123 3.79 -4.07 8.37
CA GLY A 123 2.63 -4.90 8.71
C GLY A 123 1.59 -4.86 7.60
N ILE A 124 1.26 -3.62 7.16
CA ILE A 124 0.28 -3.35 6.08
C ILE A 124 0.80 -3.89 4.73
N LEU A 125 2.11 -3.70 4.49
CA LEU A 125 2.80 -4.14 3.26
C LEU A 125 2.90 -5.69 3.23
N ASP A 126 3.01 -6.31 4.43
CA ASP A 126 3.02 -7.78 4.60
C ASP A 126 1.61 -8.38 4.46
N ASN A 127 0.57 -7.62 4.84
CA ASN A 127 -0.85 -8.02 4.60
C ASN A 127 -1.16 -7.94 3.10
N PHE A 128 -0.59 -6.92 2.45
CA PHE A 128 -0.63 -6.75 1.00
C PHE A 128 0.05 -7.94 0.31
N LYS A 129 1.30 -8.24 0.74
CA LYS A 129 2.13 -9.33 0.22
C LYS A 129 1.41 -10.68 0.28
N ARG A 130 0.90 -10.99 1.49
CA ARG A 130 0.19 -12.26 1.79
C ARG A 130 -1.09 -12.38 0.95
N TYR A 131 -1.76 -11.23 0.73
CA TYR A 131 -2.99 -11.14 -0.10
C TYR A 131 -2.70 -11.48 -1.57
N VAL A 132 -1.57 -10.94 -2.08
CA VAL A 132 -1.12 -11.15 -3.48
C VAL A 132 -0.83 -12.64 -3.74
N GLU A 133 -0.06 -13.25 -2.82
CA GLU A 133 0.39 -14.65 -2.92
C GLU A 133 -0.76 -15.64 -2.67
N ALA A 134 -1.77 -15.20 -1.87
CA ALA A 134 -2.95 -16.03 -1.54
C ALA A 134 -3.95 -16.04 -2.72
N ALA A 135 -4.14 -14.84 -3.31
CA ALA A 135 -5.06 -14.64 -4.46
C ALA A 135 -4.50 -15.30 -5.73
N GLY A 136 -3.16 -15.44 -5.78
CA GLY A 136 -2.47 -16.07 -6.91
C GLY A 136 -2.15 -15.08 -8.01
N LEU A 137 -3.23 -14.50 -8.59
CA LEU A 137 -3.18 -13.54 -9.72
C LEU A 137 -2.74 -14.25 -11.03
N GLU A 138 -1.46 -14.70 -11.10
CA GLU A 138 -0.96 -15.48 -12.26
C GLU A 138 -1.59 -16.88 -12.31
N HIS A 139 -2.09 -17.36 -11.15
CA HIS A 139 -2.94 -18.56 -11.06
C HIS A 139 -4.33 -18.23 -11.62
N HIS A 140 -4.44 -18.26 -12.97
CA HIS A 140 -5.66 -18.01 -13.76
C HIS A 140 -6.10 -16.53 -13.69
N HIS A 141 -6.79 -16.07 -14.73
CA HIS A 141 -7.28 -14.68 -14.84
C HIS A 141 -8.49 -14.43 -13.92
N HIS A 142 -8.45 -13.32 -13.19
CA HIS A 142 -9.50 -12.89 -12.25
C HIS A 142 -9.87 -11.43 -12.55
N HIS A 143 -8.91 -10.52 -12.32
CA HIS A 143 -9.10 -9.07 -12.53
C HIS A 143 -8.00 -8.53 -13.44
N HIS A 144 -8.40 -7.62 -14.37
CA HIS A 144 -7.56 -7.03 -15.43
C HIS A 144 -7.29 -8.08 -16.55
N MET A 1 13.48 11.58 9.02
CA MET A 1 13.88 10.17 9.21
C MET A 1 13.02 9.27 8.32
N LYS A 2 13.63 8.67 7.29
CA LYS A 2 12.96 7.76 6.35
C LYS A 2 13.43 6.32 6.62
N ILE A 3 12.47 5.41 6.78
CA ILE A 3 12.71 3.99 6.93
C ILE A 3 12.14 3.24 5.72
N SER A 4 12.96 2.37 5.13
CA SER A 4 12.56 1.51 4.02
C SER A 4 12.36 0.07 4.53
N ILE A 5 11.26 -0.56 4.10
CA ILE A 5 10.99 -1.99 4.34
C ILE A 5 10.80 -2.70 2.98
N GLU A 6 11.22 -3.96 2.89
CA GLU A 6 11.24 -4.70 1.60
C GLU A 6 10.31 -5.93 1.63
N ALA A 7 9.89 -6.37 0.43
CA ALA A 7 9.08 -7.58 0.25
C ALA A 7 8.96 -7.90 -1.24
N HIS A 8 9.51 -9.05 -1.69
CA HIS A 8 9.37 -9.46 -3.09
C HIS A 8 8.16 -10.39 -3.23
N ILE A 9 7.17 -9.92 -3.99
CA ILE A 9 5.92 -10.64 -4.27
C ILE A 9 6.10 -11.47 -5.54
N GLU A 10 5.87 -12.80 -5.46
CA GLU A 10 6.01 -13.71 -6.61
C GLU A 10 4.73 -13.59 -7.49
N GLN A 11 4.68 -12.46 -8.21
CA GLN A 11 3.52 -12.05 -9.00
C GLN A 11 3.97 -10.95 -9.98
N GLU A 12 3.18 -10.74 -11.06
CA GLU A 12 3.44 -9.66 -12.03
C GLU A 12 3.37 -8.30 -11.33
N ILE A 13 4.27 -7.39 -11.74
CA ILE A 13 4.29 -6.00 -11.24
C ILE A 13 2.99 -5.27 -11.62
N GLU A 14 2.34 -5.75 -12.69
CA GLU A 14 0.98 -5.34 -13.08
C GLU A 14 -0.03 -5.62 -11.96
N ALA A 15 -0.01 -6.85 -11.43
CA ALA A 15 -0.96 -7.33 -10.42
C ALA A 15 -0.63 -6.80 -9.01
N VAL A 16 0.66 -6.56 -8.76
CA VAL A 16 1.14 -5.93 -7.51
C VAL A 16 0.65 -4.46 -7.45
N TRP A 17 0.86 -3.73 -8.56
CA TRP A 17 0.39 -2.35 -8.72
C TRP A 17 -1.16 -2.28 -8.68
N TRP A 18 -1.79 -3.30 -9.30
CA TRP A 18 -3.26 -3.46 -9.33
C TRP A 18 -3.81 -3.56 -7.91
N ALA A 19 -3.17 -4.42 -7.11
CA ALA A 19 -3.55 -4.63 -5.72
C ALA A 19 -3.33 -3.35 -4.88
N TRP A 20 -2.26 -2.59 -5.21
CA TRP A 20 -1.86 -1.40 -4.45
C TRP A 20 -2.78 -0.19 -4.72
N ASN A 21 -3.25 -0.04 -5.97
CA ASN A 21 -3.92 1.20 -6.44
C ASN A 21 -5.45 1.05 -6.62
N ASP A 22 -5.92 -0.17 -6.99
CA ASP A 22 -7.37 -0.40 -7.22
C ASP A 22 -8.13 -0.39 -5.87
N PRO A 23 -9.17 0.49 -5.73
CA PRO A 23 -9.89 0.72 -4.43
C PRO A 23 -10.55 -0.55 -3.84
N ASP A 24 -11.03 -1.40 -4.77
CA ASP A 24 -11.69 -2.68 -4.46
C ASP A 24 -10.71 -3.64 -3.75
N CYS A 25 -9.46 -3.62 -4.25
CA CYS A 25 -8.36 -4.42 -3.72
C CYS A 25 -7.93 -3.91 -2.33
N ILE A 26 -7.81 -2.58 -2.23
CA ILE A 26 -7.38 -1.86 -1.01
C ILE A 26 -8.38 -2.05 0.14
N ALA A 27 -9.67 -2.22 -0.22
CA ALA A 27 -10.75 -2.48 0.76
C ALA A 27 -10.59 -3.86 1.44
N ARG A 28 -9.82 -4.75 0.79
CA ARG A 28 -9.56 -6.12 1.28
C ARG A 28 -8.34 -6.14 2.23
N TRP A 29 -7.21 -5.50 1.83
CA TRP A 29 -6.01 -5.32 2.72
C TRP A 29 -6.09 -3.92 3.40
N ASN A 30 -4.92 -3.39 3.84
CA ASN A 30 -4.73 -1.96 4.27
C ASN A 30 -5.18 -1.69 5.72
N ALA A 31 -6.12 -2.52 6.22
CA ALA A 31 -6.54 -2.48 7.63
C ALA A 31 -5.34 -2.76 8.54
N ALA A 32 -4.93 -1.72 9.30
CA ALA A 32 -3.74 -1.76 10.19
C ALA A 32 -3.87 -2.81 11.29
N SER A 33 -5.11 -3.12 11.69
CA SER A 33 -5.44 -4.11 12.73
C SER A 33 -6.69 -4.93 12.33
N SER A 34 -6.94 -6.04 13.06
CA SER A 34 -8.12 -6.90 12.86
C SER A 34 -9.38 -6.28 13.50
N ASP A 35 -9.17 -5.29 14.39
CA ASP A 35 -10.25 -4.46 14.96
C ASP A 35 -10.70 -3.39 13.95
N TRP A 36 -9.92 -3.25 12.86
CA TRP A 36 -10.09 -2.21 11.84
C TRP A 36 -10.28 -2.87 10.47
N HIS A 37 -10.87 -2.13 9.54
CA HIS A 37 -11.13 -2.61 8.16
C HIS A 37 -11.25 -1.41 7.23
N THR A 38 -10.69 -1.51 6.02
CA THR A 38 -10.77 -0.45 5.02
C THR A 38 -12.22 -0.36 4.50
N THR A 39 -12.92 0.69 4.96
CA THR A 39 -14.34 0.92 4.68
C THR A 39 -14.52 1.63 3.31
N GLY A 40 -13.47 2.33 2.89
CA GLY A 40 -13.46 3.02 1.60
C GLY A 40 -12.04 3.31 1.14
N SER A 41 -11.88 3.63 -0.15
CA SER A 41 -10.62 4.03 -0.74
C SER A 41 -10.87 4.81 -2.03
N ARG A 42 -10.61 6.12 -2.01
CA ARG A 42 -10.68 6.97 -3.19
C ARG A 42 -9.24 7.12 -3.72
N VAL A 43 -9.02 6.88 -5.03
CA VAL A 43 -7.67 6.95 -5.65
C VAL A 43 -7.77 7.65 -7.02
N ASP A 44 -7.09 8.79 -7.16
CA ASP A 44 -6.96 9.53 -8.44
C ASP A 44 -5.48 9.49 -8.84
N LEU A 45 -5.09 8.35 -9.46
CA LEU A 45 -3.70 8.05 -9.82
C LEU A 45 -3.20 8.95 -10.97
N VAL A 46 -2.86 10.21 -10.63
CA VAL A 46 -2.22 11.18 -11.54
C VAL A 46 -1.25 12.04 -10.71
N VAL A 47 -0.28 12.70 -11.39
CA VAL A 47 0.66 13.62 -10.73
C VAL A 47 -0.11 14.92 -10.37
N GLY A 48 -0.43 15.06 -9.08
CA GLY A 48 -1.27 16.16 -8.57
C GLY A 48 -2.58 15.66 -8.00
N GLY A 49 -2.97 14.43 -8.38
CA GLY A 49 -4.20 13.79 -7.88
C GLY A 49 -4.02 13.21 -6.49
N ARG A 50 -5.11 13.12 -5.74
CA ARG A 50 -5.10 12.74 -4.32
C ARG A 50 -5.65 11.32 -4.14
N PHE A 51 -5.45 10.77 -2.94
CA PHE A 51 -6.07 9.50 -2.53
C PHE A 51 -6.34 9.52 -1.02
N CYS A 52 -7.10 8.51 -0.57
CA CYS A 52 -7.39 8.27 0.83
C CYS A 52 -7.80 6.79 1.00
N HIS A 53 -7.20 6.10 1.98
CA HIS A 53 -7.57 4.71 2.32
C HIS A 53 -8.25 4.71 3.69
N HIS A 54 -9.59 4.86 3.66
CA HIS A 54 -10.41 5.02 4.88
C HIS A 54 -10.52 3.69 5.63
N MET A 55 -10.22 3.68 6.94
CA MET A 55 -10.42 2.51 7.81
C MET A 55 -11.34 2.91 8.96
N ALA A 56 -12.21 2.00 9.37
CA ALA A 56 -13.07 2.18 10.54
C ALA A 56 -12.89 1.01 11.49
N ALA A 57 -12.89 1.31 12.79
CA ALA A 57 -13.00 0.32 13.86
C ALA A 57 -14.36 -0.40 13.75
N LYS A 58 -14.44 -1.66 14.22
CA LYS A 58 -15.67 -2.48 14.11
C LYS A 58 -16.83 -1.91 14.96
N ASP A 59 -16.48 -1.17 16.03
CA ASP A 59 -17.44 -0.41 16.86
C ASP A 59 -18.03 0.78 16.07
N GLY A 60 -17.26 1.26 15.06
CA GLY A 60 -17.65 2.43 14.25
C GLY A 60 -17.37 3.75 14.96
N SER A 61 -16.83 3.66 16.19
CA SER A 61 -16.62 4.81 17.08
C SER A 61 -15.28 5.53 16.78
N ALA A 62 -14.41 4.87 15.99
CA ALA A 62 -13.08 5.38 15.63
C ALA A 62 -12.82 5.13 14.13
N GLY A 63 -12.09 6.06 13.48
CA GLY A 63 -11.76 5.96 12.06
C GLY A 63 -10.42 6.61 11.74
N PHE A 64 -9.52 5.87 11.07
CA PHE A 64 -8.19 6.36 10.66
C PHE A 64 -8.07 6.22 9.14
N ASP A 65 -7.61 7.27 8.47
CA ASP A 65 -7.55 7.36 7.01
C ASP A 65 -6.07 7.52 6.57
N PHE A 66 -5.71 6.92 5.42
CA PHE A 66 -4.37 7.07 4.80
C PHE A 66 -4.48 8.03 3.62
N THR A 67 -4.53 9.33 3.93
CA THR A 67 -4.65 10.40 2.95
C THR A 67 -3.25 10.82 2.43
N GLY A 68 -3.16 11.02 1.11
CA GLY A 68 -1.94 11.48 0.45
C GLY A 68 -2.23 12.07 -0.92
N THR A 69 -1.20 12.61 -1.59
CA THR A 69 -1.33 13.18 -2.95
C THR A 69 -0.11 12.76 -3.77
N PHE A 70 -0.37 12.10 -4.91
CA PHE A 70 0.66 11.52 -5.78
C PHE A 70 1.55 12.62 -6.39
N THR A 71 2.84 12.57 -6.06
CA THR A 71 3.84 13.53 -6.54
C THR A 71 4.56 12.99 -7.77
N ARG A 72 4.77 11.67 -7.81
CA ARG A 72 5.43 11.00 -8.94
C ARG A 72 4.81 9.62 -9.14
N VAL A 73 4.18 9.41 -10.30
CA VAL A 73 3.57 8.14 -10.71
C VAL A 73 4.42 7.54 -11.84
N GLU A 74 5.28 6.58 -11.50
CA GLU A 74 6.07 5.83 -12.49
C GLU A 74 5.48 4.42 -12.61
N ALA A 75 4.28 4.33 -13.19
CA ALA A 75 3.51 3.09 -13.27
C ALA A 75 4.16 2.07 -14.24
N PRO A 76 4.36 0.77 -13.83
CA PRO A 76 4.04 0.24 -12.49
C PRO A 76 5.26 0.16 -11.53
N THR A 77 6.39 0.77 -11.95
CA THR A 77 7.72 0.58 -11.34
C THR A 77 7.96 1.39 -10.04
N ARG A 78 7.10 2.38 -9.76
CA ARG A 78 7.22 3.22 -8.55
C ARG A 78 5.97 4.09 -8.39
N LEU A 79 5.62 4.35 -7.14
CA LEU A 79 4.57 5.26 -6.74
C LEU A 79 5.11 6.13 -5.63
N SER A 80 4.96 7.43 -5.75
CA SER A 80 5.49 8.40 -4.79
C SER A 80 4.41 9.43 -4.49
N PHE A 81 4.34 9.84 -3.22
CA PHE A 81 3.31 10.75 -2.73
C PHE A 81 3.73 11.39 -1.41
N VAL A 82 3.04 12.46 -1.06
CA VAL A 82 3.16 13.14 0.24
C VAL A 82 1.82 13.00 0.95
N MET A 83 1.81 12.57 2.22
CA MET A 83 0.58 12.46 3.00
C MET A 83 -0.01 13.85 3.28
N ASP A 84 -1.28 13.89 3.68
CA ASP A 84 -1.96 15.13 4.09
C ASP A 84 -1.32 15.73 5.37
N ASP A 85 -0.69 14.85 6.16
CA ASP A 85 0.04 15.22 7.40
C ASP A 85 1.50 15.68 7.09
N GLY A 86 1.88 15.62 5.79
CA GLY A 86 3.10 16.27 5.28
C GLY A 86 4.34 15.39 5.16
N ARG A 87 4.30 14.14 5.65
CA ARG A 87 5.45 13.20 5.53
C ARG A 87 5.38 12.45 4.19
N GLU A 88 6.54 12.35 3.51
CA GLU A 88 6.65 11.74 2.18
C GLU A 88 6.81 10.21 2.28
N VAL A 89 6.09 9.48 1.40
CA VAL A 89 6.19 8.03 1.26
C VAL A 89 6.43 7.70 -0.23
N ASP A 90 7.52 6.97 -0.49
CA ASP A 90 7.91 6.54 -1.83
C ASP A 90 7.92 5.00 -1.87
N VAL A 91 6.91 4.42 -2.49
CA VAL A 91 6.75 2.96 -2.61
C VAL A 91 7.32 2.50 -3.96
N GLN A 92 8.38 1.71 -3.93
CA GLN A 92 9.12 1.28 -5.13
C GLN A 92 8.68 -0.13 -5.52
N PHE A 93 8.59 -0.40 -6.82
CA PHE A 93 8.21 -1.72 -7.35
C PHE A 93 9.27 -2.15 -8.38
N ALA A 94 10.31 -2.84 -7.90
CA ALA A 94 11.46 -3.25 -8.72
C ALA A 94 11.23 -4.67 -9.27
N SER A 95 10.80 -4.76 -10.55
CA SER A 95 10.61 -6.05 -11.23
C SER A 95 11.92 -6.88 -11.21
N GLU A 96 11.81 -8.11 -10.75
CA GLU A 96 12.96 -9.01 -10.55
C GLU A 96 12.68 -10.35 -11.26
N PRO A 97 13.75 -11.14 -11.65
CA PRO A 97 13.58 -12.52 -12.14
C PRO A 97 12.95 -13.43 -11.05
N GLY A 98 11.62 -13.56 -11.08
CA GLY A 98 10.88 -14.33 -10.06
C GLY A 98 9.70 -13.58 -9.46
N GLY A 99 9.59 -12.26 -9.73
CA GLY A 99 8.44 -11.47 -9.24
C GLY A 99 8.66 -9.96 -9.24
N THR A 100 8.35 -9.30 -8.11
CA THR A 100 8.41 -7.84 -7.98
C THR A 100 8.85 -7.48 -6.54
N TRP A 101 10.08 -6.94 -6.42
CA TRP A 101 10.65 -6.53 -5.13
C TRP A 101 10.17 -5.12 -4.76
N VAL A 102 9.21 -5.07 -3.83
CA VAL A 102 8.59 -3.81 -3.36
C VAL A 102 9.37 -3.26 -2.16
N GLN A 103 9.71 -1.96 -2.20
CA GLN A 103 10.40 -1.26 -1.10
C GLN A 103 9.53 -0.06 -0.67
N GLU A 104 8.85 -0.18 0.47
CA GLU A 104 8.01 0.91 1.00
C GLU A 104 8.89 1.83 1.86
N THR A 105 9.25 2.98 1.27
CA THR A 105 10.02 4.03 1.94
C THR A 105 9.01 5.03 2.52
N PHE A 106 9.12 5.32 3.81
CA PHE A 106 8.19 6.24 4.50
C PHE A 106 8.97 7.08 5.50
N ASP A 107 8.63 8.38 5.60
CA ASP A 107 9.18 9.24 6.66
C ASP A 107 8.42 8.90 7.95
N ALA A 108 9.13 8.25 8.88
CA ALA A 108 8.53 7.59 10.03
C ALA A 108 8.32 8.53 11.22
N GLU A 109 7.50 9.57 11.01
CA GLU A 109 6.80 10.28 12.09
C GLU A 109 5.35 10.56 11.68
N THR A 110 4.54 9.50 11.66
CA THR A 110 3.09 9.57 11.42
C THR A 110 2.31 8.85 12.53
N SER A 111 2.92 7.79 13.07
CA SER A 111 2.21 6.75 13.85
C SER A 111 2.63 6.73 15.34
N HIS A 112 3.97 6.75 15.57
CA HIS A 112 4.62 6.31 16.85
C HIS A 112 6.13 6.66 16.81
N THR A 113 6.95 6.09 17.72
CA THR A 113 8.43 6.11 17.58
C THR A 113 8.85 5.45 16.23
N PRO A 114 9.86 6.01 15.49
CA PRO A 114 10.26 5.53 14.14
C PRO A 114 10.45 3.99 14.03
N ALA A 115 11.20 3.39 14.98
CA ALA A 115 11.39 1.93 15.08
C ALA A 115 10.05 1.16 15.13
N GLN A 116 9.14 1.62 16.01
CA GLN A 116 7.78 1.06 16.16
C GLN A 116 6.97 1.19 14.84
N GLN A 117 7.29 2.25 14.05
CA GLN A 117 6.65 2.49 12.74
C GLN A 117 7.19 1.55 11.67
N GLN A 118 8.48 1.16 11.78
CA GLN A 118 9.05 0.15 10.88
C GLN A 118 8.26 -1.16 11.02
N ALA A 119 7.95 -1.51 12.28
CA ALA A 119 7.15 -2.70 12.62
C ALA A 119 5.67 -2.53 12.22
N GLY A 120 5.12 -1.31 12.41
CA GLY A 120 3.68 -1.04 12.18
C GLY A 120 3.33 -0.96 10.70
N TRP A 121 4.10 -0.15 9.96
CA TRP A 121 3.99 -0.04 8.49
C TRP A 121 4.38 -1.35 7.80
N GLN A 122 5.23 -2.17 8.47
CA GLN A 122 5.49 -3.54 8.02
C GLN A 122 4.19 -4.35 8.00
N GLY A 123 3.29 -4.07 8.95
CA GLY A 123 1.97 -4.69 8.96
C GLY A 123 1.15 -4.40 7.71
N ILE A 124 1.27 -3.16 7.18
CA ILE A 124 0.56 -2.72 5.97
C ILE A 124 1.13 -3.42 4.71
N LEU A 125 2.47 -3.35 4.53
CA LEU A 125 3.14 -3.94 3.34
C LEU A 125 3.07 -5.48 3.36
N ASP A 126 3.14 -6.07 4.57
CA ASP A 126 2.92 -7.52 4.80
C ASP A 126 1.51 -7.90 4.36
N ASN A 127 0.49 -7.20 4.91
CA ASN A 127 -0.94 -7.48 4.64
C ASN A 127 -1.26 -7.36 3.13
N PHE A 128 -0.55 -6.41 2.49
CA PHE A 128 -0.59 -6.20 1.04
C PHE A 128 -0.06 -7.43 0.29
N LYS A 129 1.18 -7.84 0.61
CA LYS A 129 1.87 -8.99 -0.02
C LYS A 129 1.05 -10.29 0.11
N ARG A 130 0.53 -10.53 1.34
CA ARG A 130 -0.28 -11.71 1.65
C ARG A 130 -1.55 -11.71 0.78
N TYR A 131 -2.15 -10.52 0.60
CA TYR A 131 -3.33 -10.34 -0.26
C TYR A 131 -3.04 -10.73 -1.72
N VAL A 132 -1.95 -10.17 -2.29
CA VAL A 132 -1.63 -10.33 -3.74
C VAL A 132 -1.43 -11.83 -4.09
N GLU A 133 -0.73 -12.54 -3.20
CA GLU A 133 -0.35 -13.95 -3.41
C GLU A 133 -1.46 -14.93 -2.96
N ALA A 134 -2.32 -14.53 -1.99
CA ALA A 134 -3.44 -15.39 -1.51
C ALA A 134 -4.59 -15.35 -2.52
N ALA A 135 -4.79 -14.16 -3.11
CA ALA A 135 -5.73 -13.97 -4.23
C ALA A 135 -5.18 -14.71 -5.45
N GLY A 136 -3.92 -14.39 -5.81
CA GLY A 136 -3.22 -14.99 -6.94
C GLY A 136 -3.88 -14.63 -8.25
N LEU A 137 -3.40 -13.57 -8.91
CA LEU A 137 -4.05 -12.98 -10.07
C LEU A 137 -3.67 -13.81 -11.33
N GLU A 138 -3.44 -13.12 -12.47
CA GLU A 138 -3.16 -13.79 -13.75
C GLU A 138 -1.80 -14.52 -13.69
N HIS A 139 -0.69 -13.75 -13.75
CA HIS A 139 0.70 -14.26 -13.63
C HIS A 139 1.07 -15.30 -14.72
N HIS A 140 0.15 -15.47 -15.73
CA HIS A 140 0.14 -16.62 -16.66
C HIS A 140 0.50 -17.95 -15.95
N HIS A 141 -0.13 -18.18 -14.77
CA HIS A 141 0.20 -19.29 -13.85
C HIS A 141 -0.58 -20.57 -14.19
N HIS A 142 -0.11 -21.69 -13.63
CA HIS A 142 -0.75 -23.02 -13.78
C HIS A 142 -1.83 -23.17 -12.68
N HIS A 143 -2.01 -24.38 -12.10
CA HIS A 143 -2.89 -24.61 -10.93
C HIS A 143 -2.41 -23.78 -9.72
N HIS A 144 -1.10 -23.59 -9.62
CA HIS A 144 -0.46 -22.73 -8.63
C HIS A 144 0.43 -21.69 -9.36
N MET A 1 13.18 12.02 10.75
CA MET A 1 13.69 10.68 10.36
C MET A 1 12.73 10.01 9.36
N LYS A 2 13.30 9.12 8.54
CA LYS A 2 12.55 8.24 7.63
C LYS A 2 12.85 6.78 7.97
N ILE A 3 11.90 5.89 7.64
CA ILE A 3 12.07 4.44 7.80
C ILE A 3 11.91 3.77 6.43
N SER A 4 12.82 2.83 6.12
CA SER A 4 12.79 2.04 4.89
C SER A 4 12.32 0.61 5.21
N ILE A 5 11.31 0.14 4.48
CA ILE A 5 10.77 -1.24 4.57
C ILE A 5 10.77 -1.88 3.16
N GLU A 6 10.70 -3.22 3.10
CA GLU A 6 10.59 -3.97 1.82
C GLU A 6 9.97 -5.36 2.01
N ALA A 7 9.49 -5.93 0.89
CA ALA A 7 8.85 -7.26 0.84
C ALA A 7 9.03 -7.90 -0.55
N HIS A 8 9.24 -9.22 -0.59
CA HIS A 8 9.24 -10.01 -1.82
C HIS A 8 7.85 -10.62 -1.99
N ILE A 9 7.13 -10.21 -3.04
CA ILE A 9 5.88 -10.85 -3.43
C ILE A 9 6.19 -11.76 -4.62
N GLU A 10 5.87 -13.06 -4.53
CA GLU A 10 6.02 -13.99 -5.64
C GLU A 10 4.85 -13.73 -6.60
N GLN A 11 5.02 -12.71 -7.43
CA GLN A 11 4.03 -12.27 -8.41
C GLN A 11 4.68 -11.22 -9.32
N GLU A 12 4.25 -11.17 -10.60
CA GLU A 12 4.78 -10.23 -11.61
C GLU A 12 4.40 -8.80 -11.24
N ILE A 13 5.27 -7.84 -11.59
CA ILE A 13 5.14 -6.43 -11.20
C ILE A 13 3.85 -5.79 -11.73
N GLU A 14 3.38 -6.28 -12.90
CA GLU A 14 2.14 -5.82 -13.52
C GLU A 14 0.95 -6.28 -12.69
N ALA A 15 0.98 -7.55 -12.25
CA ALA A 15 -0.06 -8.16 -11.42
C ALA A 15 -0.12 -7.56 -10.00
N VAL A 16 1.07 -7.26 -9.46
CA VAL A 16 1.22 -6.54 -8.19
C VAL A 16 0.64 -5.11 -8.34
N TRP A 17 0.93 -4.47 -9.48
CA TRP A 17 0.46 -3.11 -9.80
C TRP A 17 -1.06 -3.07 -9.99
N TRP A 18 -1.66 -4.13 -10.58
CA TRP A 18 -3.13 -4.22 -10.73
C TRP A 18 -3.76 -4.17 -9.34
N ALA A 19 -3.29 -5.05 -8.48
CA ALA A 19 -3.77 -5.18 -7.11
C ALA A 19 -3.49 -3.91 -6.27
N TRP A 20 -2.44 -3.15 -6.65
CA TRP A 20 -2.01 -1.92 -5.94
C TRP A 20 -2.77 -0.67 -6.44
N ASN A 21 -3.17 -0.66 -7.74
CA ASN A 21 -3.75 0.56 -8.39
C ASN A 21 -5.28 0.48 -8.53
N ASP A 22 -5.82 -0.75 -8.55
CA ASP A 22 -7.26 -1.02 -8.75
C ASP A 22 -8.05 -0.55 -7.52
N PRO A 23 -9.01 0.44 -7.66
CA PRO A 23 -9.76 1.03 -6.52
C PRO A 23 -10.50 -0.01 -5.62
N ASP A 24 -11.00 -1.10 -6.22
CA ASP A 24 -11.72 -2.17 -5.49
C ASP A 24 -10.75 -3.00 -4.65
N CYS A 25 -9.58 -3.30 -5.23
CA CYS A 25 -8.53 -4.08 -4.56
C CYS A 25 -7.87 -3.23 -3.45
N ILE A 26 -7.65 -1.94 -3.74
CA ILE A 26 -7.21 -0.90 -2.78
C ILE A 26 -8.14 -0.81 -1.56
N ALA A 27 -9.45 -0.93 -1.81
CA ALA A 27 -10.48 -0.91 -0.75
C ALA A 27 -10.48 -2.21 0.10
N ARG A 28 -9.53 -3.11 -0.17
CA ARG A 28 -9.31 -4.34 0.62
C ARG A 28 -8.09 -4.17 1.56
N TRP A 29 -7.01 -3.50 1.07
CA TRP A 29 -5.76 -3.33 1.85
C TRP A 29 -5.56 -1.87 2.33
N ASN A 30 -5.22 -1.76 3.62
CA ASN A 30 -4.75 -0.53 4.29
C ASN A 30 -4.43 -0.83 5.75
N ALA A 31 -5.05 -1.91 6.27
CA ALA A 31 -4.99 -2.24 7.68
C ALA A 31 -3.59 -2.73 8.08
N ALA A 32 -2.96 -1.98 9.01
CA ALA A 32 -1.70 -2.36 9.67
C ALA A 32 -1.93 -3.50 10.68
N SER A 33 -3.21 -3.78 10.96
CA SER A 33 -3.65 -4.85 11.85
C SER A 33 -5.04 -5.33 11.41
N SER A 34 -5.36 -6.61 11.66
CA SER A 34 -6.73 -7.16 11.40
C SER A 34 -7.79 -6.48 12.30
N ASP A 35 -7.32 -5.88 13.40
CA ASP A 35 -8.12 -5.04 14.32
C ASP A 35 -8.71 -3.81 13.59
N TRP A 36 -8.06 -3.41 12.48
CA TRP A 36 -8.52 -2.30 11.62
C TRP A 36 -9.12 -2.87 10.33
N HIS A 37 -10.05 -2.13 9.74
CA HIS A 37 -10.76 -2.53 8.50
C HIS A 37 -10.95 -1.31 7.60
N THR A 38 -11.02 -1.53 6.28
CA THR A 38 -11.42 -0.49 5.34
C THR A 38 -12.95 -0.29 5.43
N THR A 39 -13.39 0.92 5.80
CA THR A 39 -14.82 1.29 5.76
C THR A 39 -15.13 2.03 4.45
N GLY A 40 -14.09 2.67 3.88
CA GLY A 40 -14.18 3.34 2.60
C GLY A 40 -12.85 3.91 2.17
N SER A 41 -12.54 3.82 0.87
CA SER A 41 -11.30 4.33 0.27
C SER A 41 -11.55 4.80 -1.18
N ARG A 42 -11.18 6.06 -1.48
CA ARG A 42 -11.15 6.60 -2.86
C ARG A 42 -9.69 6.86 -3.28
N VAL A 43 -9.37 6.66 -4.57
CA VAL A 43 -8.05 6.97 -5.15
C VAL A 43 -8.23 7.66 -6.51
N ASP A 44 -7.49 8.75 -6.72
CA ASP A 44 -7.37 9.45 -8.01
C ASP A 44 -5.91 9.36 -8.44
N LEU A 45 -5.56 8.24 -9.09
CA LEU A 45 -4.18 7.91 -9.44
C LEU A 45 -3.73 8.68 -10.70
N VAL A 46 -3.34 9.93 -10.50
CA VAL A 46 -2.69 10.79 -11.49
C VAL A 46 -1.62 11.63 -10.77
N VAL A 47 -0.69 12.22 -11.53
CA VAL A 47 0.32 13.14 -10.97
C VAL A 47 -0.39 14.47 -10.59
N GLY A 48 -0.66 14.64 -9.28
CA GLY A 48 -1.45 15.75 -8.76
C GLY A 48 -2.71 15.28 -8.05
N GLY A 49 -3.10 14.03 -8.32
CA GLY A 49 -4.32 13.42 -7.73
C GLY A 49 -4.13 13.01 -6.28
N ARG A 50 -5.25 12.81 -5.58
CA ARG A 50 -5.27 12.48 -4.16
C ARG A 50 -5.91 11.11 -3.92
N PHE A 51 -5.62 10.52 -2.78
CA PHE A 51 -6.30 9.30 -2.30
C PHE A 51 -6.64 9.47 -0.82
N CYS A 52 -7.51 8.59 -0.30
CA CYS A 52 -7.85 8.53 1.12
C CYS A 52 -8.30 7.11 1.47
N HIS A 53 -7.72 6.54 2.54
CA HIS A 53 -8.12 5.25 3.12
C HIS A 53 -8.64 5.51 4.53
N HIS A 54 -9.97 5.62 4.71
CA HIS A 54 -10.52 5.75 6.06
C HIS A 54 -10.45 4.38 6.76
N MET A 55 -9.48 4.27 7.66
CA MET A 55 -9.29 3.09 8.50
C MET A 55 -10.27 3.18 9.69
N ALA A 56 -11.07 2.13 9.89
CA ALA A 56 -11.99 2.04 11.03
C ALA A 56 -11.77 0.69 11.70
N ALA A 57 -11.44 0.73 13.00
CA ALA A 57 -11.18 -0.48 13.81
C ALA A 57 -12.46 -1.34 13.95
N LYS A 58 -12.31 -2.52 14.56
CA LYS A 58 -13.35 -3.59 14.63
C LYS A 58 -14.73 -3.08 15.10
N ASP A 59 -14.71 -2.22 16.13
CA ASP A 59 -15.93 -1.68 16.77
C ASP A 59 -16.33 -0.35 16.12
N GLY A 60 -15.38 0.25 15.37
CA GLY A 60 -15.56 1.59 14.79
C GLY A 60 -15.32 2.71 15.80
N SER A 61 -14.76 2.35 16.98
CA SER A 61 -14.49 3.31 18.07
C SER A 61 -13.19 4.10 17.79
N ALA A 62 -12.29 3.51 16.97
CA ALA A 62 -11.04 4.15 16.54
C ALA A 62 -11.07 4.34 15.01
N GLY A 63 -10.78 5.57 14.55
CA GLY A 63 -10.79 5.92 13.12
C GLY A 63 -9.59 6.77 12.71
N PHE A 64 -8.98 6.43 11.55
CA PHE A 64 -7.78 7.09 11.02
C PHE A 64 -7.99 7.42 9.53
N ASP A 65 -7.31 8.46 9.03
CA ASP A 65 -7.37 8.86 7.61
C ASP A 65 -5.97 8.72 6.98
N PHE A 66 -5.80 7.66 6.18
CA PHE A 66 -4.55 7.38 5.46
C PHE A 66 -4.68 8.01 4.07
N THR A 67 -4.53 9.33 4.06
CA THR A 67 -4.79 10.17 2.89
C THR A 67 -3.50 10.90 2.47
N GLY A 68 -3.36 11.11 1.15
CA GLY A 68 -2.17 11.74 0.57
C GLY A 68 -2.40 12.21 -0.86
N THR A 69 -1.35 12.78 -1.48
CA THR A 69 -1.41 13.30 -2.86
C THR A 69 -0.21 12.75 -3.66
N PHE A 70 -0.50 12.08 -4.81
CA PHE A 70 0.51 11.47 -5.67
C PHE A 70 1.38 12.55 -6.35
N THR A 71 2.68 12.48 -6.06
CA THR A 71 3.69 13.41 -6.59
C THR A 71 4.35 12.83 -7.86
N ARG A 72 4.35 11.50 -7.97
CA ARG A 72 4.98 10.75 -9.07
C ARG A 72 4.19 9.47 -9.33
N VAL A 73 3.85 9.20 -10.59
CA VAL A 73 3.20 7.94 -11.02
C VAL A 73 4.00 7.34 -12.19
N GLU A 74 4.75 6.26 -11.92
CA GLU A 74 5.52 5.52 -12.94
C GLU A 74 5.07 4.05 -12.97
N ALA A 75 4.00 3.77 -13.73
CA ALA A 75 3.44 2.42 -13.87
C ALA A 75 4.40 1.52 -14.68
N PRO A 76 4.66 0.23 -14.25
CA PRO A 76 4.20 -0.35 -12.96
C PRO A 76 5.29 -0.32 -11.87
N THR A 77 6.39 0.42 -12.12
CA THR A 77 7.67 0.24 -11.40
C THR A 77 7.87 1.20 -10.22
N ARG A 78 6.99 2.19 -10.03
CA ARG A 78 7.14 3.17 -8.93
C ARG A 78 5.86 4.00 -8.76
N LEU A 79 5.57 4.33 -7.50
CA LEU A 79 4.49 5.22 -7.13
C LEU A 79 4.92 6.01 -5.89
N SER A 80 4.80 7.33 -5.94
CA SER A 80 5.24 8.21 -4.86
C SER A 80 4.12 9.21 -4.55
N PHE A 81 3.94 9.50 -3.25
CA PHE A 81 2.91 10.41 -2.75
C PHE A 81 3.35 11.02 -1.42
N VAL A 82 2.66 12.06 -0.98
CA VAL A 82 2.92 12.72 0.31
C VAL A 82 1.63 12.73 1.14
N MET A 83 1.70 12.25 2.38
CA MET A 83 0.54 12.12 3.29
C MET A 83 0.05 13.49 3.78
N ASP A 84 -1.11 13.49 4.46
CA ASP A 84 -1.83 14.69 4.95
C ASP A 84 -0.96 15.60 5.84
N ASP A 85 -0.04 14.99 6.61
CA ASP A 85 0.83 15.70 7.56
C ASP A 85 2.08 16.32 6.89
N GLY A 86 2.15 16.24 5.55
CA GLY A 86 3.32 16.70 4.80
C GLY A 86 4.45 15.66 4.74
N ARG A 87 4.22 14.48 5.34
CA ARG A 87 5.24 13.41 5.41
C ARG A 87 5.32 12.66 4.07
N GLU A 88 6.51 12.69 3.44
CA GLU A 88 6.73 12.13 2.09
C GLU A 88 6.85 10.59 2.16
N VAL A 89 6.27 9.92 1.16
CA VAL A 89 6.19 8.44 1.07
C VAL A 89 6.55 8.00 -0.35
N ASP A 90 7.44 7.02 -0.49
CA ASP A 90 7.94 6.57 -1.79
C ASP A 90 7.91 5.05 -1.88
N VAL A 91 6.98 4.52 -2.68
CA VAL A 91 6.82 3.08 -2.90
C VAL A 91 7.44 2.72 -4.26
N GLN A 92 8.57 2.02 -4.26
CA GLN A 92 9.20 1.53 -5.49
C GLN A 92 8.84 0.05 -5.69
N PHE A 93 8.58 -0.34 -6.94
CA PHE A 93 8.31 -1.73 -7.32
C PHE A 93 9.45 -2.19 -8.24
N ALA A 94 10.29 -3.09 -7.74
CA ALA A 94 11.41 -3.64 -8.51
C ALA A 94 11.00 -5.02 -9.07
N SER A 95 10.74 -5.09 -10.38
CA SER A 95 10.40 -6.34 -11.07
C SER A 95 11.56 -7.35 -10.97
N GLU A 96 11.23 -8.62 -10.73
CA GLU A 96 12.21 -9.72 -10.57
C GLU A 96 11.78 -10.90 -11.46
N PRO A 97 12.73 -11.73 -11.96
CA PRO A 97 12.39 -13.05 -12.54
C PRO A 97 11.80 -13.98 -11.44
N GLY A 98 10.46 -14.04 -11.38
CA GLY A 98 9.75 -14.86 -10.40
C GLY A 98 9.30 -14.09 -9.16
N GLY A 99 9.08 -12.76 -9.31
CA GLY A 99 8.59 -11.96 -8.19
C GLY A 99 8.69 -10.46 -8.42
N THR A 100 8.43 -9.71 -7.34
CA THR A 100 8.54 -8.24 -7.31
C THR A 100 8.95 -7.81 -5.89
N TRP A 101 10.12 -7.19 -5.79
CA TRP A 101 10.63 -6.63 -4.54
C TRP A 101 10.07 -5.21 -4.37
N VAL A 102 9.05 -5.06 -3.52
CA VAL A 102 8.44 -3.75 -3.25
C VAL A 102 9.21 -3.07 -2.11
N GLN A 103 9.82 -1.94 -2.44
CA GLN A 103 10.55 -1.07 -1.52
C GLN A 103 9.64 0.11 -1.15
N GLU A 104 9.84 0.66 0.05
CA GLU A 104 9.06 1.79 0.55
C GLU A 104 9.94 2.58 1.55
N THR A 105 9.88 3.92 1.50
CA THR A 105 10.50 4.81 2.50
C THR A 105 9.55 5.97 2.81
N PHE A 106 9.19 6.14 4.10
CA PHE A 106 8.21 7.14 4.55
C PHE A 106 8.83 7.96 5.70
N ASP A 107 8.38 9.22 5.85
CA ASP A 107 8.77 10.05 7.01
C ASP A 107 8.00 9.57 8.25
N ALA A 108 8.75 9.13 9.27
CA ALA A 108 8.18 8.57 10.50
C ALA A 108 7.59 9.67 11.38
N GLU A 109 6.44 9.39 12.01
CA GLU A 109 5.72 10.30 12.91
C GLU A 109 6.58 10.55 14.17
N THR A 110 6.99 11.80 14.37
CA THR A 110 7.90 12.19 15.47
C THR A 110 7.25 11.99 16.87
N SER A 111 5.90 12.00 16.89
CA SER A 111 5.13 11.74 18.11
C SER A 111 5.11 10.24 18.47
N HIS A 112 5.06 9.37 17.44
CA HIS A 112 4.87 7.91 17.65
C HIS A 112 6.22 7.17 17.62
N THR A 113 6.26 5.99 18.27
CA THR A 113 7.43 5.10 18.29
C THR A 113 7.73 4.57 16.86
N PRO A 114 8.94 4.93 16.28
CA PRO A 114 9.33 4.56 14.90
C PRO A 114 9.24 3.04 14.60
N ALA A 115 9.74 2.19 15.53
CA ALA A 115 9.74 0.72 15.35
C ALA A 115 8.32 0.14 15.16
N GLN A 116 7.34 0.68 15.92
CA GLN A 116 5.91 0.31 15.77
C GLN A 116 5.39 0.71 14.38
N GLN A 117 5.84 1.87 13.89
CA GLN A 117 5.45 2.39 12.56
C GLN A 117 6.02 1.51 11.44
N GLN A 118 7.28 1.09 11.61
CA GLN A 118 7.95 0.17 10.67
C GLN A 118 7.17 -1.15 10.58
N ALA A 119 6.78 -1.66 11.75
CA ALA A 119 5.98 -2.89 11.87
C ALA A 119 4.56 -2.69 11.31
N GLY A 120 4.05 -1.46 11.43
CA GLY A 120 2.70 -1.09 10.97
C GLY A 120 2.62 -1.05 9.45
N TRP A 121 3.51 -0.26 8.84
CA TRP A 121 3.58 -0.06 7.39
C TRP A 121 4.00 -1.33 6.66
N GLN A 122 4.98 -2.06 7.23
CA GLN A 122 5.39 -3.38 6.72
C GLN A 122 4.25 -4.40 6.94
N GLY A 123 3.42 -4.13 7.97
CA GLY A 123 2.18 -4.87 8.20
C GLY A 123 1.14 -4.64 7.10
N ILE A 124 1.07 -3.39 6.59
CA ILE A 124 0.17 -3.01 5.48
C ILE A 124 0.65 -3.64 4.16
N LEU A 125 1.97 -3.58 3.94
CA LEU A 125 2.63 -4.08 2.71
C LEU A 125 2.57 -5.61 2.66
N ASP A 126 2.73 -6.25 3.83
CA ASP A 126 2.62 -7.70 3.98
C ASP A 126 1.15 -8.14 3.86
N ASN A 127 0.22 -7.29 4.34
CA ASN A 127 -1.25 -7.56 4.29
C ASN A 127 -1.70 -7.54 2.82
N PHE A 128 -1.13 -6.57 2.07
CA PHE A 128 -1.27 -6.47 0.62
C PHE A 128 -0.76 -7.74 -0.06
N LYS A 129 0.46 -8.17 0.31
CA LYS A 129 1.12 -9.38 -0.24
C LYS A 129 0.25 -10.63 -0.03
N ARG A 130 -0.25 -10.81 1.21
CA ARG A 130 -1.07 -11.97 1.60
C ARG A 130 -2.36 -12.01 0.78
N TYR A 131 -2.91 -10.82 0.48
CA TYR A 131 -4.12 -10.68 -0.35
C TYR A 131 -3.83 -11.05 -1.82
N VAL A 132 -2.70 -10.53 -2.35
CA VAL A 132 -2.26 -10.75 -3.75
C VAL A 132 -2.06 -12.24 -4.03
N GLU A 133 -1.42 -12.93 -3.08
CA GLU A 133 -1.10 -14.37 -3.20
C GLU A 133 -2.28 -15.25 -2.74
N ALA A 134 -3.27 -14.66 -2.01
CA ALA A 134 -4.52 -15.36 -1.65
C ALA A 134 -5.39 -15.56 -2.90
N ALA A 135 -5.33 -14.56 -3.78
CA ALA A 135 -5.95 -14.59 -5.11
C ALA A 135 -5.01 -15.32 -6.08
N GLY A 136 -3.69 -15.06 -5.90
CA GLY A 136 -2.63 -15.55 -6.80
C GLY A 136 -2.70 -14.96 -8.20
N LEU A 137 -3.68 -14.04 -8.41
CA LEU A 137 -4.16 -13.60 -9.74
C LEU A 137 -4.66 -14.79 -10.60
N GLU A 138 -4.91 -15.93 -9.92
CA GLU A 138 -5.41 -17.18 -10.53
C GLU A 138 -6.94 -17.19 -10.53
N HIS A 139 -7.51 -18.22 -11.14
CA HIS A 139 -8.95 -18.56 -11.10
C HIS A 139 -9.84 -17.32 -11.32
N HIS A 140 -9.77 -16.80 -12.55
CA HIS A 140 -10.48 -15.58 -12.97
C HIS A 140 -10.99 -15.78 -14.41
N HIS A 141 -11.21 -17.06 -14.77
CA HIS A 141 -11.63 -17.51 -16.10
C HIS A 141 -12.98 -16.86 -16.51
N HIS A 142 -12.88 -15.78 -17.30
CA HIS A 142 -14.03 -15.05 -17.84
C HIS A 142 -13.56 -14.10 -18.97
N HIS A 143 -12.45 -14.49 -19.66
CA HIS A 143 -11.83 -13.74 -20.78
C HIS A 143 -11.20 -12.39 -20.34
N HIS A 144 -10.96 -12.25 -19.02
CA HIS A 144 -10.25 -11.09 -18.45
C HIS A 144 -9.64 -11.50 -17.09
N MET A 1 13.95 12.49 9.10
CA MET A 1 13.84 11.04 9.43
C MET A 1 13.06 10.32 8.33
N LYS A 2 13.52 9.10 7.96
CA LYS A 2 12.87 8.25 6.95
C LYS A 2 13.20 6.78 7.22
N ILE A 3 12.21 5.90 7.04
CA ILE A 3 12.34 4.45 7.24
C ILE A 3 12.10 3.75 5.90
N SER A 4 13.04 2.90 5.50
CA SER A 4 12.98 2.15 4.24
C SER A 4 12.86 0.67 4.58
N ILE A 5 11.75 0.05 4.18
CA ILE A 5 11.51 -1.40 4.31
C ILE A 5 11.29 -2.01 2.92
N GLU A 6 11.39 -3.34 2.82
CA GLU A 6 11.38 -4.03 1.52
C GLU A 6 10.80 -5.44 1.65
N ALA A 7 10.49 -6.04 0.49
CA ALA A 7 9.91 -7.39 0.38
C ALA A 7 10.03 -7.87 -1.09
N HIS A 8 9.87 -9.18 -1.30
CA HIS A 8 9.78 -9.79 -2.65
C HIS A 8 8.44 -10.51 -2.74
N ILE A 9 7.53 -10.01 -3.60
CA ILE A 9 6.25 -10.68 -3.88
C ILE A 9 6.42 -11.62 -5.09
N GLU A 10 6.08 -12.91 -4.92
CA GLU A 10 6.14 -13.93 -6.00
C GLU A 10 4.92 -13.74 -6.92
N GLN A 11 4.99 -12.67 -7.72
CA GLN A 11 3.90 -12.19 -8.54
C GLN A 11 4.45 -11.16 -9.54
N GLU A 12 3.67 -10.91 -10.61
CA GLU A 12 3.98 -9.90 -11.63
C GLU A 12 3.79 -8.49 -11.06
N ILE A 13 4.68 -7.57 -11.46
CA ILE A 13 4.74 -6.17 -10.95
C ILE A 13 3.45 -5.41 -11.27
N GLU A 14 2.82 -5.74 -12.41
CA GLU A 14 1.59 -5.09 -12.89
C GLU A 14 0.36 -5.54 -12.08
N ALA A 15 0.41 -6.78 -11.56
CA ALA A 15 -0.63 -7.34 -10.66
C ALA A 15 -0.49 -6.75 -9.24
N VAL A 16 0.77 -6.57 -8.80
CA VAL A 16 1.11 -5.92 -7.53
C VAL A 16 0.64 -4.44 -7.55
N TRP A 17 0.96 -3.75 -8.66
CA TRP A 17 0.60 -2.34 -8.91
C TRP A 17 -0.93 -2.16 -8.99
N TRP A 18 -1.58 -3.11 -9.69
CA TRP A 18 -3.04 -3.17 -9.82
C TRP A 18 -3.69 -3.21 -8.43
N ALA A 19 -3.25 -4.17 -7.61
CA ALA A 19 -3.81 -4.40 -6.26
C ALA A 19 -3.51 -3.23 -5.31
N TRP A 20 -2.38 -2.54 -5.54
CA TRP A 20 -2.00 -1.36 -4.75
C TRP A 20 -2.99 -0.20 -5.02
N ASN A 21 -3.45 -0.12 -6.28
CA ASN A 21 -4.38 0.93 -6.74
C ASN A 21 -5.86 0.53 -6.50
N ASP A 22 -6.16 -0.78 -6.59
CA ASP A 22 -7.54 -1.33 -6.65
C ASP A 22 -8.30 -1.11 -5.31
N PRO A 23 -9.52 -0.46 -5.34
CA PRO A 23 -10.28 -0.09 -4.11
C PRO A 23 -10.75 -1.31 -3.28
N ASP A 24 -11.14 -2.39 -3.96
CA ASP A 24 -11.61 -3.63 -3.30
C ASP A 24 -10.46 -4.31 -2.56
N CYS A 25 -9.26 -4.20 -3.12
CA CYS A 25 -8.03 -4.69 -2.50
C CYS A 25 -7.68 -3.83 -1.27
N ILE A 26 -7.74 -2.49 -1.45
CA ILE A 26 -7.53 -1.49 -0.37
C ILE A 26 -8.57 -1.64 0.77
N ALA A 27 -9.75 -2.18 0.46
CA ALA A 27 -10.77 -2.51 1.49
C ALA A 27 -10.22 -3.53 2.51
N ARG A 28 -9.32 -4.41 2.03
CA ARG A 28 -8.69 -5.48 2.83
C ARG A 28 -7.38 -4.99 3.48
N TRP A 29 -6.38 -4.55 2.66
CA TRP A 29 -5.11 -3.99 3.17
C TRP A 29 -5.21 -2.46 3.21
N ASN A 30 -4.70 -1.88 4.30
CA ASN A 30 -4.64 -0.41 4.54
C ASN A 30 -4.21 -0.22 5.99
N ALA A 31 -4.82 -1.04 6.86
CA ALA A 31 -4.60 -1.06 8.30
C ALA A 31 -3.47 -2.03 8.66
N ALA A 32 -2.84 -1.73 9.81
CA ALA A 32 -1.81 -2.57 10.44
C ALA A 32 -2.45 -3.54 11.46
N SER A 33 -3.78 -3.45 11.64
CA SER A 33 -4.51 -4.17 12.68
C SER A 33 -5.84 -4.74 12.11
N SER A 34 -6.10 -6.01 12.44
CA SER A 34 -7.25 -6.80 11.91
C SER A 34 -8.61 -6.25 12.36
N ASP A 35 -8.62 -5.44 13.44
CA ASP A 35 -9.84 -4.81 13.99
C ASP A 35 -10.20 -3.50 13.27
N TRP A 36 -9.60 -3.28 12.08
CA TRP A 36 -9.95 -2.17 11.17
C TRP A 36 -10.25 -2.72 9.77
N HIS A 37 -10.84 -1.86 8.92
CA HIS A 37 -11.18 -2.17 7.52
C HIS A 37 -11.56 -0.86 6.81
N THR A 38 -11.18 -0.71 5.53
CA THR A 38 -11.49 0.51 4.76
C THR A 38 -12.95 0.46 4.23
N THR A 39 -13.81 1.34 4.76
CA THR A 39 -15.26 1.33 4.49
C THR A 39 -15.58 2.06 3.17
N GLY A 40 -14.64 2.91 2.72
CA GLY A 40 -14.75 3.60 1.45
C GLY A 40 -13.41 4.15 1.02
N SER A 41 -13.13 4.16 -0.28
CA SER A 41 -11.86 4.69 -0.82
C SER A 41 -12.07 5.30 -2.21
N ARG A 42 -11.31 6.36 -2.51
CA ARG A 42 -11.22 6.97 -3.84
C ARG A 42 -9.74 7.20 -4.15
N VAL A 43 -9.26 6.72 -5.30
CA VAL A 43 -7.86 6.92 -5.75
C VAL A 43 -7.87 7.52 -7.16
N ASP A 44 -7.01 8.52 -7.38
CA ASP A 44 -6.69 9.06 -8.70
C ASP A 44 -5.20 8.81 -8.92
N LEU A 45 -4.87 7.65 -9.50
CA LEU A 45 -3.48 7.22 -9.67
C LEU A 45 -2.84 7.93 -10.89
N VAL A 46 -2.54 9.22 -10.70
CA VAL A 46 -1.83 10.09 -11.67
C VAL A 46 -0.95 11.06 -10.88
N VAL A 47 0.01 11.73 -11.56
CA VAL A 47 0.85 12.76 -10.94
C VAL A 47 -0.02 13.97 -10.61
N GLY A 48 -0.35 14.13 -9.33
CA GLY A 48 -1.19 15.23 -8.84
C GLY A 48 -2.55 14.75 -8.36
N GLY A 49 -2.87 13.47 -8.66
CA GLY A 49 -4.13 12.86 -8.22
C GLY A 49 -4.15 12.56 -6.74
N ARG A 50 -5.37 12.53 -6.16
CA ARG A 50 -5.55 12.39 -4.70
C ARG A 50 -6.11 10.99 -4.38
N PHE A 51 -5.72 10.45 -3.21
CA PHE A 51 -6.29 9.22 -2.65
C PHE A 51 -6.83 9.48 -1.24
N CYS A 52 -7.89 8.75 -0.87
CA CYS A 52 -8.51 8.85 0.44
C CYS A 52 -8.99 7.45 0.88
N HIS A 53 -8.32 6.88 1.89
CA HIS A 53 -8.65 5.55 2.41
C HIS A 53 -9.33 5.70 3.78
N HIS A 54 -10.67 5.63 3.79
CA HIS A 54 -11.49 5.79 5.01
C HIS A 54 -11.39 4.53 5.87
N MET A 55 -10.44 4.51 6.81
CA MET A 55 -10.17 3.33 7.64
C MET A 55 -11.08 3.38 8.89
N ALA A 56 -12.08 2.50 8.92
CA ALA A 56 -13.07 2.39 9.99
C ALA A 56 -12.83 1.10 10.78
N ALA A 57 -12.81 1.20 12.11
CA ALA A 57 -12.71 0.03 13.00
C ALA A 57 -14.01 -0.80 12.91
N LYS A 58 -13.87 -2.14 13.04
CA LYS A 58 -14.99 -3.09 12.87
C LYS A 58 -16.06 -2.90 13.96
N ASP A 59 -15.63 -2.50 15.17
CA ASP A 59 -16.54 -2.14 16.29
C ASP A 59 -17.26 -0.81 16.02
N GLY A 60 -16.61 0.07 15.23
CA GLY A 60 -17.23 1.30 14.74
C GLY A 60 -17.06 2.51 15.65
N SER A 61 -16.18 2.42 16.68
CA SER A 61 -15.92 3.56 17.59
C SER A 61 -14.98 4.59 16.95
N ALA A 62 -13.90 4.12 16.32
CA ALA A 62 -12.88 5.00 15.69
C ALA A 62 -12.86 4.79 14.17
N GLY A 63 -12.51 5.88 13.45
CA GLY A 63 -12.46 5.89 11.99
C GLY A 63 -11.61 7.05 11.51
N PHE A 64 -10.38 6.75 11.05
CA PHE A 64 -9.39 7.76 10.62
C PHE A 64 -9.34 7.83 9.09
N ASP A 65 -9.30 9.06 8.56
CA ASP A 65 -9.20 9.32 7.11
C ASP A 65 -7.72 9.33 6.68
N PHE A 66 -7.32 8.35 5.87
CA PHE A 66 -5.94 8.24 5.34
C PHE A 66 -5.92 8.89 3.95
N THR A 67 -6.04 10.23 3.97
CA THR A 67 -6.04 11.06 2.78
C THR A 67 -4.60 11.45 2.41
N GLY A 68 -4.40 11.80 1.14
CA GLY A 68 -3.09 12.19 0.63
C GLY A 68 -3.15 12.43 -0.86
N THR A 69 -2.03 12.89 -1.44
CA THR A 69 -1.95 13.21 -2.87
C THR A 69 -0.66 12.61 -3.46
N PHE A 70 -0.80 11.89 -4.58
CA PHE A 70 0.33 11.38 -5.37
C PHE A 70 1.13 12.57 -5.93
N THR A 71 2.37 12.70 -5.48
CA THR A 71 3.25 13.83 -5.83
C THR A 71 4.16 13.45 -7.03
N ARG A 72 4.28 12.14 -7.31
CA ARG A 72 5.09 11.59 -8.43
C ARG A 72 4.68 10.13 -8.68
N VAL A 73 4.31 9.78 -9.93
CA VAL A 73 3.79 8.43 -10.29
C VAL A 73 4.48 7.93 -11.57
N GLU A 74 5.22 6.83 -11.45
CA GLU A 74 5.89 6.14 -12.57
C GLU A 74 5.47 4.68 -12.57
N ALA A 75 4.38 4.39 -13.28
CA ALA A 75 3.75 3.06 -13.34
C ALA A 75 4.61 2.08 -14.18
N PRO A 76 4.95 0.86 -13.65
CA PRO A 76 4.69 0.42 -12.26
C PRO A 76 5.98 0.41 -11.38
N THR A 77 7.00 1.16 -11.80
CA THR A 77 8.37 1.05 -11.28
C THR A 77 8.57 1.80 -9.94
N ARG A 78 8.05 3.03 -9.86
CA ARG A 78 8.16 3.88 -8.66
C ARG A 78 6.84 4.59 -8.40
N LEU A 79 6.49 4.76 -7.12
CA LEU A 79 5.31 5.52 -6.69
C LEU A 79 5.70 6.40 -5.52
N SER A 80 5.25 7.65 -5.56
CA SER A 80 5.52 8.63 -4.50
C SER A 80 4.24 9.43 -4.21
N PHE A 81 3.93 9.58 -2.92
CA PHE A 81 2.71 10.20 -2.45
C PHE A 81 2.91 10.70 -1.02
N VAL A 82 2.33 11.86 -0.72
CA VAL A 82 2.45 12.52 0.58
C VAL A 82 1.07 12.59 1.21
N MET A 83 0.93 12.00 2.42
CA MET A 83 -0.37 11.95 3.12
C MET A 83 -0.57 13.23 3.95
N ASP A 84 -1.73 13.30 4.60
CA ASP A 84 -2.22 14.50 5.31
C ASP A 84 -1.39 14.85 6.58
N ASP A 85 -0.48 13.93 6.98
CA ASP A 85 0.46 14.18 8.11
C ASP A 85 1.75 14.89 7.63
N GLY A 86 2.05 14.77 6.32
CA GLY A 86 3.30 15.32 5.75
C GLY A 86 4.37 14.26 5.55
N ARG A 87 4.01 12.99 5.82
CA ARG A 87 4.89 11.85 5.55
C ARG A 87 5.00 11.65 4.02
N GLU A 88 6.19 11.95 3.48
CA GLU A 88 6.49 11.83 2.04
C GLU A 88 6.96 10.39 1.73
N VAL A 89 6.08 9.59 1.16
CA VAL A 89 6.26 8.12 1.04
C VAL A 89 6.57 7.75 -0.42
N ASP A 90 7.64 6.93 -0.61
CA ASP A 90 8.06 6.43 -1.93
C ASP A 90 8.07 4.90 -1.89
N VAL A 91 7.05 4.28 -2.49
CA VAL A 91 6.96 2.82 -2.63
C VAL A 91 7.40 2.45 -4.05
N GLN A 92 8.57 1.81 -4.15
CA GLN A 92 9.19 1.39 -5.41
C GLN A 92 8.89 -0.10 -5.63
N PHE A 93 8.47 -0.45 -6.84
CA PHE A 93 8.21 -1.83 -7.24
C PHE A 93 9.25 -2.18 -8.32
N ALA A 94 10.22 -3.01 -7.95
CA ALA A 94 11.36 -3.34 -8.81
C ALA A 94 11.23 -4.77 -9.35
N SER A 95 10.61 -4.90 -10.54
CA SER A 95 10.38 -6.21 -11.19
C SER A 95 11.70 -6.95 -11.46
N GLU A 96 11.65 -8.27 -11.32
CA GLU A 96 12.81 -9.16 -11.46
C GLU A 96 12.34 -10.49 -12.09
N PRO A 97 13.21 -11.20 -12.86
CA PRO A 97 12.89 -12.58 -13.32
C PRO A 97 12.65 -13.52 -12.11
N GLY A 98 11.37 -13.69 -11.73
CA GLY A 98 10.97 -14.55 -10.60
C GLY A 98 10.28 -13.81 -9.45
N GLY A 99 9.82 -12.55 -9.65
CA GLY A 99 9.07 -11.82 -8.60
C GLY A 99 9.11 -10.30 -8.74
N THR A 100 8.83 -9.58 -7.63
CA THR A 100 8.83 -8.10 -7.58
C THR A 100 9.45 -7.64 -6.24
N TRP A 101 10.58 -6.94 -6.32
CA TRP A 101 11.21 -6.35 -5.13
C TRP A 101 10.52 -5.02 -4.78
N VAL A 102 9.53 -5.12 -3.88
CA VAL A 102 8.73 -3.98 -3.43
C VAL A 102 9.45 -3.36 -2.24
N GLN A 103 10.07 -2.20 -2.47
CA GLN A 103 10.73 -1.43 -1.42
C GLN A 103 9.77 -0.31 -1.03
N GLU A 104 9.11 -0.50 0.11
CA GLU A 104 8.16 0.46 0.67
C GLU A 104 8.94 1.41 1.58
N THR A 105 9.25 2.59 1.08
CA THR A 105 9.97 3.62 1.85
C THR A 105 8.97 4.69 2.24
N PHE A 106 8.97 5.09 3.50
CA PHE A 106 8.08 6.15 4.00
C PHE A 106 8.89 7.10 4.88
N ASP A 107 8.74 8.41 4.60
CA ASP A 107 9.27 9.47 5.45
C ASP A 107 8.59 9.40 6.82
N ALA A 108 9.39 9.55 7.88
CA ALA A 108 8.96 9.41 9.27
C ALA A 108 9.33 10.68 10.05
N GLU A 109 9.06 10.68 11.35
CA GLU A 109 9.48 11.77 12.25
C GLU A 109 10.01 11.18 13.56
N THR A 110 10.48 12.05 14.46
CA THR A 110 11.03 11.64 15.76
C THR A 110 9.96 11.67 16.88
N SER A 111 8.66 11.79 16.52
CA SER A 111 7.56 11.91 17.50
C SER A 111 6.91 10.53 17.74
N HIS A 112 6.54 9.85 16.64
CA HIS A 112 6.06 8.45 16.68
C HIS A 112 7.31 7.55 16.78
N THR A 113 7.18 6.42 17.48
CA THR A 113 8.27 5.44 17.63
C THR A 113 8.61 4.81 16.26
N PRO A 114 9.84 5.06 15.70
CA PRO A 114 10.23 4.59 14.35
C PRO A 114 10.03 3.08 14.14
N ALA A 115 10.45 2.26 15.14
CA ALA A 115 10.28 0.79 15.10
C ALA A 115 8.80 0.37 15.00
N GLN A 116 7.91 1.15 15.66
CA GLN A 116 6.44 0.92 15.63
C GLN A 116 5.88 1.24 14.23
N GLN A 117 6.38 2.35 13.63
CA GLN A 117 5.96 2.79 12.27
C GLN A 117 6.35 1.71 11.25
N GLN A 118 7.60 1.24 11.37
CA GLN A 118 8.20 0.18 10.54
C GLN A 118 7.35 -1.09 10.61
N ALA A 119 7.01 -1.51 11.83
CA ALA A 119 6.19 -2.70 12.09
C ALA A 119 4.77 -2.55 11.53
N GLY A 120 4.23 -1.32 11.60
CA GLY A 120 2.89 -1.02 11.11
C GLY A 120 2.77 -1.16 9.61
N TRP A 121 3.65 -0.45 8.90
CA TRP A 121 3.71 -0.47 7.44
C TRP A 121 4.09 -1.87 6.90
N GLN A 122 4.97 -2.58 7.63
CA GLN A 122 5.28 -4.01 7.33
C GLN A 122 4.03 -4.88 7.48
N GLY A 123 3.14 -4.51 8.43
CA GLY A 123 1.86 -5.20 8.61
C GLY A 123 0.90 -4.97 7.45
N ILE A 124 0.87 -3.71 6.96
CA ILE A 124 0.04 -3.29 5.82
C ILE A 124 0.53 -3.97 4.51
N LEU A 125 1.87 -3.98 4.33
CA LEU A 125 2.54 -4.53 3.14
C LEU A 125 2.45 -6.08 3.12
N ASP A 126 2.50 -6.69 4.31
CA ASP A 126 2.32 -8.14 4.51
C ASP A 126 0.87 -8.57 4.20
N ASN A 127 -0.11 -7.77 4.66
CA ASN A 127 -1.55 -8.05 4.39
C ASN A 127 -1.82 -7.93 2.88
N PHE A 128 -1.15 -6.94 2.28
CA PHE A 128 -1.17 -6.69 0.84
C PHE A 128 -0.62 -7.90 0.06
N LYS A 129 0.65 -8.29 0.34
CA LYS A 129 1.36 -9.37 -0.37
C LYS A 129 0.58 -10.70 -0.30
N ARG A 130 0.14 -11.05 0.92
CA ARG A 130 -0.62 -12.28 1.18
C ARG A 130 -1.93 -12.33 0.39
N TYR A 131 -2.59 -11.16 0.22
CA TYR A 131 -3.80 -11.05 -0.62
C TYR A 131 -3.46 -11.31 -2.12
N VAL A 132 -2.42 -10.62 -2.63
CA VAL A 132 -2.11 -10.62 -4.09
C VAL A 132 -1.75 -12.04 -4.57
N GLU A 133 -1.07 -12.78 -3.67
CA GLU A 133 -0.64 -14.17 -3.93
C GLU A 133 -1.76 -15.19 -3.61
N ALA A 134 -2.68 -14.85 -2.68
CA ALA A 134 -3.84 -15.73 -2.35
C ALA A 134 -4.82 -15.73 -3.52
N ALA A 135 -5.05 -14.52 -4.06
CA ALA A 135 -5.88 -14.28 -5.24
C ALA A 135 -5.24 -14.94 -6.46
N GLY A 136 -3.91 -14.77 -6.57
CA GLY A 136 -3.11 -15.39 -7.63
C GLY A 136 -3.06 -14.54 -8.90
N LEU A 137 -4.25 -14.10 -9.37
CA LEU A 137 -4.44 -13.28 -10.61
C LEU A 137 -3.86 -14.00 -11.85
N GLU A 138 -3.78 -15.32 -11.76
CA GLU A 138 -3.23 -16.21 -12.77
C GLU A 138 -4.33 -16.49 -13.82
N HIS A 139 -3.92 -16.84 -15.04
CA HIS A 139 -4.82 -17.09 -16.18
C HIS A 139 -5.31 -18.55 -16.20
N HIS A 140 -5.63 -19.07 -14.99
CA HIS A 140 -6.06 -20.47 -14.76
C HIS A 140 -7.35 -20.80 -15.53
N HIS A 141 -8.25 -19.83 -15.57
CA HIS A 141 -9.56 -19.96 -16.27
C HIS A 141 -9.47 -19.43 -17.73
N HIS A 142 -8.31 -18.83 -18.09
CA HIS A 142 -8.06 -18.21 -19.42
C HIS A 142 -8.95 -16.94 -19.64
N HIS A 143 -9.64 -16.51 -18.58
CA HIS A 143 -10.57 -15.38 -18.62
C HIS A 143 -10.89 -14.95 -17.17
N HIS A 144 -10.38 -13.79 -16.76
CA HIS A 144 -10.59 -13.23 -15.42
C HIS A 144 -10.70 -11.69 -15.54
N MET A 1 13.90 11.39 9.12
CA MET A 1 14.42 10.01 9.25
C MET A 1 13.59 9.08 8.37
N LYS A 2 14.16 8.59 7.26
CA LYS A 2 13.45 7.68 6.36
C LYS A 2 13.71 6.22 6.75
N ILE A 3 12.63 5.44 6.87
CA ILE A 3 12.70 3.99 7.08
C ILE A 3 12.36 3.25 5.78
N SER A 4 13.22 2.31 5.38
CA SER A 4 12.99 1.45 4.21
C SER A 4 12.49 0.06 4.69
N ILE A 5 11.30 -0.31 4.23
CA ILE A 5 10.67 -1.62 4.43
C ILE A 5 10.52 -2.33 3.06
N GLU A 6 10.36 -3.67 3.06
CA GLU A 6 10.26 -4.43 1.80
C GLU A 6 9.43 -5.72 1.95
N ALA A 7 9.08 -6.32 0.80
CA ALA A 7 8.31 -7.56 0.69
C ALA A 7 8.48 -8.12 -0.74
N HIS A 8 8.90 -9.38 -0.89
CA HIS A 8 9.09 -9.98 -2.22
C HIS A 8 7.86 -10.84 -2.55
N ILE A 9 7.11 -10.42 -3.57
CA ILE A 9 5.87 -11.08 -4.00
C ILE A 9 6.12 -11.82 -5.33
N GLU A 10 5.62 -13.07 -5.45
CA GLU A 10 5.77 -13.89 -6.68
C GLU A 10 4.62 -13.58 -7.69
N GLN A 11 4.56 -12.32 -8.13
CA GLN A 11 3.54 -11.82 -9.08
C GLN A 11 4.16 -10.79 -10.02
N GLU A 12 3.42 -10.50 -11.09
CA GLU A 12 3.76 -9.44 -12.05
C GLU A 12 3.74 -8.07 -11.35
N ILE A 13 4.64 -7.18 -11.76
CA ILE A 13 4.76 -5.82 -11.22
C ILE A 13 3.45 -5.03 -11.40
N GLU A 14 2.75 -5.35 -12.51
CA GLU A 14 1.46 -4.77 -12.88
C GLU A 14 0.35 -5.28 -11.96
N ALA A 15 0.45 -6.55 -11.54
CA ALA A 15 -0.52 -7.20 -10.62
C ALA A 15 -0.41 -6.60 -9.21
N VAL A 16 0.84 -6.50 -8.73
CA VAL A 16 1.17 -5.93 -7.42
C VAL A 16 0.74 -4.44 -7.37
N TRP A 17 1.07 -3.70 -8.44
CA TRP A 17 0.66 -2.28 -8.61
C TRP A 17 -0.87 -2.15 -8.57
N TRP A 18 -1.55 -3.02 -9.33
CA TRP A 18 -3.02 -3.02 -9.45
C TRP A 18 -3.65 -3.16 -8.06
N ALA A 19 -3.23 -4.20 -7.32
CA ALA A 19 -3.73 -4.49 -5.98
C ALA A 19 -3.37 -3.38 -4.95
N TRP A 20 -2.33 -2.59 -5.27
CA TRP A 20 -1.89 -1.47 -4.42
C TRP A 20 -2.88 -0.27 -4.54
N ASN A 21 -3.31 0.04 -5.78
CA ASN A 21 -4.15 1.25 -6.05
C ASN A 21 -5.66 0.90 -6.14
N ASP A 22 -6.00 -0.37 -6.39
CA ASP A 22 -7.40 -0.81 -6.61
C ASP A 22 -8.22 -0.72 -5.30
N PRO A 23 -9.35 0.04 -5.28
CA PRO A 23 -10.12 0.31 -4.03
C PRO A 23 -10.67 -0.97 -3.36
N ASP A 24 -11.05 -1.98 -4.20
CA ASP A 24 -11.59 -3.27 -3.70
C ASP A 24 -10.49 -4.04 -2.96
N CYS A 25 -9.29 -4.04 -3.52
CA CYS A 25 -8.11 -4.64 -2.90
C CYS A 25 -7.78 -3.93 -1.58
N ILE A 26 -7.81 -2.58 -1.61
CA ILE A 26 -7.60 -1.71 -0.44
C ILE A 26 -8.67 -1.96 0.67
N ALA A 27 -9.85 -2.48 0.28
CA ALA A 27 -10.88 -2.92 1.25
C ALA A 27 -10.45 -4.20 1.98
N ARG A 28 -9.60 -5.01 1.33
CA ARG A 28 -9.07 -6.25 1.89
C ARG A 28 -7.85 -5.93 2.79
N TRP A 29 -6.78 -5.32 2.22
CA TRP A 29 -5.60 -4.85 3.00
C TRP A 29 -5.85 -3.38 3.45
N ASN A 30 -4.76 -2.63 3.73
CA ASN A 30 -4.84 -1.18 4.12
C ASN A 30 -5.67 -1.04 5.40
N ALA A 31 -5.51 -2.04 6.25
CA ALA A 31 -6.19 -2.16 7.53
C ALA A 31 -5.13 -2.31 8.61
N ALA A 32 -5.48 -1.89 9.84
CA ALA A 32 -4.61 -2.09 11.02
C ALA A 32 -4.69 -3.55 11.50
N SER A 33 -5.84 -4.20 11.19
CA SER A 33 -6.08 -5.63 11.51
C SER A 33 -7.26 -6.15 10.64
N SER A 34 -7.61 -7.45 10.82
CA SER A 34 -8.83 -8.05 10.21
C SER A 34 -10.10 -7.56 10.94
N ASP A 35 -9.90 -6.80 12.02
CA ASP A 35 -10.96 -6.04 12.71
C ASP A 35 -11.05 -4.60 12.14
N TRP A 36 -10.33 -4.35 11.04
CA TRP A 36 -10.38 -3.07 10.29
C TRP A 36 -10.65 -3.36 8.82
N HIS A 37 -11.25 -2.38 8.13
CA HIS A 37 -11.70 -2.53 6.74
C HIS A 37 -12.04 -1.13 6.21
N THR A 38 -11.80 -0.85 4.93
CA THR A 38 -12.15 0.46 4.37
C THR A 38 -13.59 0.48 3.86
N THR A 39 -14.32 1.54 4.21
CA THR A 39 -15.71 1.79 3.79
C THR A 39 -15.72 2.48 2.41
N GLY A 40 -14.59 3.13 2.11
CA GLY A 40 -14.37 3.80 0.85
C GLY A 40 -12.92 4.26 0.72
N SER A 41 -12.31 3.98 -0.43
CA SER A 41 -10.92 4.35 -0.71
C SER A 41 -10.83 4.89 -2.13
N ARG A 42 -10.76 6.22 -2.26
CA ARG A 42 -10.51 6.86 -3.55
C ARG A 42 -9.00 6.86 -3.80
N VAL A 43 -8.63 6.53 -5.04
CA VAL A 43 -7.27 6.69 -5.56
C VAL A 43 -7.37 7.40 -6.91
N ASP A 44 -6.98 8.69 -6.93
CA ASP A 44 -6.94 9.49 -8.16
C ASP A 44 -5.49 9.46 -8.63
N LEU A 45 -5.14 8.38 -9.34
CA LEU A 45 -3.75 8.04 -9.65
C LEU A 45 -3.24 8.82 -10.88
N VAL A 46 -3.03 10.13 -10.67
CA VAL A 46 -2.37 11.03 -11.63
C VAL A 46 -1.32 11.86 -10.88
N VAL A 47 -0.43 12.54 -11.62
CA VAL A 47 0.54 13.45 -11.03
C VAL A 47 -0.19 14.72 -10.55
N GLY A 48 -0.41 14.81 -9.23
CA GLY A 48 -1.14 15.91 -8.61
C GLY A 48 -2.45 15.45 -7.96
N GLY A 49 -2.91 14.24 -8.35
CA GLY A 49 -4.16 13.67 -7.82
C GLY A 49 -4.04 13.18 -6.39
N ARG A 50 -5.17 13.01 -5.71
CA ARG A 50 -5.19 12.61 -4.29
C ARG A 50 -5.83 11.23 -4.08
N PHE A 51 -5.52 10.63 -2.93
CA PHE A 51 -6.18 9.40 -2.47
C PHE A 51 -6.70 9.64 -1.04
N CYS A 52 -7.79 8.95 -0.68
CA CYS A 52 -8.38 9.01 0.66
C CYS A 52 -8.91 7.62 1.02
N HIS A 53 -8.21 6.91 1.93
CA HIS A 53 -8.53 5.53 2.32
C HIS A 53 -9.10 5.53 3.75
N HIS A 54 -10.42 5.38 3.87
CA HIS A 54 -11.12 5.44 5.17
C HIS A 54 -10.99 4.10 5.92
N MET A 55 -9.98 3.98 6.80
CA MET A 55 -9.78 2.76 7.61
C MET A 55 -10.78 2.81 8.78
N ALA A 56 -11.79 1.94 8.73
CA ALA A 56 -12.84 1.88 9.75
C ALA A 56 -12.74 0.55 10.48
N ALA A 57 -12.85 0.59 11.82
CA ALA A 57 -12.87 -0.62 12.65
C ALA A 57 -14.21 -1.37 12.49
N LYS A 58 -14.26 -2.62 12.94
CA LYS A 58 -15.43 -3.48 12.82
C LYS A 58 -16.56 -3.00 13.76
N ASP A 59 -16.16 -2.37 14.88
CA ASP A 59 -17.09 -1.68 15.81
C ASP A 59 -17.58 -0.35 15.20
N GLY A 60 -16.77 0.22 14.28
CA GLY A 60 -17.13 1.43 13.56
C GLY A 60 -16.67 2.71 14.25
N SER A 61 -16.68 2.69 15.61
CA SER A 61 -16.41 3.87 16.46
C SER A 61 -14.98 4.40 16.25
N ALA A 62 -14.01 3.47 16.12
CA ALA A 62 -12.61 3.81 15.85
C ALA A 62 -12.38 3.88 14.33
N GLY A 63 -11.72 4.96 13.87
CA GLY A 63 -11.39 5.14 12.47
C GLY A 63 -10.18 6.04 12.26
N PHE A 64 -9.28 5.61 11.36
CA PHE A 64 -8.11 6.38 10.92
C PHE A 64 -8.23 6.63 9.41
N ASP A 65 -7.80 7.81 8.94
CA ASP A 65 -7.80 8.14 7.50
C ASP A 65 -6.37 8.12 6.95
N PHE A 66 -6.19 7.40 5.82
CA PHE A 66 -4.91 7.30 5.11
C PHE A 66 -5.05 8.07 3.78
N THR A 67 -4.76 9.37 3.83
CA THR A 67 -4.95 10.28 2.69
C THR A 67 -3.65 11.00 2.34
N GLY A 68 -3.62 11.61 1.14
CA GLY A 68 -2.47 12.34 0.67
C GLY A 68 -2.58 12.69 -0.79
N THR A 69 -1.45 13.06 -1.40
CA THR A 69 -1.40 13.53 -2.80
C THR A 69 -0.22 12.88 -3.54
N PHE A 70 -0.50 12.24 -4.68
CA PHE A 70 0.51 11.64 -5.55
C PHE A 70 1.41 12.72 -6.19
N THR A 71 2.70 12.64 -5.90
CA THR A 71 3.70 13.60 -6.37
C THR A 71 4.44 13.06 -7.60
N ARG A 72 4.57 11.73 -7.67
CA ARG A 72 5.36 11.03 -8.70
C ARG A 72 4.66 9.71 -9.04
N VAL A 73 4.26 9.54 -10.31
CA VAL A 73 3.53 8.34 -10.76
C VAL A 73 4.18 7.77 -12.03
N GLU A 74 4.85 6.62 -11.90
CA GLU A 74 5.33 5.81 -13.02
C GLU A 74 4.69 4.43 -12.88
N ALA A 75 3.55 4.23 -13.53
CA ALA A 75 2.86 2.93 -13.55
C ALA A 75 3.60 1.96 -14.49
N PRO A 76 3.94 0.72 -14.04
CA PRO A 76 3.70 0.18 -12.68
C PRO A 76 4.96 0.11 -11.77
N THR A 77 5.98 0.93 -12.08
CA THR A 77 7.30 0.81 -11.46
C THR A 77 7.39 1.55 -10.11
N ARG A 78 7.14 2.87 -10.07
CA ARG A 78 7.32 3.68 -8.84
C ARG A 78 6.09 4.54 -8.55
N LEU A 79 5.83 4.75 -7.25
CA LEU A 79 4.73 5.59 -6.78
C LEU A 79 5.17 6.35 -5.53
N SER A 80 5.25 7.66 -5.63
CA SER A 80 5.60 8.54 -4.51
C SER A 80 4.42 9.47 -4.24
N PHE A 81 4.16 9.74 -2.97
CA PHE A 81 3.06 10.61 -2.53
C PHE A 81 3.43 11.27 -1.21
N VAL A 82 3.02 12.53 -1.06
CA VAL A 82 3.17 13.29 0.19
C VAL A 82 1.78 13.50 0.77
N MET A 83 1.62 13.19 2.06
CA MET A 83 0.37 13.38 2.80
C MET A 83 0.14 14.89 3.03
N ASP A 84 -1.11 15.28 3.30
CA ASP A 84 -1.45 16.70 3.56
C ASP A 84 -0.99 17.17 4.96
N ASP A 85 -0.49 16.22 5.77
CA ASP A 85 0.20 16.50 7.04
C ASP A 85 1.70 16.81 6.79
N GLY A 86 2.14 16.59 5.53
CA GLY A 86 3.53 16.82 5.11
C GLY A 86 4.36 15.54 5.00
N ARG A 87 3.78 14.40 5.42
CA ARG A 87 4.50 13.10 5.51
C ARG A 87 4.88 12.54 4.11
N GLU A 88 6.18 12.54 3.77
CA GLU A 88 6.66 12.09 2.46
C GLU A 88 6.84 10.56 2.48
N VAL A 89 6.22 9.86 1.51
CA VAL A 89 6.35 8.40 1.32
C VAL A 89 6.73 8.12 -0.15
N ASP A 90 7.77 7.30 -0.35
CA ASP A 90 8.23 6.90 -1.69
C ASP A 90 8.14 5.38 -1.77
N VAL A 91 7.37 4.86 -2.72
CA VAL A 91 7.25 3.41 -2.97
C VAL A 91 7.87 3.10 -4.34
N GLN A 92 8.47 1.91 -4.46
CA GLN A 92 9.09 1.43 -5.71
C GLN A 92 8.96 -0.10 -5.81
N PHE A 93 8.82 -0.58 -7.04
CA PHE A 93 8.54 -1.99 -7.35
C PHE A 93 9.56 -2.47 -8.41
N ALA A 94 10.39 -3.45 -8.05
CA ALA A 94 11.41 -4.01 -8.95
C ALA A 94 10.92 -5.32 -9.58
N SER A 95 10.49 -5.22 -10.86
CA SER A 95 10.00 -6.37 -11.64
C SER A 95 11.14 -7.39 -11.89
N GLU A 96 10.82 -8.68 -11.72
CA GLU A 96 11.80 -9.78 -11.73
C GLU A 96 11.21 -11.03 -12.42
N PRO A 97 12.08 -12.01 -12.83
CA PRO A 97 11.61 -13.37 -13.26
C PRO A 97 11.01 -14.18 -12.08
N GLY A 98 11.39 -13.83 -10.84
CA GLY A 98 10.85 -14.45 -9.62
C GLY A 98 9.53 -13.84 -9.20
N GLY A 99 9.36 -12.55 -9.52
CA GLY A 99 8.14 -11.82 -9.20
C GLY A 99 8.38 -10.32 -9.21
N THR A 100 8.20 -9.68 -8.04
CA THR A 100 8.37 -8.23 -7.87
C THR A 100 8.85 -7.96 -6.44
N TRP A 101 10.03 -7.34 -6.34
CA TRP A 101 10.54 -6.86 -5.05
C TRP A 101 9.91 -5.50 -4.73
N VAL A 102 8.94 -5.51 -3.82
CA VAL A 102 8.27 -4.30 -3.36
C VAL A 102 9.10 -3.71 -2.24
N GLN A 103 9.36 -2.40 -2.31
CA GLN A 103 10.10 -1.69 -1.28
C GLN A 103 9.52 -0.29 -1.14
N GLU A 104 9.11 0.04 0.08
CA GLU A 104 8.66 1.39 0.43
C GLU A 104 9.71 2.03 1.33
N THR A 105 9.89 3.33 1.19
CA THR A 105 10.74 4.14 2.02
C THR A 105 9.95 5.40 2.40
N PHE A 106 9.56 5.48 3.66
CA PHE A 106 8.65 6.50 4.17
C PHE A 106 9.37 7.28 5.27
N ASP A 107 9.00 8.55 5.46
CA ASP A 107 9.61 9.35 6.54
C ASP A 107 8.88 9.01 7.84
N ALA A 108 9.66 8.75 8.89
CA ALA A 108 9.17 8.34 10.20
C ALA A 108 8.70 9.56 10.97
N GLU A 109 7.51 9.45 11.55
CA GLU A 109 6.82 10.52 12.26
C GLU A 109 7.53 10.78 13.60
N THR A 110 7.98 12.02 13.80
CA THR A 110 8.74 12.43 15.00
C THR A 110 7.87 12.40 16.28
N SER A 111 6.54 12.42 16.11
CA SER A 111 5.58 12.37 17.23
C SER A 111 5.52 10.96 17.87
N HIS A 112 5.72 9.91 17.06
CA HIS A 112 5.63 8.49 17.51
C HIS A 112 6.99 7.79 17.35
N THR A 113 7.15 6.60 17.98
CA THR A 113 8.40 5.82 17.91
C THR A 113 8.60 5.22 16.49
N PRO A 114 9.72 5.58 15.77
CA PRO A 114 10.02 5.07 14.40
C PRO A 114 10.00 3.54 14.28
N ALA A 115 10.61 2.84 15.27
CA ALA A 115 10.65 1.37 15.32
C ALA A 115 9.25 0.73 15.30
N GLN A 116 8.36 1.27 16.13
CA GLN A 116 6.94 0.84 16.20
C GLN A 116 6.23 1.04 14.85
N GLN A 117 6.56 2.16 14.17
CA GLN A 117 5.99 2.49 12.85
C GLN A 117 6.46 1.50 11.79
N GLN A 118 7.77 1.22 11.80
CA GLN A 118 8.41 0.32 10.82
C GLN A 118 7.75 -1.05 10.82
N ALA A 119 7.60 -1.61 12.03
CA ALA A 119 6.95 -2.92 12.25
C ALA A 119 5.48 -2.88 11.79
N GLY A 120 4.83 -1.71 11.99
CA GLY A 120 3.43 -1.51 11.59
C GLY A 120 3.23 -1.51 10.07
N TRP A 121 3.95 -0.60 9.38
CA TRP A 121 3.93 -0.51 7.90
C TRP A 121 4.40 -1.83 7.25
N GLN A 122 5.41 -2.46 7.85
CA GLN A 122 5.93 -3.78 7.42
C GLN A 122 4.85 -4.86 7.60
N GLY A 123 4.05 -4.73 8.66
CA GLY A 123 2.90 -5.62 8.92
C GLY A 123 1.77 -5.45 7.91
N ILE A 124 1.56 -4.20 7.48
CA ILE A 124 0.55 -3.84 6.46
C ILE A 124 1.03 -4.30 5.05
N LEU A 125 2.35 -4.19 4.83
CA LEU A 125 2.99 -4.57 3.56
C LEU A 125 3.10 -6.10 3.46
N ASP A 126 3.30 -6.77 4.61
CA ASP A 126 3.32 -8.25 4.72
C ASP A 126 1.90 -8.82 4.64
N ASN A 127 0.91 -8.02 5.08
CA ASN A 127 -0.53 -8.36 4.96
C ASN A 127 -0.97 -8.17 3.49
N PHE A 128 -0.34 -7.20 2.83
CA PHE A 128 -0.51 -6.95 1.39
C PHE A 128 0.12 -8.09 0.57
N LYS A 129 1.34 -8.51 0.95
CA LYS A 129 2.04 -9.65 0.34
C LYS A 129 1.19 -10.92 0.50
N ARG A 130 0.63 -11.10 1.72
CA ARG A 130 -0.26 -12.21 2.06
C ARG A 130 -1.48 -12.20 1.12
N TYR A 131 -2.05 -11.00 0.92
CA TYR A 131 -3.23 -10.81 0.04
C TYR A 131 -2.93 -11.21 -1.41
N VAL A 132 -1.88 -10.64 -2.00
CA VAL A 132 -1.57 -10.81 -3.43
C VAL A 132 -1.28 -12.29 -3.77
N GLU A 133 -0.64 -13.00 -2.82
CA GLU A 133 -0.21 -14.40 -3.00
C GLU A 133 -1.34 -15.39 -2.64
N ALA A 134 -2.26 -15.00 -1.74
CA ALA A 134 -3.39 -15.87 -1.31
C ALA A 134 -4.54 -15.79 -2.31
N ALA A 135 -4.91 -14.55 -2.65
CA ALA A 135 -5.95 -14.25 -3.65
C ALA A 135 -5.49 -14.67 -5.04
N GLY A 136 -4.18 -14.50 -5.30
CA GLY A 136 -3.54 -14.96 -6.53
C GLY A 136 -3.50 -13.89 -7.62
N LEU A 137 -4.66 -13.24 -7.84
CA LEU A 137 -4.88 -12.16 -8.84
C LEU A 137 -4.95 -12.68 -10.30
N GLU A 138 -4.16 -13.72 -10.63
CA GLU A 138 -4.21 -14.38 -11.95
C GLU A 138 -5.48 -15.24 -12.05
N HIS A 139 -6.56 -14.62 -12.52
CA HIS A 139 -7.88 -15.26 -12.68
C HIS A 139 -8.27 -15.33 -14.17
N HIS A 140 -7.69 -14.44 -14.99
CA HIS A 140 -8.04 -14.31 -16.40
C HIS A 140 -7.29 -15.35 -17.24
N HIS A 141 -8.00 -16.43 -17.61
CA HIS A 141 -7.48 -17.49 -18.49
C HIS A 141 -7.72 -17.10 -19.97
N HIS A 142 -7.45 -18.04 -20.89
CA HIS A 142 -7.70 -17.83 -22.33
C HIS A 142 -9.20 -18.05 -22.65
N HIS A 143 -10.04 -17.16 -22.10
CA HIS A 143 -11.50 -17.18 -22.33
C HIS A 143 -11.77 -16.78 -23.78
N HIS A 144 -11.93 -17.78 -24.65
CA HIS A 144 -12.11 -17.60 -26.09
C HIS A 144 -13.05 -18.70 -26.63
N MET A 1 13.16 12.53 9.49
CA MET A 1 13.54 11.09 9.48
C MET A 1 12.68 10.31 8.49
N LYS A 2 13.22 9.19 7.98
CA LYS A 2 12.53 8.29 7.04
C LYS A 2 13.07 6.86 7.19
N ILE A 3 12.20 5.86 6.96
CA ILE A 3 12.57 4.42 7.02
C ILE A 3 12.34 3.77 5.65
N SER A 4 13.32 2.97 5.23
CA SER A 4 13.24 2.16 4.01
C SER A 4 12.86 0.72 4.38
N ILE A 5 11.67 0.29 3.96
CA ILE A 5 11.20 -1.10 4.10
C ILE A 5 11.02 -1.73 2.72
N GLU A 6 10.91 -3.06 2.69
CA GLU A 6 10.71 -3.80 1.44
C GLU A 6 9.92 -5.10 1.68
N ALA A 7 9.63 -5.79 0.56
CA ALA A 7 8.99 -7.09 0.53
C ALA A 7 9.10 -7.66 -0.90
N HIS A 8 9.51 -8.93 -1.01
CA HIS A 8 9.60 -9.65 -2.28
C HIS A 8 8.33 -10.48 -2.47
N ILE A 9 7.53 -10.11 -3.48
CA ILE A 9 6.29 -10.83 -3.82
C ILE A 9 6.50 -11.59 -5.14
N GLU A 10 6.31 -12.92 -5.11
CA GLU A 10 6.45 -13.79 -6.31
C GLU A 10 5.16 -13.70 -7.14
N GLN A 11 4.99 -12.53 -7.75
CA GLN A 11 3.83 -12.17 -8.56
C GLN A 11 4.24 -11.15 -9.61
N GLU A 12 3.42 -11.04 -10.66
CA GLU A 12 3.54 -10.01 -11.69
C GLU A 12 3.46 -8.59 -11.09
N ILE A 13 4.36 -7.71 -11.56
CA ILE A 13 4.46 -6.30 -11.11
C ILE A 13 3.18 -5.49 -11.44
N GLU A 14 2.55 -5.74 -12.60
CA GLU A 14 1.25 -5.13 -12.97
C GLU A 14 0.16 -5.51 -11.94
N ALA A 15 0.13 -6.80 -11.61
CA ALA A 15 -0.83 -7.37 -10.63
C ALA A 15 -0.60 -6.82 -9.20
N VAL A 16 0.68 -6.64 -8.82
CA VAL A 16 1.07 -6.08 -7.51
C VAL A 16 0.62 -4.60 -7.40
N TRP A 17 0.78 -3.86 -8.52
CA TRP A 17 0.33 -2.46 -8.64
C TRP A 17 -1.19 -2.37 -8.44
N TRP A 18 -1.94 -3.27 -9.11
CA TRP A 18 -3.41 -3.33 -8.99
C TRP A 18 -3.80 -3.52 -7.53
N ALA A 19 -3.15 -4.48 -6.89
CA ALA A 19 -3.39 -4.80 -5.49
C ALA A 19 -3.11 -3.58 -4.57
N TRP A 20 -2.04 -2.82 -4.88
CA TRP A 20 -1.60 -1.66 -4.09
C TRP A 20 -2.47 -0.41 -4.34
N ASN A 21 -2.93 -0.24 -5.59
CA ASN A 21 -3.48 1.05 -6.08
C ASN A 21 -5.01 1.05 -6.33
N ASP A 22 -5.58 -0.11 -6.73
CA ASP A 22 -7.05 -0.24 -6.97
C ASP A 22 -7.83 0.09 -5.68
N PRO A 23 -8.79 1.06 -5.71
CA PRO A 23 -9.47 1.58 -4.48
C PRO A 23 -10.17 0.47 -3.66
N ASP A 24 -10.86 -0.43 -4.38
CA ASP A 24 -11.64 -1.53 -3.78
C ASP A 24 -10.69 -2.56 -3.14
N CYS A 25 -9.58 -2.85 -3.83
CA CYS A 25 -8.54 -3.77 -3.34
C CYS A 25 -7.84 -3.22 -2.08
N ILE A 26 -7.59 -1.89 -2.09
CA ILE A 26 -7.02 -1.13 -0.95
C ILE A 26 -7.91 -1.28 0.28
N ALA A 27 -9.23 -1.25 0.04
CA ALA A 27 -10.26 -1.35 1.09
C ALA A 27 -10.33 -2.78 1.71
N ARG A 28 -9.44 -3.70 1.26
CA ARG A 28 -9.32 -5.05 1.84
C ARG A 28 -8.01 -5.20 2.64
N TRP A 29 -6.85 -4.92 2.01
CA TRP A 29 -5.51 -5.18 2.63
C TRP A 29 -5.06 -4.04 3.58
N ASN A 30 -5.56 -2.81 3.38
CA ASN A 30 -5.23 -1.67 4.28
C ASN A 30 -6.07 -1.75 5.56
N ALA A 31 -5.44 -2.26 6.63
CA ALA A 31 -6.07 -2.40 7.94
C ALA A 31 -5.00 -2.30 9.03
N ALA A 32 -5.24 -1.42 10.01
CA ALA A 32 -4.37 -1.27 11.19
C ALA A 32 -4.38 -2.56 12.04
N SER A 33 -5.59 -3.11 12.21
CA SER A 33 -5.83 -4.38 12.93
C SER A 33 -7.00 -5.14 12.28
N SER A 34 -7.32 -6.33 12.81
CA SER A 34 -8.41 -7.19 12.32
C SER A 34 -9.80 -6.51 12.48
N ASP A 35 -9.93 -5.72 13.55
CA ASP A 35 -11.17 -4.98 13.87
C ASP A 35 -11.29 -3.67 13.05
N TRP A 36 -10.27 -3.39 12.23
CA TRP A 36 -10.18 -2.16 11.43
C TRP A 36 -10.21 -2.52 9.95
N HIS A 37 -10.77 -1.61 9.14
CA HIS A 37 -11.03 -1.85 7.72
C HIS A 37 -11.22 -0.49 7.02
N THR A 38 -10.53 -0.30 5.87
CA THR A 38 -10.71 0.91 5.07
C THR A 38 -12.13 0.91 4.44
N THR A 39 -13.01 1.75 5.01
CA THR A 39 -14.44 1.83 4.66
C THR A 39 -14.66 2.78 3.46
N GLY A 40 -13.83 3.84 3.38
CA GLY A 40 -13.90 4.82 2.30
C GLY A 40 -12.55 4.97 1.62
N SER A 41 -12.32 4.21 0.54
CA SER A 41 -11.06 4.23 -0.22
C SER A 41 -11.30 4.88 -1.58
N ARG A 42 -10.83 6.13 -1.71
CA ARG A 42 -10.80 6.88 -2.98
C ARG A 42 -9.34 7.03 -3.44
N VAL A 43 -9.13 7.00 -4.76
CA VAL A 43 -7.80 7.16 -5.41
C VAL A 43 -7.97 7.96 -6.72
N ASP A 44 -7.26 9.08 -6.83
CA ASP A 44 -7.11 9.82 -8.11
C ASP A 44 -5.67 9.66 -8.57
N LEU A 45 -5.42 8.55 -9.28
CA LEU A 45 -4.09 8.17 -9.74
C LEU A 45 -3.65 9.05 -10.94
N VAL A 46 -3.20 10.26 -10.62
CA VAL A 46 -2.55 11.20 -11.56
C VAL A 46 -1.43 11.93 -10.80
N VAL A 47 -0.52 12.57 -11.55
CA VAL A 47 0.57 13.38 -10.97
C VAL A 47 -0.03 14.67 -10.39
N GLY A 48 -0.04 14.77 -9.05
CA GLY A 48 -0.68 15.89 -8.35
C GLY A 48 -2.10 15.56 -7.90
N GLY A 49 -2.53 14.31 -8.11
CA GLY A 49 -3.84 13.81 -7.67
C GLY A 49 -3.82 13.32 -6.24
N ARG A 50 -5.00 13.15 -5.64
CA ARG A 50 -5.13 12.85 -4.19
C ARG A 50 -5.84 11.52 -3.96
N PHE A 51 -5.62 10.94 -2.77
CA PHE A 51 -6.28 9.70 -2.32
C PHE A 51 -6.76 9.88 -0.87
N CYS A 52 -7.75 9.08 -0.46
CA CYS A 52 -8.26 9.06 0.92
C CYS A 52 -8.60 7.61 1.32
N HIS A 53 -7.91 7.07 2.35
CA HIS A 53 -8.17 5.70 2.84
C HIS A 53 -8.61 5.74 4.30
N HIS A 54 -9.94 5.73 4.51
CA HIS A 54 -10.54 5.81 5.85
C HIS A 54 -10.43 4.45 6.58
N MET A 55 -9.31 4.26 7.29
CA MET A 55 -9.06 3.05 8.09
C MET A 55 -9.88 3.16 9.37
N ALA A 56 -11.01 2.44 9.40
CA ALA A 56 -12.08 2.65 10.37
C ALA A 56 -12.53 1.30 10.97
N ALA A 57 -12.79 1.30 12.28
CA ALA A 57 -13.25 0.11 13.01
C ALA A 57 -14.56 -0.38 12.41
N LYS A 58 -14.56 -1.60 11.84
CA LYS A 58 -15.74 -2.16 11.15
C LYS A 58 -16.94 -2.35 12.11
N ASP A 59 -16.63 -2.44 13.42
CA ASP A 59 -17.64 -2.59 14.49
C ASP A 59 -17.78 -1.31 15.38
N GLY A 60 -17.03 -0.23 15.06
CA GLY A 60 -17.02 1.00 15.89
C GLY A 60 -16.85 2.28 15.08
N SER A 61 -17.23 3.43 15.68
CA SER A 61 -17.27 4.73 14.98
C SER A 61 -15.89 5.36 14.73
N ALA A 62 -14.85 4.91 15.47
CA ALA A 62 -13.46 5.44 15.32
C ALA A 62 -12.88 5.11 13.94
N GLY A 63 -12.10 6.04 13.38
CA GLY A 63 -11.55 5.89 12.04
C GLY A 63 -10.47 6.90 11.72
N PHE A 64 -9.27 6.41 11.40
CA PHE A 64 -8.14 7.24 10.93
C PHE A 64 -8.28 7.46 9.42
N ASP A 65 -8.49 8.70 9.01
CA ASP A 65 -8.49 9.07 7.57
C ASP A 65 -7.03 9.16 7.10
N PHE A 66 -6.66 8.35 6.11
CA PHE A 66 -5.30 8.32 5.56
C PHE A 66 -5.31 9.00 4.18
N THR A 67 -5.31 10.34 4.22
CA THR A 67 -5.37 11.18 3.01
C THR A 67 -3.94 11.58 2.58
N GLY A 68 -3.79 11.93 1.29
CA GLY A 68 -2.51 12.40 0.77
C GLY A 68 -2.58 12.72 -0.72
N THR A 69 -1.43 13.12 -1.29
CA THR A 69 -1.34 13.51 -2.72
C THR A 69 -0.16 12.80 -3.40
N PHE A 70 -0.45 12.12 -4.53
CA PHE A 70 0.57 11.52 -5.40
C PHE A 70 1.50 12.60 -5.99
N THR A 71 2.81 12.45 -5.73
CA THR A 71 3.86 13.30 -6.31
C THR A 71 4.31 12.74 -7.67
N ARG A 72 4.52 11.43 -7.72
CA ARG A 72 4.90 10.70 -8.97
C ARG A 72 3.98 9.49 -9.16
N VAL A 73 3.68 9.20 -10.43
CA VAL A 73 2.82 8.09 -10.86
C VAL A 73 3.46 7.44 -12.10
N GLU A 74 4.15 6.31 -11.89
CA GLU A 74 4.82 5.54 -12.96
C GLU A 74 4.36 4.08 -12.90
N ALA A 75 3.15 3.82 -13.42
CA ALA A 75 2.54 2.49 -13.39
C ALA A 75 3.25 1.52 -14.34
N PRO A 76 3.59 0.26 -13.91
CA PRO A 76 3.44 -0.24 -12.52
C PRO A 76 4.77 -0.23 -11.72
N THR A 77 5.76 0.50 -12.25
CA THR A 77 7.17 0.38 -11.83
C THR A 77 7.53 1.23 -10.60
N ARG A 78 6.70 2.24 -10.26
CA ARG A 78 7.00 3.16 -9.15
C ARG A 78 5.78 4.05 -8.84
N LEU A 79 5.58 4.33 -7.55
CA LEU A 79 4.53 5.22 -7.07
C LEU A 79 5.15 6.09 -5.96
N SER A 80 4.74 7.35 -5.91
CA SER A 80 5.19 8.30 -4.89
C SER A 80 4.00 9.14 -4.47
N PHE A 81 3.89 9.40 -3.16
CA PHE A 81 2.79 10.15 -2.57
C PHE A 81 3.22 10.69 -1.21
N VAL A 82 2.62 11.80 -0.82
CA VAL A 82 2.86 12.46 0.45
C VAL A 82 1.61 12.24 1.32
N MET A 83 1.81 12.04 2.61
CA MET A 83 0.71 11.94 3.58
C MET A 83 0.16 13.34 3.88
N ASP A 84 -1.01 13.39 4.52
CA ASP A 84 -1.64 14.66 4.98
C ASP A 84 -0.75 15.40 6.00
N ASP A 85 0.08 14.63 6.70
CA ASP A 85 1.01 15.13 7.73
C ASP A 85 2.28 15.72 7.10
N GLY A 86 2.39 15.67 5.75
CA GLY A 86 3.59 16.13 5.03
C GLY A 86 4.67 15.07 4.94
N ARG A 87 4.35 13.83 5.36
CA ARG A 87 5.30 12.70 5.33
C ARG A 87 5.45 12.14 3.90
N GLU A 88 6.64 12.32 3.30
CA GLU A 88 6.91 11.91 1.92
C GLU A 88 7.15 10.39 1.85
N VAL A 89 6.45 9.71 0.91
CA VAL A 89 6.51 8.24 0.73
C VAL A 89 6.83 7.91 -0.75
N ASP A 90 7.76 6.97 -0.97
CA ASP A 90 8.15 6.48 -2.30
C ASP A 90 8.16 4.95 -2.29
N VAL A 91 7.19 4.35 -2.97
CA VAL A 91 7.09 2.88 -3.13
C VAL A 91 7.54 2.52 -4.55
N GLN A 92 8.73 1.95 -4.69
CA GLN A 92 9.31 1.56 -5.98
C GLN A 92 9.09 0.05 -6.18
N PHE A 93 8.59 -0.32 -7.36
CA PHE A 93 8.33 -1.72 -7.72
C PHE A 93 9.41 -2.16 -8.73
N ALA A 94 10.50 -2.70 -8.20
CA ALA A 94 11.65 -3.17 -8.98
C ALA A 94 11.48 -4.67 -9.35
N SER A 95 10.85 -4.93 -10.50
CA SER A 95 10.57 -6.29 -10.97
C SER A 95 11.87 -7.04 -11.33
N GLU A 96 11.92 -8.34 -10.99
CA GLU A 96 13.15 -9.16 -11.03
C GLU A 96 12.81 -10.61 -11.48
N PRO A 97 13.78 -11.36 -12.11
CA PRO A 97 13.59 -12.80 -12.44
C PRO A 97 13.23 -13.65 -11.18
N GLY A 98 11.92 -13.82 -10.95
CA GLY A 98 11.39 -14.55 -9.78
C GLY A 98 10.13 -13.91 -9.20
N GLY A 99 9.92 -12.61 -9.50
CA GLY A 99 8.73 -11.89 -9.07
C GLY A 99 8.94 -10.36 -9.10
N THR A 100 8.66 -9.68 -7.98
CA THR A 100 8.73 -8.21 -7.88
C THR A 100 9.27 -7.80 -6.51
N TRP A 101 10.21 -6.84 -6.50
CA TRP A 101 10.75 -6.23 -5.28
C TRP A 101 9.97 -4.93 -5.01
N VAL A 102 9.04 -4.99 -4.05
CA VAL A 102 8.32 -3.80 -3.57
C VAL A 102 9.15 -3.18 -2.43
N GLN A 103 9.50 -1.90 -2.57
CA GLN A 103 10.33 -1.20 -1.58
C GLN A 103 9.73 0.18 -1.29
N GLU A 104 9.10 0.31 -0.12
CA GLU A 104 8.50 1.57 0.35
C GLU A 104 9.54 2.32 1.19
N THR A 105 9.53 3.64 1.10
CA THR A 105 10.29 4.52 1.98
C THR A 105 9.35 5.64 2.43
N PHE A 106 9.08 5.70 3.73
CA PHE A 106 8.08 6.61 4.29
C PHE A 106 8.79 7.53 5.29
N ASP A 107 8.48 8.83 5.25
CA ASP A 107 9.00 9.80 6.20
C ASP A 107 8.37 9.48 7.57
N ALA A 108 9.17 8.89 8.47
CA ALA A 108 8.63 8.16 9.61
C ALA A 108 8.56 9.04 10.86
N GLU A 109 7.78 10.12 10.78
CA GLU A 109 7.31 10.87 11.96
C GLU A 109 5.85 11.31 11.80
N THR A 110 4.92 10.34 11.86
CA THR A 110 3.47 10.62 11.80
C THR A 110 2.71 9.92 12.93
N SER A 111 3.31 8.88 13.48
CA SER A 111 2.59 7.94 14.37
C SER A 111 3.10 8.09 15.80
N HIS A 112 4.39 7.77 15.93
CA HIS A 112 5.14 7.54 17.20
C HIS A 112 6.56 7.05 16.82
N THR A 113 7.33 6.56 17.81
CA THR A 113 8.73 6.05 17.62
C THR A 113 8.91 5.14 16.35
N PRO A 114 10.11 5.26 15.66
CA PRO A 114 10.40 4.57 14.36
C PRO A 114 10.11 3.07 14.36
N ALA A 115 10.56 2.35 15.42
CA ALA A 115 10.37 0.89 15.57
C ALA A 115 8.89 0.48 15.41
N GLN A 116 8.01 1.28 16.02
CA GLN A 116 6.57 1.08 16.02
C GLN A 116 6.01 1.27 14.59
N GLN A 117 6.43 2.38 13.92
CA GLN A 117 5.95 2.72 12.56
C GLN A 117 6.35 1.63 11.55
N GLN A 118 7.64 1.26 11.57
CA GLN A 118 8.22 0.28 10.65
C GLN A 118 7.53 -1.09 10.79
N ALA A 119 7.32 -1.53 12.03
CA ALA A 119 6.67 -2.82 12.34
C ALA A 119 5.18 -2.80 11.92
N GLY A 120 4.57 -1.60 11.96
CA GLY A 120 3.19 -1.41 11.50
C GLY A 120 3.05 -1.64 10.01
N TRP A 121 3.87 -0.90 9.23
CA TRP A 121 3.89 -1.02 7.77
C TRP A 121 4.32 -2.43 7.30
N GLN A 122 5.36 -2.97 7.95
CA GLN A 122 5.85 -4.34 7.66
C GLN A 122 4.79 -5.40 7.99
N GLY A 123 3.95 -5.12 8.99
CA GLY A 123 2.79 -5.97 9.28
C GLY A 123 1.76 -5.99 8.15
N ILE A 124 1.44 -4.79 7.65
CA ILE A 124 0.44 -4.58 6.58
C ILE A 124 1.00 -5.04 5.20
N LEU A 125 2.34 -4.91 5.04
CA LEU A 125 3.05 -5.22 3.77
C LEU A 125 3.36 -6.73 3.66
N ASP A 126 3.64 -7.38 4.81
CA ASP A 126 3.69 -8.85 4.94
C ASP A 126 2.35 -9.47 4.54
N ASN A 127 1.27 -8.86 5.07
CA ASN A 127 -0.11 -9.29 4.80
C ASN A 127 -0.53 -8.91 3.38
N PHE A 128 0.11 -7.88 2.81
CA PHE A 128 -0.08 -7.50 1.40
C PHE A 128 0.48 -8.60 0.49
N LYS A 129 1.77 -8.98 0.73
CA LYS A 129 2.44 -10.07 0.00
C LYS A 129 1.62 -11.37 0.05
N ARG A 130 1.17 -11.71 1.27
CA ARG A 130 0.42 -12.94 1.54
C ARG A 130 -0.95 -12.92 0.82
N TYR A 131 -1.58 -11.73 0.81
CA TYR A 131 -2.88 -11.49 0.13
C TYR A 131 -2.76 -11.67 -1.39
N VAL A 132 -1.72 -11.05 -1.98
CA VAL A 132 -1.51 -11.01 -3.43
C VAL A 132 -1.29 -12.43 -4.01
N GLU A 133 -0.52 -13.24 -3.26
CA GLU A 133 -0.16 -14.61 -3.67
C GLU A 133 -1.23 -15.64 -3.27
N ALA A 134 -2.12 -15.28 -2.32
CA ALA A 134 -3.26 -16.14 -1.92
C ALA A 134 -4.37 -16.02 -2.96
N ALA A 135 -4.65 -14.77 -3.34
CA ALA A 135 -5.65 -14.42 -4.34
C ALA A 135 -5.23 -14.90 -5.73
N GLY A 136 -3.92 -14.81 -6.01
CA GLY A 136 -3.34 -15.26 -7.28
C GLY A 136 -3.07 -14.11 -8.23
N LEU A 137 -3.98 -13.11 -8.22
CA LEU A 137 -3.83 -11.82 -8.96
C LEU A 137 -3.60 -12.04 -10.47
N GLU A 138 -4.31 -13.03 -11.00
CA GLU A 138 -4.25 -13.43 -12.41
C GLU A 138 -4.95 -12.39 -13.32
N HIS A 139 -4.76 -12.53 -14.64
CA HIS A 139 -5.35 -11.62 -15.64
C HIS A 139 -6.86 -11.87 -15.78
N HIS A 140 -7.64 -11.29 -14.85
CA HIS A 140 -9.10 -11.45 -14.79
C HIS A 140 -9.78 -10.58 -15.84
N HIS A 141 -9.82 -11.08 -17.09
CA HIS A 141 -10.45 -10.39 -18.24
C HIS A 141 -10.95 -11.44 -19.24
N HIS A 142 -10.05 -12.37 -19.62
CA HIS A 142 -10.33 -13.45 -20.58
C HIS A 142 -10.03 -14.80 -19.91
N HIS A 143 -11.07 -15.45 -19.36
CA HIS A 143 -10.94 -16.73 -18.62
C HIS A 143 -10.94 -17.94 -19.59
N HIS A 144 -11.16 -17.68 -20.89
CA HIS A 144 -11.05 -18.69 -21.95
C HIS A 144 -10.02 -18.19 -22.99
N MET A 1 13.41 11.18 9.25
CA MET A 1 13.93 9.80 9.13
C MET A 1 13.04 8.99 8.18
N LYS A 2 13.53 8.72 6.97
CA LYS A 2 12.80 7.91 5.99
C LYS A 2 13.17 6.43 6.20
N ILE A 3 12.20 5.69 6.76
CA ILE A 3 12.36 4.26 7.05
C ILE A 3 12.03 3.44 5.80
N SER A 4 12.98 2.62 5.36
CA SER A 4 12.83 1.77 4.19
C SER A 4 12.44 0.35 4.63
N ILE A 5 11.22 -0.06 4.27
CA ILE A 5 10.71 -1.42 4.47
C ILE A 5 10.44 -2.04 3.09
N GLU A 6 10.41 -3.37 3.02
CA GLU A 6 10.28 -4.09 1.74
C GLU A 6 9.43 -5.35 1.91
N ALA A 7 8.94 -5.85 0.78
CA ALA A 7 8.12 -7.06 0.67
C ALA A 7 8.13 -7.52 -0.79
N HIS A 8 8.68 -8.70 -1.08
CA HIS A 8 8.79 -9.20 -2.47
C HIS A 8 7.76 -10.32 -2.67
N ILE A 9 7.03 -10.25 -3.79
CA ILE A 9 5.86 -11.10 -4.08
C ILE A 9 6.16 -11.95 -5.30
N GLU A 10 6.07 -13.29 -5.18
CA GLU A 10 6.32 -14.22 -6.31
C GLU A 10 5.12 -14.21 -7.27
N GLN A 11 5.01 -13.11 -8.02
CA GLN A 11 3.89 -12.81 -8.90
C GLN A 11 4.28 -11.70 -9.88
N GLU A 12 3.55 -11.60 -10.99
CA GLU A 12 3.76 -10.60 -12.05
C GLU A 12 3.59 -9.17 -11.49
N ILE A 13 4.47 -8.24 -11.93
CA ILE A 13 4.38 -6.82 -11.53
C ILE A 13 3.10 -6.17 -12.08
N GLU A 14 2.50 -6.78 -13.14
CA GLU A 14 1.17 -6.40 -13.63
C GLU A 14 0.10 -6.69 -12.57
N ALA A 15 0.20 -7.88 -11.95
CA ALA A 15 -0.75 -8.33 -10.89
C ALA A 15 -0.51 -7.61 -9.56
N VAL A 16 0.76 -7.27 -9.29
CA VAL A 16 1.16 -6.56 -8.06
C VAL A 16 0.71 -5.08 -8.13
N TRP A 17 1.00 -4.42 -9.27
CA TRP A 17 0.55 -3.03 -9.52
C TRP A 17 -0.99 -2.97 -9.57
N TRP A 18 -1.61 -4.01 -10.17
CA TRP A 18 -3.08 -4.13 -10.25
C TRP A 18 -3.67 -4.15 -8.84
N ALA A 19 -3.17 -5.08 -8.02
CA ALA A 19 -3.61 -5.24 -6.64
C ALA A 19 -3.45 -3.95 -5.83
N TRP A 20 -2.37 -3.19 -6.14
CA TRP A 20 -2.06 -1.94 -5.45
C TRP A 20 -3.05 -0.81 -5.84
N ASN A 21 -3.24 -0.59 -7.16
CA ASN A 21 -3.89 0.65 -7.67
C ASN A 21 -5.42 0.49 -7.83
N ASP A 22 -5.87 -0.73 -8.22
CA ASP A 22 -7.28 -1.00 -8.58
C ASP A 22 -8.20 -0.70 -7.38
N PRO A 23 -9.20 0.24 -7.52
CA PRO A 23 -10.03 0.72 -6.39
C PRO A 23 -10.70 -0.41 -5.56
N ASP A 24 -11.25 -1.42 -6.26
CA ASP A 24 -11.92 -2.56 -5.61
C ASP A 24 -10.92 -3.38 -4.77
N CYS A 25 -9.72 -3.56 -5.34
CA CYS A 25 -8.66 -4.35 -4.74
C CYS A 25 -8.06 -3.64 -3.51
N ILE A 26 -7.65 -2.37 -3.69
CA ILE A 26 -7.00 -1.55 -2.65
C ILE A 26 -7.93 -1.31 -1.44
N ALA A 27 -9.25 -1.31 -1.70
CA ALA A 27 -10.28 -1.14 -0.67
C ALA A 27 -10.24 -2.27 0.39
N ARG A 28 -10.03 -3.50 -0.09
CA ARG A 28 -10.17 -4.72 0.76
C ARG A 28 -8.84 -5.14 1.44
N TRP A 29 -7.69 -4.52 1.05
CA TRP A 29 -6.42 -4.61 1.83
C TRP A 29 -6.09 -3.22 2.43
N ASN A 30 -4.86 -3.10 3.01
CA ASN A 30 -4.33 -1.90 3.75
C ASN A 30 -4.76 -1.94 5.23
N ALA A 31 -5.69 -2.86 5.55
CA ALA A 31 -6.18 -3.08 6.90
C ALA A 31 -5.05 -3.57 7.80
N ALA A 32 -4.85 -2.89 8.94
CA ALA A 32 -3.80 -3.22 9.92
C ALA A 32 -4.00 -4.61 10.55
N SER A 33 -5.27 -5.06 10.56
CA SER A 33 -5.67 -6.39 11.06
C SER A 33 -7.04 -6.75 10.48
N SER A 34 -7.55 -7.96 10.79
CA SER A 34 -8.91 -8.39 10.40
C SER A 34 -9.99 -7.61 11.19
N ASP A 35 -9.55 -6.99 12.31
CA ASP A 35 -10.34 -6.02 13.08
C ASP A 35 -10.61 -4.77 12.25
N TRP A 36 -9.60 -4.39 11.45
CA TRP A 36 -9.56 -3.11 10.73
C TRP A 36 -10.09 -3.29 9.30
N HIS A 37 -10.65 -2.22 8.76
CA HIS A 37 -11.30 -2.21 7.43
C HIS A 37 -11.54 -0.75 7.02
N THR A 38 -11.25 -0.43 5.75
CA THR A 38 -11.42 0.92 5.21
C THR A 38 -12.83 1.11 4.65
N THR A 39 -13.62 1.98 5.30
CA THR A 39 -15.01 2.28 4.92
C THR A 39 -15.06 3.40 3.86
N GLY A 40 -14.13 4.36 3.96
CA GLY A 40 -14.06 5.50 3.03
C GLY A 40 -12.81 5.47 2.19
N SER A 41 -12.84 4.67 1.11
CA SER A 41 -11.67 4.46 0.23
C SER A 41 -11.85 5.21 -1.11
N ARG A 42 -11.15 6.35 -1.24
CA ARG A 42 -10.95 7.08 -2.51
C ARG A 42 -9.51 6.84 -3.01
N VAL A 43 -9.34 6.70 -4.34
CA VAL A 43 -8.02 6.60 -5.02
C VAL A 43 -8.09 7.38 -6.35
N ASP A 44 -7.45 8.55 -6.43
CA ASP A 44 -7.33 9.30 -7.69
C ASP A 44 -5.86 9.28 -8.13
N LEU A 45 -5.50 8.20 -8.85
CA LEU A 45 -4.12 7.92 -9.26
C LEU A 45 -3.73 8.76 -10.50
N VAL A 46 -3.35 10.03 -10.25
CA VAL A 46 -2.71 10.93 -11.24
C VAL A 46 -1.64 11.75 -10.51
N VAL A 47 -0.75 12.41 -11.27
CA VAL A 47 0.25 13.34 -10.69
C VAL A 47 -0.49 14.59 -10.16
N GLY A 48 -0.35 14.84 -8.85
CA GLY A 48 -1.09 15.91 -8.16
C GLY A 48 -2.44 15.43 -7.63
N GLY A 49 -2.82 14.18 -7.95
CA GLY A 49 -4.08 13.58 -7.47
C GLY A 49 -3.98 13.10 -6.04
N ARG A 50 -5.13 12.87 -5.38
CA ARG A 50 -5.16 12.46 -3.95
C ARG A 50 -5.96 11.16 -3.75
N PHE A 51 -5.63 10.49 -2.64
CA PHE A 51 -6.36 9.32 -2.16
C PHE A 51 -6.70 9.52 -0.67
N CYS A 52 -7.70 8.79 -0.20
CA CYS A 52 -8.14 8.80 1.21
C CYS A 52 -8.58 7.38 1.58
N HIS A 53 -7.98 6.79 2.61
CA HIS A 53 -8.37 5.45 3.10
C HIS A 53 -8.71 5.52 4.58
N HIS A 54 -9.98 5.81 4.88
CA HIS A 54 -10.48 5.85 6.26
C HIS A 54 -10.62 4.41 6.80
N MET A 55 -9.50 3.90 7.33
CA MET A 55 -9.45 2.59 7.98
C MET A 55 -9.98 2.76 9.42
N ALA A 56 -10.63 1.72 9.92
CA ALA A 56 -11.22 1.71 11.27
C ALA A 56 -11.53 0.28 11.68
N ALA A 57 -11.56 0.04 12.99
CA ALA A 57 -11.95 -1.26 13.56
C ALA A 57 -13.44 -1.53 13.30
N LYS A 58 -13.87 -2.78 13.51
CA LYS A 58 -15.26 -3.21 13.31
C LYS A 58 -16.22 -2.60 14.34
N ASP A 59 -15.66 -2.09 15.45
CA ASP A 59 -16.40 -1.30 16.46
C ASP A 59 -16.55 0.16 15.99
N GLY A 60 -15.58 0.61 15.16
CA GLY A 60 -15.53 1.99 14.65
C GLY A 60 -15.11 3.02 15.69
N SER A 61 -14.58 2.53 16.83
CA SER A 61 -14.12 3.37 17.95
C SER A 61 -12.74 3.99 17.63
N ALA A 62 -11.85 3.16 17.08
CA ALA A 62 -10.49 3.58 16.67
C ALA A 62 -10.38 3.52 15.13
N GLY A 63 -9.82 4.58 14.52
CA GLY A 63 -9.65 4.66 13.08
C GLY A 63 -8.51 5.58 12.65
N PHE A 64 -7.92 5.33 11.47
CA PHE A 64 -6.83 6.14 10.88
C PHE A 64 -7.10 6.38 9.38
N ASP A 65 -7.12 7.66 8.99
CA ASP A 65 -7.29 8.08 7.58
C ASP A 65 -5.92 8.10 6.88
N PHE A 66 -5.77 7.37 5.77
CA PHE A 66 -4.56 7.40 4.94
C PHE A 66 -4.81 8.33 3.74
N THR A 67 -4.56 9.61 3.99
CA THR A 67 -4.77 10.69 3.02
C THR A 67 -3.41 11.15 2.48
N GLY A 68 -3.31 11.37 1.15
CA GLY A 68 -2.05 11.79 0.55
C GLY A 68 -2.18 12.21 -0.90
N THR A 69 -1.25 13.04 -1.37
CA THR A 69 -1.17 13.50 -2.76
C THR A 69 -0.05 12.73 -3.48
N PHE A 70 -0.39 12.06 -4.60
CA PHE A 70 0.59 11.38 -5.45
C PHE A 70 1.54 12.41 -6.08
N THR A 71 2.76 12.47 -5.54
CA THR A 71 3.78 13.43 -5.96
C THR A 71 4.60 12.91 -7.16
N ARG A 72 4.46 11.61 -7.45
CA ARG A 72 5.15 10.94 -8.57
C ARG A 72 4.41 9.66 -8.95
N VAL A 73 3.90 9.59 -10.19
CA VAL A 73 3.25 8.38 -10.73
C VAL A 73 3.99 7.95 -12.01
N GLU A 74 4.81 6.90 -11.90
CA GLU A 74 5.51 6.30 -13.05
C GLU A 74 5.22 4.80 -13.07
N ALA A 75 4.04 4.47 -13.59
CA ALA A 75 3.56 3.09 -13.64
C ALA A 75 4.40 2.25 -14.62
N PRO A 76 4.74 0.97 -14.28
CA PRO A 76 4.53 0.35 -12.95
C PRO A 76 5.81 0.33 -12.07
N THR A 77 6.83 1.10 -12.48
CA THR A 77 8.18 1.04 -11.87
C THR A 77 8.22 1.70 -10.50
N ARG A 78 7.61 2.89 -10.37
CA ARG A 78 7.62 3.67 -9.13
C ARG A 78 6.29 4.38 -8.91
N LEU A 79 5.97 4.56 -7.64
CA LEU A 79 4.86 5.39 -7.18
C LEU A 79 5.32 6.10 -5.92
N SER A 80 4.87 7.34 -5.72
CA SER A 80 5.20 8.12 -4.54
C SER A 80 4.06 9.08 -4.23
N PHE A 81 3.89 9.35 -2.95
CA PHE A 81 2.82 10.18 -2.42
C PHE A 81 3.25 10.75 -1.07
N VAL A 82 2.92 12.02 -0.84
CA VAL A 82 3.21 12.71 0.43
C VAL A 82 1.88 12.89 1.16
N MET A 83 1.83 12.43 2.41
CA MET A 83 0.58 12.40 3.20
C MET A 83 0.28 13.80 3.75
N ASP A 84 -0.99 14.00 4.14
CA ASP A 84 -1.46 15.27 4.77
C ASP A 84 -0.86 15.47 6.18
N ASP A 85 -0.15 14.43 6.67
CA ASP A 85 0.59 14.47 7.95
C ASP A 85 1.97 15.13 7.75
N GLY A 86 2.32 15.42 6.47
CA GLY A 86 3.62 16.01 6.11
C GLY A 86 4.62 14.97 5.62
N ARG A 87 4.33 13.68 5.90
CA ARG A 87 5.30 12.58 5.73
C ARG A 87 5.30 12.01 4.31
N GLU A 88 6.49 12.02 3.68
CA GLU A 88 6.69 11.57 2.28
C GLU A 88 6.89 10.04 2.24
N VAL A 89 6.20 9.38 1.30
CA VAL A 89 6.26 7.92 1.11
C VAL A 89 6.57 7.60 -0.37
N ASP A 90 7.52 6.68 -0.61
CA ASP A 90 7.95 6.26 -1.96
C ASP A 90 7.89 4.74 -2.07
N VAL A 91 6.91 4.22 -2.80
CA VAL A 91 6.73 2.77 -3.02
C VAL A 91 7.21 2.41 -4.44
N GLN A 92 8.35 1.70 -4.53
CA GLN A 92 8.93 1.26 -5.81
C GLN A 92 8.59 -0.23 -6.05
N PHE A 93 8.25 -0.56 -7.30
CA PHE A 93 7.97 -1.94 -7.73
C PHE A 93 9.04 -2.35 -8.74
N ALA A 94 10.05 -3.07 -8.25
CA ALA A 94 11.24 -3.45 -9.03
C ALA A 94 11.20 -4.94 -9.36
N SER A 95 11.02 -5.26 -10.65
CA SER A 95 10.88 -6.64 -11.14
C SER A 95 12.16 -7.47 -10.89
N GLU A 96 11.99 -8.73 -10.44
CA GLU A 96 13.11 -9.63 -10.12
C GLU A 96 12.86 -11.02 -10.73
N PRO A 97 13.95 -11.84 -11.00
CA PRO A 97 13.79 -13.24 -11.44
C PRO A 97 13.13 -14.10 -10.34
N GLY A 98 11.79 -14.22 -10.42
CA GLY A 98 11.00 -14.97 -9.44
C GLY A 98 9.72 -14.24 -9.04
N GLY A 99 9.67 -12.90 -9.24
CA GLY A 99 8.50 -12.11 -8.87
C GLY A 99 8.73 -10.60 -8.97
N THR A 100 8.31 -9.84 -7.94
CA THR A 100 8.39 -8.37 -7.89
C THR A 100 8.84 -7.91 -6.50
N TRP A 101 10.00 -7.25 -6.42
CA TRP A 101 10.50 -6.65 -5.17
C TRP A 101 9.83 -5.27 -4.97
N VAL A 102 8.85 -5.22 -4.05
CA VAL A 102 8.22 -3.96 -3.63
C VAL A 102 9.00 -3.41 -2.43
N GLN A 103 9.19 -2.08 -2.35
CA GLN A 103 9.84 -1.42 -1.22
C GLN A 103 9.14 -0.08 -0.94
N GLU A 104 8.63 0.10 0.29
CA GLU A 104 8.03 1.35 0.74
C GLU A 104 9.02 2.11 1.65
N THR A 105 9.40 3.32 1.24
CA THR A 105 10.25 4.20 2.03
C THR A 105 9.40 5.40 2.49
N PHE A 106 9.08 5.44 3.78
CA PHE A 106 8.13 6.42 4.34
C PHE A 106 8.85 7.24 5.43
N ASP A 107 8.52 8.52 5.54
CA ASP A 107 9.12 9.40 6.56
C ASP A 107 8.39 9.19 7.89
N ALA A 108 9.18 9.13 8.97
CA ALA A 108 8.69 8.83 10.32
C ALA A 108 8.15 10.10 10.99
N GLU A 109 7.12 9.93 11.82
CA GLU A 109 6.46 11.01 12.55
C GLU A 109 7.18 11.24 13.89
N THR A 110 7.51 12.51 14.18
CA THR A 110 8.24 12.90 15.39
C THR A 110 7.36 12.81 16.67
N SER A 111 6.04 12.62 16.46
CA SER A 111 5.08 12.42 17.56
C SER A 111 5.05 10.94 17.99
N HIS A 112 5.09 10.03 17.01
CA HIS A 112 4.94 8.57 17.22
C HIS A 112 6.31 7.88 17.24
N THR A 113 6.44 6.78 17.99
CA THR A 113 7.70 6.01 18.10
C THR A 113 8.06 5.34 16.74
N PRO A 114 9.21 5.73 16.09
CA PRO A 114 9.60 5.28 14.72
C PRO A 114 9.57 3.75 14.50
N ALA A 115 10.08 2.99 15.48
CA ALA A 115 10.06 1.50 15.45
C ALA A 115 8.63 0.94 15.33
N GLN A 116 7.71 1.53 16.10
CA GLN A 116 6.28 1.16 16.06
C GLN A 116 5.67 1.46 14.68
N GLN A 117 6.09 2.59 14.08
CA GLN A 117 5.60 3.02 12.74
C GLN A 117 6.12 2.06 11.68
N GLN A 118 7.38 1.64 11.83
CA GLN A 118 8.03 0.69 10.92
C GLN A 118 7.29 -0.63 10.92
N ALA A 119 7.01 -1.15 12.13
CA ALA A 119 6.25 -2.41 12.31
C ALA A 119 4.81 -2.26 11.79
N GLY A 120 4.25 -1.04 11.93
CA GLY A 120 2.87 -0.73 11.49
C GLY A 120 2.71 -0.75 9.98
N TRP A 121 3.50 0.10 9.29
CA TRP A 121 3.50 0.18 7.83
C TRP A 121 3.99 -1.12 7.18
N GLN A 122 4.96 -1.80 7.83
CA GLN A 122 5.45 -3.11 7.35
C GLN A 122 4.32 -4.14 7.51
N GLY A 123 3.48 -3.95 8.54
CA GLY A 123 2.26 -4.73 8.70
C GLY A 123 1.29 -4.53 7.54
N ILE A 124 1.16 -3.28 7.07
CA ILE A 124 0.27 -2.90 5.94
C ILE A 124 0.82 -3.40 4.59
N LEU A 125 2.17 -3.38 4.43
CA LEU A 125 2.85 -3.81 3.20
C LEU A 125 2.91 -5.36 3.13
N ASP A 126 3.08 -5.97 4.31
CA ASP A 126 3.00 -7.44 4.50
C ASP A 126 1.55 -7.90 4.32
N ASN A 127 0.59 -7.04 4.70
CA ASN A 127 -0.85 -7.29 4.47
C ASN A 127 -1.13 -7.32 2.96
N PHE A 128 -0.51 -6.38 2.24
CA PHE A 128 -0.58 -6.31 0.77
C PHE A 128 0.02 -7.58 0.13
N LYS A 129 1.25 -7.93 0.56
CA LYS A 129 1.99 -9.09 0.04
C LYS A 129 1.20 -10.39 0.25
N ARG A 130 0.77 -10.62 1.51
CA ARG A 130 -0.01 -11.81 1.88
C ARG A 130 -1.38 -11.82 1.20
N TYR A 131 -1.94 -10.62 0.92
CA TYR A 131 -3.20 -10.47 0.18
C TYR A 131 -3.05 -11.01 -1.25
N VAL A 132 -1.98 -10.59 -1.95
CA VAL A 132 -1.72 -11.00 -3.34
C VAL A 132 -1.46 -12.51 -3.41
N GLU A 133 -0.58 -12.99 -2.52
CA GLU A 133 -0.22 -14.42 -2.42
C GLU A 133 -1.46 -15.29 -2.05
N ALA A 134 -2.37 -14.75 -1.21
CA ALA A 134 -3.59 -15.46 -0.76
C ALA A 134 -4.80 -15.15 -1.66
N ALA A 135 -4.62 -14.21 -2.61
CA ALA A 135 -5.69 -13.86 -3.59
C ALA A 135 -5.94 -15.05 -4.51
N GLY A 136 -4.84 -15.70 -4.93
CA GLY A 136 -4.91 -16.81 -5.88
C GLY A 136 -5.31 -16.34 -7.26
N LEU A 137 -4.51 -15.41 -7.80
CA LEU A 137 -4.75 -14.79 -9.11
C LEU A 137 -4.38 -15.78 -10.23
N GLU A 138 -5.26 -16.78 -10.43
CA GLU A 138 -5.15 -17.81 -11.47
C GLU A 138 -6.52 -17.95 -12.15
N HIS A 139 -6.94 -16.86 -12.82
CA HIS A 139 -8.29 -16.67 -13.42
C HIS A 139 -9.41 -17.04 -12.42
N HIS A 140 -9.95 -16.05 -11.69
CA HIS A 140 -11.05 -16.26 -10.73
C HIS A 140 -12.37 -16.53 -11.49
N HIS A 141 -12.44 -17.75 -12.01
CA HIS A 141 -13.56 -18.28 -12.79
C HIS A 141 -13.54 -19.78 -12.59
N HIS A 142 -14.21 -20.24 -11.52
CA HIS A 142 -14.16 -21.62 -11.04
C HIS A 142 -14.57 -22.62 -12.13
N HIS A 143 -13.58 -23.09 -12.90
CA HIS A 143 -13.79 -23.97 -14.06
C HIS A 143 -14.12 -25.40 -13.59
N HIS A 144 -15.43 -25.64 -13.36
CA HIS A 144 -16.00 -26.92 -12.89
C HIS A 144 -15.61 -27.15 -11.41
#